data_8T1G
#
_entry.id   8T1G
#
_cell.length_a   303.277
_cell.length_b   303.277
_cell.length_c   153.461
_cell.angle_alpha   90.00
_cell.angle_beta   90.00
_cell.angle_gamma   90.00
#
_symmetry.space_group_name_H-M   'P 42 21 2'
#
loop_
_entity.id
_entity.type
_entity.pdbx_description
1 polymer 'Hemagglutinin HA1'
2 polymer 'Hemagglutinin HA2'
3 polymer '1E11 Fab Heavy chain'
4 polymer '1E11 Fab Light chain'
5 branched beta-D-mannopyranose-(1-4)-2-acetamido-2-deoxy-beta-D-glucopyranose-(1-4)-2-acetamido-2-deoxy-beta-D-glucopyranose
6 branched alpha-D-mannopyranose-(1-3)-beta-D-mannopyranose-(1-4)-2-acetamido-2-deoxy-beta-D-glucopyranose-(1-4)-2-acetamido-2-deoxy-beta-D-glucopyranose
7 branched alpha-D-mannopyranose-(1-6)-beta-D-mannopyranose-(1-4)-2-acetamido-2-deoxy-beta-D-glucopyranose-(1-4)-2-acetamido-2-deoxy-beta-D-glucopyranose
8 non-polymer 'CALCIUM ION'
9 non-polymer 2-acetamido-2-deoxy-beta-D-glucopyranose
#
loop_
_entity_poly.entity_id
_entity_poly.type
_entity_poly.pdbx_seq_one_letter_code
_entity_poly.pdbx_strand_id
1 'polypeptide(L)'
;DKICLGHHAVSNGTKVNTLTERGVEVVNATETVERTNIPRICSKGKRTVDLGQCGLLGTITGPPQCDQFLEFSADLIIER
REGSDVCYPGKFVNEEALRQILRESGGIDKEAMGFTYSGIRTNGATSACRRSGSSFYAEMKWLLSNTDNAAFPQMTKSYK
NTRKSPALIVWGIHHSVSTAEQTKLYGSGNKLVTVGSSNYQQSFVPSPGARPQVNGLSGRIDFHWLMLNPNDTVTFSFNG
AFIAPDRASFLRGKSMGIQSGVQVDANCEGDCYHSGGTIISNLPFQNIDSRAVGKCPRYVKQRSLLLATGMKNVPEIPKG
R
;
A,C,E
2 'polypeptide(L)'
;GLFGAIAGFIENGWEGLIDGWYGFRHQNAQGEGTAADYKSTQSAIDQITGKLNRLIEKTNQQFELIDNEFNEVEKQIGNV
INWTRDSITEVWSYNAELLVAMENQHTIDLADSEMDKLYERVKRQLRENAEEDGTGCFEIFHKCDDDCMASIRNNTYDHS
KYREEAMQNRIQIDGSGYIPEAPRDGQAYVRKDGEWVLLSTFLSGRLVPR
;
B,D,F
3 'polypeptide(L)'
;QVQLQESGPGLVKPSETLSLTCTVSGASVSSYFWSWIRQPAGKALEWIGRIYTSGNTKSNPSLESRVTMSLDASKDQFSL
KLTSVTAADTAVYYCAAGRLDYSDTTGYYKPPPLDYWGQGALVTVSSASTKGPSVFPLAPSSKSTSGGTAALGCLVKDYF
PEPVTVSWNSGALTSGVHTFPAVLQSSGLYSLSSVVTVPSSSLGTQTYICNVNHKPSNTKVDKKVEPKSCDK
;
G,H,J
4 'polypeptide(L)'
;DVVMTQSPLSLPVTLGQPASISCRSSQGLAFLDGNTYLSWFQQRPGQSPRRLIYKVSNRDSGVPDRFSGSGSRTDFTLKI
SRVEAEDVGVYYCMQGTHWPLTFGGGTKVEIKRTVAAPSVFIFPPSDEQLKSGTASVVCLLNNFYPREAKVQWKVDNALQ
SGNSQESVTEQDSKDSTYSLSSTLTLSKADYEKHKVYACEVTHQGLRSPVTKSFNRGEC
;
I,K,L
#
loop_
_chem_comp.id
_chem_comp.type
_chem_comp.name
_chem_comp.formula
BMA D-saccharide, beta linking beta-D-mannopyranose 'C6 H12 O6'
CA non-polymer 'CALCIUM ION' 'Ca 2'
MAN D-saccharide, alpha linking alpha-D-mannopyranose 'C6 H12 O6'
NAG D-saccharide, beta linking 2-acetamido-2-deoxy-beta-D-glucopyranose 'C8 H15 N O6'
#
# COMPACT_ATOMS: atom_id res chain seq x y z
N ASP A 1 40.79 -11.81 -28.06
CA ASP A 1 40.57 -10.73 -27.11
C ASP A 1 39.08 -10.43 -26.95
N LYS A 2 38.59 -10.50 -25.72
CA LYS A 2 37.20 -10.23 -25.41
C LYS A 2 37.09 -9.54 -24.07
N ILE A 3 35.90 -9.05 -23.76
CA ILE A 3 35.61 -8.43 -22.47
C ILE A 3 34.18 -8.79 -22.09
N CYS A 4 33.97 -9.02 -20.80
CA CYS A 4 32.68 -9.47 -20.30
C CYS A 4 32.17 -8.53 -19.21
N LEU A 5 30.85 -8.43 -19.13
CA LEU A 5 30.19 -7.78 -18.00
C LEU A 5 29.58 -8.85 -17.11
N GLY A 6 29.43 -8.52 -15.83
CA GLY A 6 28.92 -9.49 -14.89
C GLY A 6 28.77 -8.87 -13.51
N HIS A 7 27.99 -9.56 -12.68
CA HIS A 7 27.69 -9.10 -11.34
C HIS A 7 28.22 -10.10 -10.32
N HIS A 8 28.29 -9.65 -9.07
CA HIS A 8 28.82 -10.52 -8.03
C HIS A 8 27.78 -11.56 -7.64
N ALA A 9 28.22 -12.50 -6.80
CA ALA A 9 27.36 -13.57 -6.30
C ALA A 9 28.08 -14.22 -5.12
N VAL A 10 27.30 -14.65 -4.14
CA VAL A 10 27.86 -15.23 -2.91
C VAL A 10 27.60 -16.73 -2.87
N SER A 11 28.10 -17.39 -1.83
CA SER A 11 27.95 -18.84 -1.71
C SER A 11 26.55 -19.19 -1.23
N ASN A 12 26.21 -18.82 0.00
CA ASN A 12 24.87 -19.00 0.54
C ASN A 12 24.28 -17.62 0.81
N GLY A 13 23.14 -17.34 0.20
CA GLY A 13 22.43 -16.10 0.40
C GLY A 13 21.34 -16.24 1.45
N THR A 14 20.44 -15.25 1.45
CA THR A 14 19.26 -15.25 2.31
C THR A 14 18.03 -15.07 1.44
N LYS A 15 16.98 -15.85 1.73
CA LYS A 15 15.75 -15.80 0.96
C LYS A 15 14.85 -14.67 1.44
N VAL A 16 14.29 -13.92 0.49
CA VAL A 16 13.30 -12.90 0.79
C VAL A 16 12.02 -13.24 0.04
N ASN A 17 11.00 -12.42 0.20
CA ASN A 17 9.72 -12.60 -0.47
C ASN A 17 9.49 -11.43 -1.41
N THR A 18 9.18 -11.74 -2.67
CA THR A 18 8.87 -10.72 -3.66
C THR A 18 7.38 -10.73 -3.98
N LEU A 19 7.00 -9.99 -5.01
CA LEU A 19 5.60 -9.85 -5.39
C LEU A 19 5.11 -11.07 -6.15
N THR A 20 5.98 -11.72 -6.92
CA THR A 20 5.61 -12.85 -7.76
C THR A 20 6.24 -14.16 -7.30
N GLU A 21 6.93 -14.17 -6.17
CA GLU A 21 7.65 -15.35 -5.72
C GLU A 21 7.74 -15.36 -4.21
N ARG A 22 7.95 -16.57 -3.68
CA ARG A 22 8.24 -16.77 -2.26
C ARG A 22 9.53 -17.56 -2.14
N GLY A 23 10.45 -17.09 -1.31
CA GLY A 23 11.70 -17.77 -1.07
C GLY A 23 12.71 -17.64 -2.19
N VAL A 24 13.04 -16.41 -2.58
CA VAL A 24 13.99 -16.12 -3.65
C VAL A 24 15.30 -15.66 -3.02
N GLU A 25 16.42 -16.20 -3.51
CA GLU A 25 17.72 -15.92 -2.92
C GLU A 25 18.26 -14.60 -3.43
N VAL A 26 18.40 -13.63 -2.55
CA VAL A 26 19.16 -12.43 -2.82
C VAL A 26 20.51 -12.54 -2.12
N VAL A 27 21.40 -11.59 -2.39
CA VAL A 27 22.72 -11.62 -1.78
C VAL A 27 22.63 -11.41 -0.28
N ASN A 28 21.87 -10.40 0.15
CA ASN A 28 21.81 -10.07 1.57
C ASN A 28 20.49 -9.40 1.88
N ALA A 29 19.97 -9.66 3.08
CA ALA A 29 18.73 -9.07 3.54
C ALA A 29 18.91 -8.55 4.96
N THR A 30 18.02 -7.62 5.33
CA THR A 30 17.92 -7.14 6.69
C THR A 30 16.54 -7.43 7.24
N GLU A 31 16.38 -7.30 8.54
CA GLU A 31 15.12 -7.57 9.21
C GLU A 31 14.38 -6.26 9.45
N THR A 32 13.04 -6.31 9.36
CA THR A 32 12.23 -5.16 9.67
C THR A 32 11.26 -5.36 10.83
N VAL A 33 11.01 -6.60 11.25
CA VAL A 33 10.13 -6.89 12.38
C VAL A 33 11.01 -7.11 13.61
N GLU A 34 10.85 -6.24 14.59
CA GLU A 34 11.66 -6.30 15.81
C GLU A 34 11.12 -7.34 16.76
N ARG A 35 12.02 -8.16 17.31
CA ARG A 35 11.64 -9.14 18.32
C ARG A 35 12.51 -9.09 19.57
N THR A 36 13.64 -8.38 19.55
CA THR A 36 14.52 -8.35 20.71
C THR A 36 13.90 -7.54 21.83
N ASN A 37 13.96 -8.08 23.06
CA ASN A 37 13.23 -7.55 24.20
C ASN A 37 14.21 -7.21 25.31
N ILE A 38 14.26 -5.93 25.68
CA ILE A 38 15.08 -5.49 26.81
C ILE A 38 14.28 -5.71 28.08
N PRO A 39 14.68 -6.62 28.96
CA PRO A 39 13.84 -7.01 30.09
C PRO A 39 13.88 -6.06 31.28
N ARG A 40 13.97 -4.75 31.01
CA ARG A 40 13.96 -3.74 32.06
C ARG A 40 13.25 -2.51 31.54
N ILE A 41 12.76 -1.69 32.47
CA ILE A 41 12.09 -0.44 32.13
C ILE A 41 13.18 0.64 32.04
N CYS A 42 13.76 0.77 30.86
CA CYS A 42 14.80 1.77 30.61
C CYS A 42 14.30 3.19 30.91
N SER A 43 14.64 3.70 32.09
CA SER A 43 14.08 4.95 32.59
C SER A 43 15.06 6.11 32.55
N LYS A 44 16.21 5.93 31.89
CA LYS A 44 17.22 6.98 31.84
C LYS A 44 16.62 8.29 31.33
N GLY A 45 16.71 9.32 32.16
CA GLY A 45 16.23 10.64 31.79
C GLY A 45 14.81 10.95 32.23
N LYS A 46 14.11 9.99 32.83
CA LYS A 46 12.72 10.17 33.22
C LYS A 46 12.60 10.00 34.73
N ARG A 47 11.92 10.95 35.38
CA ARG A 47 11.60 10.80 36.80
C ARG A 47 10.58 9.69 36.94
N THR A 48 11.03 8.53 37.41
CA THR A 48 10.21 7.34 37.47
C THR A 48 9.72 7.10 38.90
N VAL A 49 8.45 6.72 39.02
CA VAL A 49 7.85 6.33 40.29
C VAL A 49 7.37 4.89 40.13
N ASP A 50 7.90 4.00 40.97
CA ASP A 50 7.51 2.59 40.98
C ASP A 50 6.59 2.38 42.17
N LEU A 51 5.28 2.50 41.92
CA LEU A 51 4.30 2.44 43.00
C LEU A 51 4.39 1.14 43.78
N GLY A 52 4.62 0.03 43.10
CA GLY A 52 4.87 -1.22 43.79
C GLY A 52 3.67 -1.65 44.62
N GLN A 53 3.90 -1.83 45.91
CA GLN A 53 2.83 -2.21 46.84
C GLN A 53 1.66 -1.24 46.78
N CYS A 54 1.94 0.03 46.51
CA CYS A 54 0.89 1.05 46.45
C CYS A 54 0.14 0.96 45.13
N GLY A 55 -1.19 1.08 45.21
CA GLY A 55 -2.01 1.16 44.03
C GLY A 55 -2.11 2.59 43.53
N LEU A 56 -2.35 2.73 42.22
CA LEU A 56 -2.35 4.05 41.61
C LEU A 56 -3.45 4.94 42.19
N LEU A 57 -4.64 4.38 42.39
CA LEU A 57 -5.72 5.16 43.01
C LEU A 57 -5.50 5.33 44.51
N GLY A 58 -4.64 4.53 45.12
CA GLY A 58 -4.34 4.67 46.54
C GLY A 58 -3.57 5.92 46.90
N THR A 59 -2.99 6.61 45.92
CA THR A 59 -2.30 7.85 46.21
C THR A 59 -3.26 9.01 46.46
N ILE A 60 -4.53 8.86 46.11
CA ILE A 60 -5.50 9.91 46.35
C ILE A 60 -6.04 9.84 47.78
N THR A 61 -6.40 8.65 48.23
CA THR A 61 -6.93 8.44 49.57
C THR A 61 -5.81 8.26 50.59
N GLY A 62 -4.86 7.38 50.31
CA GLY A 62 -3.68 7.21 51.12
C GLY A 62 -3.78 6.13 52.18
N PRO A 63 -3.86 4.86 51.76
CA PRO A 63 -3.68 3.76 52.70
C PRO A 63 -2.21 3.59 53.04
N PRO A 64 -1.88 2.82 54.07
CA PRO A 64 -0.48 2.78 54.55
C PRO A 64 0.54 2.39 53.49
N GLN A 65 0.15 1.64 52.45
CA GLN A 65 1.13 1.29 51.42
C GLN A 65 1.48 2.48 50.53
N CYS A 66 0.66 3.54 50.54
CA CYS A 66 0.83 4.68 49.65
C CYS A 66 1.32 5.93 50.39
N ASP A 67 1.91 5.76 51.57
CA ASP A 67 2.27 6.93 52.38
C ASP A 67 3.38 7.75 51.75
N GLN A 68 4.21 7.13 50.91
CA GLN A 68 5.32 7.82 50.27
C GLN A 68 4.92 8.59 49.03
N PHE A 69 3.71 8.38 48.52
CA PHE A 69 3.31 8.88 47.20
C PHE A 69 2.16 9.86 47.25
N LEU A 70 1.75 10.31 48.44
CA LEU A 70 0.60 11.20 48.55
C LEU A 70 0.80 12.50 47.79
N GLU A 71 2.04 12.90 47.55
CA GLU A 71 2.34 14.12 46.80
C GLU A 71 3.45 13.87 45.79
N PHE A 72 3.47 12.68 45.21
CA PHE A 72 4.57 12.28 44.33
C PHE A 72 4.57 13.11 43.05
N SER A 73 5.69 13.04 42.34
CA SER A 73 5.86 13.73 41.07
C SER A 73 6.75 12.89 40.18
N ALA A 74 6.34 12.68 38.93
CA ALA A 74 7.07 11.79 38.04
C ALA A 74 6.68 12.08 36.60
N ASP A 75 7.47 11.52 35.68
CA ASP A 75 7.14 11.45 34.27
C ASP A 75 6.76 10.05 33.83
N LEU A 76 7.23 9.02 34.54
CA LEU A 76 6.90 7.64 34.26
C LEU A 76 6.32 7.02 35.53
N ILE A 77 5.05 6.63 35.47
CA ILE A 77 4.38 5.99 36.58
C ILE A 77 4.23 4.51 36.26
N ILE A 78 4.70 3.66 37.17
CA ILE A 78 4.72 2.22 36.95
C ILE A 78 3.82 1.56 37.98
N GLU A 79 2.59 1.24 37.58
CA GLU A 79 1.76 0.38 38.41
C GLU A 79 2.38 -1.02 38.49
N ARG A 80 2.10 -1.71 39.58
CA ARG A 80 2.57 -3.06 39.77
C ARG A 80 1.38 -3.96 40.10
N ARG A 81 1.51 -5.24 39.77
CA ARG A 81 0.41 -6.17 40.00
C ARG A 81 0.11 -6.31 41.49
N GLU A 82 1.11 -6.13 42.35
CA GLU A 82 0.90 -6.21 43.79
C GLU A 82 0.27 -4.97 44.38
N GLY A 83 0.02 -3.93 43.58
CA GLY A 83 -0.54 -2.71 44.11
C GLY A 83 -1.96 -2.91 44.62
N SER A 84 -2.33 -2.11 45.62
CA SER A 84 -3.66 -2.13 46.19
C SER A 84 -4.05 -0.72 46.56
N ASP A 85 -5.20 -0.27 46.03
CA ASP A 85 -5.69 1.09 46.26
C ASP A 85 -6.37 1.25 47.61
N VAL A 86 -6.42 0.20 48.43
CA VAL A 86 -7.41 0.13 49.50
C VAL A 86 -6.81 -0.60 50.70
N CYS A 87 -7.36 -0.31 51.88
CA CYS A 87 -7.03 -1.04 53.10
C CYS A 87 -8.30 -1.54 53.77
N TYR A 88 -9.21 -0.63 54.14
CA TYR A 88 -10.54 -1.09 54.55
C TYR A 88 -11.34 -1.47 53.31
N PRO A 89 -11.93 -2.67 53.27
CA PRO A 89 -12.51 -3.19 52.03
C PRO A 89 -13.43 -2.20 51.33
N GLY A 90 -13.31 -2.15 50.01
CA GLY A 90 -14.11 -1.24 49.20
C GLY A 90 -13.52 -1.14 47.81
N LYS A 91 -14.31 -0.53 46.92
CA LYS A 91 -13.86 -0.30 45.56
C LYS A 91 -14.24 1.12 45.13
N PHE A 92 -13.53 1.62 44.13
CA PHE A 92 -13.77 2.96 43.60
C PHE A 92 -14.86 2.92 42.54
N VAL A 93 -15.62 4.02 42.47
CA VAL A 93 -16.67 4.17 41.47
C VAL A 93 -16.07 4.77 40.22
N ASN A 94 -16.37 4.18 39.06
CA ASN A 94 -15.82 4.62 37.78
C ASN A 94 -14.29 4.65 37.84
N GLU A 95 -13.72 3.51 38.25
CA GLU A 95 -12.31 3.48 38.64
C GLU A 95 -11.38 3.60 37.44
N GLU A 96 -11.58 2.77 36.40
CA GLU A 96 -10.67 2.78 35.27
C GLU A 96 -10.65 4.13 34.56
N ALA A 97 -11.71 4.92 34.69
CA ALA A 97 -11.67 6.30 34.23
C ALA A 97 -10.62 7.10 35.01
N LEU A 98 -10.75 7.12 36.33
CA LEU A 98 -9.83 7.92 37.15
C LEU A 98 -8.41 7.39 37.11
N ARG A 99 -8.24 6.08 36.94
CA ARG A 99 -6.89 5.54 36.75
C ARG A 99 -6.22 6.19 35.54
N GLN A 100 -6.93 6.29 34.43
CA GLN A 100 -6.37 6.90 33.24
C GLN A 100 -6.11 8.39 33.43
N ILE A 101 -6.89 9.06 34.30
CA ILE A 101 -6.63 10.46 34.59
C ILE A 101 -5.28 10.62 35.29
N LEU A 102 -4.98 9.74 36.24
CA LEU A 102 -3.76 9.86 37.02
C LEU A 102 -2.53 9.32 36.30
N ARG A 103 -2.70 8.42 35.32
CA ARG A 103 -1.53 7.90 34.62
C ARG A 103 -0.79 9.00 33.88
N GLU A 104 -1.52 9.90 33.22
CA GLU A 104 -0.93 11.00 32.46
C GLU A 104 -0.83 12.28 33.29
N SER A 105 -0.80 12.17 34.61
CA SER A 105 -0.96 13.32 35.48
C SER A 105 0.36 13.91 35.98
N GLY A 106 1.48 13.24 35.78
CA GLY A 106 2.75 13.77 36.24
C GLY A 106 2.90 13.91 37.74
N GLY A 107 2.04 13.28 38.53
CA GLY A 107 2.03 13.45 39.96
C GLY A 107 0.85 14.28 40.44
N ILE A 108 0.67 14.30 41.76
CA ILE A 108 -0.41 15.07 42.38
C ILE A 108 0.15 15.97 43.46
N ASP A 109 -0.52 17.10 43.67
CA ASP A 109 -0.25 18.00 44.78
C ASP A 109 -1.51 18.03 45.64
N LYS A 110 -1.36 17.69 46.93
CA LYS A 110 -2.48 17.69 47.85
C LYS A 110 -2.63 19.06 48.49
N GLU A 111 -3.89 19.45 48.74
CA GLU A 111 -4.19 20.71 49.41
C GLU A 111 -5.32 20.50 50.39
N ALA A 112 -5.14 21.01 51.61
CA ALA A 112 -6.17 20.87 52.65
C ALA A 112 -7.46 21.54 52.21
N MET A 113 -8.57 20.95 52.63
CA MET A 113 -9.90 21.42 52.26
C MET A 113 -10.54 22.32 53.31
N GLY A 114 -9.98 22.39 54.51
CA GLY A 114 -10.42 23.34 55.49
C GLY A 114 -11.62 22.94 56.31
N PHE A 115 -11.93 21.65 56.40
CA PHE A 115 -13.12 21.20 57.09
C PHE A 115 -12.91 21.15 58.59
N THR A 116 -13.97 21.46 59.34
CA THR A 116 -13.95 21.46 60.80
C THR A 116 -15.21 20.78 61.32
N TYR A 117 -15.05 19.94 62.34
CA TYR A 117 -16.16 19.22 62.94
C TYR A 117 -16.14 19.36 64.45
N SER A 118 -17.34 19.52 65.03
CA SER A 118 -17.52 19.52 66.47
C SER A 118 -18.73 18.68 66.81
N GLY A 119 -18.75 18.14 68.02
CA GLY A 119 -19.83 17.29 68.47
C GLY A 119 -19.79 15.87 67.96
N ILE A 120 -18.85 15.53 67.08
CA ILE A 120 -18.71 14.17 66.59
C ILE A 120 -17.30 13.69 66.87
N ARG A 121 -16.98 12.48 66.41
CA ARG A 121 -15.61 12.00 66.43
C ARG A 121 -14.95 12.30 65.08
N THR A 122 -13.66 12.01 64.98
CA THR A 122 -12.91 12.33 63.77
C THR A 122 -11.70 11.41 63.64
N ASN A 123 -11.63 10.38 64.47
CA ASN A 123 -10.48 9.50 64.55
C ASN A 123 -10.87 8.03 64.38
N GLY A 124 -11.76 7.75 63.43
CA GLY A 124 -12.06 6.37 63.13
C GLY A 124 -10.85 5.63 62.61
N ALA A 125 -10.76 4.35 62.96
CA ALA A 125 -9.62 3.54 62.57
C ALA A 125 -10.05 2.07 62.57
N THR A 126 -9.17 1.22 62.03
CA THR A 126 -9.46 -0.19 61.95
C THR A 126 -8.17 -0.97 61.81
N SER A 127 -8.25 -2.28 62.08
CA SER A 127 -7.10 -3.16 61.94
C SER A 127 -6.65 -3.29 60.49
N ALA A 128 -7.52 -2.97 59.53
CA ALA A 128 -7.15 -3.05 58.13
C ALA A 128 -6.04 -2.05 57.81
N CYS A 129 -6.31 -0.76 57.97
CA CYS A 129 -5.35 0.30 57.69
C CYS A 129 -4.47 0.49 58.92
N ARG A 130 -3.43 -0.33 59.01
CA ARG A 130 -2.54 -0.32 60.17
C ARG A 130 -1.34 0.59 59.89
N ARG A 131 -1.19 1.65 60.71
CA ARG A 131 -0.02 2.50 60.67
C ARG A 131 0.74 2.27 61.98
N SER A 132 0.70 3.19 62.93
CA SER A 132 1.25 2.96 64.27
C SER A 132 0.12 2.40 65.13
N GLY A 133 -0.11 1.11 64.97
CA GLY A 133 -1.35 0.53 65.45
C GLY A 133 -2.47 0.77 64.43
N SER A 134 -3.70 0.77 64.93
CA SER A 134 -4.85 0.99 64.04
C SER A 134 -4.89 2.43 63.57
N SER A 135 -5.21 2.61 62.29
CA SER A 135 -5.28 3.94 61.69
C SER A 135 -6.27 3.89 60.53
N PHE A 136 -6.20 4.91 59.67
CA PHE A 136 -7.16 5.07 58.58
C PHE A 136 -6.46 5.74 57.42
N TYR A 137 -7.23 6.04 56.37
CA TYR A 137 -6.68 6.69 55.19
C TYR A 137 -6.10 8.05 55.55
N ALA A 138 -4.92 8.34 54.99
CA ALA A 138 -4.17 9.52 55.39
C ALA A 138 -4.90 10.81 55.01
N GLU A 139 -5.47 10.85 53.81
CA GLU A 139 -6.13 12.05 53.33
C GLU A 139 -7.63 12.05 53.63
N MET A 140 -8.11 11.12 54.45
CA MET A 140 -9.51 11.02 54.78
C MET A 140 -9.67 10.99 56.30
N LYS A 141 -10.91 11.23 56.75
CA LYS A 141 -11.21 11.23 58.18
C LYS A 141 -12.55 10.55 58.42
N TRP A 142 -12.51 9.34 58.97
CA TRP A 142 -13.72 8.65 59.40
C TRP A 142 -14.43 9.45 60.48
N LEU A 143 -15.70 9.76 60.23
CA LEU A 143 -16.51 10.55 61.16
C LEU A 143 -17.51 9.63 61.85
N LEU A 144 -17.62 9.77 63.17
CA LEU A 144 -18.48 8.91 63.97
C LEU A 144 -19.26 9.76 64.98
N SER A 145 -20.38 9.23 65.45
CA SER A 145 -21.10 9.84 66.55
C SER A 145 -20.17 10.00 67.75
N ASN A 146 -20.39 11.05 68.53
CA ASN A 146 -19.42 11.43 69.56
C ASN A 146 -19.11 10.28 70.51
N THR A 147 -20.13 9.51 70.89
CA THR A 147 -19.91 8.27 71.62
C THR A 147 -20.68 7.16 70.92
N ASP A 148 -20.53 5.93 71.44
CA ASP A 148 -21.14 4.78 70.80
C ASP A 148 -22.66 4.85 70.88
N ASN A 149 -23.32 4.51 69.79
CA ASN A 149 -24.77 4.55 69.64
C ASN A 149 -25.36 5.93 69.89
N ALA A 150 -24.52 6.96 69.94
CA ALA A 150 -24.99 8.32 70.14
C ALA A 150 -25.77 8.78 68.92
N ALA A 151 -26.10 10.06 68.87
CA ALA A 151 -26.76 10.65 67.73
C ALA A 151 -25.74 11.33 66.82
N PHE A 152 -25.92 11.17 65.52
CA PHE A 152 -25.03 11.96 64.68
C PHE A 152 -25.73 13.23 64.25
N PRO A 153 -25.13 14.39 64.50
CA PRO A 153 -25.74 15.65 64.07
C PRO A 153 -25.80 15.77 62.57
N GLN A 154 -26.75 16.55 62.09
CA GLN A 154 -26.82 16.88 60.67
C GLN A 154 -25.81 17.99 60.38
N MET A 155 -24.86 17.71 59.51
CA MET A 155 -23.80 18.65 59.20
C MET A 155 -23.82 19.01 57.73
N THR A 156 -23.18 20.14 57.41
CA THR A 156 -23.02 20.56 56.03
C THR A 156 -21.67 21.27 55.90
N LYS A 157 -20.84 20.77 54.98
CA LYS A 157 -19.49 21.30 54.77
C LYS A 157 -19.29 21.64 53.32
N SER A 158 -18.49 22.68 53.06
CA SER A 158 -18.30 23.20 51.71
C SER A 158 -16.83 23.53 51.49
N TYR A 159 -16.37 23.32 50.26
CA TYR A 159 -15.03 23.68 49.84
C TYR A 159 -15.09 24.29 48.45
N LYS A 160 -14.30 25.33 48.23
CA LYS A 160 -14.25 26.01 46.95
C LYS A 160 -12.88 25.80 46.31
N ASN A 161 -12.87 25.44 45.03
CA ASN A 161 -11.63 25.35 44.27
C ASN A 161 -11.19 26.78 43.95
N THR A 162 -10.27 27.32 44.75
CA THR A 162 -9.78 28.68 44.53
C THR A 162 -8.66 28.74 43.51
N ARG A 163 -8.05 27.61 43.17
CA ARG A 163 -6.93 27.57 42.24
C ARG A 163 -7.44 27.72 40.81
N LYS A 164 -6.56 27.46 39.84
CA LYS A 164 -6.84 27.73 38.44
C LYS A 164 -6.80 26.46 37.59
N SER A 165 -7.03 25.31 38.21
CA SER A 165 -7.17 24.04 37.53
C SER A 165 -8.15 23.19 38.31
N PRO A 166 -8.81 22.21 37.67
CA PRO A 166 -9.82 21.43 38.37
C PRO A 166 -9.26 20.72 39.60
N ALA A 167 -10.16 20.41 40.54
CA ALA A 167 -9.82 19.84 41.83
C ALA A 167 -10.46 18.48 41.98
N LEU A 168 -9.66 17.46 42.27
CA LEU A 168 -10.18 16.12 42.50
C LEU A 168 -10.70 16.01 43.93
N ILE A 169 -12.00 15.77 44.06
CA ILE A 169 -12.66 15.63 45.36
C ILE A 169 -13.13 14.20 45.51
N VAL A 170 -12.60 13.49 46.51
CA VAL A 170 -12.89 12.08 46.73
C VAL A 170 -13.50 11.93 48.12
N TRP A 171 -14.69 11.35 48.19
CA TRP A 171 -15.34 11.04 49.47
C TRP A 171 -15.69 9.55 49.50
N GLY A 172 -16.33 9.13 50.58
CA GLY A 172 -16.62 7.72 50.77
C GLY A 172 -17.88 7.50 51.58
N ILE A 173 -18.55 6.38 51.30
CA ILE A 173 -19.71 5.92 52.03
C ILE A 173 -19.38 4.60 52.69
N HIS A 174 -19.80 4.42 53.95
CA HIS A 174 -19.49 3.20 54.70
C HIS A 174 -20.76 2.35 54.82
N HIS A 175 -20.86 1.34 53.97
CA HIS A 175 -21.91 0.33 54.10
C HIS A 175 -21.43 -0.68 55.14
N SER A 176 -21.89 -0.52 56.39
CA SER A 176 -21.47 -1.41 57.45
C SER A 176 -21.91 -2.84 57.16
N VAL A 177 -21.38 -3.79 57.93
CA VAL A 177 -21.84 -5.17 57.81
C VAL A 177 -23.23 -5.33 58.40
N SER A 178 -23.42 -4.82 59.61
CA SER A 178 -24.68 -4.96 60.34
C SER A 178 -25.31 -3.60 60.53
N THR A 179 -26.65 -3.56 60.47
CA THR A 179 -27.36 -2.34 60.82
C THR A 179 -27.02 -1.91 62.25
N ALA A 180 -26.66 -2.86 63.10
CA ALA A 180 -26.23 -2.53 64.45
C ALA A 180 -24.93 -1.74 64.44
N GLU A 181 -23.94 -2.21 63.67
CA GLU A 181 -22.69 -1.47 63.54
C GLU A 181 -22.95 -0.05 63.02
N GLN A 182 -23.91 0.10 62.12
CA GLN A 182 -24.24 1.43 61.60
C GLN A 182 -24.83 2.31 62.68
N THR A 183 -25.72 1.77 63.52
CA THR A 183 -26.24 2.54 64.64
C THR A 183 -25.18 2.74 65.70
N LYS A 184 -24.28 1.77 65.87
CA LYS A 184 -23.17 1.92 66.80
C LYS A 184 -22.31 3.13 66.44
N LEU A 185 -21.88 3.21 65.17
CA LEU A 185 -20.95 4.25 64.78
C LEU A 185 -21.64 5.60 64.61
N TYR A 186 -22.73 5.64 63.86
CA TYR A 186 -23.36 6.89 63.48
C TYR A 186 -24.67 7.17 64.20
N GLY A 187 -25.32 6.16 64.73
CA GLY A 187 -26.49 6.43 65.54
C GLY A 187 -27.75 5.92 64.90
N SER A 188 -28.70 5.53 65.74
CA SER A 188 -30.00 5.11 65.26
C SER A 188 -30.66 6.22 64.47
N GLY A 189 -31.50 5.83 63.52
CA GLY A 189 -32.10 6.76 62.59
C GLY A 189 -31.48 6.60 61.21
N ASN A 190 -32.23 7.05 60.22
CA ASN A 190 -31.80 6.92 58.83
C ASN A 190 -30.63 7.86 58.56
N LYS A 191 -29.79 7.46 57.60
CA LYS A 191 -28.57 8.19 57.28
C LYS A 191 -28.56 8.57 55.80
N LEU A 192 -28.29 9.84 55.52
CA LEU A 192 -28.31 10.39 54.18
C LEU A 192 -27.08 11.26 53.95
N VAL A 193 -26.54 11.21 52.73
CA VAL A 193 -25.42 12.05 52.32
C VAL A 193 -25.76 12.64 50.96
N THR A 194 -25.83 13.97 50.87
CA THR A 194 -26.16 14.66 49.63
C THR A 194 -24.95 15.47 49.19
N VAL A 195 -24.16 14.91 48.28
CA VAL A 195 -23.08 15.66 47.65
C VAL A 195 -23.66 16.55 46.57
N GLY A 196 -23.15 17.77 46.47
CA GLY A 196 -23.66 18.69 45.48
C GLY A 196 -22.68 19.76 45.07
N SER A 197 -22.53 19.94 43.76
CA SER A 197 -21.80 21.07 43.20
C SER A 197 -22.66 21.76 42.14
N SER A 198 -22.04 22.44 41.18
CA SER A 198 -22.80 22.96 40.05
C SER A 198 -23.02 21.92 38.97
N ASN A 199 -22.12 20.94 38.86
CA ASN A 199 -22.24 19.84 37.91
C ASN A 199 -22.72 18.55 38.56
N TYR A 200 -22.88 18.55 39.88
CA TYR A 200 -23.17 17.33 40.63
C TYR A 200 -24.41 17.56 41.49
N GLN A 201 -25.13 16.47 41.74
CA GLN A 201 -26.43 16.53 42.38
C GLN A 201 -26.83 15.13 42.82
N GLN A 202 -26.10 14.56 43.76
CA GLN A 202 -26.21 13.14 44.05
C GLN A 202 -26.40 12.91 45.54
N SER A 203 -27.36 12.05 45.89
CA SER A 203 -27.55 11.60 47.26
C SER A 203 -26.86 10.24 47.46
N PHE A 204 -26.82 9.80 48.71
CA PHE A 204 -26.18 8.54 49.05
C PHE A 204 -26.83 8.00 50.32
N VAL A 205 -26.93 6.67 50.40
CA VAL A 205 -27.52 6.00 51.56
C VAL A 205 -26.71 4.74 51.86
N PRO A 206 -26.33 4.51 53.13
CA PRO A 206 -25.61 3.29 53.47
C PRO A 206 -26.54 2.08 53.41
N SER A 207 -26.08 1.04 52.74
CA SER A 207 -26.82 -0.22 52.66
C SER A 207 -26.09 -1.27 53.48
N PRO A 208 -26.29 -1.29 54.80
CA PRO A 208 -25.57 -2.26 55.62
C PRO A 208 -26.02 -3.69 55.33
N GLY A 209 -25.04 -4.56 55.19
CA GLY A 209 -25.31 -5.95 54.88
C GLY A 209 -24.04 -6.76 54.90
N ALA A 210 -24.15 -8.03 55.28
CA ALA A 210 -22.98 -8.89 55.32
C ALA A 210 -22.35 -8.98 53.93
N ARG A 211 -21.03 -8.89 53.89
CA ARG A 211 -20.23 -9.13 52.71
C ARG A 211 -19.10 -10.06 53.08
N PRO A 212 -18.56 -10.82 52.12
CA PRO A 212 -17.45 -11.73 52.44
C PRO A 212 -16.31 -10.97 53.09
N GLN A 213 -15.74 -11.57 54.12
CA GLN A 213 -14.75 -10.88 54.95
C GLN A 213 -13.51 -10.58 54.12
N VAL A 214 -13.29 -9.29 53.86
CA VAL A 214 -12.08 -8.80 53.21
C VAL A 214 -11.34 -7.97 54.23
N ASN A 215 -10.10 -8.40 54.56
CA ASN A 215 -9.35 -7.81 55.68
C ASN A 215 -10.18 -7.84 56.96
N GLY A 216 -10.91 -8.93 57.16
CA GLY A 216 -11.63 -9.19 58.40
C GLY A 216 -12.84 -8.33 58.65
N LEU A 217 -13.08 -7.29 57.84
CA LEU A 217 -14.19 -6.38 58.05
C LEU A 217 -15.21 -6.61 56.96
N SER A 218 -16.42 -6.98 57.35
CA SER A 218 -17.47 -7.22 56.38
C SER A 218 -18.17 -5.93 55.95
N GLY A 219 -17.80 -4.80 56.54
CA GLY A 219 -18.23 -3.52 56.01
C GLY A 219 -17.52 -3.21 54.72
N ARG A 220 -18.05 -2.22 53.99
CA ARG A 220 -17.52 -1.85 52.69
C ARG A 220 -17.59 -0.34 52.51
N ILE A 221 -16.53 0.24 51.96
CA ILE A 221 -16.45 1.68 51.73
C ILE A 221 -16.48 1.93 50.23
N ASP A 222 -17.48 2.70 49.78
CA ASP A 222 -17.62 3.08 48.38
C ASP A 222 -16.95 4.44 48.17
N PHE A 223 -15.90 4.48 47.34
CA PHE A 223 -15.19 5.71 47.05
C PHE A 223 -15.71 6.30 45.74
N HIS A 224 -16.23 7.52 45.81
CA HIS A 224 -16.63 8.30 44.65
C HIS A 224 -15.67 9.47 44.45
N TRP A 225 -15.81 10.12 43.31
CA TRP A 225 -14.94 11.25 42.99
C TRP A 225 -15.64 12.16 41.99
N LEU A 226 -15.27 13.44 42.01
CA LEU A 226 -15.75 14.39 41.03
C LEU A 226 -14.66 15.43 40.78
N MET A 227 -14.75 16.07 39.62
CA MET A 227 -13.85 17.15 39.25
C MET A 227 -14.53 18.48 39.55
N LEU A 228 -14.01 19.20 40.54
CA LEU A 228 -14.56 20.49 40.93
C LEU A 228 -13.94 21.56 40.04
N ASN A 229 -14.75 22.19 39.20
CA ASN A 229 -14.27 23.24 38.33
C ASN A 229 -13.67 24.38 39.15
N PRO A 230 -12.72 25.12 38.61
CA PRO A 230 -12.22 26.31 39.30
C PRO A 230 -13.37 27.25 39.65
N ASN A 231 -13.29 27.85 40.84
CA ASN A 231 -14.27 28.77 41.40
C ASN A 231 -15.57 28.07 41.83
N ASP A 232 -15.68 26.76 41.64
CA ASP A 232 -16.88 26.05 42.03
C ASP A 232 -16.77 25.58 43.48
N THR A 233 -17.90 25.08 44.00
CA THR A 233 -17.98 24.62 45.38
C THR A 233 -18.62 23.24 45.41
N VAL A 234 -18.07 22.34 46.20
CA VAL A 234 -18.67 21.04 46.48
C VAL A 234 -19.28 21.09 47.87
N THR A 235 -20.54 20.65 47.98
CA THR A 235 -21.28 20.72 49.22
C THR A 235 -21.59 19.31 49.71
N PHE A 236 -21.18 19.02 50.94
CA PHE A 236 -21.46 17.74 51.59
C PHE A 236 -22.48 17.97 52.69
N SER A 237 -23.63 17.31 52.60
CA SER A 237 -24.63 17.32 53.65
C SER A 237 -24.84 15.88 54.09
N PHE A 238 -24.66 15.61 55.38
CA PHE A 238 -24.60 14.25 55.87
C PHE A 238 -25.00 14.20 57.35
N ASN A 239 -25.28 12.98 57.83
CA ASN A 239 -25.54 12.76 59.24
C ASN A 239 -25.07 11.38 59.69
N GLY A 240 -24.06 10.84 59.04
CA GLY A 240 -23.47 9.57 59.41
C GLY A 240 -23.07 8.77 58.20
N ALA A 241 -22.25 7.75 58.43
CA ALA A 241 -21.78 6.82 57.39
C ALA A 241 -21.09 7.57 56.26
N PHE A 242 -20.27 8.56 56.62
CA PHE A 242 -19.63 9.44 55.64
C PHE A 242 -18.13 9.49 55.94
N ILE A 243 -17.33 8.90 55.06
CA ILE A 243 -15.89 9.04 55.13
C ILE A 243 -15.52 10.35 54.45
N ALA A 244 -14.95 11.29 55.22
CA ALA A 244 -14.85 12.65 54.73
C ALA A 244 -13.47 12.93 54.14
N PRO A 245 -13.41 13.77 53.11
CA PRO A 245 -12.12 14.15 52.54
C PRO A 245 -11.42 15.21 53.39
N ASP A 246 -10.12 15.01 53.59
CA ASP A 246 -9.30 15.97 54.32
C ASP A 246 -8.53 16.90 53.40
N ARG A 247 -7.93 16.37 52.34
CA ARG A 247 -7.18 17.17 51.38
C ARG A 247 -7.64 16.84 49.97
N ALA A 248 -7.78 17.88 49.15
CA ALA A 248 -8.08 17.70 47.73
C ALA A 248 -6.78 17.51 46.96
N SER A 249 -6.86 16.76 45.87
CA SER A 249 -5.70 16.48 45.02
C SER A 249 -5.75 17.33 43.76
N PHE A 250 -4.58 17.77 43.30
CA PHE A 250 -4.45 18.53 42.08
C PHE A 250 -3.38 17.90 41.21
N LEU A 251 -3.59 17.93 39.90
CA LEU A 251 -2.67 17.31 38.97
C LEU A 251 -1.45 18.18 38.74
N ARG A 252 -0.33 17.55 38.40
CA ARG A 252 0.93 18.26 38.25
C ARG A 252 1.20 18.61 36.78
N GLY A 253 1.59 17.63 35.96
CA GLY A 253 1.98 17.89 34.59
C GLY A 253 1.70 16.70 33.70
N LYS A 254 2.63 16.41 32.80
CA LYS A 254 2.52 15.27 31.88
C LYS A 254 3.29 14.08 32.44
N SER A 255 2.70 12.89 32.30
CA SER A 255 3.39 11.64 32.57
C SER A 255 2.85 10.59 31.61
N MET A 256 3.30 9.36 31.81
CA MET A 256 2.80 8.23 31.05
C MET A 256 2.63 7.06 32.01
N GLY A 257 1.43 6.50 32.03
CA GLY A 257 1.18 5.36 32.87
C GLY A 257 1.48 4.05 32.18
N ILE A 258 2.41 3.29 32.74
CA ILE A 258 2.71 1.95 32.26
C ILE A 258 2.56 0.98 33.42
N GLN A 259 2.15 -0.25 33.08
CA GLN A 259 2.13 -1.35 34.02
C GLN A 259 3.18 -2.35 33.58
N SER A 260 3.92 -2.91 34.53
CA SER A 260 5.05 -3.75 34.19
C SER A 260 5.28 -4.76 35.30
N GLY A 261 6.31 -5.59 35.11
CA GLY A 261 6.71 -6.58 36.10
C GLY A 261 8.18 -6.91 35.98
N VAL A 262 9.01 -5.92 35.64
CA VAL A 262 10.45 -6.08 35.52
C VAL A 262 11.15 -4.91 36.17
N GLN A 263 12.47 -5.05 36.33
CA GLN A 263 13.31 -4.03 36.97
C GLN A 263 13.16 -2.66 36.33
N VAL A 264 13.51 -1.63 37.07
CA VAL A 264 13.78 -0.31 36.50
C VAL A 264 15.28 -0.23 36.26
N ASP A 265 15.68 0.48 35.21
CA ASP A 265 17.08 0.61 34.85
C ASP A 265 17.32 2.03 34.37
N ALA A 266 18.04 2.82 35.18
CA ALA A 266 18.37 4.20 34.80
C ALA A 266 19.59 4.29 33.90
N ASN A 267 20.30 3.19 33.68
CA ASN A 267 21.45 3.23 32.78
C ASN A 267 21.00 3.20 31.32
N CYS A 268 19.97 2.43 31.01
CA CYS A 268 19.46 2.30 29.65
C CYS A 268 18.35 3.32 29.41
N GLU A 269 18.30 3.88 28.21
CA GLU A 269 17.36 4.92 27.85
C GLU A 269 16.38 4.37 26.82
N GLY A 270 15.08 4.53 27.07
CA GLY A 270 14.08 3.90 26.24
C GLY A 270 12.87 4.79 26.01
N ASP A 271 12.06 4.38 25.04
CA ASP A 271 10.88 5.15 24.63
C ASP A 271 9.65 4.29 24.34
N CYS A 272 9.75 2.97 24.39
CA CYS A 272 8.62 2.07 24.16
C CYS A 272 8.59 1.02 25.26
N TYR A 273 7.44 0.88 25.92
CA TYR A 273 7.31 0.01 27.08
C TYR A 273 6.19 -1.00 26.87
N HIS A 274 6.47 -2.26 27.18
CA HIS A 274 5.45 -3.28 27.43
C HIS A 274 5.75 -3.89 28.78
N SER A 275 4.89 -4.82 29.21
CA SER A 275 5.03 -5.38 30.56
C SER A 275 6.36 -6.08 30.75
N GLY A 276 6.89 -6.72 29.71
CA GLY A 276 8.15 -7.43 29.80
C GLY A 276 9.40 -6.58 29.69
N GLY A 277 9.26 -5.26 29.55
CA GLY A 277 10.41 -4.40 29.50
C GLY A 277 10.32 -3.26 28.50
N THR A 278 11.40 -3.05 27.74
CA THR A 278 11.51 -1.92 26.83
C THR A 278 11.81 -2.42 25.42
N ILE A 279 11.06 -1.92 24.45
CA ILE A 279 11.31 -2.17 23.04
C ILE A 279 12.18 -1.03 22.52
N ILE A 280 13.45 -1.32 22.26
CA ILE A 280 14.38 -0.35 21.69
C ILE A 280 14.71 -0.82 20.29
N SER A 281 14.25 -0.07 19.28
CA SER A 281 14.45 -0.49 17.91
C SER A 281 14.24 0.70 16.97
N ASN A 282 14.93 0.63 15.83
CA ASN A 282 14.67 1.52 14.70
C ASN A 282 13.74 0.90 13.68
N LEU A 283 13.67 -0.44 13.65
CA LEU A 283 12.80 -1.13 12.71
C LEU A 283 11.36 -0.65 12.89
N PRO A 284 10.58 -0.59 11.81
CA PRO A 284 9.23 -0.01 11.92
C PRO A 284 8.18 -0.97 12.45
N PHE A 285 8.50 -2.25 12.62
CA PHE A 285 7.54 -3.23 13.07
C PHE A 285 8.08 -3.94 14.30
N GLN A 286 7.15 -4.52 15.07
CA GLN A 286 7.55 -5.34 16.20
C GLN A 286 6.53 -6.46 16.38
N ASN A 287 7.03 -7.61 16.82
CA ASN A 287 6.19 -8.77 17.10
C ASN A 287 6.35 -9.17 18.57
N ILE A 288 6.38 -8.17 19.44
CA ILE A 288 6.62 -8.39 20.86
C ILE A 288 5.29 -8.32 21.62
N ASP A 289 4.65 -7.16 21.59
CA ASP A 289 3.42 -6.98 22.35
C ASP A 289 2.52 -5.99 21.62
N SER A 290 1.26 -6.38 21.42
CA SER A 290 0.28 -5.54 20.74
C SER A 290 -0.25 -4.41 21.61
N ARG A 291 0.23 -4.29 22.85
CA ARG A 291 -0.24 -3.25 23.77
C ARG A 291 0.86 -2.30 24.22
N ALA A 292 2.05 -2.38 23.62
CA ALA A 292 3.15 -1.52 24.04
C ALA A 292 2.78 -0.06 23.88
N VAL A 293 3.16 0.76 24.86
CA VAL A 293 2.81 2.16 24.90
C VAL A 293 4.08 3.01 24.84
N GLY A 294 3.89 4.30 24.61
CA GLY A 294 4.97 5.19 24.28
C GLY A 294 5.05 5.39 22.77
N LYS A 295 6.25 5.63 22.26
CA LYS A 295 6.47 5.80 20.84
C LYS A 295 7.09 4.51 20.31
N CYS A 296 6.31 3.72 19.58
CA CYS A 296 6.62 2.32 19.36
C CYS A 296 6.52 1.93 17.88
N PRO A 297 7.25 0.88 17.49
CA PRO A 297 6.99 0.26 16.19
C PRO A 297 5.61 -0.35 16.15
N ARG A 298 5.13 -0.62 14.94
CA ARG A 298 3.80 -1.16 14.75
C ARG A 298 3.80 -2.67 14.98
N TYR A 299 2.87 -3.13 15.80
CA TYR A 299 2.74 -4.56 16.04
C TYR A 299 2.17 -5.23 14.79
N VAL A 300 2.81 -6.32 14.37
CA VAL A 300 2.35 -7.09 13.23
C VAL A 300 2.24 -8.55 13.63
N LYS A 301 1.39 -9.28 12.90
CA LYS A 301 1.25 -10.70 13.15
C LYS A 301 2.55 -11.45 12.90
N GLN A 302 3.23 -11.13 11.79
CA GLN A 302 4.42 -11.86 11.39
C GLN A 302 5.55 -11.65 12.38
N ARG A 303 6.40 -12.67 12.52
CA ARG A 303 7.59 -12.55 13.33
C ARG A 303 8.80 -12.07 12.54
N SER A 304 8.80 -12.23 11.22
CA SER A 304 9.97 -11.89 10.41
C SER A 304 9.53 -11.48 9.02
N LEU A 305 10.08 -10.37 8.55
CA LEU A 305 9.89 -9.89 7.18
C LEU A 305 11.24 -9.43 6.67
N LEU A 306 11.80 -10.13 5.69
CA LEU A 306 13.17 -9.89 5.27
C LEU A 306 13.20 -8.95 4.08
N LEU A 307 13.83 -7.79 4.26
CA LEU A 307 14.00 -6.80 3.20
C LEU A 307 15.34 -7.04 2.50
N ALA A 308 15.29 -7.22 1.18
CA ALA A 308 16.51 -7.45 0.42
C ALA A 308 17.35 -6.18 0.37
N THR A 309 18.61 -6.31 0.80
CA THR A 309 19.60 -5.23 0.67
C THR A 309 20.62 -5.53 -0.41
N GLY A 310 20.40 -6.59 -1.19
CA GLY A 310 21.31 -6.98 -2.26
C GLY A 310 20.54 -7.58 -3.42
N MET A 311 21.27 -7.87 -4.49
CA MET A 311 20.69 -8.31 -5.75
C MET A 311 20.38 -9.81 -5.70
N LYS A 312 19.72 -10.28 -6.76
CA LYS A 312 19.48 -11.71 -6.88
C LYS A 312 20.80 -12.46 -6.97
N ASN A 313 20.96 -13.45 -6.11
CA ASN A 313 22.18 -14.25 -6.06
C ASN A 313 22.05 -15.40 -7.05
N VAL A 314 22.90 -15.42 -8.06
CA VAL A 314 22.95 -16.53 -9.01
C VAL A 314 24.33 -17.18 -8.92
N PRO A 315 24.41 -18.41 -8.41
CA PRO A 315 25.72 -19.06 -8.22
C PRO A 315 26.43 -19.33 -9.54
N GLU A 316 27.67 -19.84 -9.47
CA GLU A 316 28.52 -19.98 -10.64
C GLU A 316 28.90 -21.44 -10.85
N ILE A 317 29.14 -21.81 -12.10
CA ILE A 317 29.40 -23.18 -12.51
C ILE A 317 30.66 -23.22 -13.37
N PRO A 318 31.54 -24.24 -13.20
CA PRO A 318 32.85 -24.21 -13.88
C PRO A 318 32.90 -24.95 -15.21
N LYS A 319 33.60 -24.36 -16.19
CA LYS A 319 33.82 -24.99 -17.50
C LYS A 319 34.85 -24.20 -18.29
N ALA B 5 37.95 -19.69 -21.64
CA ALA B 5 36.96 -19.97 -20.61
C ALA B 5 36.65 -18.72 -19.80
N ILE B 6 35.62 -17.97 -20.21
CA ILE B 6 35.19 -16.77 -19.51
C ILE B 6 33.75 -16.51 -19.90
N ALA B 7 32.97 -15.96 -18.97
CA ALA B 7 31.53 -15.82 -19.15
C ALA B 7 31.04 -14.54 -18.48
N GLY B 8 29.79 -14.20 -18.78
CA GLY B 8 29.21 -12.97 -18.27
C GLY B 8 28.00 -13.16 -17.37
N PHE B 9 27.08 -12.20 -17.40
CA PHE B 9 25.94 -12.18 -16.47
C PHE B 9 24.66 -12.75 -17.07
N ILE B 10 24.57 -12.87 -18.39
CA ILE B 10 23.44 -13.57 -18.99
C ILE B 10 23.35 -15.00 -18.48
N GLU B 11 24.48 -15.54 -17.99
CA GLU B 11 24.53 -16.87 -17.41
C GLU B 11 24.46 -16.83 -15.89
N ASN B 12 25.61 -16.59 -15.26
CA ASN B 12 25.73 -16.61 -13.81
C ASN B 12 26.48 -15.38 -13.34
N GLY B 13 26.40 -15.14 -12.03
CA GLY B 13 27.19 -14.09 -11.43
C GLY B 13 28.54 -14.61 -10.98
N TRP B 14 29.56 -13.76 -11.10
CA TRP B 14 30.89 -14.12 -10.66
C TRP B 14 30.99 -14.04 -9.15
N GLU B 15 31.61 -15.04 -8.54
CA GLU B 15 31.86 -15.01 -7.10
C GLU B 15 33.20 -14.36 -6.76
N GLY B 16 34.14 -14.33 -7.70
CA GLY B 16 35.41 -13.66 -7.47
C GLY B 16 35.33 -12.14 -7.38
N LEU B 17 34.22 -11.55 -7.80
CA LEU B 17 34.09 -10.10 -7.80
C LEU B 17 33.74 -9.62 -6.40
N ILE B 18 34.64 -8.86 -5.78
CA ILE B 18 34.44 -8.41 -4.41
C ILE B 18 34.69 -6.91 -4.22
N ASP B 19 35.40 -6.23 -5.12
CA ASP B 19 35.49 -4.77 -5.02
C ASP B 19 34.15 -4.09 -5.26
N GLY B 20 33.17 -4.79 -5.81
CA GLY B 20 31.87 -4.19 -6.04
C GLY B 20 30.87 -5.22 -6.50
N TRP B 21 29.74 -4.71 -7.01
CA TRP B 21 28.64 -5.56 -7.42
C TRP B 21 28.67 -5.84 -8.92
N TYR B 22 29.34 -5.01 -9.72
CA TYR B 22 29.47 -5.19 -11.15
C TYR B 22 30.92 -4.94 -11.56
N GLY B 23 31.34 -5.61 -12.63
CA GLY B 23 32.71 -5.43 -13.08
C GLY B 23 32.92 -5.99 -14.47
N PHE B 24 34.13 -5.76 -14.97
CA PHE B 24 34.58 -6.28 -16.25
C PHE B 24 35.54 -7.45 -16.02
N ARG B 25 35.28 -8.56 -16.69
CA ARG B 25 36.17 -9.71 -16.70
C ARG B 25 36.64 -9.91 -18.13
N HIS B 26 37.90 -9.58 -18.40
CA HIS B 26 38.45 -9.56 -19.76
C HIS B 26 39.44 -10.68 -19.97
N GLN B 27 39.90 -10.79 -21.21
CA GLN B 27 40.77 -11.89 -21.63
C GLN B 27 41.47 -11.48 -22.91
N ASN B 28 42.81 -11.49 -22.90
CA ASN B 28 43.57 -11.14 -24.08
C ASN B 28 44.94 -11.80 -24.08
N ALA B 29 45.91 -11.15 -24.74
CA ALA B 29 47.25 -11.73 -24.84
C ALA B 29 47.88 -11.91 -23.47
N GLN B 30 47.61 -11.01 -22.54
CA GLN B 30 48.26 -11.03 -21.23
C GLN B 30 47.48 -11.80 -20.18
N GLY B 31 46.22 -12.15 -20.42
CA GLY B 31 45.49 -13.08 -19.57
C GLY B 31 44.24 -12.46 -18.98
N GLU B 32 43.66 -13.19 -18.03
CA GLU B 32 42.40 -12.79 -17.41
C GLU B 32 42.61 -11.60 -16.47
N GLY B 33 41.59 -10.75 -16.40
CA GLY B 33 41.50 -9.71 -15.39
C GLY B 33 40.09 -9.52 -14.88
N THR B 34 39.92 -9.37 -13.57
CA THR B 34 38.62 -9.12 -12.96
C THR B 34 38.72 -7.84 -12.14
N ALA B 35 38.04 -6.79 -12.59
CA ALA B 35 38.08 -5.50 -11.92
C ALA B 35 36.70 -4.89 -11.94
N ALA B 36 36.22 -4.48 -10.77
CA ALA B 36 34.86 -3.96 -10.64
C ALA B 36 34.72 -2.59 -11.30
N ASP B 37 33.50 -2.27 -11.70
CA ASP B 37 33.13 -0.93 -12.14
C ASP B 37 32.54 -0.19 -10.96
N TYR B 38 33.16 0.93 -10.58
CA TYR B 38 32.79 1.60 -9.34
C TYR B 38 31.52 2.42 -9.49
N LYS B 39 31.34 3.10 -10.62
CA LYS B 39 30.19 3.99 -10.79
C LYS B 39 28.88 3.21 -10.74
N SER B 40 28.84 2.04 -11.37
CA SER B 40 27.59 1.28 -11.46
C SER B 40 27.21 0.68 -10.12
N THR B 41 28.20 0.19 -9.37
CA THR B 41 27.89 -0.47 -8.10
C THR B 41 27.42 0.54 -7.06
N GLN B 42 27.99 1.74 -7.04
CA GLN B 42 27.53 2.77 -6.12
C GLN B 42 26.10 3.20 -6.45
N SER B 43 25.75 3.25 -7.74
CA SER B 43 24.40 3.65 -8.12
C SER B 43 23.37 2.62 -7.68
N ALA B 44 23.76 1.36 -7.56
CA ALA B 44 22.85 0.36 -7.00
C ALA B 44 22.80 0.45 -5.49
N ILE B 45 23.96 0.55 -4.84
CA ILE B 45 24.01 0.60 -3.39
C ILE B 45 23.30 1.84 -2.86
N ASP B 46 23.46 2.97 -3.55
CA ASP B 46 22.88 4.22 -3.07
C ASP B 46 21.36 4.26 -3.23
N GLN B 47 20.78 3.39 -4.04
CA GLN B 47 19.32 3.32 -4.13
C GLN B 47 18.73 2.32 -3.15
N ILE B 48 19.43 1.22 -2.83
CA ILE B 48 18.94 0.36 -1.77
C ILE B 48 18.99 1.11 -0.44
N THR B 49 20.05 1.89 -0.23
CA THR B 49 20.14 2.74 0.95
C THR B 49 18.98 3.73 1.01
N GLY B 50 18.58 4.28 -0.14
CA GLY B 50 17.45 5.17 -0.18
C GLY B 50 16.17 4.53 0.33
N LYS B 51 16.03 3.22 0.12
CA LYS B 51 14.88 2.52 0.68
C LYS B 51 14.98 2.44 2.19
N LEU B 52 16.10 1.94 2.71
CA LEU B 52 16.27 1.81 4.16
C LEU B 52 15.96 3.10 4.89
N ASN B 53 16.57 4.20 4.47
CA ASN B 53 16.36 5.48 5.15
C ASN B 53 14.93 6.01 5.02
N ARG B 54 14.09 5.38 4.19
CA ARG B 54 12.69 5.74 4.13
C ARG B 54 11.80 4.85 4.98
N LEU B 55 12.17 3.57 5.18
CA LEU B 55 11.39 2.64 5.98
C LEU B 55 11.83 2.60 7.43
N ILE B 56 13.11 2.87 7.70
CA ILE B 56 13.60 2.88 9.08
C ILE B 56 13.07 4.10 9.84
N GLU B 57 12.62 5.13 9.13
CA GLU B 57 12.03 6.30 9.75
C GLU B 57 11.02 5.91 10.82
N LYS B 58 11.09 6.58 11.96
CA LYS B 58 10.27 6.24 13.11
C LYS B 58 8.91 6.95 13.04
N THR B 59 7.98 6.47 13.85
CA THR B 59 6.71 7.13 14.08
C THR B 59 6.78 7.90 15.40
N ASN B 60 6.26 9.13 15.40
CA ASN B 60 6.34 9.99 16.58
C ASN B 60 5.00 10.13 17.29
N GLN B 61 4.07 9.20 17.05
CA GLN B 61 2.81 9.19 17.76
C GLN B 61 2.91 8.29 18.98
N GLN B 62 2.55 8.84 20.14
CA GLN B 62 2.61 8.12 21.40
C GLN B 62 1.20 7.69 21.79
N PHE B 63 1.04 6.39 22.03
CA PHE B 63 -0.22 5.83 22.51
C PHE B 63 -0.06 5.49 23.99
N GLU B 64 -1.14 5.69 24.74
CA GLU B 64 -1.15 5.40 26.18
C GLU B 64 -2.00 4.16 26.43
N LEU B 65 -2.11 3.80 27.71
CA LEU B 65 -2.96 2.68 28.09
C LEU B 65 -4.43 3.07 27.97
N ILE B 66 -5.24 2.15 27.46
CA ILE B 66 -6.70 2.26 27.57
C ILE B 66 -7.20 0.96 28.17
N ASP B 67 -6.46 -0.13 27.94
CA ASP B 67 -6.72 -1.40 28.57
C ASP B 67 -6.25 -1.34 30.02
N ASN B 68 -6.39 -2.46 30.73
CA ASN B 68 -5.78 -2.60 32.05
C ASN B 68 -5.49 -4.08 32.25
N GLU B 69 -4.20 -4.43 32.28
CA GLU B 69 -3.81 -5.83 32.39
C GLU B 69 -4.07 -6.39 33.78
N PHE B 70 -3.92 -5.55 34.81
CA PHE B 70 -4.07 -6.01 36.18
C PHE B 70 -5.54 -6.11 36.58
N ASN B 71 -6.34 -5.15 36.13
CA ASN B 71 -7.70 -4.96 36.62
C ASN B 71 -8.60 -4.79 35.40
N GLU B 72 -9.23 -5.88 34.96
CA GLU B 72 -9.97 -5.88 33.70
C GLU B 72 -11.06 -4.80 33.70
N VAL B 73 -11.42 -4.37 32.49
CA VAL B 73 -12.41 -3.30 32.30
C VAL B 73 -13.76 -3.92 31.97
N GLU B 74 -14.77 -3.09 31.76
CA GLU B 74 -16.10 -3.57 31.39
C GLU B 74 -16.01 -4.49 30.19
N LYS B 75 -16.80 -5.58 30.22
CA LYS B 75 -16.75 -6.57 29.14
C LYS B 75 -17.09 -5.96 27.79
N GLN B 76 -18.08 -5.07 27.74
CA GLN B 76 -18.44 -4.44 26.48
C GLN B 76 -17.29 -3.58 25.96
N ILE B 77 -16.92 -2.54 26.70
CA ILE B 77 -15.88 -1.63 26.24
C ILE B 77 -14.59 -2.40 25.95
N GLY B 78 -14.29 -3.43 26.74
CA GLY B 78 -13.11 -4.23 26.48
C GLY B 78 -13.20 -5.00 25.17
N ASN B 79 -14.35 -5.66 24.95
CA ASN B 79 -14.56 -6.39 23.71
C ASN B 79 -14.43 -5.47 22.49
N VAL B 80 -14.93 -4.24 22.60
CA VAL B 80 -14.82 -3.30 21.49
C VAL B 80 -13.38 -2.85 21.30
N ILE B 81 -12.66 -2.60 22.40
CA ILE B 81 -11.23 -2.32 22.31
C ILE B 81 -10.52 -3.49 21.63
N ASN B 82 -10.70 -4.69 22.14
CA ASN B 82 -10.12 -5.88 21.52
C ASN B 82 -10.48 -5.96 20.05
N TRP B 83 -11.72 -5.65 19.69
CA TRP B 83 -12.14 -5.71 18.30
C TRP B 83 -11.40 -4.70 17.45
N THR B 84 -11.25 -3.47 17.96
CA THR B 84 -10.51 -2.46 17.22
C THR B 84 -9.02 -2.81 17.13
N ARG B 85 -8.42 -3.21 18.26
CA ARG B 85 -7.01 -3.56 18.28
C ARG B 85 -6.69 -4.67 17.28
N ASP B 86 -7.46 -5.76 17.33
CA ASP B 86 -7.20 -6.86 16.41
C ASP B 86 -7.46 -6.46 14.97
N SER B 87 -8.34 -5.48 14.73
CA SER B 87 -8.57 -5.01 13.37
C SER B 87 -7.39 -4.17 12.88
N ILE B 88 -6.81 -3.36 13.76
CA ILE B 88 -5.63 -2.58 13.40
C ILE B 88 -4.43 -3.50 13.20
N THR B 89 -4.27 -4.48 14.09
CA THR B 89 -3.23 -5.49 13.91
C THR B 89 -3.26 -6.07 12.50
N GLU B 90 -4.47 -6.33 11.98
CA GLU B 90 -4.60 -6.94 10.65
C GLU B 90 -4.15 -5.99 9.54
N VAL B 91 -4.36 -4.69 9.71
CA VAL B 91 -4.02 -3.74 8.66
C VAL B 91 -2.51 -3.57 8.55
N TRP B 92 -1.85 -3.34 9.69
CA TRP B 92 -0.40 -3.16 9.66
C TRP B 92 0.30 -4.44 9.22
N SER B 93 -0.17 -5.60 9.71
CA SER B 93 0.40 -6.86 9.27
C SER B 93 0.27 -7.02 7.76
N TYR B 94 -0.85 -6.55 7.19
CA TYR B 94 -1.00 -6.60 5.74
C TYR B 94 -0.12 -5.57 5.06
N ASN B 95 -0.17 -4.32 5.53
CA ASN B 95 0.66 -3.27 4.93
C ASN B 95 2.15 -3.61 5.03
N ALA B 96 2.53 -4.39 6.03
CA ALA B 96 3.94 -4.75 6.21
C ALA B 96 4.39 -5.80 5.22
N GLU B 97 3.68 -6.95 5.18
CA GLU B 97 4.06 -8.03 4.29
C GLU B 97 4.11 -7.54 2.84
N LEU B 98 3.22 -6.62 2.48
CA LEU B 98 3.18 -6.12 1.11
C LEU B 98 4.39 -5.23 0.82
N LEU B 99 4.71 -4.33 1.74
CA LEU B 99 5.82 -3.40 1.54
C LEU B 99 7.12 -4.15 1.32
N VAL B 100 7.41 -5.14 2.18
CA VAL B 100 8.57 -5.99 1.99
C VAL B 100 8.54 -6.64 0.61
N ALA B 101 7.37 -7.16 0.21
CA ALA B 101 7.25 -7.82 -1.08
C ALA B 101 7.55 -6.86 -2.23
N MET B 102 6.88 -5.70 -2.25
CA MET B 102 7.10 -4.73 -3.32
C MET B 102 8.54 -4.26 -3.35
N GLU B 103 9.07 -3.84 -2.20
CA GLU B 103 10.43 -3.31 -2.16
C GLU B 103 11.46 -4.39 -2.47
N ASN B 104 11.16 -5.65 -2.17
CA ASN B 104 12.09 -6.71 -2.55
C ASN B 104 12.07 -6.95 -4.06
N GLN B 105 10.90 -6.80 -4.69
CA GLN B 105 10.86 -6.87 -6.14
C GLN B 105 11.53 -5.66 -6.77
N HIS B 106 11.22 -4.47 -6.27
CA HIS B 106 11.88 -3.28 -6.80
C HIS B 106 13.38 -3.30 -6.55
N THR B 107 13.82 -3.93 -5.44
CA THR B 107 15.25 -4.04 -5.19
C THR B 107 15.90 -5.00 -6.18
N ILE B 108 15.32 -6.20 -6.32
CA ILE B 108 15.87 -7.20 -7.24
C ILE B 108 15.91 -6.65 -8.66
N ASP B 109 14.83 -6.00 -9.09
CA ASP B 109 14.77 -5.45 -10.44
C ASP B 109 15.61 -4.19 -10.57
N LEU B 110 15.97 -3.57 -9.45
CA LEU B 110 16.82 -2.39 -9.49
C LEU B 110 18.24 -2.75 -9.89
N ALA B 111 18.77 -3.85 -9.34
CA ALA B 111 20.14 -4.24 -9.63
C ALA B 111 20.27 -4.79 -11.05
N ASP B 112 19.26 -5.52 -11.52
CA ASP B 112 19.26 -5.97 -12.91
C ASP B 112 19.29 -4.77 -13.85
N SER B 113 18.58 -3.69 -13.50
CA SER B 113 18.56 -2.51 -14.34
C SER B 113 19.95 -1.91 -14.50
N GLU B 114 20.73 -1.88 -13.42
CA GLU B 114 22.02 -1.23 -13.47
C GLU B 114 23.09 -2.10 -14.12
N MET B 115 22.89 -3.41 -14.18
CA MET B 115 23.81 -4.26 -14.92
C MET B 115 23.71 -4.00 -16.42
N ASP B 116 22.47 -3.90 -16.93
CA ASP B 116 22.28 -3.63 -18.35
C ASP B 116 22.68 -2.20 -18.70
N LYS B 117 22.34 -1.23 -17.84
CA LYS B 117 22.72 0.15 -18.08
C LYS B 117 24.23 0.29 -18.27
N LEU B 118 24.99 -0.65 -17.70
CA LEU B 118 26.44 -0.74 -17.91
C LEU B 118 26.79 -1.56 -19.15
N TYR B 119 26.09 -2.67 -19.38
CA TYR B 119 26.33 -3.48 -20.56
C TYR B 119 26.02 -2.69 -21.83
N GLU B 120 24.89 -2.00 -21.87
CA GLU B 120 24.51 -1.19 -23.02
C GLU B 120 25.36 0.06 -23.17
N ARG B 121 26.17 0.42 -22.17
CA ARG B 121 27.12 1.51 -22.33
C ARG B 121 28.37 1.02 -23.04
N VAL B 122 28.96 -0.07 -22.56
CA VAL B 122 30.14 -0.65 -23.18
C VAL B 122 29.84 -1.01 -24.63
N LYS B 123 28.60 -1.40 -24.92
CA LYS B 123 28.21 -1.71 -26.29
C LYS B 123 28.40 -0.50 -27.21
N ARG B 124 27.85 0.66 -26.82
CA ARG B 124 27.98 1.84 -27.66
C ARG B 124 29.42 2.31 -27.74
N GLN B 125 30.23 2.05 -26.71
CA GLN B 125 31.64 2.41 -26.76
C GLN B 125 32.34 1.67 -27.91
N LEU B 126 32.23 0.34 -27.92
CA LEU B 126 32.93 -0.45 -28.91
C LEU B 126 32.42 -0.23 -30.33
N ARG B 127 31.32 0.51 -30.50
CA ARG B 127 30.75 0.83 -31.80
C ARG B 127 30.73 -0.39 -32.72
N GLU B 128 31.48 -0.30 -33.82
CA GLU B 128 31.52 -1.36 -34.81
C GLU B 128 32.78 -2.22 -34.71
N ASN B 129 33.37 -2.31 -33.52
CA ASN B 129 34.64 -3.00 -33.36
C ASN B 129 34.53 -4.29 -32.55
N ALA B 130 33.33 -4.67 -32.12
CA ALA B 130 33.14 -5.90 -31.38
C ALA B 130 31.73 -6.41 -31.60
N GLU B 131 31.51 -7.67 -31.23
CA GLU B 131 30.22 -8.32 -31.43
C GLU B 131 29.74 -8.93 -30.12
N GLU B 132 28.43 -9.16 -30.05
CA GLU B 132 27.79 -9.73 -28.86
C GLU B 132 27.81 -11.24 -28.96
N ASP B 133 28.65 -11.90 -28.17
CA ASP B 133 28.64 -13.36 -28.13
C ASP B 133 27.29 -13.89 -27.68
N GLY B 134 26.57 -13.13 -26.86
CA GLY B 134 25.25 -13.50 -26.38
C GLY B 134 25.19 -13.83 -24.91
N THR B 135 26.34 -14.00 -24.24
CA THR B 135 26.38 -14.36 -22.83
C THR B 135 26.90 -13.22 -21.96
N GLY B 136 26.71 -11.97 -22.40
CA GLY B 136 27.18 -10.84 -21.64
C GLY B 136 28.63 -10.49 -21.87
N CYS B 137 29.21 -10.92 -22.99
CA CYS B 137 30.59 -10.63 -23.33
C CYS B 137 30.65 -9.95 -24.69
N PHE B 138 31.83 -9.46 -25.04
CA PHE B 138 32.07 -8.79 -26.32
C PHE B 138 33.32 -9.37 -26.95
N GLU B 139 33.14 -10.14 -28.03
CA GLU B 139 34.27 -10.55 -28.85
C GLU B 139 34.82 -9.33 -29.57
N ILE B 140 36.02 -8.90 -29.19
CA ILE B 140 36.64 -7.71 -29.77
C ILE B 140 37.50 -8.15 -30.95
N PHE B 141 37.23 -7.59 -32.12
CA PHE B 141 37.89 -8.00 -33.36
C PHE B 141 39.16 -7.22 -33.64
N HIS B 142 39.95 -6.96 -32.60
CA HIS B 142 41.22 -6.27 -32.73
C HIS B 142 42.03 -6.54 -31.48
N LYS B 143 43.35 -6.61 -31.64
CA LYS B 143 44.21 -6.88 -30.49
C LYS B 143 44.08 -5.76 -29.46
N CYS B 144 43.78 -6.16 -28.23
CA CYS B 144 43.50 -5.24 -27.13
C CYS B 144 44.37 -5.64 -25.94
N ASP B 145 45.49 -4.94 -25.75
CA ASP B 145 46.38 -5.22 -24.64
C ASP B 145 45.75 -4.75 -23.33
N ASP B 146 46.42 -5.09 -22.22
CA ASP B 146 45.90 -4.78 -20.89
C ASP B 146 45.62 -3.29 -20.73
N ASP B 147 46.38 -2.45 -21.42
CA ASP B 147 46.09 -1.01 -21.39
C ASP B 147 44.81 -0.68 -22.13
N CYS B 148 44.55 -1.38 -23.24
CA CYS B 148 43.36 -1.10 -24.03
C CYS B 148 42.09 -1.57 -23.31
N MET B 149 42.17 -2.67 -22.55
CA MET B 149 41.02 -3.13 -21.79
C MET B 149 40.61 -2.10 -20.74
N ALA B 150 41.59 -1.50 -20.07
CA ALA B 150 41.29 -0.47 -19.09
C ALA B 150 40.71 0.79 -19.74
N SER B 151 40.94 1.00 -21.04
CA SER B 151 40.32 2.12 -21.73
C SER B 151 38.82 1.92 -21.88
N ILE B 152 38.37 0.67 -21.95
CA ILE B 152 36.94 0.39 -22.00
C ILE B 152 36.30 0.70 -20.65
N ARG B 153 37.01 0.41 -19.56
CA ARG B 153 36.44 0.57 -18.23
C ARG B 153 36.27 2.05 -17.87
N ASN B 154 37.32 2.85 -18.08
CA ASN B 154 37.26 4.27 -17.72
C ASN B 154 36.82 5.15 -18.88
N ASN B 155 36.08 4.58 -19.84
CA ASN B 155 35.33 5.34 -20.84
C ASN B 155 36.22 6.26 -21.66
N THR B 156 37.35 5.71 -22.13
CA THR B 156 38.24 6.43 -23.03
C THR B 156 38.44 5.71 -24.35
N TYR B 157 37.85 4.54 -24.55
CA TYR B 157 38.00 3.81 -25.79
C TYR B 157 37.56 4.68 -26.97
N ASP B 158 38.43 4.78 -27.96
CA ASP B 158 38.17 5.54 -29.18
C ASP B 158 37.99 4.53 -30.30
N HIS B 159 36.76 4.36 -30.78
CA HIS B 159 36.48 3.38 -31.82
C HIS B 159 37.28 3.68 -33.08
N SER B 160 37.55 4.96 -33.35
CA SER B 160 38.28 5.34 -34.55
C SER B 160 39.65 4.67 -34.62
N LYS B 161 40.36 4.63 -33.50
CA LYS B 161 41.73 4.13 -33.51
C LYS B 161 41.82 2.68 -33.98
N TYR B 162 40.82 1.87 -33.68
CA TYR B 162 40.82 0.46 -34.05
C TYR B 162 39.74 0.10 -35.05
N ARG B 163 38.91 1.05 -35.48
CA ARG B 163 37.75 0.75 -36.32
C ARG B 163 38.16 0.04 -37.60
N GLU B 164 39.00 0.70 -38.40
CA GLU B 164 39.33 0.19 -39.72
C GLU B 164 39.89 -1.23 -39.65
N GLU B 165 40.74 -1.50 -38.66
CA GLU B 165 41.30 -2.83 -38.51
C GLU B 165 40.26 -3.82 -38.02
N ALA B 166 39.38 -3.38 -37.12
CA ALA B 166 38.41 -4.29 -36.53
C ALA B 166 37.36 -4.72 -37.55
N MET B 167 36.82 -3.77 -38.32
CA MET B 167 35.83 -4.11 -39.34
C MET B 167 36.41 -5.03 -40.41
N GLN B 168 37.68 -4.87 -40.75
CA GLN B 168 38.28 -5.73 -41.75
C GLN B 168 38.47 -7.15 -41.21
N ASN B 169 38.81 -7.28 -39.93
CA ASN B 169 38.89 -8.60 -39.32
C ASN B 169 37.51 -9.19 -39.03
N ARG B 170 36.43 -8.44 -39.28
CA ARG B 170 35.07 -8.91 -39.04
C ARG B 170 34.35 -9.28 -40.33
N ILE B 171 34.52 -8.49 -41.38
CA ILE B 171 33.88 -8.75 -42.68
C ILE B 171 34.90 -9.52 -43.51
N GLN B 172 34.84 -10.85 -43.43
CA GLN B 172 35.83 -11.70 -44.05
C GLN B 172 35.13 -12.81 -44.84
N ILE B 173 35.90 -13.42 -45.73
CA ILE B 173 35.49 -14.67 -46.37
C ILE B 173 36.33 -15.79 -45.76
N ASP B 174 37.52 -16.03 -46.32
CA ASP B 174 38.47 -16.98 -45.74
C ASP B 174 39.78 -16.24 -45.54
N GLY B 175 40.10 -15.90 -44.30
CA GLY B 175 41.13 -14.90 -44.07
C GLY B 175 40.62 -13.60 -44.65
N SER B 176 40.94 -13.36 -45.92
CA SER B 176 40.17 -12.44 -46.78
C SER B 176 40.14 -11.03 -46.18
N GLY B 177 38.98 -10.40 -46.06
CA GLY B 177 38.88 -9.00 -45.70
C GLY B 177 38.45 -8.18 -46.91
N TYR B 178 37.43 -7.36 -46.73
CA TYR B 178 36.95 -6.49 -47.81
C TYR B 178 38.08 -5.58 -48.30
N ILE B 179 37.91 -5.06 -49.51
CA ILE B 179 38.95 -4.21 -50.09
C ILE B 179 38.40 -2.86 -50.49
N PRO B 180 39.20 -1.79 -50.40
CA PRO B 180 38.73 -0.46 -50.79
C PRO B 180 38.53 -0.35 -52.29
N GLU B 181 37.73 0.64 -52.69
CA GLU B 181 37.54 0.96 -54.09
C GLU B 181 38.83 1.54 -54.67
N ALA B 182 39.31 0.95 -55.76
CA ALA B 182 40.52 1.44 -56.39
C ALA B 182 40.35 2.90 -56.82
N PRO B 183 41.44 3.66 -56.85
CA PRO B 183 41.34 5.09 -57.14
C PRO B 183 40.57 5.37 -58.43
N ARG B 184 39.69 6.37 -58.37
CA ARG B 184 38.95 6.83 -59.55
C ARG B 184 39.71 7.97 -60.21
N ASP B 185 40.85 7.62 -60.81
CA ASP B 185 41.69 8.57 -61.53
C ASP B 185 41.70 8.34 -63.03
N GLY B 186 40.98 7.34 -63.53
CA GLY B 186 40.90 7.06 -64.95
C GLY B 186 41.77 5.92 -65.42
N GLN B 187 42.68 5.42 -64.59
CA GLN B 187 43.59 4.35 -64.96
C GLN B 187 43.11 3.05 -64.33
N ALA B 188 43.02 2.00 -65.14
CA ALA B 188 42.62 0.70 -64.62
C ALA B 188 43.67 0.18 -63.65
N TYR B 189 43.21 -0.57 -62.65
CA TYR B 189 44.06 -1.02 -61.56
C TYR B 189 43.94 -2.52 -61.39
N VAL B 190 45.00 -3.12 -60.83
CA VAL B 190 45.03 -4.53 -60.50
C VAL B 190 45.51 -4.68 -59.06
N ARG B 191 45.03 -5.72 -58.39
CA ARG B 191 45.31 -5.93 -56.98
C ARG B 191 46.63 -6.67 -56.82
N LYS B 192 47.48 -6.19 -55.91
CA LYS B 192 48.78 -6.81 -55.67
C LYS B 192 49.29 -6.38 -54.30
N ASP B 193 49.46 -7.33 -53.40
CA ASP B 193 50.04 -7.10 -52.07
C ASP B 193 49.22 -6.09 -51.27
N GLY B 194 47.90 -6.25 -51.30
CA GLY B 194 47.04 -5.37 -50.52
C GLY B 194 47.04 -3.93 -50.97
N GLU B 195 47.37 -3.67 -52.24
CA GLU B 195 47.35 -2.32 -52.78
C GLU B 195 47.00 -2.38 -54.26
N TRP B 196 46.33 -1.32 -54.74
CA TRP B 196 45.86 -1.22 -56.12
C TRP B 196 46.98 -0.70 -56.99
N VAL B 197 47.78 -1.61 -57.55
CA VAL B 197 48.83 -1.20 -58.49
C VAL B 197 48.19 -0.95 -59.85
N LEU B 198 48.85 -0.12 -60.65
CA LEU B 198 48.26 0.38 -61.87
C LEU B 198 48.48 -0.61 -63.01
N LEU B 199 47.50 -0.69 -63.91
CA LEU B 199 47.58 -1.67 -65.00
C LEU B 199 48.56 -1.25 -66.09
N SER B 200 48.79 0.05 -66.24
CA SER B 200 49.74 0.52 -67.25
C SER B 200 51.16 0.06 -66.95
N THR B 201 51.47 -0.17 -65.67
CA THR B 201 52.80 -0.61 -65.28
C THR B 201 53.07 -2.07 -65.61
N PHE B 202 52.04 -2.83 -65.99
CA PHE B 202 52.19 -4.23 -66.40
C PHE B 202 52.08 -4.42 -67.90
N LEU B 203 52.05 -3.33 -68.67
CA LEU B 203 51.89 -3.37 -70.12
C LEU B 203 52.94 -2.53 -70.84
N SER B 204 54.14 -2.38 -70.24
CA SER B 204 55.24 -1.65 -70.88
C SER B 204 56.56 -2.38 -70.57
N GLY B 205 56.74 -3.53 -71.21
CA GLY B 205 57.93 -4.33 -71.01
C GLY B 205 58.53 -4.83 -72.32
N ARG B 206 58.45 -6.14 -72.55
CA ARG B 206 58.97 -6.76 -73.77
C ARG B 206 58.56 -8.23 -73.81
N LEU B 207 58.59 -8.80 -75.00
CA LEU B 207 58.16 -10.17 -75.24
C LEU B 207 59.36 -11.12 -75.26
N VAL B 208 59.05 -12.42 -75.28
CA VAL B 208 60.07 -13.46 -75.39
C VAL B 208 59.72 -14.45 -76.47
N ASP C 1 14.03 -15.48 -46.61
CA ASP C 1 13.27 -16.07 -45.52
C ASP C 1 13.30 -15.15 -44.30
N LYS C 2 12.34 -15.30 -43.41
CA LYS C 2 12.26 -14.47 -42.21
C LYS C 2 11.68 -15.29 -41.07
N ILE C 3 11.80 -14.74 -39.86
CA ILE C 3 11.26 -15.37 -38.66
C ILE C 3 10.82 -14.26 -37.71
N CYS C 4 9.70 -14.48 -37.03
CA CYS C 4 9.03 -13.43 -36.27
C CYS C 4 8.73 -13.90 -34.83
N LEU C 5 8.73 -12.94 -33.92
CA LEU C 5 8.36 -13.17 -32.53
C LEU C 5 7.01 -12.51 -32.26
N GLY C 6 6.18 -13.17 -31.46
CA GLY C 6 4.85 -12.65 -31.20
C GLY C 6 4.23 -13.22 -29.95
N HIS C 7 3.23 -12.51 -29.46
CA HIS C 7 2.43 -12.96 -28.33
C HIS C 7 1.04 -13.34 -28.82
N HIS C 8 0.30 -14.05 -27.98
CA HIS C 8 -1.04 -14.46 -28.34
C HIS C 8 -2.01 -13.32 -28.07
N ALA C 9 -3.28 -13.56 -28.40
CA ALA C 9 -4.34 -12.56 -28.28
C ALA C 9 -5.66 -13.26 -28.55
N VAL C 10 -6.73 -12.70 -28.00
CA VAL C 10 -8.09 -13.17 -28.22
C VAL C 10 -8.93 -12.00 -28.70
N SER C 11 -10.20 -12.30 -28.98
CA SER C 11 -11.16 -11.27 -29.39
C SER C 11 -12.01 -10.79 -28.22
N ASN C 12 -12.61 -11.72 -27.47
CA ASN C 12 -13.39 -11.38 -26.29
C ASN C 12 -12.48 -11.43 -25.04
N GLY C 13 -11.51 -10.53 -25.03
CA GLY C 13 -10.76 -10.29 -23.82
C GLY C 13 -11.61 -9.55 -22.80
N THR C 14 -11.10 -9.49 -21.57
CA THR C 14 -11.80 -8.86 -20.48
C THR C 14 -11.03 -7.62 -20.01
N LYS C 15 -11.75 -6.65 -19.48
CA LYS C 15 -11.18 -5.37 -19.06
C LYS C 15 -10.83 -5.38 -17.58
N VAL C 16 -9.74 -4.70 -17.24
CA VAL C 16 -9.27 -4.52 -15.86
C VAL C 16 -8.83 -3.08 -15.69
N ASN C 17 -8.36 -2.76 -14.47
CA ASN C 17 -7.88 -1.44 -14.13
C ASN C 17 -6.40 -1.48 -13.78
N THR C 18 -5.69 -0.38 -14.06
CA THR C 18 -4.28 -0.26 -13.71
C THR C 18 -4.00 1.06 -13.01
N LEU C 19 -2.73 1.38 -12.83
CA LEU C 19 -2.34 2.65 -12.21
C LEU C 19 -2.55 3.82 -13.16
N THR C 20 -2.28 3.61 -14.45
CA THR C 20 -2.31 4.68 -15.43
C THR C 20 -3.55 4.64 -16.32
N GLU C 21 -4.37 3.60 -16.22
CA GLU C 21 -5.49 3.42 -17.11
C GLU C 21 -6.67 2.84 -16.36
N ARG C 22 -7.86 3.05 -16.93
CA ARG C 22 -9.09 2.43 -16.46
C ARG C 22 -9.70 1.66 -17.61
N GLY C 23 -10.03 0.38 -17.37
CA GLY C 23 -10.67 -0.44 -18.36
C GLY C 23 -9.81 -0.78 -19.56
N VAL C 24 -8.67 -1.44 -19.34
CA VAL C 24 -7.79 -1.88 -20.40
C VAL C 24 -7.96 -3.37 -20.59
N GLU C 25 -8.07 -3.80 -21.85
CA GLU C 25 -8.37 -5.20 -22.16
C GLU C 25 -7.13 -6.05 -22.02
N VAL C 26 -7.22 -7.10 -21.19
CA VAL C 26 -6.19 -8.11 -21.08
C VAL C 26 -6.79 -9.43 -21.53
N VAL C 27 -5.90 -10.38 -21.89
CA VAL C 27 -6.36 -11.66 -22.42
C VAL C 27 -7.33 -12.32 -21.46
N ASN C 28 -7.05 -12.26 -20.16
CA ASN C 28 -7.94 -12.85 -19.18
C ASN C 28 -7.76 -12.17 -17.84
N ALA C 29 -8.72 -12.42 -16.94
CA ALA C 29 -8.71 -11.84 -15.61
C ALA C 29 -9.45 -12.78 -14.66
N THR C 30 -9.53 -12.36 -13.40
CA THR C 30 -10.26 -13.11 -12.38
C THR C 30 -10.79 -12.13 -11.34
N GLU C 31 -11.82 -12.56 -10.62
CA GLU C 31 -12.49 -11.71 -9.64
C GLU C 31 -11.78 -11.78 -8.29
N THR C 32 -11.82 -10.67 -7.56
CA THR C 32 -11.20 -10.60 -6.24
C THR C 32 -12.18 -10.38 -5.10
N VAL C 33 -13.38 -9.86 -5.36
CA VAL C 33 -14.36 -9.56 -4.33
C VAL C 33 -15.44 -10.64 -4.35
N GLU C 34 -15.65 -11.28 -3.21
CA GLU C 34 -16.62 -12.37 -3.13
C GLU C 34 -18.03 -11.81 -2.98
N ARG C 35 -18.96 -12.33 -3.78
CA ARG C 35 -20.36 -11.93 -3.70
C ARG C 35 -21.33 -13.10 -3.59
N THR C 36 -20.86 -14.34 -3.68
CA THR C 36 -21.74 -15.48 -3.66
C THR C 36 -22.11 -15.85 -2.23
N ASN C 37 -23.39 -16.12 -2.01
CA ASN C 37 -23.97 -16.24 -0.68
C ASN C 37 -24.69 -17.57 -0.56
N ILE C 38 -24.17 -18.47 0.26
CA ILE C 38 -24.89 -19.71 0.58
C ILE C 38 -25.94 -19.38 1.62
N PRO C 39 -27.23 -19.55 1.30
CA PRO C 39 -28.28 -19.11 2.23
C PRO C 39 -28.59 -20.09 3.34
N ARG C 40 -27.54 -20.72 3.88
CA ARG C 40 -27.69 -21.70 4.95
C ARG C 40 -26.48 -21.60 5.86
N ILE C 41 -26.72 -21.83 7.15
CA ILE C 41 -25.62 -21.83 8.12
C ILE C 41 -24.87 -23.15 7.99
N CYS C 42 -23.97 -23.23 7.01
CA CYS C 42 -23.17 -24.43 6.77
C CYS C 42 -22.40 -24.82 8.02
N SER C 43 -23.00 -25.71 8.83
CA SER C 43 -22.48 -26.03 10.15
C SER C 43 -21.85 -27.41 10.21
N LYS C 44 -21.40 -27.95 9.08
CA LYS C 44 -20.85 -29.30 9.06
C LYS C 44 -19.64 -29.40 9.98
N GLY C 45 -19.61 -30.46 10.79
CA GLY C 45 -18.50 -30.70 11.68
C GLY C 45 -18.51 -29.89 12.96
N LYS C 46 -19.65 -29.33 13.34
CA LYS C 46 -19.74 -28.48 14.52
C LYS C 46 -21.03 -28.83 15.26
N ARG C 47 -20.93 -29.01 16.58
CA ARG C 47 -22.13 -29.15 17.40
C ARG C 47 -22.84 -27.81 17.46
N THR C 48 -23.94 -27.69 16.74
CA THR C 48 -24.67 -26.44 16.62
C THR C 48 -25.89 -26.47 17.54
N VAL C 49 -26.20 -25.31 18.12
CA VAL C 49 -27.38 -25.15 18.96
C VAL C 49 -28.20 -24.00 18.37
N ASP C 50 -29.44 -24.29 18.01
CA ASP C 50 -30.39 -23.30 17.50
C ASP C 50 -31.37 -22.99 18.63
N LEU C 51 -31.19 -21.83 19.27
CA LEU C 51 -32.00 -21.49 20.43
C LEU C 51 -33.46 -21.27 20.03
N GLY C 52 -33.69 -20.54 18.93
CA GLY C 52 -35.05 -20.38 18.44
C GLY C 52 -35.90 -19.52 19.37
N GLN C 53 -37.07 -20.06 19.76
CA GLN C 53 -37.95 -19.37 20.70
C GLN C 53 -37.25 -19.03 22.01
N CYS C 54 -36.18 -19.75 22.35
CA CYS C 54 -35.40 -19.50 23.55
C CYS C 54 -34.35 -18.43 23.28
N GLY C 55 -34.14 -17.56 24.28
CA GLY C 55 -33.10 -16.57 24.19
C GLY C 55 -31.78 -17.05 24.78
N LEU C 56 -30.70 -16.38 24.40
CA LEU C 56 -29.38 -16.79 24.88
C LEU C 56 -29.28 -16.63 26.39
N LEU C 57 -29.67 -15.46 26.92
CA LEU C 57 -29.61 -15.23 28.35
C LEU C 57 -30.63 -16.06 29.13
N GLY C 58 -31.70 -16.51 28.45
CA GLY C 58 -32.67 -17.36 29.10
C GLY C 58 -32.10 -18.68 29.58
N THR C 59 -31.04 -19.15 28.92
CA THR C 59 -30.39 -20.39 29.37
C THR C 59 -29.83 -20.28 30.78
N ILE C 60 -29.68 -19.06 31.31
CA ILE C 60 -29.19 -18.87 32.67
C ILE C 60 -30.36 -18.87 33.64
N THR C 61 -31.34 -17.98 33.40
CA THR C 61 -32.51 -17.92 34.27
C THR C 61 -33.40 -19.13 34.07
N GLY C 62 -33.82 -19.37 32.83
CA GLY C 62 -34.57 -20.56 32.49
C GLY C 62 -36.08 -20.38 32.41
N PRO C 63 -36.54 -19.56 31.47
CA PRO C 63 -37.98 -19.46 31.23
C PRO C 63 -38.48 -20.70 30.50
N PRO C 64 -39.80 -20.89 30.38
CA PRO C 64 -40.31 -22.15 29.82
C PRO C 64 -39.78 -22.47 28.42
N GLN C 65 -39.50 -21.47 27.60
CA GLN C 65 -39.00 -21.76 26.26
C GLN C 65 -37.57 -22.29 26.26
N CYS C 66 -36.83 -22.12 27.36
CA CYS C 66 -35.43 -22.45 27.43
C CYS C 66 -35.14 -23.71 28.26
N ASP C 67 -36.12 -24.60 28.39
CA ASP C 67 -35.92 -25.78 29.23
C ASP C 67 -34.92 -26.76 28.62
N GLN C 68 -34.78 -26.77 27.29
CA GLN C 68 -33.87 -27.70 26.65
C GLN C 68 -32.42 -27.28 26.83
N PHE C 69 -32.16 -25.98 26.97
CA PHE C 69 -30.80 -25.45 26.92
C PHE C 69 -30.31 -24.96 28.27
N LEU C 70 -30.83 -25.51 29.37
CA LEU C 70 -30.35 -25.10 30.68
C LEU C 70 -28.91 -25.56 30.91
N GLU C 71 -28.50 -26.63 30.25
CA GLU C 71 -27.12 -27.12 30.30
C GLU C 71 -26.61 -27.43 28.89
N PHE C 72 -27.01 -26.60 27.93
CA PHE C 72 -26.64 -26.85 26.54
C PHE C 72 -25.14 -26.76 26.36
N SER C 73 -24.64 -27.48 25.36
CA SER C 73 -23.23 -27.44 24.97
C SER C 73 -23.15 -27.35 23.46
N ALA C 74 -22.38 -26.38 22.97
CA ALA C 74 -22.34 -26.11 21.55
C ALA C 74 -20.98 -25.56 21.16
N ASP C 75 -20.66 -25.72 19.88
CA ASP C 75 -19.57 -24.98 19.26
C ASP C 75 -20.06 -23.77 18.47
N LEU C 76 -21.29 -23.82 17.99
CA LEU C 76 -21.89 -22.76 17.19
C LEU C 76 -23.26 -22.46 17.78
N ILE C 77 -23.40 -21.30 18.41
CA ILE C 77 -24.65 -20.90 19.05
C ILE C 77 -25.37 -19.94 18.12
N ILE C 78 -26.53 -20.36 17.62
CA ILE C 78 -27.32 -19.56 16.70
C ILE C 78 -28.48 -18.93 17.45
N GLU C 79 -28.52 -17.60 17.47
CA GLU C 79 -29.66 -16.87 17.99
C GLU C 79 -30.68 -16.65 16.89
N ARG C 80 -31.93 -16.48 17.31
CA ARG C 80 -33.02 -16.23 16.37
C ARG C 80 -33.78 -14.99 16.80
N ARG C 81 -34.38 -14.30 15.82
CA ARG C 81 -35.10 -13.06 16.12
C ARG C 81 -36.27 -13.32 17.08
N GLU C 82 -36.85 -14.52 17.04
CA GLU C 82 -37.99 -14.84 17.90
C GLU C 82 -37.57 -15.26 19.31
N GLY C 83 -36.29 -15.15 19.65
CA GLY C 83 -35.85 -15.53 20.98
C GLY C 83 -36.49 -14.70 22.07
N SER C 84 -36.47 -15.26 23.28
CA SER C 84 -37.03 -14.57 24.44
C SER C 84 -36.26 -15.01 25.68
N ASP C 85 -35.67 -14.05 26.39
CA ASP C 85 -34.86 -14.33 27.57
C ASP C 85 -35.69 -14.52 28.83
N VAL C 86 -37.01 -14.34 28.75
CA VAL C 86 -37.82 -14.03 29.93
C VAL C 86 -39.24 -14.52 29.72
N CYS C 87 -39.88 -14.90 30.82
CA CYS C 87 -41.32 -15.17 30.86
C CYS C 87 -42.10 -14.13 31.65
N TYR C 88 -41.61 -13.71 32.87
CA TYR C 88 -42.24 -12.63 33.62
C TYR C 88 -41.52 -11.32 33.32
N PRO C 89 -42.25 -10.28 32.91
CA PRO C 89 -41.60 -9.08 32.33
C PRO C 89 -40.44 -8.55 33.16
N GLY C 90 -39.38 -8.18 32.45
CA GLY C 90 -38.13 -7.74 33.05
C GLY C 90 -37.01 -7.79 32.04
N LYS C 91 -35.88 -7.21 32.40
CA LYS C 91 -34.73 -7.16 31.51
C LYS C 91 -33.44 -7.27 32.29
N PHE C 92 -32.43 -7.88 31.65
CA PHE C 92 -31.12 -8.03 32.27
C PHE C 92 -30.38 -6.70 32.32
N VAL C 93 -29.51 -6.56 33.31
CA VAL C 93 -28.68 -5.38 33.48
C VAL C 93 -27.30 -5.69 32.91
N ASN C 94 -26.78 -4.76 32.12
CA ASN C 94 -25.54 -4.95 31.37
C ASN C 94 -25.65 -6.22 30.50
N GLU C 95 -26.69 -6.23 29.67
CA GLU C 95 -27.09 -7.46 29.00
C GLU C 95 -26.15 -7.82 27.86
N GLU C 96 -25.79 -6.85 27.01
CA GLU C 96 -25.00 -7.16 25.84
C GLU C 96 -23.60 -7.66 26.21
N ALA C 97 -23.13 -7.35 27.42
CA ALA C 97 -21.89 -7.97 27.91
C ALA C 97 -22.08 -9.46 28.12
N LEU C 98 -23.03 -9.84 28.98
CA LEU C 98 -23.27 -11.26 29.25
C LEU C 98 -23.63 -12.03 27.99
N ARG C 99 -24.27 -11.38 27.02
CA ARG C 99 -24.49 -12.00 25.72
C ARG C 99 -23.17 -12.36 25.07
N GLN C 100 -22.28 -11.37 24.92
CA GLN C 100 -20.97 -11.63 24.33
C GLN C 100 -20.18 -12.63 25.16
N ILE C 101 -20.45 -12.69 26.47
CA ILE C 101 -19.79 -13.69 27.31
C ILE C 101 -20.24 -15.09 26.91
N LEU C 102 -21.56 -15.30 26.82
CA LEU C 102 -22.10 -16.64 26.59
C LEU C 102 -21.91 -17.11 25.15
N ARG C 103 -21.72 -16.20 24.20
CA ARG C 103 -21.57 -16.62 22.81
C ARG C 103 -20.28 -17.40 22.60
N GLU C 104 -19.18 -16.96 23.21
CA GLU C 104 -17.91 -17.67 23.13
C GLU C 104 -17.73 -18.66 24.28
N SER C 105 -18.82 -19.08 24.92
CA SER C 105 -18.75 -19.88 26.13
C SER C 105 -18.70 -21.39 25.88
N GLY C 106 -19.10 -21.84 24.70
CA GLY C 106 -19.13 -23.27 24.44
C GLY C 106 -20.26 -24.01 25.09
N GLY C 107 -21.18 -23.31 25.73
CA GLY C 107 -22.23 -23.91 26.54
C GLY C 107 -22.09 -23.53 28.00
N ILE C 108 -23.04 -24.01 28.80
CA ILE C 108 -23.02 -23.77 30.24
C ILE C 108 -23.27 -25.06 30.98
N ASP C 109 -22.61 -25.21 32.11
CA ASP C 109 -22.89 -26.26 33.09
C ASP C 109 -23.51 -25.61 34.31
N LYS C 110 -24.57 -26.23 34.84
CA LYS C 110 -25.25 -25.72 36.01
C LYS C 110 -24.93 -26.61 37.21
N GLU C 111 -24.61 -25.97 38.33
CA GLU C 111 -24.35 -26.65 39.59
C GLU C 111 -25.12 -25.94 40.69
N ALA C 112 -25.71 -26.71 41.59
CA ALA C 112 -26.56 -26.13 42.62
C ALA C 112 -25.75 -25.23 43.54
N MET C 113 -26.42 -24.22 44.10
CA MET C 113 -25.79 -23.24 44.97
C MET C 113 -26.00 -23.53 46.45
N GLY C 114 -26.85 -24.50 46.79
CA GLY C 114 -27.00 -24.93 48.18
C GLY C 114 -27.71 -23.96 49.09
N PHE C 115 -28.75 -23.28 48.59
CA PHE C 115 -29.48 -22.29 49.35
C PHE C 115 -30.76 -22.91 49.90
N THR C 116 -30.99 -22.71 51.21
CA THR C 116 -32.17 -23.23 51.89
C THR C 116 -32.79 -22.13 52.74
N TYR C 117 -34.12 -22.07 52.74
CA TYR C 117 -34.86 -21.02 53.44
C TYR C 117 -35.98 -21.62 54.27
N SER C 118 -36.43 -20.85 55.25
CA SER C 118 -37.61 -21.16 56.04
C SER C 118 -38.17 -19.86 56.59
N GLY C 119 -39.35 -19.95 57.21
CA GLY C 119 -40.08 -18.78 57.61
C GLY C 119 -40.55 -17.90 56.48
N ILE C 120 -40.34 -18.33 55.24
CA ILE C 120 -40.87 -17.67 54.04
C ILE C 120 -41.34 -18.77 53.08
N ARG C 121 -41.89 -18.36 51.95
CA ARG C 121 -42.26 -19.29 50.90
C ARG C 121 -41.16 -19.38 49.86
N THR C 122 -41.23 -20.43 49.05
CA THR C 122 -40.29 -20.63 47.96
C THR C 122 -40.96 -20.99 46.65
N ASN C 123 -42.30 -21.01 46.62
CA ASN C 123 -43.07 -21.51 45.49
C ASN C 123 -43.67 -20.40 44.65
N GLY C 124 -43.08 -19.20 44.65
CA GLY C 124 -43.62 -18.10 43.88
C GLY C 124 -43.70 -18.40 42.40
N ALA C 125 -44.89 -18.23 41.82
CA ALA C 125 -45.12 -18.53 40.41
C ALA C 125 -46.13 -17.53 39.86
N THR C 126 -46.28 -17.55 38.53
CA THR C 126 -47.15 -16.60 37.87
C THR C 126 -47.65 -17.16 36.55
N SER C 127 -48.77 -16.60 36.08
CA SER C 127 -49.38 -17.03 34.82
C SER C 127 -48.50 -16.72 33.62
N ALA C 128 -47.43 -15.95 33.78
CA ALA C 128 -46.56 -15.62 32.66
C ALA C 128 -45.65 -16.80 32.30
N CYS C 129 -45.09 -17.47 33.30
CA CYS C 129 -44.18 -18.59 33.07
C CYS C 129 -45.00 -19.88 33.17
N ARG C 130 -45.59 -20.29 32.06
CA ARG C 130 -46.54 -21.38 32.05
C ARG C 130 -45.85 -22.72 31.81
N ARG C 131 -46.12 -23.68 32.69
CA ARG C 131 -45.64 -25.05 32.56
C ARG C 131 -46.76 -26.03 32.91
N SER C 132 -46.58 -26.78 34.01
CA SER C 132 -47.63 -27.61 34.61
C SER C 132 -48.58 -26.68 35.37
N GLY C 133 -49.25 -25.83 34.60
CA GLY C 133 -49.93 -24.67 35.13
C GLY C 133 -48.98 -23.49 35.22
N SER C 134 -49.28 -22.62 36.18
CA SER C 134 -48.41 -21.46 36.40
C SER C 134 -47.14 -21.89 37.11
N SER C 135 -46.00 -21.40 36.62
CA SER C 135 -44.71 -21.75 37.20
C SER C 135 -43.78 -20.54 37.21
N PHE C 136 -42.48 -20.78 37.15
CA PHE C 136 -41.49 -19.73 37.25
C PHE C 136 -40.24 -20.17 36.50
N TYR C 137 -39.11 -19.53 36.78
CA TYR C 137 -37.85 -19.88 36.14
C TYR C 137 -37.25 -21.13 36.77
N ALA C 138 -36.69 -22.00 35.94
CA ALA C 138 -36.17 -23.27 36.44
C ALA C 138 -34.99 -23.07 37.37
N GLU C 139 -34.18 -22.04 37.14
CA GLU C 139 -33.00 -21.78 37.94
C GLU C 139 -33.19 -20.67 38.95
N MET C 140 -34.37 -20.06 38.99
CA MET C 140 -34.70 -19.07 40.01
C MET C 140 -35.72 -19.65 40.98
N LYS C 141 -35.80 -19.03 42.16
CA LYS C 141 -36.82 -19.37 43.14
C LYS C 141 -37.39 -18.08 43.69
N TRP C 142 -38.67 -17.85 43.42
CA TRP C 142 -39.32 -16.61 43.83
C TRP C 142 -39.63 -16.68 45.32
N LEU C 143 -38.94 -15.87 46.11
CA LEU C 143 -39.09 -15.86 47.56
C LEU C 143 -40.22 -14.90 47.94
N LEU C 144 -41.33 -15.47 48.39
CA LEU C 144 -42.43 -14.70 48.97
C LEU C 144 -42.37 -14.82 50.49
N SER C 145 -43.04 -13.89 51.17
CA SER C 145 -43.20 -14.01 52.60
C SER C 145 -44.00 -15.27 52.93
N ASN C 146 -43.90 -15.71 54.18
CA ASN C 146 -44.53 -16.97 54.58
C ASN C 146 -46.04 -16.93 54.32
N THR C 147 -46.67 -15.79 54.54
CA THR C 147 -48.03 -15.56 54.12
C THR C 147 -48.19 -14.09 53.71
N ASP C 148 -49.37 -13.74 53.26
CA ASP C 148 -49.63 -12.38 52.78
C ASP C 148 -49.36 -11.37 53.88
N ASN C 149 -48.58 -10.34 53.53
CA ASN C 149 -48.27 -9.22 54.42
C ASN C 149 -47.48 -9.63 55.65
N ALA C 150 -47.19 -10.92 55.79
CA ALA C 150 -46.25 -11.34 56.82
C ALA C 150 -44.88 -10.73 56.55
N ALA C 151 -44.23 -10.27 57.61
CA ALA C 151 -42.93 -9.63 57.45
C ALA C 151 -41.92 -10.63 56.89
N PHE C 152 -41.23 -10.22 55.83
CA PHE C 152 -40.14 -11.02 55.32
C PHE C 152 -38.96 -10.91 56.27
N PRO C 153 -38.52 -12.00 56.90
CA PRO C 153 -37.37 -11.91 57.81
C PRO C 153 -36.10 -11.58 57.05
N GLN C 154 -35.29 -10.70 57.63
CA GLN C 154 -33.98 -10.39 57.07
C GLN C 154 -33.14 -11.65 57.02
N MET C 155 -32.50 -11.90 55.88
CA MET C 155 -31.74 -13.12 55.66
C MET C 155 -30.38 -12.80 55.05
N THR C 156 -29.50 -13.80 55.07
CA THR C 156 -28.19 -13.70 54.45
C THR C 156 -27.75 -15.10 54.03
N LYS C 157 -27.47 -15.26 52.74
CA LYS C 157 -27.05 -16.54 52.19
C LYS C 157 -25.76 -16.35 51.40
N SER C 158 -24.97 -17.42 51.32
CA SER C 158 -23.64 -17.35 50.73
C SER C 158 -23.35 -18.60 49.92
N TYR C 159 -22.73 -18.41 48.76
CA TYR C 159 -22.20 -19.50 47.94
C TYR C 159 -20.75 -19.22 47.61
N LYS C 160 -19.95 -20.28 47.59
CA LYS C 160 -18.53 -20.19 47.26
C LYS C 160 -18.27 -21.02 46.02
N ASN C 161 -17.53 -20.44 45.07
CA ASN C 161 -17.18 -21.16 43.85
C ASN C 161 -16.18 -22.25 44.22
N THR C 162 -16.67 -23.48 44.35
CA THR C 162 -15.81 -24.61 44.73
C THR C 162 -14.96 -25.13 43.59
N ARG C 163 -15.17 -24.66 42.36
CA ARG C 163 -14.50 -25.20 41.19
C ARG C 163 -13.34 -24.30 40.78
N LYS C 164 -12.82 -24.51 39.57
CA LYS C 164 -11.55 -23.94 39.15
C LYS C 164 -11.70 -22.70 38.27
N SER C 165 -12.70 -22.67 37.43
CA SER C 165 -13.03 -21.49 36.63
C SER C 165 -14.09 -20.66 37.35
N PRO C 166 -14.26 -19.39 36.98
CA PRO C 166 -15.22 -18.54 37.69
C PRO C 166 -16.65 -19.03 37.52
N ALA C 167 -17.54 -18.38 38.27
CA ALA C 167 -18.94 -18.76 38.36
C ALA C 167 -19.84 -17.60 37.97
N LEU C 168 -20.92 -17.90 37.24
CA LEU C 168 -21.88 -16.90 36.80
C LEU C 168 -23.08 -16.91 37.75
N ILE C 169 -23.14 -15.93 38.64
CA ILE C 169 -24.22 -15.80 39.60
C ILE C 169 -25.22 -14.78 39.06
N VAL C 170 -26.50 -15.14 39.06
CA VAL C 170 -27.56 -14.30 38.52
C VAL C 170 -28.71 -14.26 39.51
N TRP C 171 -29.24 -13.07 39.78
CA TRP C 171 -30.38 -12.88 40.66
C TRP C 171 -31.31 -11.85 40.04
N GLY C 172 -32.34 -11.44 40.78
CA GLY C 172 -33.29 -10.48 40.26
C GLY C 172 -34.00 -9.74 41.36
N ILE C 173 -34.43 -8.52 41.05
CA ILE C 173 -35.17 -7.66 41.96
C ILE C 173 -36.57 -7.47 41.40
N HIS C 174 -37.59 -7.64 42.25
CA HIS C 174 -38.97 -7.52 41.80
C HIS C 174 -39.52 -6.14 42.14
N HIS C 175 -39.94 -5.42 41.10
CA HIS C 175 -40.63 -4.14 41.25
C HIS C 175 -42.11 -4.39 41.02
N SER C 176 -42.89 -4.40 42.09
CA SER C 176 -44.32 -4.68 42.00
C SER C 176 -45.03 -3.59 41.19
N VAL C 177 -46.29 -3.86 40.85
CA VAL C 177 -47.09 -2.83 40.16
C VAL C 177 -47.58 -1.79 41.15
N SER C 178 -47.94 -2.22 42.35
CA SER C 178 -48.46 -1.33 43.39
C SER C 178 -47.68 -1.55 44.67
N THR C 179 -47.58 -0.48 45.47
CA THR C 179 -46.97 -0.60 46.79
C THR C 179 -47.69 -1.67 47.60
N ALA C 180 -49.01 -1.79 47.41
CA ALA C 180 -49.77 -2.83 48.08
C ALA C 180 -49.32 -4.23 47.63
N GLU C 181 -49.11 -4.40 46.32
CA GLU C 181 -48.65 -5.69 45.81
C GLU C 181 -47.31 -6.09 46.41
N GLN C 182 -46.45 -5.11 46.71
CA GLN C 182 -45.18 -5.42 47.37
C GLN C 182 -45.40 -5.82 48.83
N THR C 183 -46.22 -5.04 49.55
CA THR C 183 -46.57 -5.41 50.92
C THR C 183 -47.23 -6.79 50.96
N LYS C 184 -48.07 -7.09 49.96
CA LYS C 184 -48.71 -8.40 49.91
C LYS C 184 -47.69 -9.52 49.87
N LEU C 185 -46.64 -9.36 49.06
CA LEU C 185 -45.70 -10.46 48.83
C LEU C 185 -44.59 -10.53 49.87
N TYR C 186 -44.05 -9.39 50.31
CA TYR C 186 -42.88 -9.40 51.19
C TYR C 186 -43.12 -8.65 52.50
N GLY C 187 -44.36 -8.29 52.80
CA GLY C 187 -44.64 -7.50 53.97
C GLY C 187 -44.31 -6.03 53.78
N SER C 188 -44.92 -5.20 54.60
CA SER C 188 -44.71 -3.76 54.51
C SER C 188 -43.27 -3.41 54.90
N GLY C 189 -42.95 -2.13 54.79
CA GLY C 189 -41.63 -1.65 55.11
C GLY C 189 -40.69 -1.74 53.92
N ASN C 190 -39.51 -1.15 54.10
CA ASN C 190 -38.53 -1.04 53.03
C ASN C 190 -37.83 -2.38 52.80
N LYS C 191 -37.37 -2.57 51.56
CA LYS C 191 -36.69 -3.79 51.14
C LYS C 191 -35.32 -3.43 50.59
N LEU C 192 -34.30 -4.15 51.04
CA LEU C 192 -32.92 -3.86 50.65
C LEU C 192 -32.19 -5.16 50.35
N VAL C 193 -31.57 -5.23 49.18
CA VAL C 193 -30.73 -6.36 48.78
C VAL C 193 -29.32 -5.84 48.58
N THR C 194 -28.38 -6.33 49.38
CA THR C 194 -26.98 -6.00 49.25
C THR C 194 -26.22 -7.25 48.83
N VAL C 195 -25.64 -7.22 47.64
CA VAL C 195 -24.78 -8.28 47.16
C VAL C 195 -23.33 -7.89 47.41
N GLY C 196 -22.54 -8.85 47.87
CA GLY C 196 -21.14 -8.61 48.10
C GLY C 196 -20.25 -9.78 47.74
N SER C 197 -19.11 -9.48 47.14
CA SER C 197 -18.02 -10.44 46.98
C SER C 197 -16.74 -9.70 47.29
N SER C 198 -15.60 -10.39 47.12
CA SER C 198 -14.33 -9.69 47.24
C SER C 198 -14.03 -8.82 46.02
N ASN C 199 -14.83 -8.93 44.96
CA ASN C 199 -14.67 -8.13 43.76
C ASN C 199 -15.91 -7.30 43.45
N TYR C 200 -17.03 -7.55 44.13
CA TYR C 200 -18.30 -6.94 43.79
C TYR C 200 -18.98 -6.46 45.06
N GLN C 201 -19.64 -5.30 44.97
CA GLN C 201 -20.35 -4.76 46.12
C GLN C 201 -21.34 -3.67 45.69
N GLN C 202 -22.57 -4.06 45.46
CA GLN C 202 -23.64 -3.14 45.08
C GLN C 202 -24.85 -3.42 45.96
N SER C 203 -25.89 -2.61 45.81
CA SER C 203 -27.10 -2.77 46.58
C SER C 203 -28.30 -2.41 45.73
N PHE C 204 -29.44 -3.01 46.05
CA PHE C 204 -30.63 -2.90 45.22
C PHE C 204 -31.85 -2.60 46.08
N VAL C 205 -32.83 -1.93 45.47
CA VAL C 205 -34.06 -1.54 46.15
C VAL C 205 -35.22 -1.62 45.16
N PRO C 206 -36.33 -2.25 45.53
CA PRO C 206 -37.48 -2.33 44.62
C PRO C 206 -38.23 -1.01 44.54
N SER C 207 -38.76 -0.74 43.34
CA SER C 207 -39.51 0.48 43.05
C SER C 207 -40.87 0.09 42.51
N PRO C 208 -41.83 -0.21 43.39
CA PRO C 208 -43.16 -0.58 42.92
C PRO C 208 -43.84 0.58 42.21
N GLY C 209 -44.43 0.28 41.05
CA GLY C 209 -45.09 1.30 40.27
C GLY C 209 -45.78 0.74 39.04
N ALA C 210 -46.82 1.43 38.58
CA ALA C 210 -47.52 1.00 37.38
C ALA C 210 -46.59 1.01 36.20
N ARG C 211 -46.66 -0.06 35.40
CA ARG C 211 -45.88 -0.20 34.18
C ARG C 211 -46.76 -0.85 33.15
N PRO C 212 -46.45 -0.70 31.86
CA PRO C 212 -47.33 -1.24 30.82
C PRO C 212 -47.53 -2.73 30.98
N GLN C 213 -48.78 -3.17 30.85
CA GLN C 213 -49.11 -4.57 31.02
C GLN C 213 -48.34 -5.44 30.04
N VAL C 214 -47.51 -6.34 30.56
CA VAL C 214 -46.81 -7.34 29.78
C VAL C 214 -47.15 -8.69 30.38
N ASN C 215 -47.78 -9.55 29.58
CA ASN C 215 -48.30 -10.83 30.06
C ASN C 215 -49.23 -10.64 31.25
N GLY C 216 -50.07 -9.61 31.17
CA GLY C 216 -51.06 -9.32 32.19
C GLY C 216 -50.47 -8.98 33.55
N LEU C 217 -49.18 -8.67 33.56
CA LEU C 217 -48.46 -8.38 34.80
C LEU C 217 -47.65 -7.11 34.62
N SER C 218 -47.84 -6.16 35.52
CA SER C 218 -47.16 -4.87 35.44
C SER C 218 -45.97 -4.78 36.37
N GLY C 219 -45.71 -5.80 37.17
CA GLY C 219 -44.45 -5.88 37.89
C GLY C 219 -43.30 -6.09 36.93
N ARG C 220 -42.08 -5.95 37.46
CA ARG C 220 -40.89 -6.08 36.64
C ARG C 220 -39.78 -6.76 37.44
N ILE C 221 -39.11 -7.71 36.83
CA ILE C 221 -37.97 -8.41 37.43
C ILE C 221 -36.76 -8.14 36.54
N ASP C 222 -35.96 -7.14 36.88
CA ASP C 222 -34.68 -6.95 36.21
C ASP C 222 -33.63 -7.81 36.88
N PHE C 223 -32.87 -8.54 36.08
CA PHE C 223 -31.87 -9.47 36.57
C PHE C 223 -30.48 -8.83 36.55
N HIS C 224 -29.67 -9.19 37.54
CA HIS C 224 -28.27 -8.78 37.59
C HIS C 224 -27.38 -10.02 37.63
N TRP C 225 -26.12 -9.82 37.26
CA TRP C 225 -25.18 -10.92 37.18
C TRP C 225 -23.81 -10.44 37.63
N LEU C 226 -22.99 -11.40 38.08
CA LEU C 226 -21.61 -11.13 38.44
C LEU C 226 -20.80 -12.40 38.24
N MET C 227 -19.49 -12.23 38.09
CA MET C 227 -18.57 -13.35 37.94
C MET C 227 -17.92 -13.60 39.30
N LEU C 228 -18.38 -14.64 39.99
CA LEU C 228 -17.80 -15.04 41.26
C LEU C 228 -16.47 -15.73 40.97
N ASN C 229 -15.38 -15.06 41.31
CA ASN C 229 -14.05 -15.61 41.10
C ASN C 229 -13.91 -16.94 41.82
N PRO C 230 -12.98 -17.80 41.37
CA PRO C 230 -12.75 -19.07 42.07
C PRO C 230 -12.37 -18.84 43.52
N ASN C 231 -12.86 -19.73 44.39
CA ASN C 231 -12.54 -19.71 45.82
C ASN C 231 -13.17 -18.52 46.53
N ASP C 232 -13.72 -17.57 45.78
CA ASP C 232 -14.41 -16.44 46.37
C ASP C 232 -15.84 -16.82 46.75
N THR C 233 -16.44 -15.99 47.60
CA THR C 233 -17.80 -16.19 48.08
C THR C 233 -18.65 -15.00 47.68
N VAL C 234 -19.89 -15.26 47.28
CA VAL C 234 -20.90 -14.23 47.07
C VAL C 234 -21.85 -14.25 48.26
N THR C 235 -22.21 -13.07 48.76
CA THR C 235 -23.03 -12.98 49.96
C THR C 235 -24.25 -12.13 49.65
N PHE C 236 -25.43 -12.73 49.79
CA PHE C 236 -26.69 -12.04 49.56
C PHE C 236 -27.28 -11.66 50.90
N SER C 237 -27.80 -10.44 50.99
CA SER C 237 -28.40 -9.93 52.22
C SER C 237 -29.69 -9.20 51.84
N PHE C 238 -30.83 -9.75 52.26
CA PHE C 238 -32.11 -9.33 51.70
C PHE C 238 -33.21 -9.49 52.75
N ASN C 239 -34.35 -8.85 52.47
CA ASN C 239 -35.53 -8.99 53.30
C ASN C 239 -36.79 -8.91 52.46
N GLY C 240 -36.73 -9.48 51.26
CA GLY C 240 -37.87 -9.51 50.36
C GLY C 240 -37.52 -8.98 48.98
N ALA C 241 -38.49 -9.12 48.07
CA ALA C 241 -38.39 -8.63 46.70
C ALA C 241 -37.14 -9.16 46.00
N PHE C 242 -36.80 -10.42 46.30
CA PHE C 242 -35.53 -11.01 45.86
C PHE C 242 -35.81 -12.32 45.15
N ILE C 243 -35.54 -12.34 43.84
CA ILE C 243 -35.60 -13.57 43.06
C ILE C 243 -34.26 -14.29 43.23
N ALA C 244 -34.30 -15.50 43.77
CA ALA C 244 -33.04 -16.08 44.22
C ALA C 244 -32.49 -17.06 43.19
N PRO C 245 -31.16 -17.18 43.11
CA PRO C 245 -30.55 -18.16 42.20
C PRO C 245 -30.58 -19.56 42.80
N ASP C 246 -31.11 -20.51 42.03
CA ASP C 246 -31.10 -21.90 42.46
C ASP C 246 -29.76 -22.55 42.16
N ARG C 247 -29.29 -22.42 40.92
CA ARG C 247 -28.03 -23.00 40.50
C ARG C 247 -27.14 -21.91 39.92
N ALA C 248 -25.83 -22.11 40.07
CA ALA C 248 -24.86 -21.27 39.40
C ALA C 248 -24.65 -21.76 37.97
N SER C 249 -23.89 -21.00 37.20
CA SER C 249 -23.57 -21.36 35.82
C SER C 249 -22.07 -21.35 35.62
N PHE C 250 -21.57 -22.37 34.92
CA PHE C 250 -20.15 -22.50 34.58
C PHE C 250 -20.02 -22.70 33.08
N LEU C 251 -19.14 -21.93 32.45
CA LEU C 251 -18.94 -22.05 31.01
C LEU C 251 -18.16 -23.32 30.69
N ARG C 252 -18.38 -23.84 29.48
CA ARG C 252 -17.80 -25.12 29.07
C ARG C 252 -16.50 -24.98 28.28
N GLY C 253 -16.42 -24.03 27.35
CA GLY C 253 -15.20 -23.88 26.57
C GLY C 253 -15.25 -22.80 25.51
N LYS C 254 -14.97 -23.19 24.27
CA LYS C 254 -14.88 -22.26 23.15
C LYS C 254 -16.09 -22.43 22.25
N SER C 255 -16.61 -21.31 21.75
CA SER C 255 -17.69 -21.33 20.78
C SER C 255 -17.75 -19.98 20.07
N MET C 256 -18.73 -19.84 19.18
CA MET C 256 -18.99 -18.58 18.50
C MET C 256 -20.50 -18.42 18.38
N GLY C 257 -20.99 -17.24 18.79
CA GLY C 257 -22.40 -16.91 18.65
C GLY C 257 -22.64 -16.11 17.39
N ILE C 258 -23.63 -16.55 16.61
CA ILE C 258 -24.05 -15.83 15.42
C ILE C 258 -25.54 -15.56 15.52
N GLN C 259 -26.01 -14.64 14.68
CA GLN C 259 -27.42 -14.31 14.55
C GLN C 259 -27.82 -14.55 13.11
N SER C 260 -28.85 -15.36 12.89
CA SER C 260 -29.22 -15.75 11.53
C SER C 260 -30.73 -15.85 11.43
N GLY C 261 -31.20 -15.98 10.18
CA GLY C 261 -32.60 -16.17 9.90
C GLY C 261 -32.83 -17.26 8.87
N VAL C 262 -31.75 -17.93 8.46
CA VAL C 262 -31.79 -18.99 7.46
C VAL C 262 -31.58 -20.33 8.14
N GLN C 263 -31.96 -21.39 7.43
CA GLN C 263 -31.90 -22.72 8.01
C GLN C 263 -30.46 -23.18 8.15
N VAL C 264 -30.26 -24.17 9.01
CA VAL C 264 -28.96 -24.80 9.20
C VAL C 264 -28.80 -25.92 8.19
N ASP C 265 -27.60 -26.05 7.63
CA ASP C 265 -27.28 -27.13 6.70
C ASP C 265 -26.15 -27.94 7.33
N ALA C 266 -26.46 -29.15 7.78
CA ALA C 266 -25.44 -30.01 8.38
C ALA C 266 -24.49 -30.60 7.35
N ASN C 267 -24.76 -30.43 6.05
CA ASN C 267 -24.03 -31.13 5.02
C ASN C 267 -22.95 -30.30 4.34
N CYS C 268 -22.99 -28.97 4.46
CA CYS C 268 -21.93 -28.14 3.92
C CYS C 268 -21.11 -27.56 5.06
N GLU C 269 -19.82 -27.41 4.82
CA GLU C 269 -18.86 -26.91 5.80
C GLU C 269 -18.68 -25.41 5.62
N GLY C 270 -18.53 -24.68 6.71
CA GLY C 270 -18.44 -23.23 6.64
C GLY C 270 -17.67 -22.66 7.81
N ASP C 271 -17.06 -21.49 7.57
CA ASP C 271 -16.25 -20.82 8.60
C ASP C 271 -16.45 -19.32 8.66
N CYS C 272 -17.31 -18.73 7.81
CA CYS C 272 -17.62 -17.31 7.88
C CYS C 272 -19.12 -17.16 7.70
N TYR C 273 -19.79 -16.64 8.73
CA TYR C 273 -21.24 -16.54 8.75
C TYR C 273 -21.67 -15.08 8.83
N HIS C 274 -22.76 -14.77 8.14
CA HIS C 274 -23.52 -13.54 8.34
C HIS C 274 -24.98 -13.92 8.58
N SER C 275 -25.83 -12.92 8.78
CA SER C 275 -27.22 -13.20 9.13
C SER C 275 -27.93 -14.02 8.05
N GLY C 276 -27.57 -13.80 6.78
CA GLY C 276 -28.20 -14.48 5.67
C GLY C 276 -27.59 -15.81 5.27
N GLY C 277 -26.57 -16.28 5.98
CA GLY C 277 -25.99 -17.57 5.66
C GLY C 277 -24.47 -17.62 5.75
N THR C 278 -23.87 -18.53 4.99
CA THR C 278 -22.43 -18.78 5.03
C THR C 278 -21.74 -18.16 3.83
N ILE C 279 -20.60 -17.53 4.06
CA ILE C 279 -19.74 -17.03 3.00
C ILE C 279 -18.61 -18.04 2.82
N ILE C 280 -18.79 -18.94 1.86
CA ILE C 280 -17.74 -19.89 1.50
C ILE C 280 -16.93 -19.27 0.38
N SER C 281 -15.65 -19.02 0.64
CA SER C 281 -14.82 -18.34 -0.34
C SER C 281 -13.35 -18.51 -0.01
N ASN C 282 -12.53 -18.36 -1.05
CA ASN C 282 -11.08 -18.23 -0.89
C ASN C 282 -10.58 -16.85 -1.28
N LEU C 283 -11.42 -16.03 -1.91
CA LEU C 283 -11.04 -14.68 -2.30
C LEU C 283 -10.75 -13.83 -1.06
N PRO C 284 -9.92 -12.79 -1.21
CA PRO C 284 -9.54 -11.98 -0.05
C PRO C 284 -10.57 -10.95 0.36
N PHE C 285 -11.59 -10.70 -0.46
CA PHE C 285 -12.56 -9.66 -0.17
C PHE C 285 -13.97 -10.21 -0.30
N GLN C 286 -14.92 -9.46 0.27
CA GLN C 286 -16.32 -9.82 0.17
C GLN C 286 -17.16 -8.55 0.26
N ASN C 287 -18.22 -8.49 -0.54
CA ASN C 287 -19.14 -7.37 -0.57
C ASN C 287 -20.50 -7.76 0.03
N ILE C 288 -20.54 -8.87 0.77
CA ILE C 288 -21.79 -9.44 1.26
C ILE C 288 -22.28 -8.68 2.48
N ASP C 289 -21.56 -8.79 3.60
CA ASP C 289 -21.99 -8.16 4.85
C ASP C 289 -20.77 -7.65 5.59
N SER C 290 -20.87 -6.41 6.09
CA SER C 290 -19.77 -5.79 6.83
C SER C 290 -19.66 -6.28 8.27
N ARG C 291 -20.63 -7.06 8.74
CA ARG C 291 -20.67 -7.52 10.12
C ARG C 291 -20.42 -9.02 10.24
N ALA C 292 -20.01 -9.69 9.17
CA ALA C 292 -19.86 -11.13 9.19
C ALA C 292 -18.79 -11.55 10.18
N VAL C 293 -19.13 -12.49 11.06
CA VAL C 293 -18.23 -12.94 12.09
C VAL C 293 -17.60 -14.27 11.66
N GLY C 294 -16.48 -14.60 12.29
CA GLY C 294 -15.70 -15.76 11.94
C GLY C 294 -14.38 -15.39 11.29
N LYS C 295 -13.80 -16.38 10.60
CA LYS C 295 -12.59 -16.17 9.82
C LYS C 295 -13.02 -15.82 8.41
N CYS C 296 -13.05 -14.52 8.11
CA CYS C 296 -13.78 -13.99 6.98
C CYS C 296 -12.89 -13.21 6.03
N PRO C 297 -13.26 -13.11 4.75
CA PRO C 297 -12.65 -12.11 3.88
C PRO C 297 -12.97 -10.72 4.37
N ARG C 298 -12.16 -9.76 3.96
CA ARG C 298 -12.33 -8.38 4.38
C ARG C 298 -13.44 -7.72 3.58
N TYR C 299 -14.38 -7.09 4.29
CA TYR C 299 -15.47 -6.40 3.61
C TYR C 299 -14.94 -5.14 2.93
N VAL C 300 -15.36 -4.93 1.68
CA VAL C 300 -14.96 -3.76 0.91
C VAL C 300 -16.19 -3.15 0.27
N LYS C 301 -16.04 -1.87 -0.13
CA LYS C 301 -17.14 -1.17 -0.78
C LYS C 301 -17.44 -1.76 -2.16
N GLN C 302 -16.40 -2.09 -2.92
CA GLN C 302 -16.57 -2.46 -4.33
C GLN C 302 -17.24 -3.83 -4.45
N ARG C 303 -18.12 -3.97 -5.44
CA ARG C 303 -18.66 -5.28 -5.75
C ARG C 303 -17.69 -6.12 -6.58
N SER C 304 -16.79 -5.49 -7.32
CA SER C 304 -15.87 -6.21 -8.18
C SER C 304 -14.59 -5.40 -8.39
N LEU C 305 -13.47 -6.08 -8.28
CA LEU C 305 -12.15 -5.54 -8.59
C LEU C 305 -11.41 -6.61 -9.38
N LEU C 306 -11.24 -6.38 -10.68
CA LEU C 306 -10.78 -7.41 -11.58
C LEU C 306 -9.25 -7.41 -11.65
N LEU C 307 -8.67 -8.58 -11.39
CA LEU C 307 -7.22 -8.78 -11.43
C LEU C 307 -6.84 -9.49 -12.72
N ALA C 308 -5.95 -8.88 -13.50
CA ALA C 308 -5.54 -9.47 -14.77
C ALA C 308 -4.73 -10.75 -14.54
N THR C 309 -5.05 -11.79 -15.32
CA THR C 309 -4.32 -13.05 -15.31
C THR C 309 -3.75 -13.40 -16.68
N GLY C 310 -3.57 -12.40 -17.54
CA GLY C 310 -3.04 -12.60 -18.88
C GLY C 310 -2.51 -11.28 -19.39
N MET C 311 -1.81 -11.34 -20.51
CA MET C 311 -1.16 -10.14 -21.03
C MET C 311 -2.19 -9.17 -21.61
N LYS C 312 -1.70 -8.03 -22.09
CA LYS C 312 -2.54 -7.11 -22.81
C LYS C 312 -2.98 -7.71 -24.14
N ASN C 313 -4.25 -7.52 -24.47
CA ASN C 313 -4.84 -8.06 -25.69
C ASN C 313 -4.60 -7.08 -26.83
N VAL C 314 -3.67 -7.41 -27.71
CA VAL C 314 -3.48 -6.64 -28.93
C VAL C 314 -4.06 -7.48 -30.07
N PRO C 315 -5.26 -7.17 -30.54
CA PRO C 315 -5.92 -8.06 -31.50
C PRO C 315 -5.32 -7.96 -32.88
N GLU C 316 -5.40 -9.07 -33.61
CA GLU C 316 -4.93 -9.12 -34.99
C GLU C 316 -5.90 -8.41 -35.91
N ILE C 317 -5.36 -7.79 -36.96
CA ILE C 317 -6.16 -7.02 -37.90
C ILE C 317 -5.78 -7.34 -39.35
N PRO C 318 -4.49 -7.32 -39.74
CA PRO C 318 -4.17 -7.40 -41.18
C PRO C 318 -4.42 -8.76 -41.83
N LYS C 319 -3.83 -8.93 -43.02
CA LYS C 319 -3.94 -10.15 -43.82
C LYS C 319 -5.36 -10.43 -44.27
N LEU D 2 -1.51 -8.03 -44.70
CA LEU D 2 -1.54 -7.38 -46.01
C LEU D 2 -0.98 -8.35 -47.06
N PHE D 3 -1.79 -8.61 -48.09
CA PHE D 3 -1.60 -9.64 -49.10
C PHE D 3 -1.03 -10.95 -48.56
N GLY D 4 -1.34 -11.28 -47.32
CA GLY D 4 -0.92 -12.55 -46.76
C GLY D 4 0.57 -12.68 -46.49
N ALA D 5 1.21 -11.60 -46.04
CA ALA D 5 2.61 -11.66 -45.66
C ALA D 5 2.74 -12.23 -44.25
N ILE D 6 3.63 -11.67 -43.44
CA ILE D 6 3.80 -12.11 -42.07
C ILE D 6 4.06 -10.90 -41.18
N ALA D 7 3.56 -10.96 -39.94
CA ALA D 7 3.57 -9.86 -39.00
C ALA D 7 4.30 -10.25 -37.72
N GLY D 8 4.43 -9.28 -36.82
CA GLY D 8 5.15 -9.50 -35.58
C GLY D 8 4.42 -9.03 -34.34
N PHE D 9 5.11 -9.02 -33.20
CA PHE D 9 4.50 -8.64 -31.93
C PHE D 9 4.39 -7.13 -31.77
N ILE D 10 5.33 -6.38 -32.36
CA ILE D 10 5.27 -4.92 -32.29
C ILE D 10 4.01 -4.41 -32.98
N GLU D 11 3.45 -5.20 -33.88
CA GLU D 11 2.18 -4.88 -34.52
C GLU D 11 1.00 -5.37 -33.71
N ASN D 12 0.75 -6.68 -33.76
CA ASN D 12 -0.43 -7.29 -33.19
C ASN D 12 -0.10 -8.64 -32.61
N GLY D 13 -0.71 -8.96 -31.47
CA GLY D 13 -0.66 -10.32 -30.98
C GLY D 13 -1.37 -11.27 -31.92
N TRP D 14 -0.83 -12.48 -32.02
CA TRP D 14 -1.35 -13.48 -32.94
C TRP D 14 -2.48 -14.25 -32.28
N GLU D 15 -3.68 -14.17 -32.86
CA GLU D 15 -4.81 -14.91 -32.32
C GLU D 15 -4.73 -16.40 -32.63
N GLY D 16 -3.94 -16.77 -33.63
CA GLY D 16 -3.77 -18.18 -33.93
C GLY D 16 -2.93 -18.93 -32.93
N LEU D 17 -2.08 -18.23 -32.19
CA LEU D 17 -1.19 -18.88 -31.24
C LEU D 17 -1.99 -19.35 -30.02
N ILE D 18 -2.13 -20.67 -29.88
CA ILE D 18 -2.83 -21.25 -28.73
C ILE D 18 -2.00 -22.26 -27.96
N ASP D 19 -0.88 -22.77 -28.50
CA ASP D 19 0.01 -23.61 -27.70
C ASP D 19 0.60 -22.87 -26.50
N GLY D 20 0.68 -21.55 -26.58
CA GLY D 20 1.23 -20.77 -25.50
C GLY D 20 0.98 -19.28 -25.66
N TRP D 21 1.78 -18.50 -24.95
CA TRP D 21 1.63 -17.05 -24.95
C TRP D 21 2.61 -16.34 -25.86
N TYR D 22 3.78 -16.92 -26.11
CA TYR D 22 4.78 -16.36 -27.00
C TYR D 22 5.23 -17.43 -27.97
N GLY D 23 5.61 -17.01 -29.18
CA GLY D 23 5.99 -18.01 -30.16
C GLY D 23 6.71 -17.39 -31.35
N PHE D 24 7.19 -18.29 -32.21
CA PHE D 24 7.84 -17.94 -33.46
C PHE D 24 6.89 -18.15 -34.62
N ARG D 25 6.89 -17.23 -35.57
CA ARG D 25 6.12 -17.36 -36.81
C ARG D 25 7.07 -17.10 -37.97
N HIS D 26 7.44 -18.15 -38.70
CA HIS D 26 8.47 -18.10 -39.71
C HIS D 26 7.89 -18.19 -41.11
N GLN D 27 8.70 -17.80 -42.09
CA GLN D 27 8.31 -17.84 -43.50
C GLN D 27 9.55 -18.13 -44.32
N ASN D 28 9.59 -19.28 -44.98
CA ASN D 28 10.73 -19.64 -45.81
C ASN D 28 10.21 -20.30 -47.08
N ALA D 29 11.05 -21.11 -47.71
CA ALA D 29 10.71 -21.72 -48.98
C ALA D 29 9.52 -22.67 -48.84
N GLN D 30 9.58 -23.59 -47.88
CA GLN D 30 8.53 -24.58 -47.73
C GLN D 30 7.20 -24.01 -47.24
N GLY D 31 7.16 -22.72 -46.88
CA GLY D 31 5.93 -22.08 -46.50
C GLY D 31 6.06 -21.41 -45.16
N GLU D 32 4.92 -21.24 -44.49
CA GLU D 32 4.85 -20.59 -43.18
C GLU D 32 4.56 -21.62 -42.10
N GLY D 33 4.65 -21.17 -40.85
CA GLY D 33 4.38 -22.02 -39.71
C GLY D 33 4.42 -21.22 -38.43
N THR D 34 3.74 -21.74 -37.42
CA THR D 34 3.70 -21.11 -36.10
C THR D 34 3.87 -22.17 -35.03
N ALA D 35 4.80 -21.91 -34.11
CA ALA D 35 5.06 -22.83 -33.00
C ALA D 35 5.46 -22.00 -31.79
N ALA D 36 5.06 -22.47 -30.61
CA ALA D 36 5.23 -21.71 -29.38
C ALA D 36 6.59 -21.99 -28.73
N ASP D 37 7.15 -20.95 -28.11
CA ASP D 37 8.34 -21.08 -27.28
C ASP D 37 7.88 -21.36 -25.86
N TYR D 38 7.99 -22.62 -25.44
CA TYR D 38 7.38 -23.03 -24.18
C TYR D 38 8.00 -22.33 -22.98
N LYS D 39 9.31 -22.05 -23.04
CA LYS D 39 10.00 -21.48 -21.89
C LYS D 39 9.48 -20.08 -21.58
N SER D 40 9.51 -19.19 -22.57
CA SER D 40 9.12 -17.79 -22.33
C SER D 40 7.67 -17.68 -21.87
N THR D 41 6.82 -18.61 -22.29
CA THR D 41 5.40 -18.55 -21.89
C THR D 41 5.22 -18.96 -20.44
N GLN D 42 5.83 -20.08 -20.04
CA GLN D 42 5.71 -20.54 -18.67
C GLN D 42 6.37 -19.58 -17.68
N SER D 43 7.37 -18.81 -18.12
CA SER D 43 7.99 -17.81 -17.24
C SER D 43 6.98 -16.75 -16.84
N ALA D 44 6.23 -16.22 -17.81
CA ALA D 44 5.19 -15.25 -17.49
C ALA D 44 4.01 -15.88 -16.76
N ILE D 45 3.80 -17.19 -16.92
CA ILE D 45 2.66 -17.84 -16.28
C ILE D 45 2.95 -18.12 -14.80
N ASP D 46 4.19 -18.46 -14.45
CA ASP D 46 4.49 -18.75 -13.05
C ASP D 46 4.60 -17.49 -12.21
N GLN D 47 4.98 -16.36 -12.79
CA GLN D 47 4.96 -15.12 -12.02
C GLN D 47 3.53 -14.66 -11.75
N ILE D 48 2.63 -14.87 -12.72
CA ILE D 48 1.20 -14.61 -12.47
C ILE D 48 0.69 -15.52 -11.36
N THR D 49 1.08 -16.81 -11.42
CA THR D 49 0.68 -17.75 -10.38
C THR D 49 1.24 -17.36 -9.02
N GLY D 50 2.50 -16.90 -9.00
CA GLY D 50 3.09 -16.46 -7.74
C GLY D 50 2.36 -15.28 -7.12
N LYS D 51 1.84 -14.38 -7.95
CA LYS D 51 0.98 -13.31 -7.45
C LYS D 51 -0.21 -13.88 -6.70
N LEU D 52 -0.89 -14.84 -7.33
CA LEU D 52 -2.14 -15.38 -6.77
C LEU D 52 -1.93 -15.94 -5.37
N ASN D 53 -1.06 -16.94 -5.24
CA ASN D 53 -0.81 -17.61 -3.96
C ASN D 53 -0.19 -16.68 -2.91
N ARG D 54 -0.06 -15.40 -3.24
CA ARG D 54 0.27 -14.37 -2.27
C ARG D 54 -0.94 -13.51 -1.92
N LEU D 55 -1.93 -13.42 -2.80
CA LEU D 55 -3.15 -12.67 -2.56
C LEU D 55 -4.28 -13.52 -2.03
N ILE D 56 -4.34 -14.80 -2.42
CA ILE D 56 -5.40 -15.69 -1.99
C ILE D 56 -5.26 -16.04 -0.52
N GLU D 57 -4.07 -15.82 0.06
CA GLU D 57 -3.80 -16.18 1.45
C GLU D 57 -4.86 -15.60 2.39
N LYS D 58 -5.67 -16.49 2.96
CA LYS D 58 -6.82 -16.07 3.75
C LYS D 58 -6.38 -15.74 5.18
N THR D 59 -6.84 -14.59 5.68
CA THR D 59 -6.54 -14.23 7.05
C THR D 59 -7.08 -15.27 8.02
N ASN D 60 -6.41 -15.41 9.16
CA ASN D 60 -6.86 -16.31 10.20
C ASN D 60 -7.45 -15.60 11.41
N GLN D 61 -7.39 -14.27 11.46
CA GLN D 61 -7.95 -13.53 12.57
C GLN D 61 -9.46 -13.67 12.57
N GLN D 62 -10.00 -14.39 13.54
CA GLN D 62 -11.43 -14.53 13.70
C GLN D 62 -11.97 -13.39 14.55
N PHE D 63 -13.11 -12.84 14.13
CA PHE D 63 -13.80 -11.81 14.89
C PHE D 63 -15.14 -12.36 15.38
N GLU D 64 -15.45 -12.10 16.65
CA GLU D 64 -16.76 -12.43 17.19
C GLU D 64 -17.69 -11.25 16.93
N LEU D 65 -18.82 -11.20 17.63
CA LEU D 65 -19.86 -10.22 17.36
C LEU D 65 -19.96 -9.25 18.53
N ILE D 66 -19.78 -7.97 18.24
CA ILE D 66 -19.94 -6.93 19.25
C ILE D 66 -21.23 -6.15 19.08
N ASP D 67 -21.80 -6.11 17.88
CA ASP D 67 -23.11 -5.49 17.68
C ASP D 67 -24.21 -6.50 18.03
N ASN D 68 -25.45 -6.08 17.88
CA ASN D 68 -26.59 -6.99 18.03
C ASN D 68 -27.65 -6.55 17.04
N GLU D 69 -27.97 -7.43 16.09
CA GLU D 69 -28.87 -7.06 15.00
C GLU D 69 -30.31 -6.97 15.47
N PHE D 70 -30.74 -7.92 16.30
CA PHE D 70 -32.14 -7.96 16.73
C PHE D 70 -32.41 -6.85 17.74
N ASN D 71 -31.62 -6.82 18.81
CA ASN D 71 -31.81 -5.91 19.93
C ASN D 71 -30.67 -4.90 19.93
N GLU D 72 -30.98 -3.65 19.57
CA GLU D 72 -29.96 -2.63 19.41
C GLU D 72 -29.17 -2.44 20.70
N VAL D 73 -27.87 -2.17 20.55
CA VAL D 73 -27.01 -1.82 21.69
C VAL D 73 -27.24 -0.34 22.01
N GLU D 74 -26.59 0.17 23.05
CA GLU D 74 -26.78 1.56 23.41
C GLU D 74 -26.34 2.45 22.25
N LYS D 75 -26.91 3.66 22.19
CA LYS D 75 -26.68 4.54 21.04
C LYS D 75 -25.22 5.00 20.96
N GLN D 76 -24.71 5.61 22.04
CA GLN D 76 -23.35 6.14 22.01
C GLN D 76 -22.34 5.06 21.60
N ILE D 77 -22.28 3.97 22.36
CA ILE D 77 -21.35 2.89 22.05
C ILE D 77 -21.56 2.39 20.63
N GLY D 78 -22.82 2.23 20.22
CA GLY D 78 -23.09 1.78 18.86
C GLY D 78 -22.57 2.72 17.81
N ASN D 79 -22.85 4.02 17.96
CA ASN D 79 -22.36 5.02 17.01
C ASN D 79 -20.85 4.96 16.86
N VAL D 80 -20.13 4.63 17.94
CA VAL D 80 -18.67 4.49 17.84
C VAL D 80 -18.33 3.21 17.10
N ILE D 81 -18.93 2.08 17.51
CA ILE D 81 -18.78 0.82 16.80
C ILE D 81 -19.02 1.03 15.32
N ASN D 82 -20.13 1.69 14.99
CA ASN D 82 -20.40 2.09 13.61
C ASN D 82 -19.28 2.96 13.04
N TRP D 83 -18.86 3.97 13.81
CA TRP D 83 -17.84 4.89 13.32
C TRP D 83 -16.54 4.16 13.01
N THR D 84 -16.19 3.17 13.84
CA THR D 84 -14.94 2.44 13.61
C THR D 84 -15.07 1.51 12.41
N ARG D 85 -16.16 0.74 12.34
CA ARG D 85 -16.35 -0.19 11.23
C ARG D 85 -16.36 0.54 9.90
N ASP D 86 -17.04 1.69 9.82
CA ASP D 86 -17.02 2.48 8.60
C ASP D 86 -15.61 2.95 8.27
N SER D 87 -14.88 3.42 9.28
CA SER D 87 -13.51 3.88 9.05
C SER D 87 -12.59 2.72 8.67
N ILE D 88 -12.84 1.52 9.20
CA ILE D 88 -12.08 0.35 8.80
C ILE D 88 -12.38 -0.01 7.35
N THR D 89 -13.68 -0.14 7.02
CA THR D 89 -14.09 -0.48 5.67
C THR D 89 -13.50 0.47 4.65
N GLU D 90 -13.39 1.76 5.00
CA GLU D 90 -12.78 2.73 4.09
C GLU D 90 -11.34 2.37 3.77
N VAL D 91 -10.63 1.79 4.73
CA VAL D 91 -9.21 1.48 4.52
C VAL D 91 -9.05 0.26 3.63
N TRP D 92 -9.80 -0.81 3.91
CA TRP D 92 -9.72 -2.00 3.06
C TRP D 92 -10.22 -1.70 1.66
N SER D 93 -11.25 -0.86 1.53
CA SER D 93 -11.76 -0.52 0.21
C SER D 93 -10.69 0.20 -0.60
N TYR D 94 -9.92 1.07 0.03
CA TYR D 94 -8.81 1.73 -0.66
C TYR D 94 -7.68 0.75 -0.92
N ASN D 95 -7.30 -0.03 0.09
CA ASN D 95 -6.22 -1.01 -0.08
C ASN D 95 -6.55 -2.01 -1.17
N ALA D 96 -7.82 -2.44 -1.25
CA ALA D 96 -8.22 -3.42 -2.25
C ALA D 96 -8.04 -2.87 -3.65
N GLU D 97 -8.62 -1.69 -3.91
CA GLU D 97 -8.63 -1.15 -5.27
C GLU D 97 -7.24 -0.73 -5.72
N LEU D 98 -6.41 -0.19 -4.82
CA LEU D 98 -5.05 0.16 -5.20
C LEU D 98 -4.20 -1.07 -5.46
N LEU D 99 -4.51 -2.18 -4.79
CA LEU D 99 -3.72 -3.40 -4.96
C LEU D 99 -4.01 -4.05 -6.31
N VAL D 100 -5.29 -4.20 -6.64
CA VAL D 100 -5.68 -4.71 -7.97
C VAL D 100 -5.06 -3.85 -9.05
N ALA D 101 -5.18 -2.52 -8.92
CA ALA D 101 -4.64 -1.62 -9.91
C ALA D 101 -3.13 -1.77 -10.05
N MET D 102 -2.45 -2.00 -8.93
CA MET D 102 -0.99 -2.10 -8.96
C MET D 102 -0.54 -3.46 -9.46
N GLU D 103 -1.23 -4.53 -9.08
CA GLU D 103 -0.85 -5.85 -9.56
C GLU D 103 -1.14 -5.99 -11.05
N ASN D 104 -2.25 -5.42 -11.52
CA ASN D 104 -2.55 -5.46 -12.94
C ASN D 104 -1.53 -4.67 -13.74
N GLN D 105 -1.14 -3.50 -13.24
CA GLN D 105 -0.05 -2.76 -13.89
C GLN D 105 1.23 -3.59 -13.90
N HIS D 106 1.52 -4.29 -12.80
CA HIS D 106 2.71 -5.13 -12.77
C HIS D 106 2.54 -6.36 -13.65
N THR D 107 1.32 -6.91 -13.71
CA THR D 107 1.08 -8.09 -14.54
C THR D 107 1.33 -7.77 -16.02
N ILE D 108 0.77 -6.65 -16.50
CA ILE D 108 0.85 -6.33 -17.92
C ILE D 108 2.31 -6.09 -18.33
N ASP D 109 3.02 -5.25 -17.57
CA ASP D 109 4.42 -5.00 -17.86
C ASP D 109 5.26 -6.26 -17.68
N LEU D 110 4.82 -7.18 -16.85
CA LEU D 110 5.49 -8.46 -16.71
C LEU D 110 5.46 -9.24 -18.01
N ALA D 111 4.29 -9.34 -18.62
CA ALA D 111 4.18 -10.14 -19.84
C ALA D 111 4.89 -9.49 -21.02
N ASP D 112 4.92 -8.15 -21.07
CA ASP D 112 5.61 -7.49 -22.16
C ASP D 112 7.12 -7.61 -22.03
N SER D 113 7.64 -7.66 -20.80
CA SER D 113 9.08 -7.82 -20.61
C SER D 113 9.54 -9.20 -21.07
N GLU D 114 8.75 -10.24 -20.78
CA GLU D 114 9.12 -11.58 -21.20
C GLU D 114 9.13 -11.72 -22.73
N MET D 115 8.44 -10.84 -23.44
CA MET D 115 8.54 -10.83 -24.89
C MET D 115 9.88 -10.28 -25.33
N ASP D 116 10.26 -9.11 -24.80
CA ASP D 116 11.56 -8.53 -25.16
C ASP D 116 12.72 -9.44 -24.75
N LYS D 117 12.56 -10.19 -23.66
CA LYS D 117 13.59 -11.14 -23.28
C LYS D 117 13.75 -12.23 -24.34
N LEU D 118 12.64 -12.67 -24.93
CA LEU D 118 12.72 -13.64 -26.02
C LEU D 118 13.21 -12.99 -27.30
N TYR D 119 12.88 -11.72 -27.53
CA TYR D 119 13.27 -11.05 -28.77
C TYR D 119 14.76 -10.75 -28.78
N GLU D 120 15.28 -10.11 -27.72
CA GLU D 120 16.71 -9.86 -27.64
C GLU D 120 17.52 -11.14 -27.58
N ARG D 121 16.92 -12.25 -27.17
CA ARG D 121 17.63 -13.53 -27.17
C ARG D 121 17.86 -14.00 -28.61
N VAL D 122 16.78 -14.14 -29.37
CA VAL D 122 16.89 -14.56 -30.76
C VAL D 122 17.73 -13.58 -31.56
N LYS D 123 17.76 -12.32 -31.13
CA LYS D 123 18.61 -11.32 -31.78
C LYS D 123 20.08 -11.69 -31.66
N ARG D 124 20.54 -11.98 -30.44
CA ARG D 124 21.93 -12.34 -30.24
C ARG D 124 22.27 -13.70 -30.86
N GLN D 125 21.26 -14.56 -31.04
CA GLN D 125 21.49 -15.85 -31.70
C GLN D 125 21.97 -15.66 -33.13
N LEU D 126 21.19 -14.92 -33.93
CA LEU D 126 21.49 -14.77 -35.35
C LEU D 126 22.74 -13.95 -35.60
N ARG D 127 23.19 -13.17 -34.60
CA ARG D 127 24.40 -12.37 -34.72
C ARG D 127 24.37 -11.48 -35.95
N GLU D 128 25.23 -11.77 -36.93
CA GLU D 128 25.40 -10.94 -38.12
C GLU D 128 24.66 -11.50 -39.33
N ASN D 129 23.75 -12.44 -39.12
CA ASN D 129 23.11 -13.12 -40.25
C ASN D 129 21.69 -12.66 -40.52
N ALA D 130 21.23 -11.61 -39.85
CA ALA D 130 19.87 -11.13 -40.06
C ALA D 130 19.78 -9.66 -39.68
N GLU D 131 18.60 -9.09 -39.91
CA GLU D 131 18.36 -7.68 -39.65
C GLU D 131 16.98 -7.48 -39.04
N GLU D 132 16.87 -6.42 -38.23
CA GLU D 132 15.62 -6.05 -37.57
C GLU D 132 14.75 -5.27 -38.54
N ASP D 133 13.64 -5.87 -38.99
CA ASP D 133 12.72 -5.15 -39.85
C ASP D 133 12.16 -3.92 -39.14
N GLY D 134 11.66 -4.09 -37.91
CA GLY D 134 11.04 -3.02 -37.17
C GLY D 134 9.77 -3.44 -36.46
N THR D 135 9.15 -4.53 -36.93
CA THR D 135 7.92 -5.05 -36.34
C THR D 135 8.14 -6.32 -35.55
N GLY D 136 9.38 -6.62 -35.19
CA GLY D 136 9.66 -7.82 -34.43
C GLY D 136 9.90 -9.04 -35.28
N CYS D 137 10.41 -8.86 -36.50
CA CYS D 137 10.78 -9.96 -37.37
C CYS D 137 12.25 -9.82 -37.76
N PHE D 138 12.82 -10.92 -38.24
CA PHE D 138 14.24 -10.98 -38.58
C PHE D 138 14.39 -11.50 -40.00
N GLU D 139 14.84 -10.63 -40.91
CA GLU D 139 15.14 -11.05 -42.27
C GLU D 139 16.41 -11.89 -42.25
N ILE D 140 16.25 -13.22 -42.29
CA ILE D 140 17.39 -14.10 -42.37
C ILE D 140 18.01 -13.98 -43.76
N PHE D 141 19.27 -13.56 -43.81
CA PHE D 141 19.95 -13.29 -45.08
C PHE D 141 20.65 -14.52 -45.66
N HIS D 142 20.04 -15.68 -45.49
CA HIS D 142 20.54 -16.92 -46.07
C HIS D 142 19.40 -17.92 -46.08
N LYS D 143 19.46 -18.86 -47.02
CA LYS D 143 18.42 -19.87 -47.10
C LYS D 143 18.33 -20.63 -45.78
N CYS D 144 17.17 -20.56 -45.15
CA CYS D 144 16.91 -21.14 -43.84
C CYS D 144 15.77 -22.14 -43.98
N ASP D 145 16.12 -23.42 -44.15
CA ASP D 145 15.13 -24.47 -44.31
C ASP D 145 14.41 -24.68 -42.98
N ASP D 146 13.53 -25.68 -42.93
CA ASP D 146 12.74 -25.90 -41.72
C ASP D 146 13.58 -26.42 -40.56
N ASP D 147 14.75 -27.00 -40.84
CA ASP D 147 15.67 -27.34 -39.77
C ASP D 147 16.38 -26.11 -39.23
N CYS D 148 16.85 -25.24 -40.12
CA CYS D 148 17.45 -23.99 -39.70
C CYS D 148 16.49 -23.16 -38.86
N MET D 149 15.21 -23.12 -39.26
CA MET D 149 14.20 -22.45 -38.45
C MET D 149 14.04 -23.15 -37.11
N ALA D 150 13.93 -24.48 -37.12
CA ALA D 150 13.83 -25.22 -35.88
C ALA D 150 15.03 -24.95 -34.98
N SER D 151 16.21 -24.77 -35.56
CA SER D 151 17.40 -24.50 -34.77
C SER D 151 17.36 -23.15 -34.09
N ILE D 152 16.61 -22.19 -34.64
CA ILE D 152 16.48 -20.89 -33.99
C ILE D 152 15.66 -21.02 -32.71
N ARG D 153 14.50 -21.69 -32.79
CA ARG D 153 13.72 -21.97 -31.59
C ARG D 153 14.49 -22.88 -30.65
N ASN D 154 15.13 -23.91 -31.20
CA ASN D 154 15.92 -24.88 -30.45
C ASN D 154 17.04 -24.22 -29.65
N ASN D 155 17.42 -22.99 -30.01
CA ASN D 155 18.60 -22.27 -29.54
C ASN D 155 19.90 -22.87 -30.07
N THR D 156 19.82 -23.88 -30.94
CA THR D 156 20.99 -24.54 -31.51
C THR D 156 21.50 -23.86 -32.78
N TYR D 157 21.03 -22.66 -33.09
CA TYR D 157 21.43 -21.99 -34.32
C TYR D 157 22.89 -21.60 -34.23
N ASP D 158 23.74 -22.27 -35.01
CA ASP D 158 25.16 -21.97 -35.06
C ASP D 158 25.37 -20.91 -36.14
N HIS D 159 25.50 -19.65 -35.72
CA HIS D 159 25.57 -18.55 -36.67
C HIS D 159 26.82 -18.59 -37.53
N SER D 160 27.87 -19.29 -37.08
CA SER D 160 29.10 -19.36 -37.86
C SER D 160 28.88 -20.05 -39.21
N LYS D 161 27.98 -21.04 -39.26
CA LYS D 161 27.79 -21.81 -40.49
C LYS D 161 27.27 -20.93 -41.61
N TYR D 162 26.24 -20.13 -41.35
CA TYR D 162 25.65 -19.29 -42.36
C TYR D 162 26.18 -17.86 -42.35
N ARG D 163 27.20 -17.58 -41.54
CA ARG D 163 27.66 -16.20 -41.39
C ARG D 163 28.18 -15.64 -42.71
N GLU D 164 29.08 -16.36 -43.38
CA GLU D 164 29.67 -15.86 -44.62
C GLU D 164 28.58 -15.61 -45.67
N GLU D 165 27.75 -16.63 -45.91
CA GLU D 165 26.66 -16.50 -46.87
C GLU D 165 25.81 -15.27 -46.58
N ALA D 166 25.48 -15.06 -45.30
CA ALA D 166 24.61 -13.95 -44.94
C ALA D 166 25.31 -12.61 -45.13
N MET D 167 26.53 -12.48 -44.62
CA MET D 167 27.23 -11.21 -44.68
C MET D 167 27.47 -10.76 -46.13
N GLN D 168 27.69 -11.72 -47.04
CA GLN D 168 27.86 -11.36 -48.44
C GLN D 168 26.53 -10.92 -49.05
N ASN D 169 25.46 -11.67 -48.77
CA ASN D 169 24.13 -11.27 -49.23
C ASN D 169 23.62 -10.03 -48.51
N ARG D 170 24.31 -9.55 -47.50
CA ARG D 170 23.89 -8.37 -46.74
C ARG D 170 24.64 -7.11 -47.13
N ILE D 171 25.92 -7.23 -47.45
CA ILE D 171 26.75 -6.10 -47.88
C ILE D 171 26.91 -6.23 -49.39
N GLN D 172 26.07 -5.51 -50.13
CA GLN D 172 26.10 -5.52 -51.59
C GLN D 172 25.96 -4.09 -52.09
N ILE D 173 26.14 -3.93 -53.40
CA ILE D 173 25.79 -2.71 -54.10
C ILE D 173 24.70 -2.94 -55.14
N ASP D 174 24.70 -4.09 -55.80
CA ASP D 174 23.72 -4.40 -56.82
C ASP D 174 23.80 -5.87 -57.21
N GLY D 175 23.09 -6.74 -56.48
CA GLY D 175 23.18 -8.17 -56.73
C GLY D 175 24.60 -8.68 -56.74
N SER D 176 25.44 -8.13 -55.85
CA SER D 176 26.88 -8.27 -55.98
C SER D 176 27.41 -9.01 -54.77
N GLY D 177 28.03 -8.32 -53.81
CA GLY D 177 28.70 -8.96 -52.70
C GLY D 177 30.12 -8.47 -52.55
N TYR D 178 30.53 -8.12 -51.33
CA TYR D 178 31.86 -7.60 -51.10
C TYR D 178 32.92 -8.63 -51.51
N ILE D 179 34.08 -8.13 -51.92
CA ILE D 179 35.13 -9.02 -52.42
C ILE D 179 36.28 -9.05 -51.42
N PRO D 180 36.90 -10.20 -51.21
CA PRO D 180 38.04 -10.30 -50.30
C PRO D 180 39.31 -9.75 -50.95
N GLU D 181 40.38 -9.72 -50.16
CA GLU D 181 41.67 -9.27 -50.65
C GLU D 181 42.36 -10.42 -51.37
N ALA D 182 42.83 -10.16 -52.59
CA ALA D 182 43.53 -11.17 -53.37
C ALA D 182 44.81 -11.61 -52.62
N PRO D 183 45.28 -12.83 -52.88
CA PRO D 183 46.52 -13.30 -52.25
C PRO D 183 47.65 -12.28 -52.28
N ARG D 184 48.38 -12.16 -51.17
CA ARG D 184 49.55 -11.27 -51.08
C ARG D 184 50.82 -11.91 -51.65
N ASP D 185 50.68 -12.66 -52.75
CA ASP D 185 51.76 -13.47 -53.30
C ASP D 185 52.95 -12.65 -53.77
N GLY D 186 52.83 -11.33 -53.84
CA GLY D 186 53.82 -10.56 -54.57
C GLY D 186 53.54 -10.44 -56.04
N GLN D 187 52.38 -10.90 -56.49
CA GLN D 187 51.98 -10.85 -57.89
C GLN D 187 50.64 -10.12 -58.02
N ALA D 188 50.43 -9.55 -59.19
CA ALA D 188 49.17 -8.86 -59.49
C ALA D 188 48.11 -9.86 -59.92
N TYR D 189 46.92 -9.74 -59.34
CA TYR D 189 45.80 -10.59 -59.67
C TYR D 189 44.70 -9.77 -60.34
N VAL D 190 43.90 -10.45 -61.17
CA VAL D 190 42.68 -9.88 -61.74
C VAL D 190 41.52 -10.78 -61.36
N ARG D 191 40.34 -10.18 -61.28
CA ARG D 191 39.14 -10.89 -60.87
C ARG D 191 38.51 -11.58 -62.07
N LYS D 192 38.41 -12.90 -62.01
CA LYS D 192 37.76 -13.67 -63.07
C LYS D 192 36.91 -14.77 -62.46
N ASP D 193 35.65 -14.86 -62.90
CA ASP D 193 34.69 -15.85 -62.40
C ASP D 193 34.62 -15.85 -60.87
N GLY D 194 34.99 -14.72 -60.27
CA GLY D 194 34.88 -14.57 -58.84
C GLY D 194 35.85 -15.36 -57.99
N GLU D 195 37.16 -15.21 -58.23
CA GLU D 195 38.13 -15.93 -57.41
C GLU D 195 39.57 -15.44 -57.54
N TRP D 196 39.79 -14.25 -58.13
CA TRP D 196 41.12 -13.66 -58.25
C TRP D 196 42.11 -14.55 -59.00
N VAL D 197 42.25 -14.38 -60.30
CA VAL D 197 43.24 -15.12 -61.09
C VAL D 197 44.46 -14.22 -61.28
N LEU D 198 45.63 -14.85 -61.44
CA LEU D 198 46.85 -14.10 -61.67
C LEU D 198 46.76 -13.28 -62.96
N LEU D 199 47.20 -12.03 -62.90
CA LEU D 199 47.34 -11.23 -64.11
C LEU D 199 48.43 -11.77 -65.02
N SER D 200 49.41 -12.49 -64.47
CA SER D 200 50.46 -13.07 -65.28
C SER D 200 49.93 -14.12 -66.25
N THR D 201 48.86 -14.82 -65.86
CA THR D 201 48.28 -15.87 -66.70
C THR D 201 47.65 -15.33 -67.98
N PHE D 202 47.41 -14.02 -68.06
CA PHE D 202 46.77 -13.42 -69.22
C PHE D 202 47.75 -12.67 -70.12
N LEU D 203 49.05 -12.88 -69.92
CA LEU D 203 50.06 -12.29 -70.80
C LEU D 203 50.90 -13.38 -71.44
N SER D 204 50.24 -14.41 -71.98
CA SER D 204 50.92 -15.49 -72.70
C SER D 204 50.94 -15.18 -74.19
N GLY D 205 51.98 -15.68 -74.86
CA GLY D 205 52.29 -15.20 -76.19
C GLY D 205 51.15 -15.42 -77.17
N ARG D 206 50.88 -14.38 -77.97
CA ARG D 206 49.81 -14.27 -78.96
C ARG D 206 49.95 -12.90 -79.61
N LEU D 207 49.26 -12.73 -80.75
CA LEU D 207 49.03 -11.46 -81.45
C LEU D 207 48.45 -11.73 -82.83
N VAL D 208 47.65 -10.81 -83.35
CA VAL D 208 47.16 -10.89 -84.73
C VAL D 208 47.17 -9.50 -85.36
N ASP E 1 25.80 14.23 -41.50
CA ASP E 1 24.56 14.64 -40.84
C ASP E 1 24.24 13.69 -39.68
N LYS E 2 23.48 14.19 -38.72
CA LYS E 2 23.10 13.39 -37.57
C LYS E 2 21.74 13.86 -37.06
N ILE E 3 21.08 12.98 -36.32
CA ILE E 3 19.79 13.27 -35.68
C ILE E 3 19.87 12.79 -34.24
N CYS E 4 19.28 13.56 -33.33
CA CYS E 4 19.41 13.31 -31.90
C CYS E 4 18.05 13.22 -31.23
N LEU E 5 17.96 12.32 -30.26
CA LEU E 5 16.78 12.15 -29.42
C LEU E 5 17.06 12.70 -28.04
N GLY E 6 16.12 13.46 -27.50
CA GLY E 6 16.31 14.05 -26.19
C GLY E 6 14.99 14.41 -25.57
N HIS E 7 15.03 14.63 -24.25
CA HIS E 7 13.86 15.03 -23.50
C HIS E 7 14.01 16.48 -23.04
N HIS E 8 12.88 17.11 -22.74
CA HIS E 8 12.88 18.51 -22.38
C HIS E 8 13.32 18.69 -20.93
N ALA E 9 13.47 19.94 -20.52
CA ALA E 9 13.93 20.28 -19.17
C ALA E 9 13.63 21.76 -18.93
N VAL E 10 13.70 22.16 -17.65
CA VAL E 10 13.47 23.53 -17.24
C VAL E 10 14.56 23.96 -16.26
N SER E 11 14.56 25.25 -15.91
CA SER E 11 15.65 25.82 -15.15
C SER E 11 15.55 25.50 -13.66
N ASN E 12 14.38 25.72 -13.07
CA ASN E 12 14.13 25.29 -11.69
C ASN E 12 12.78 24.57 -11.67
N GLY E 13 12.84 23.24 -11.57
CA GLY E 13 11.63 22.46 -11.42
C GLY E 13 11.19 22.43 -9.97
N THR E 14 10.71 21.28 -9.51
CA THR E 14 10.32 21.09 -8.11
C THR E 14 10.82 19.72 -7.65
N LYS E 15 10.99 19.59 -6.34
CA LYS E 15 11.52 18.36 -5.75
C LYS E 15 10.38 17.51 -5.19
N VAL E 16 10.45 16.20 -5.41
CA VAL E 16 9.48 15.24 -4.91
C VAL E 16 10.20 14.04 -4.32
N ASN E 17 9.49 13.29 -3.49
CA ASN E 17 10.04 12.09 -2.86
C ASN E 17 9.69 10.86 -3.69
N THR E 18 10.62 9.90 -3.73
CA THR E 18 10.39 8.63 -4.41
C THR E 18 10.68 7.46 -3.49
N LEU E 19 10.72 6.26 -4.06
CA LEU E 19 11.01 5.06 -3.26
C LEU E 19 12.47 4.99 -2.87
N THR E 20 13.37 5.30 -3.80
CA THR E 20 14.80 5.15 -3.58
C THR E 20 15.51 6.47 -3.36
N GLU E 21 14.77 7.58 -3.27
CA GLU E 21 15.40 8.89 -3.20
C GLU E 21 14.43 9.87 -2.57
N ARG E 22 14.98 10.84 -1.85
CA ARG E 22 14.21 11.94 -1.26
C ARG E 22 14.65 13.25 -1.90
N GLY E 23 13.68 14.01 -2.40
CA GLY E 23 13.95 15.32 -2.96
C GLY E 23 14.64 15.31 -4.32
N VAL E 24 14.07 14.57 -5.27
CA VAL E 24 14.56 14.55 -6.64
C VAL E 24 13.75 15.54 -7.47
N GLU E 25 14.40 16.21 -8.41
CA GLU E 25 13.78 17.31 -9.14
C GLU E 25 13.07 16.80 -10.39
N VAL E 26 11.77 17.05 -10.47
CA VAL E 26 10.99 16.78 -11.67
C VAL E 26 10.57 18.12 -12.28
N VAL E 27 10.08 18.04 -13.52
CA VAL E 27 9.70 19.25 -14.24
C VAL E 27 8.56 19.97 -13.53
N ASN E 28 7.54 19.22 -13.11
CA ASN E 28 6.38 19.81 -12.45
C ASN E 28 5.72 18.79 -11.54
N ALA E 29 5.08 19.29 -10.49
CA ALA E 29 4.39 18.46 -9.51
C ALA E 29 3.14 19.21 -9.04
N THR E 30 2.36 18.54 -8.19
CA THR E 30 1.15 19.12 -7.65
C THR E 30 0.95 18.62 -6.22
N GLU E 31 0.23 19.40 -5.43
CA GLU E 31 0.04 19.09 -4.03
C GLU E 31 -1.10 18.10 -3.85
N THR E 32 -0.98 17.21 -2.87
CA THR E 32 -2.01 16.21 -2.61
C THR E 32 -2.71 16.39 -1.27
N VAL E 33 -2.14 17.14 -0.33
CA VAL E 33 -2.72 17.33 0.99
C VAL E 33 -3.35 18.72 1.03
N GLU E 34 -4.63 18.78 1.35
CA GLU E 34 -5.35 20.04 1.37
C GLU E 34 -5.07 20.81 2.66
N ARG E 35 -4.90 22.13 2.52
CA ARG E 35 -4.63 23.00 3.66
C ARG E 35 -5.47 24.27 3.69
N THR E 36 -6.20 24.61 2.63
CA THR E 36 -6.91 25.86 2.54
C THR E 36 -8.31 25.75 3.17
N ASN E 37 -8.67 26.77 3.94
CA ASN E 37 -9.89 26.79 4.73
C ASN E 37 -10.80 27.91 4.24
N ILE E 38 -12.08 27.61 4.07
CA ILE E 38 -13.10 28.64 3.91
C ILE E 38 -13.57 29.03 5.31
N PRO E 39 -13.42 30.30 5.71
CA PRO E 39 -13.76 30.67 7.09
C PRO E 39 -15.24 30.90 7.31
N ARG E 40 -16.08 30.19 6.56
CA ARG E 40 -17.53 30.24 6.75
C ARG E 40 -18.08 28.83 6.62
N ILE E 41 -19.34 28.65 7.02
CA ILE E 41 -20.03 27.39 6.87
C ILE E 41 -20.79 27.47 5.54
N CYS E 42 -20.17 26.96 4.48
CA CYS E 42 -20.72 27.04 3.13
C CYS E 42 -21.99 26.18 3.07
N SER E 43 -23.15 26.85 3.09
CA SER E 43 -24.42 26.17 3.30
C SER E 43 -25.36 26.29 2.10
N LYS E 44 -24.88 26.76 0.96
CA LYS E 44 -25.74 26.92 -0.21
C LYS E 44 -26.41 25.60 -0.56
N GLY E 45 -27.71 25.66 -0.81
CA GLY E 45 -28.49 24.49 -1.18
C GLY E 45 -29.02 23.67 -0.03
N LYS E 46 -28.74 24.06 1.21
CA LYS E 46 -29.15 23.30 2.38
C LYS E 46 -29.98 24.19 3.31
N ARG E 47 -31.01 23.61 3.91
CA ARG E 47 -31.78 24.31 4.94
C ARG E 47 -30.97 24.28 6.22
N THR E 48 -30.25 25.36 6.50
CA THR E 48 -29.40 25.45 7.66
C THR E 48 -30.16 26.05 8.83
N VAL E 49 -29.84 25.58 10.03
CA VAL E 49 -30.40 26.10 11.27
C VAL E 49 -29.26 26.33 12.24
N ASP E 50 -29.00 27.61 12.56
CA ASP E 50 -27.96 28.01 13.51
C ASP E 50 -28.64 28.25 14.84
N LEU E 51 -28.54 27.26 15.74
CA LEU E 51 -29.19 27.36 17.05
C LEU E 51 -28.66 28.56 17.83
N GLY E 52 -27.35 28.76 17.84
CA GLY E 52 -26.80 29.90 18.56
C GLY E 52 -27.03 29.74 20.04
N GLN E 53 -27.80 30.67 20.63
CA GLN E 53 -28.10 30.63 22.05
C GLN E 53 -28.82 29.36 22.47
N CYS E 54 -29.51 28.71 21.54
CA CYS E 54 -30.18 27.46 21.83
C CYS E 54 -29.20 26.29 21.82
N GLY E 55 -29.24 25.47 22.86
CA GLY E 55 -28.57 24.19 22.81
C GLY E 55 -29.43 23.15 22.11
N LEU E 56 -28.76 22.15 21.53
CA LEU E 56 -29.49 21.17 20.72
C LEU E 56 -30.56 20.44 21.53
N LEU E 57 -30.24 20.07 22.78
CA LEU E 57 -31.21 19.39 23.62
C LEU E 57 -32.34 20.31 24.07
N GLY E 58 -32.12 21.62 24.04
CA GLY E 58 -33.18 22.55 24.42
C GLY E 58 -34.37 22.56 23.49
N THR E 59 -34.20 22.08 22.26
CA THR E 59 -35.31 22.03 21.33
C THR E 59 -36.37 21.00 21.75
N ILE E 60 -36.04 20.09 22.67
CA ILE E 60 -36.99 19.10 23.16
C ILE E 60 -37.73 19.67 24.36
N THR E 61 -36.98 20.04 25.40
CA THR E 61 -37.60 20.56 26.62
C THR E 61 -38.24 21.92 26.38
N GLY E 62 -37.46 22.87 25.84
CA GLY E 62 -37.98 24.15 25.44
C GLY E 62 -37.75 25.27 26.45
N PRO E 63 -36.50 25.57 26.76
CA PRO E 63 -36.20 26.76 27.55
C PRO E 63 -36.35 28.00 26.69
N PRO E 64 -36.36 29.20 27.29
CA PRO E 64 -36.72 30.39 26.51
C PRO E 64 -35.80 30.68 25.34
N GLN E 65 -34.52 30.31 25.41
CA GLN E 65 -33.63 30.53 24.27
C GLN E 65 -34.00 29.67 23.08
N CYS E 66 -34.74 28.58 23.29
CA CYS E 66 -35.04 27.61 22.25
C CYS E 66 -36.49 27.69 21.77
N ASP E 67 -37.12 28.85 21.93
CA ASP E 67 -38.52 28.98 21.53
C ASP E 67 -38.70 28.89 20.02
N GLN E 68 -37.70 29.35 19.25
CA GLN E 68 -37.82 29.38 17.81
C GLN E 68 -37.64 28.01 17.16
N PHE E 69 -37.16 27.01 17.90
CA PHE E 69 -36.74 25.75 17.30
C PHE E 69 -37.45 24.55 17.92
N LEU E 70 -38.62 24.74 18.54
CA LEU E 70 -39.31 23.62 19.15
C LEU E 70 -39.87 22.66 18.11
N GLU E 71 -40.10 23.11 16.88
CA GLU E 71 -40.50 22.25 15.77
C GLU E 71 -39.65 22.56 14.55
N PHE E 72 -38.36 22.80 14.76
CA PHE E 72 -37.48 23.19 13.67
C PHE E 72 -37.31 22.03 12.69
N SER E 73 -36.92 22.37 11.47
CA SER E 73 -36.62 21.40 10.44
C SER E 73 -35.38 21.87 9.69
N ALA E 74 -34.38 21.00 9.58
CA ALA E 74 -33.08 21.40 9.05
C ALA E 74 -32.47 20.26 8.26
N ASP E 75 -31.59 20.63 7.33
CA ASP E 75 -30.63 19.72 6.72
C ASP E 75 -29.25 19.86 7.34
N LEU E 76 -28.94 21.04 7.86
CA LEU E 76 -27.66 21.33 8.51
C LEU E 76 -27.95 22.01 9.85
N ILE E 77 -27.59 21.35 10.94
CA ILE E 77 -27.78 21.89 12.28
C ILE E 77 -26.42 22.30 12.82
N ILE E 78 -26.31 23.56 13.24
CA ILE E 78 -25.05 24.14 13.69
C ILE E 78 -25.16 24.45 15.17
N GLU E 79 -24.49 23.65 15.99
CA GLU E 79 -24.35 24.00 17.40
C GLU E 79 -23.31 25.09 17.57
N ARG E 80 -23.54 25.97 18.53
CA ARG E 80 -22.57 26.99 18.89
C ARG E 80 -22.17 26.79 20.35
N ARG E 81 -20.99 27.34 20.71
CA ARG E 81 -20.53 27.23 22.08
C ARG E 81 -21.51 27.88 23.05
N GLU E 82 -22.04 29.06 22.68
CA GLU E 82 -22.92 29.83 23.54
C GLU E 82 -24.26 29.14 23.76
N GLY E 83 -24.47 28.01 23.10
CA GLY E 83 -25.72 27.29 23.25
C GLY E 83 -25.90 26.76 24.66
N SER E 84 -27.14 26.82 25.14
CA SER E 84 -27.50 26.33 26.46
C SER E 84 -28.73 25.45 26.34
N ASP E 85 -28.63 24.22 26.83
CA ASP E 85 -29.69 23.23 26.75
C ASP E 85 -30.81 23.46 27.76
N VAL E 86 -30.68 24.47 28.62
CA VAL E 86 -31.37 24.49 29.90
C VAL E 86 -31.60 25.95 30.30
N CYS E 87 -32.46 26.15 31.31
CA CYS E 87 -32.74 27.47 31.85
C CYS E 87 -32.75 27.47 33.38
N TYR E 88 -33.34 26.44 33.99
CA TYR E 88 -33.25 26.18 35.43
C TYR E 88 -32.14 25.19 35.68
N PRO E 89 -31.19 25.48 36.58
CA PRO E 89 -29.99 24.63 36.73
C PRO E 89 -30.24 23.14 36.67
N GLY E 90 -29.47 22.44 35.86
CA GLY E 90 -29.65 21.01 35.66
C GLY E 90 -28.99 20.55 34.38
N LYS E 91 -28.84 19.25 34.27
CA LYS E 91 -28.17 18.60 33.13
C LYS E 91 -29.11 17.58 32.49
N PHE E 92 -28.62 16.98 31.40
CA PHE E 92 -29.29 15.87 30.74
C PHE E 92 -28.55 14.58 31.07
N VAL E 93 -29.32 13.50 31.16
CA VAL E 93 -28.76 12.18 31.43
C VAL E 93 -28.49 11.49 30.10
N ASN E 94 -27.26 11.00 29.92
CA ASN E 94 -26.83 10.36 28.67
C ASN E 94 -26.91 11.35 27.52
N GLU E 95 -26.33 12.54 27.74
CA GLU E 95 -26.70 13.69 26.92
C GLU E 95 -26.10 13.61 25.53
N GLU E 96 -24.86 13.10 25.40
CA GLU E 96 -24.28 13.03 24.06
C GLU E 96 -25.02 12.04 23.17
N ALA E 97 -25.41 10.89 23.74
CA ALA E 97 -26.23 9.94 22.99
C ALA E 97 -27.43 10.63 22.34
N LEU E 98 -28.14 11.45 23.10
CA LEU E 98 -29.31 12.14 22.57
C LEU E 98 -28.93 13.29 21.65
N ARG E 99 -27.84 14.00 21.96
CA ARG E 99 -27.30 14.98 21.03
C ARG E 99 -27.05 14.36 19.67
N GLN E 100 -26.32 13.25 19.65
CA GLN E 100 -26.00 12.55 18.41
C GLN E 100 -27.25 12.15 17.65
N ILE E 101 -28.35 11.89 18.35
CA ILE E 101 -29.59 11.52 17.68
C ILE E 101 -30.21 12.73 16.98
N LEU E 102 -30.38 13.82 17.72
CA LEU E 102 -30.99 15.02 17.16
C LEU E 102 -30.15 15.64 16.06
N ARG E 103 -28.83 15.39 16.04
CA ARG E 103 -27.97 15.94 15.00
C ARG E 103 -28.41 15.46 13.62
N GLU E 104 -28.68 14.16 13.49
CA GLU E 104 -29.13 13.58 12.23
C GLU E 104 -30.65 13.41 12.17
N SER E 105 -31.38 14.20 12.96
CA SER E 105 -32.83 14.06 13.04
C SER E 105 -33.57 14.81 11.95
N GLY E 106 -32.91 15.68 11.20
CA GLY E 106 -33.60 16.51 10.22
C GLY E 106 -34.53 17.53 10.82
N GLY E 107 -34.50 17.71 12.13
CA GLY E 107 -35.48 18.50 12.85
C GLY E 107 -36.38 17.60 13.68
N ILE E 108 -37.31 18.23 14.37
CA ILE E 108 -38.24 17.51 15.24
C ILE E 108 -39.66 18.04 15.05
N ASP E 109 -40.63 17.13 15.18
CA ASP E 109 -42.05 17.47 15.15
C ASP E 109 -42.64 17.12 16.51
N LYS E 110 -43.44 18.03 17.05
CA LYS E 110 -44.02 17.85 18.37
C LYS E 110 -45.48 17.44 18.25
N GLU E 111 -45.92 16.61 19.21
CA GLU E 111 -47.29 16.12 19.28
C GLU E 111 -47.68 16.00 20.74
N ALA E 112 -48.88 16.44 21.07
CA ALA E 112 -49.35 16.43 22.45
C ALA E 112 -49.50 15.00 22.95
N MET E 113 -49.19 14.81 24.24
CA MET E 113 -49.25 13.50 24.86
C MET E 113 -50.57 13.24 25.59
N GLY E 114 -51.42 14.26 25.71
CA GLY E 114 -52.75 14.10 26.27
C GLY E 114 -52.78 13.75 27.73
N PHE E 115 -52.02 14.49 28.54
CA PHE E 115 -51.88 14.21 29.97
C PHE E 115 -52.80 15.13 30.75
N THR E 116 -53.72 14.55 31.50
CA THR E 116 -54.73 15.27 32.27
C THR E 116 -54.45 15.12 33.76
N TYR E 117 -54.34 16.26 34.46
CA TYR E 117 -54.02 16.28 35.88
C TYR E 117 -55.17 16.92 36.64
N SER E 118 -55.73 16.17 37.59
CA SER E 118 -56.73 16.69 38.51
C SER E 118 -56.27 16.45 39.94
N GLY E 119 -56.43 17.46 40.78
CA GLY E 119 -56.01 17.38 42.17
C GLY E 119 -54.59 17.82 42.45
N ILE E 120 -53.85 18.24 41.43
CA ILE E 120 -52.49 18.74 41.60
C ILE E 120 -52.37 20.06 40.86
N ARG E 121 -51.47 20.91 41.34
CA ARG E 121 -51.09 22.09 40.58
C ARG E 121 -50.29 21.69 39.35
N THR E 122 -50.49 22.44 38.26
CA THR E 122 -49.79 22.23 37.00
C THR E 122 -49.26 23.55 36.48
N ASN E 123 -48.79 24.41 37.39
CA ASN E 123 -48.46 25.79 37.07
C ASN E 123 -47.07 26.16 37.60
N GLY E 124 -46.14 25.20 37.59
CA GLY E 124 -44.81 25.48 38.09
C GLY E 124 -44.11 26.56 37.28
N ALA E 125 -43.34 27.38 37.99
CA ALA E 125 -42.63 28.48 37.36
C ALA E 125 -41.38 28.81 38.18
N THR E 126 -40.45 29.51 37.55
CA THR E 126 -39.20 29.85 38.21
C THR E 126 -38.72 31.21 37.71
N SER E 127 -37.82 31.81 38.48
CA SER E 127 -37.20 33.07 38.12
C SER E 127 -36.04 32.91 37.14
N ALA E 128 -35.65 31.67 36.82
CA ALA E 128 -34.55 31.42 35.89
C ALA E 128 -35.02 31.29 34.45
N CYS E 129 -36.15 30.63 34.22
CA CYS E 129 -36.70 30.48 32.87
C CYS E 129 -37.73 31.58 32.63
N ARG E 130 -37.21 32.79 32.46
CA ARG E 130 -38.06 33.97 32.32
C ARG E 130 -38.48 34.13 30.87
N ARG E 131 -39.80 34.12 30.63
CA ARG E 131 -40.36 34.49 29.33
C ARG E 131 -40.94 35.89 29.43
N SER E 132 -42.25 35.98 29.66
CA SER E 132 -42.87 37.23 30.05
C SER E 132 -43.12 37.23 31.56
N GLY E 133 -42.02 37.38 32.29
CA GLY E 133 -41.99 37.07 33.71
C GLY E 133 -41.57 35.64 33.94
N SER E 134 -41.80 35.16 35.17
CA SER E 134 -41.44 33.80 35.52
C SER E 134 -42.21 32.80 34.65
N SER E 135 -41.52 31.76 34.20
CA SER E 135 -42.11 30.75 33.34
C SER E 135 -41.30 29.46 33.48
N PHE E 136 -41.50 28.54 32.54
CA PHE E 136 -40.94 27.21 32.64
C PHE E 136 -40.68 26.69 31.23
N TYR E 137 -40.19 25.46 31.14
CA TYR E 137 -39.99 24.83 29.84
C TYR E 137 -41.32 24.72 29.10
N ALA E 138 -41.33 25.18 27.86
CA ALA E 138 -42.57 25.24 27.09
C ALA E 138 -43.20 23.87 26.94
N GLU E 139 -42.41 22.89 26.52
CA GLU E 139 -42.93 21.55 26.28
C GLU E 139 -43.14 20.75 27.56
N MET E 140 -42.71 21.25 28.70
CA MET E 140 -42.84 20.57 29.98
C MET E 140 -43.80 21.31 30.90
N LYS E 141 -44.18 20.62 31.98
CA LYS E 141 -45.09 21.17 32.97
C LYS E 141 -44.62 20.75 34.34
N TRP E 142 -44.51 21.72 35.25
CA TRP E 142 -43.99 21.47 36.59
C TRP E 142 -45.16 21.17 37.53
N LEU E 143 -45.23 19.91 37.97
CA LEU E 143 -46.33 19.44 38.80
C LEU E 143 -46.00 19.65 40.28
N LEU E 144 -46.83 20.43 40.97
CA LEU E 144 -46.71 20.64 42.40
C LEU E 144 -47.97 20.14 43.09
N SER E 145 -47.88 19.90 44.39
CA SER E 145 -49.07 19.58 45.17
C SER E 145 -50.00 20.79 45.20
N ASN E 146 -51.31 20.51 45.30
CA ASN E 146 -52.33 21.54 45.11
C ASN E 146 -52.13 22.75 46.03
N THR E 147 -51.49 22.56 47.17
CA THR E 147 -51.10 23.68 48.01
C THR E 147 -49.78 23.32 48.69
N ASP E 148 -49.14 24.35 49.25
CA ASP E 148 -47.86 24.16 49.89
C ASP E 148 -47.96 23.13 51.01
N ASN E 149 -46.93 22.29 51.13
CA ASN E 149 -46.76 21.29 52.17
C ASN E 149 -47.81 20.19 52.11
N ALA E 150 -48.79 20.25 51.20
CA ALA E 150 -49.79 19.21 51.06
C ALA E 150 -49.21 18.00 50.35
N ALA E 151 -49.81 16.84 50.61
CA ALA E 151 -49.35 15.61 50.00
C ALA E 151 -49.63 15.59 48.50
N PHE E 152 -49.01 14.64 47.83
CA PHE E 152 -49.13 14.50 46.39
C PHE E 152 -49.74 13.14 46.06
N PRO E 153 -50.74 13.09 45.19
CA PRO E 153 -51.37 11.81 44.86
C PRO E 153 -50.43 10.91 44.05
N GLN E 154 -50.37 9.64 44.44
CA GLN E 154 -49.61 8.63 43.70
C GLN E 154 -50.32 8.40 42.36
N MET E 155 -50.07 9.30 41.42
CA MET E 155 -50.77 9.29 40.15
C MET E 155 -50.15 8.27 39.19
N THR E 156 -50.70 8.21 37.97
CA THR E 156 -50.17 7.36 36.92
C THR E 156 -50.73 7.85 35.59
N LYS E 157 -49.84 8.16 34.65
CA LYS E 157 -50.22 8.63 33.34
C LYS E 157 -49.45 7.85 32.28
N SER E 158 -50.03 7.79 31.07
CA SER E 158 -49.47 6.95 30.02
C SER E 158 -49.78 7.56 28.66
N TYR E 159 -48.95 7.21 27.68
CA TYR E 159 -49.10 7.67 26.30
C TYR E 159 -48.69 6.55 25.36
N LYS E 160 -49.51 6.31 24.34
CA LYS E 160 -49.24 5.30 23.32
C LYS E 160 -48.76 5.99 22.05
N ASN E 161 -47.73 5.43 21.44
CA ASN E 161 -47.18 5.99 20.20
C ASN E 161 -48.14 5.68 19.06
N THR E 162 -48.95 6.67 18.68
CA THR E 162 -49.92 6.48 17.61
C THR E 162 -49.25 6.34 16.26
N ARG E 163 -48.13 7.04 16.04
CA ARG E 163 -47.45 7.07 14.75
C ARG E 163 -46.59 5.82 14.57
N LYS E 164 -45.98 5.70 13.39
CA LYS E 164 -45.24 4.50 13.02
C LYS E 164 -43.73 4.65 13.14
N SER E 165 -43.25 5.82 13.57
CA SER E 165 -41.85 5.99 13.90
C SER E 165 -41.68 6.15 15.41
N PRO E 166 -40.54 5.75 15.97
CA PRO E 166 -40.35 5.85 17.43
C PRO E 166 -40.55 7.28 17.92
N ALA E 167 -40.93 7.39 19.19
CA ALA E 167 -41.25 8.65 19.83
C ALA E 167 -40.22 8.99 20.90
N LEU E 168 -39.87 10.27 21.01
CA LEU E 168 -38.93 10.74 22.01
C LEU E 168 -39.70 11.27 23.21
N ILE E 169 -39.67 10.53 24.30
CA ILE E 169 -40.29 10.94 25.56
C ILE E 169 -39.20 11.47 26.47
N VAL E 170 -39.48 12.59 27.14
CA VAL E 170 -38.51 13.26 28.00
C VAL E 170 -39.21 13.73 29.26
N TRP E 171 -38.69 13.35 30.43
CA TRP E 171 -39.22 13.79 31.70
C TRP E 171 -38.11 14.49 32.48
N GLY E 172 -38.42 14.87 33.72
CA GLY E 172 -37.45 15.56 34.55
C GLY E 172 -37.74 15.33 36.02
N ILE E 173 -36.66 15.29 36.81
CA ILE E 173 -36.73 15.14 38.26
C ILE E 173 -36.20 16.43 38.89
N HIS E 174 -36.84 16.88 39.95
CA HIS E 174 -36.43 18.09 40.65
C HIS E 174 -35.71 17.71 41.94
N HIS E 175 -34.37 17.69 41.88
CA HIS E 175 -33.55 17.56 43.07
C HIS E 175 -33.48 18.92 43.76
N SER E 176 -34.17 19.04 44.90
CA SER E 176 -34.33 20.32 45.56
C SER E 176 -33.07 20.70 46.34
N VAL E 177 -33.10 21.88 46.96
CA VAL E 177 -31.99 22.32 47.80
C VAL E 177 -32.20 21.84 49.24
N SER E 178 -33.31 22.22 49.84
CA SER E 178 -33.65 21.77 51.18
C SER E 178 -34.71 20.67 51.10
N THR E 179 -34.58 19.67 51.96
CA THR E 179 -35.65 18.69 52.10
C THR E 179 -36.97 19.35 52.47
N ALA E 180 -36.91 20.53 53.09
CA ALA E 180 -38.12 21.29 53.38
C ALA E 180 -38.77 21.82 52.11
N GLU E 181 -37.95 22.29 51.16
CA GLU E 181 -38.48 22.74 49.88
C GLU E 181 -39.19 21.61 49.14
N GLN E 182 -38.66 20.39 49.25
CA GLN E 182 -39.29 19.24 48.63
C GLN E 182 -40.66 18.96 49.26
N THR E 183 -40.75 19.08 50.59
CA THR E 183 -42.04 18.95 51.26
C THR E 183 -42.97 20.10 50.91
N LYS E 184 -42.42 21.32 50.87
CA LYS E 184 -43.23 22.49 50.53
C LYS E 184 -43.93 22.32 49.18
N LEU E 185 -43.25 21.72 48.21
CA LEU E 185 -43.80 21.60 46.85
C LEU E 185 -44.66 20.34 46.73
N TYR E 186 -44.03 19.17 46.79
CA TYR E 186 -44.67 17.90 46.49
C TYR E 186 -45.14 17.17 47.73
N GLY E 187 -44.99 17.75 48.91
CA GLY E 187 -45.37 17.05 50.13
C GLY E 187 -44.22 16.25 50.71
N SER E 188 -44.28 16.05 52.02
CA SER E 188 -43.26 15.28 52.71
C SER E 188 -43.35 13.81 52.29
N GLY E 189 -42.38 13.03 52.75
CA GLY E 189 -42.31 11.63 52.41
C GLY E 189 -41.47 11.37 51.17
N ASN E 190 -41.07 10.12 51.02
CA ASN E 190 -40.23 9.72 49.90
C ASN E 190 -40.97 9.87 48.58
N LYS E 191 -40.25 10.29 47.55
CA LYS E 191 -40.83 10.46 46.21
C LYS E 191 -40.16 9.48 45.25
N LEU E 192 -40.94 9.03 44.29
CA LEU E 192 -40.48 7.98 43.39
C LEU E 192 -41.18 8.09 42.05
N VAL E 193 -40.40 8.04 40.97
CA VAL E 193 -40.91 8.02 39.60
C VAL E 193 -40.42 6.74 38.94
N THR E 194 -41.34 5.94 38.42
CA THR E 194 -41.01 4.65 37.83
C THR E 194 -41.49 4.63 36.38
N VAL E 195 -40.64 5.15 35.49
CA VAL E 195 -40.93 5.08 34.06
C VAL E 195 -40.94 3.63 33.61
N GLY E 196 -41.97 3.26 32.87
CA GLY E 196 -42.06 1.93 32.32
C GLY E 196 -42.54 1.90 30.88
N SER E 197 -41.96 1.00 30.09
CA SER E 197 -42.44 0.71 28.75
C SER E 197 -42.27 -0.78 28.53
N SER E 198 -42.43 -1.22 27.28
CA SER E 198 -42.10 -2.61 26.96
C SER E 198 -40.60 -2.83 26.87
N ASN E 199 -39.85 -1.79 26.47
CA ASN E 199 -38.40 -1.87 26.35
C ASN E 199 -37.66 -1.28 27.54
N TYR E 200 -38.30 -0.42 28.32
CA TYR E 200 -37.59 0.44 29.27
C TYR E 200 -38.24 0.32 30.64
N GLN E 201 -37.47 -0.17 31.61
CA GLN E 201 -37.91 -0.22 33.00
C GLN E 201 -36.84 0.46 33.84
N GLN E 202 -37.15 1.64 34.35
CA GLN E 202 -36.23 2.36 35.22
C GLN E 202 -37.02 3.00 36.34
N SER E 203 -36.31 3.72 37.20
CA SER E 203 -36.93 4.35 38.35
C SER E 203 -36.02 5.47 38.82
N PHE E 204 -36.63 6.55 39.29
CA PHE E 204 -35.87 7.76 39.63
C PHE E 204 -36.36 8.31 40.96
N VAL E 205 -35.44 8.94 41.69
CA VAL E 205 -35.69 9.46 43.04
C VAL E 205 -35.03 10.82 43.19
N PRO E 206 -35.70 11.82 43.77
CA PRO E 206 -35.06 13.11 44.00
C PRO E 206 -33.96 13.00 45.05
N SER E 207 -33.05 13.98 45.02
CA SER E 207 -31.89 14.00 45.92
C SER E 207 -31.78 15.41 46.49
N PRO E 208 -32.63 15.77 47.46
CA PRO E 208 -32.60 17.13 48.00
C PRO E 208 -31.39 17.34 48.92
N GLY E 209 -30.61 18.38 48.62
CA GLY E 209 -29.43 18.70 49.40
C GLY E 209 -28.88 20.05 49.01
N ALA E 210 -28.07 20.61 49.91
CA ALA E 210 -27.52 21.94 49.67
C ALA E 210 -26.53 21.91 48.50
N ARG E 211 -26.60 22.93 47.66
CA ARG E 211 -25.75 23.04 46.47
C ARG E 211 -25.38 24.49 46.24
N PRO E 212 -24.25 24.73 45.56
CA PRO E 212 -23.99 26.08 45.07
C PRO E 212 -25.10 26.54 44.14
N GLN E 213 -25.38 27.84 44.20
CA GLN E 213 -26.52 28.40 43.49
C GLN E 213 -26.10 28.77 42.07
N VAL E 214 -26.62 28.04 41.09
CA VAL E 214 -26.41 28.33 39.68
C VAL E 214 -27.61 29.12 39.19
N ASN E 215 -27.36 30.32 38.67
CA ASN E 215 -28.42 31.26 38.27
C ASN E 215 -29.38 31.55 39.42
N GLY E 216 -28.95 31.32 40.65
CA GLY E 216 -29.77 31.62 41.80
C GLY E 216 -30.34 30.41 42.51
N LEU E 217 -31.19 29.65 41.82
CA LEU E 217 -31.88 28.54 42.48
C LEU E 217 -30.94 27.37 42.64
N SER E 218 -30.56 27.07 43.89
CA SER E 218 -29.71 25.92 44.17
C SER E 218 -30.41 24.58 43.90
N GLY E 219 -31.71 24.60 43.60
CA GLY E 219 -32.36 23.41 43.10
C GLY E 219 -31.82 23.00 41.75
N ARG E 220 -32.20 21.79 41.33
CA ARG E 220 -31.67 21.22 40.10
C ARG E 220 -32.76 20.38 39.44
N ILE E 221 -33.07 20.67 38.18
CA ILE E 221 -33.99 19.87 37.39
C ILE E 221 -33.17 19.15 36.32
N ASP E 222 -33.01 17.84 36.50
CA ASP E 222 -32.28 17.00 35.56
C ASP E 222 -33.27 16.28 34.66
N PHE E 223 -32.91 16.12 33.39
CA PHE E 223 -33.81 15.57 32.38
C PHE E 223 -33.33 14.19 31.93
N HIS E 224 -34.28 13.28 31.73
CA HIS E 224 -34.01 11.95 31.20
C HIS E 224 -34.85 11.74 29.95
N TRP E 225 -34.48 10.73 29.16
CA TRP E 225 -35.15 10.51 27.88
C TRP E 225 -35.23 9.02 27.59
N LEU E 226 -36.06 8.69 26.60
CA LEU E 226 -36.44 7.33 26.25
C LEU E 226 -37.04 7.32 24.86
N MET E 227 -36.75 6.27 24.09
CA MET E 227 -37.30 6.09 22.76
C MET E 227 -38.41 5.04 22.82
N LEU E 228 -39.65 5.48 22.56
CA LEU E 228 -40.82 4.61 22.63
C LEU E 228 -41.16 4.11 21.24
N ASN E 229 -41.12 2.79 21.07
CA ASN E 229 -41.37 2.18 19.77
C ASN E 229 -42.84 2.37 19.36
N PRO E 230 -43.17 2.14 18.10
CA PRO E 230 -44.58 2.24 17.68
C PRO E 230 -45.45 1.19 18.34
N ASN E 231 -46.75 1.51 18.43
CA ASN E 231 -47.76 0.67 19.07
C ASN E 231 -47.45 0.44 20.55
N ASP E 232 -46.36 1.03 21.04
CA ASP E 232 -45.91 0.86 22.42
C ASP E 232 -46.45 1.99 23.29
N THR E 233 -46.45 1.75 24.59
CA THR E 233 -46.96 2.70 25.57
C THR E 233 -45.94 2.88 26.68
N VAL E 234 -45.65 4.14 27.01
CA VAL E 234 -44.79 4.49 28.14
C VAL E 234 -45.69 4.80 29.34
N THR E 235 -45.31 4.27 30.51
CA THR E 235 -46.11 4.45 31.71
C THR E 235 -45.28 5.17 32.77
N PHE E 236 -45.78 6.33 33.21
CA PHE E 236 -45.19 7.07 34.31
C PHE E 236 -45.97 6.81 35.58
N SER E 237 -45.26 6.64 36.68
CA SER E 237 -45.87 6.44 37.99
C SER E 237 -45.08 7.25 38.99
N PHE E 238 -45.74 8.22 39.63
CA PHE E 238 -45.03 9.26 40.36
C PHE E 238 -45.90 9.77 41.50
N ASN E 239 -45.24 10.41 42.48
CA ASN E 239 -45.94 11.05 43.58
C ASN E 239 -45.24 12.34 44.02
N GLY E 240 -44.59 13.02 43.11
CA GLY E 240 -43.99 14.32 43.38
C GLY E 240 -42.60 14.42 42.79
N ALA E 241 -42.09 15.65 42.76
CA ALA E 241 -40.76 15.96 42.23
C ALA E 241 -40.61 15.46 40.79
N PHE E 242 -41.65 15.68 40.00
CA PHE E 242 -41.71 15.18 38.64
C PHE E 242 -42.01 16.33 37.68
N ILE E 243 -41.15 16.51 36.69
CA ILE E 243 -41.37 17.46 35.61
C ILE E 243 -41.99 16.70 34.44
N ALA E 244 -43.19 17.11 34.05
CA ALA E 244 -44.00 16.25 33.19
C ALA E 244 -43.91 16.65 31.72
N PRO E 245 -43.89 15.65 30.83
CA PRO E 245 -43.88 15.94 29.38
C PRO E 245 -45.28 16.26 28.88
N ASP E 246 -45.43 17.44 28.29
CA ASP E 246 -46.71 17.79 27.68
C ASP E 246 -46.80 17.32 26.24
N ARG E 247 -45.70 17.32 25.50
CA ARG E 247 -45.67 16.91 24.12
C ARG E 247 -44.49 16.00 23.86
N ALA E 248 -44.70 14.99 23.03
CA ALA E 248 -43.61 14.13 22.58
C ALA E 248 -42.92 14.75 21.37
N SER E 249 -41.70 14.29 21.11
CA SER E 249 -40.91 14.74 19.98
C SER E 249 -40.76 13.61 18.96
N PHE E 250 -40.74 13.99 17.69
CA PHE E 250 -40.61 13.04 16.59
C PHE E 250 -39.55 13.56 15.64
N LEU E 251 -38.90 12.66 14.92
CA LEU E 251 -37.81 13.04 14.03
C LEU E 251 -38.32 13.14 12.60
N ARG E 252 -37.82 14.15 11.87
CA ARG E 252 -38.34 14.47 10.55
C ARG E 252 -37.60 13.75 9.41
N GLY E 253 -36.29 13.54 9.53
CA GLY E 253 -35.57 12.86 8.47
C GLY E 253 -34.06 12.81 8.65
N LYS E 254 -33.33 13.35 7.69
CA LYS E 254 -31.88 13.37 7.72
C LYS E 254 -31.36 14.78 7.91
N SER E 255 -30.22 14.88 8.58
CA SER E 255 -29.55 16.16 8.75
C SER E 255 -28.09 15.90 9.11
N MET E 256 -27.30 16.97 9.06
CA MET E 256 -25.90 16.93 9.45
C MET E 256 -25.75 17.77 10.70
N GLY E 257 -25.24 17.16 11.76
CA GLY E 257 -24.91 17.88 12.98
C GLY E 257 -23.46 18.30 12.93
N ILE E 258 -23.22 19.59 13.12
CA ILE E 258 -21.87 20.15 13.14
C ILE E 258 -21.76 21.13 14.30
N GLN E 259 -20.52 21.51 14.59
CA GLN E 259 -20.21 22.43 15.68
C GLN E 259 -19.19 23.43 15.18
N SER E 260 -19.54 24.70 15.13
CA SER E 260 -18.70 25.70 14.49
C SER E 260 -18.76 27.02 15.23
N GLY E 261 -17.91 27.95 14.81
CA GLY E 261 -17.90 29.30 15.36
C GLY E 261 -17.66 30.36 14.31
N VAL E 262 -17.95 30.02 13.05
CA VAL E 262 -17.79 30.94 11.93
C VAL E 262 -19.17 31.23 11.34
N GLN E 263 -19.19 32.14 10.37
CA GLN E 263 -20.44 32.60 9.77
C GLN E 263 -21.11 31.46 8.99
N VAL E 264 -22.23 31.79 8.36
CA VAL E 264 -22.94 30.89 7.47
C VAL E 264 -23.03 31.58 6.11
N ASP E 265 -22.29 31.06 5.14
CA ASP E 265 -22.27 31.62 3.79
C ASP E 265 -23.36 30.91 2.98
N ALA E 266 -24.45 31.61 2.71
CA ALA E 266 -25.51 31.03 1.91
C ALA E 266 -25.17 30.97 0.42
N ASN E 267 -24.09 31.62 0.00
CA ASN E 267 -23.76 31.74 -1.41
C ASN E 267 -22.73 30.71 -1.88
N CYS E 268 -21.89 30.23 -0.98
CA CYS E 268 -20.94 29.16 -1.31
C CYS E 268 -21.49 27.84 -0.80
N GLU E 269 -21.29 26.78 -1.59
CA GLU E 269 -21.88 25.48 -1.34
C GLU E 269 -20.80 24.52 -0.89
N GLY E 270 -21.03 23.84 0.23
CA GLY E 270 -20.01 22.99 0.82
C GLY E 270 -20.58 21.65 1.25
N ASP E 271 -19.65 20.70 1.46
CA ASP E 271 -20.02 19.35 1.85
C ASP E 271 -19.09 18.76 2.89
N CYS E 272 -18.18 19.55 3.47
CA CYS E 272 -17.26 19.06 4.49
C CYS E 272 -16.98 20.20 5.45
N TYR E 273 -17.39 20.06 6.70
CA TYR E 273 -17.28 21.14 7.68
C TYR E 273 -16.42 20.71 8.86
N HIS E 274 -15.66 21.68 9.38
CA HIS E 274 -15.04 21.61 10.69
C HIS E 274 -15.36 22.90 11.43
N SER E 275 -14.90 23.00 12.68
CA SER E 275 -15.32 24.10 13.54
C SER E 275 -14.92 25.46 12.97
N GLY E 276 -13.84 25.52 12.18
CA GLY E 276 -13.38 26.75 11.59
C GLY E 276 -13.97 27.10 10.24
N GLY E 277 -14.87 26.28 9.72
CA GLY E 277 -15.47 26.55 8.43
C GLY E 277 -15.62 25.35 7.53
N THR E 278 -15.64 25.58 6.22
CA THR E 278 -15.87 24.54 5.22
C THR E 278 -14.57 24.17 4.55
N ILE E 279 -14.22 22.88 4.59
CA ILE E 279 -13.12 22.36 3.79
C ILE E 279 -13.66 22.08 2.41
N ILE E 280 -13.23 22.86 1.42
CA ILE E 280 -13.62 22.66 0.03
C ILE E 280 -12.36 22.30 -0.75
N SER E 281 -12.34 21.08 -1.29
CA SER E 281 -11.16 20.59 -2.00
C SER E 281 -11.51 19.32 -2.75
N ASN E 282 -10.63 18.97 -3.70
CA ASN E 282 -10.71 17.70 -4.40
C ASN E 282 -9.56 16.76 -4.08
N LEU E 283 -8.45 17.27 -3.54
CA LEU E 283 -7.35 16.43 -3.13
C LEU E 283 -7.84 15.40 -2.09
N PRO E 284 -7.25 14.20 -2.08
CA PRO E 284 -7.76 13.14 -1.22
C PRO E 284 -7.33 13.27 0.23
N PHE E 285 -6.35 14.10 0.54
CA PHE E 285 -5.86 14.26 1.90
C PHE E 285 -6.08 15.68 2.36
N GLN E 286 -6.21 15.84 3.68
CA GLN E 286 -6.33 17.16 4.28
C GLN E 286 -5.52 17.19 5.58
N ASN E 287 -5.04 18.39 5.92
CA ASN E 287 -4.26 18.60 7.13
C ASN E 287 -4.96 19.58 8.07
N ILE E 288 -6.20 19.96 7.75
CA ILE E 288 -6.87 21.05 8.46
C ILE E 288 -7.37 20.61 9.82
N ASP E 289 -8.15 19.52 9.86
CA ASP E 289 -8.83 19.13 11.09
C ASP E 289 -9.18 17.66 11.01
N SER E 290 -8.80 16.90 12.05
CA SER E 290 -9.07 15.46 12.06
C SER E 290 -10.51 15.14 12.46
N ARG E 291 -11.21 16.08 13.10
CA ARG E 291 -12.58 15.85 13.54
C ARG E 291 -13.62 16.37 12.54
N ALA E 292 -13.18 16.86 11.38
CA ALA E 292 -14.12 17.41 10.41
C ALA E 292 -15.07 16.33 9.92
N VAL E 293 -16.35 16.72 9.74
CA VAL E 293 -17.39 15.78 9.36
C VAL E 293 -18.02 16.26 8.04
N GLY E 294 -18.92 15.43 7.53
CA GLY E 294 -19.40 15.55 6.18
C GLY E 294 -18.75 14.49 5.31
N LYS E 295 -18.58 14.78 4.03
CA LYS E 295 -17.83 13.90 3.13
C LYS E 295 -16.50 14.59 2.86
N CYS E 296 -15.47 14.18 3.60
CA CYS E 296 -14.22 14.90 3.72
C CYS E 296 -13.05 14.08 3.17
N PRO E 297 -11.95 14.74 2.78
CA PRO E 297 -10.72 14.01 2.47
C PRO E 297 -10.12 13.41 3.74
N ARG E 298 -9.33 12.36 3.53
CA ARG E 298 -8.71 11.66 4.65
C ARG E 298 -7.72 12.57 5.38
N TYR E 299 -7.86 12.68 6.69
CA TYR E 299 -6.91 13.44 7.47
C TYR E 299 -5.60 12.69 7.56
N VAL E 300 -4.49 13.38 7.27
CA VAL E 300 -3.16 12.81 7.36
C VAL E 300 -2.28 13.77 8.14
N LYS E 301 -1.16 13.23 8.64
CA LYS E 301 -0.22 14.03 9.42
C LYS E 301 0.45 15.09 8.56
N GLN E 302 0.92 14.69 7.37
CA GLN E 302 1.74 15.56 6.54
C GLN E 302 1.02 16.86 6.21
N ARG E 303 1.80 17.94 6.08
CA ARG E 303 1.30 19.18 5.50
C ARG E 303 1.43 19.21 3.99
N SER E 304 2.38 18.45 3.43
CA SER E 304 2.67 18.49 2.00
C SER E 304 3.22 17.14 1.54
N LEU E 305 2.64 16.62 0.46
CA LEU E 305 3.17 15.46 -0.25
C LEU E 305 3.04 15.76 -1.73
N LEU E 306 4.16 15.80 -2.44
CA LEU E 306 4.21 16.35 -3.79
C LEU E 306 4.26 15.22 -4.82
N LEU E 307 3.28 15.21 -5.72
CA LEU E 307 3.14 14.19 -6.75
C LEU E 307 3.64 14.74 -8.08
N ALA E 308 4.62 14.06 -8.68
CA ALA E 308 5.23 14.56 -9.91
C ALA E 308 4.29 14.43 -11.09
N THR E 309 4.17 15.51 -11.86
CA THR E 309 3.43 15.51 -13.12
C THR E 309 4.35 15.72 -14.33
N GLY E 310 5.59 15.26 -14.21
CA GLY E 310 6.56 15.46 -15.28
C GLY E 310 7.79 14.61 -15.02
N MET E 311 8.66 14.55 -16.02
CA MET E 311 9.83 13.69 -15.93
C MET E 311 10.88 14.29 -15.02
N LYS E 312 12.03 13.62 -14.95
CA LYS E 312 13.14 14.15 -14.17
C LYS E 312 13.80 15.31 -14.90
N ASN E 313 13.95 16.43 -14.20
CA ASN E 313 14.59 17.63 -14.74
C ASN E 313 16.09 17.42 -14.74
N VAL E 314 16.63 17.07 -15.90
CA VAL E 314 18.08 17.04 -16.11
C VAL E 314 18.45 18.34 -16.84
N PRO E 315 19.06 19.31 -16.16
CA PRO E 315 19.38 20.58 -16.82
C PRO E 315 20.39 20.38 -17.94
N GLU E 316 20.63 21.46 -18.67
CA GLU E 316 21.42 21.38 -19.89
C GLU E 316 22.84 21.87 -19.68
N ILE E 317 23.72 21.39 -20.54
CA ILE E 317 25.13 21.77 -20.56
C ILE E 317 25.36 22.72 -21.73
N PRO E 318 26.04 23.88 -21.51
CA PRO E 318 26.09 24.95 -22.53
C PRO E 318 26.32 24.51 -23.97
N LYS E 319 27.57 24.46 -24.43
CA LYS E 319 27.86 24.18 -25.83
C LYS E 319 29.07 23.26 -25.98
N GLY F 4 30.99 23.70 -33.05
CA GLY F 4 29.58 23.36 -33.13
C GLY F 4 29.30 21.90 -32.82
N ALA F 5 28.45 21.66 -31.82
CA ALA F 5 28.15 20.31 -31.38
C ALA F 5 26.64 20.19 -31.14
N ILE F 6 26.22 18.99 -30.77
CA ILE F 6 24.82 18.66 -30.57
C ILE F 6 24.74 17.27 -29.93
N ALA F 7 23.85 17.10 -28.95
CA ALA F 7 23.81 15.87 -28.18
C ALA F 7 22.40 15.64 -27.63
N GLY F 8 22.19 14.45 -27.08
CA GLY F 8 20.85 14.01 -26.73
C GLY F 8 20.57 13.76 -25.27
N PHE F 9 19.84 12.68 -24.98
CA PHE F 9 19.26 12.44 -23.67
C PHE F 9 20.12 11.62 -22.73
N ILE F 10 21.04 10.79 -23.25
CA ILE F 10 21.91 9.99 -22.39
C ILE F 10 22.97 10.93 -21.83
N GLU F 11 22.51 12.04 -21.24
CA GLU F 11 23.38 13.17 -20.92
C GLU F 11 22.56 14.32 -20.34
N ASN F 12 22.02 15.16 -21.21
CA ASN F 12 21.26 16.34 -20.80
C ASN F 12 19.85 16.29 -21.35
N GLY F 13 18.98 17.04 -20.71
CA GLY F 13 17.71 17.39 -21.30
C GLY F 13 17.81 18.75 -21.96
N TRP F 14 16.99 18.97 -22.98
CA TRP F 14 17.01 20.23 -23.72
C TRP F 14 16.01 21.19 -23.11
N GLU F 15 16.49 22.36 -22.69
CA GLU F 15 15.61 23.38 -22.14
C GLU F 15 14.86 24.15 -23.21
N GLY F 16 15.23 24.02 -24.48
CA GLY F 16 14.60 24.76 -25.54
C GLY F 16 13.36 24.08 -26.10
N LEU F 17 13.24 22.78 -25.89
CA LEU F 17 12.09 22.02 -26.39
C LEU F 17 10.88 22.33 -25.51
N ILE F 18 9.94 23.12 -26.03
CA ILE F 18 8.83 23.62 -25.22
C ILE F 18 7.46 23.18 -25.72
N ASP F 19 7.33 22.68 -26.94
CA ASP F 19 6.06 22.15 -27.43
C ASP F 19 5.98 20.63 -27.30
N GLY F 20 6.80 20.04 -26.43
CA GLY F 20 6.77 18.61 -26.23
C GLY F 20 7.75 18.21 -25.15
N TRP F 21 7.60 16.97 -24.70
CA TRP F 21 8.49 16.41 -23.70
C TRP F 21 9.69 15.72 -24.31
N TYR F 22 9.52 15.13 -25.49
CA TYR F 22 10.60 14.48 -26.21
C TYR F 22 10.64 15.06 -27.62
N GLY F 23 11.78 14.93 -28.28
CA GLY F 23 11.90 15.53 -29.59
C GLY F 23 13.15 15.12 -30.33
N PHE F 24 13.20 15.53 -31.60
CA PHE F 24 14.33 15.32 -32.49
C PHE F 24 15.11 16.61 -32.62
N ARG F 25 16.44 16.51 -32.55
CA ARG F 25 17.33 17.63 -32.79
C ARG F 25 18.36 17.17 -33.81
N HIS F 26 18.22 17.62 -35.05
CA HIS F 26 19.07 17.19 -36.14
C HIS F 26 20.12 18.26 -36.45
N GLN F 27 21.06 17.88 -37.31
CA GLN F 27 22.11 18.80 -37.75
C GLN F 27 22.65 18.28 -39.08
N ASN F 28 22.37 19.01 -40.16
CA ASN F 28 22.78 18.57 -41.49
C ASN F 28 23.37 19.76 -42.24
N ALA F 29 23.32 19.69 -43.57
CA ALA F 29 23.89 20.75 -44.39
C ALA F 29 23.16 22.08 -44.17
N GLN F 30 21.83 22.05 -44.16
CA GLN F 30 21.05 23.27 -44.00
C GLN F 30 21.24 23.90 -42.64
N GLY F 31 21.64 23.14 -41.63
CA GLY F 31 21.86 23.68 -40.30
C GLY F 31 21.46 22.75 -39.19
N GLU F 32 20.70 23.25 -38.22
CA GLU F 32 20.28 22.48 -37.07
C GLU F 32 18.87 22.89 -36.68
N GLY F 33 18.04 21.92 -36.31
CA GLY F 33 16.67 22.19 -35.95
C GLY F 33 16.24 21.38 -34.74
N THR F 34 15.19 21.87 -34.08
CA THR F 34 14.62 21.22 -32.91
C THR F 34 13.10 21.19 -33.07
N ALA F 35 12.55 20.00 -33.28
CA ALA F 35 11.12 19.82 -33.43
C ALA F 35 10.68 18.60 -32.63
N ALA F 36 9.57 18.75 -31.91
CA ALA F 36 9.13 17.73 -30.97
C ALA F 36 8.49 16.55 -31.69
N ASP F 37 8.47 15.40 -31.00
CA ASP F 37 7.73 14.23 -31.43
C ASP F 37 6.46 14.17 -30.61
N TYR F 38 5.31 14.39 -31.27
CA TYR F 38 4.08 14.59 -30.52
C TYR F 38 3.54 13.28 -29.94
N LYS F 39 3.78 12.15 -30.61
CA LYS F 39 3.20 10.89 -30.16
C LYS F 39 3.74 10.48 -28.80
N SER F 40 5.07 10.40 -28.67
CA SER F 40 5.66 9.92 -27.42
C SER F 40 5.37 10.85 -26.27
N THR F 41 5.19 12.15 -26.53
CA THR F 41 4.90 13.09 -25.45
C THR F 41 3.48 12.88 -24.92
N GLN F 42 2.51 12.73 -25.82
CA GLN F 42 1.15 12.47 -25.37
C GLN F 42 1.04 11.10 -24.69
N SER F 43 1.84 10.12 -25.12
CA SER F 43 1.81 8.81 -24.48
C SER F 43 2.22 8.92 -23.02
N ALA F 44 3.15 9.82 -22.68
CA ALA F 44 3.52 10.03 -21.29
C ALA F 44 2.51 10.92 -20.57
N ILE F 45 2.18 12.07 -21.17
CA ILE F 45 1.23 13.00 -20.58
C ILE F 45 -0.11 12.33 -20.28
N ASP F 46 -0.47 11.29 -21.04
CA ASP F 46 -1.73 10.61 -20.80
C ASP F 46 -1.66 9.68 -19.60
N GLN F 47 -0.52 9.01 -19.41
CA GLN F 47 -0.41 8.09 -18.28
C GLN F 47 -0.36 8.84 -16.95
N ILE F 48 0.28 10.02 -16.93
CA ILE F 48 0.27 10.85 -15.73
C ILE F 48 -1.15 11.33 -15.44
N THR F 49 -1.84 11.79 -16.48
CA THR F 49 -3.25 12.14 -16.35
C THR F 49 -4.07 10.97 -15.83
N GLY F 50 -3.75 9.76 -16.29
CA GLY F 50 -4.48 8.59 -15.83
C GLY F 50 -4.30 8.33 -14.34
N LYS F 51 -3.10 8.60 -13.82
CA LYS F 51 -2.85 8.43 -12.39
C LYS F 51 -3.70 9.41 -11.59
N LEU F 52 -3.71 10.69 -12.00
CA LEU F 52 -4.49 11.71 -11.31
C LEU F 52 -5.95 11.28 -11.17
N ASN F 53 -6.60 10.99 -12.29
CA ASN F 53 -8.03 10.68 -12.29
C ASN F 53 -8.34 9.36 -11.62
N ARG F 54 -7.33 8.64 -11.13
CA ARG F 54 -7.54 7.49 -10.26
C ARG F 54 -7.32 7.82 -8.79
N LEU F 55 -6.55 8.87 -8.49
CA LEU F 55 -6.26 9.28 -7.12
C LEU F 55 -7.14 10.42 -6.62
N ILE F 56 -7.53 11.35 -7.49
CA ILE F 56 -8.33 12.51 -7.07
C ILE F 56 -9.72 12.07 -6.63
N GLU F 57 -10.21 10.94 -7.17
CA GLU F 57 -11.57 10.46 -6.92
C GLU F 57 -11.98 10.60 -5.46
N LYS F 58 -13.19 11.09 -5.25
CA LYS F 58 -13.69 11.35 -3.91
C LYS F 58 -14.18 10.07 -3.25
N THR F 59 -14.08 10.04 -1.92
CA THR F 59 -14.75 9.03 -1.12
C THR F 59 -16.14 9.52 -0.77
N ASN F 60 -17.16 8.70 -1.02
CA ASN F 60 -18.54 9.10 -0.80
C ASN F 60 -19.01 8.80 0.62
N GLN F 61 -18.11 8.33 1.48
CA GLN F 61 -18.49 8.00 2.86
C GLN F 61 -18.54 9.27 3.71
N GLN F 62 -19.61 9.42 4.47
CA GLN F 62 -19.81 10.55 5.35
C GLN F 62 -19.72 10.09 6.80
N PHE F 63 -19.09 10.90 7.63
CA PHE F 63 -19.04 10.65 9.06
C PHE F 63 -19.70 11.80 9.82
N GLU F 64 -20.14 11.49 11.03
CA GLU F 64 -20.80 12.44 11.91
C GLU F 64 -19.95 12.64 13.15
N LEU F 65 -20.28 13.64 13.97
CA LEU F 65 -19.52 13.86 15.19
C LEU F 65 -19.77 12.74 16.18
N ILE F 66 -18.69 12.06 16.58
CA ILE F 66 -18.76 11.18 17.72
C ILE F 66 -18.35 11.92 19.00
N ASP F 67 -17.52 12.95 18.86
CA ASP F 67 -17.04 13.75 19.98
C ASP F 67 -18.01 14.88 20.28
N ASN F 68 -17.60 15.78 21.16
CA ASN F 68 -18.25 17.07 21.36
C ASN F 68 -17.17 18.06 21.77
N GLU F 69 -17.07 19.17 21.04
CA GLU F 69 -16.00 20.12 21.31
C GLU F 69 -16.33 21.02 22.49
N PHE F 70 -17.54 21.60 22.50
CA PHE F 70 -17.90 22.53 23.56
C PHE F 70 -18.07 21.83 24.90
N ASN F 71 -18.51 20.57 24.89
CA ASN F 71 -18.89 19.88 26.12
C ASN F 71 -18.28 18.48 26.07
N GLU F 72 -17.19 18.27 26.81
CA GLU F 72 -16.43 17.04 26.73
C GLU F 72 -17.29 15.83 27.09
N VAL F 73 -16.97 14.69 26.46
CA VAL F 73 -17.65 13.44 26.73
C VAL F 73 -16.97 12.74 27.91
N GLU F 74 -17.47 11.57 28.29
CA GLU F 74 -16.88 10.79 29.37
C GLU F 74 -15.40 10.55 29.10
N LYS F 75 -14.59 10.59 30.16
CA LYS F 75 -13.15 10.44 30.00
C LYS F 75 -12.77 9.06 29.49
N GLN F 76 -13.38 8.00 30.02
CA GLN F 76 -13.00 6.66 29.59
C GLN F 76 -13.27 6.46 28.10
N ILE F 77 -14.44 6.87 27.62
CA ILE F 77 -14.77 6.67 26.21
C ILE F 77 -13.94 7.60 25.33
N GLY F 78 -13.72 8.85 25.76
CA GLY F 78 -12.90 9.76 25.00
C GLY F 78 -11.52 9.21 24.70
N ASN F 79 -10.86 8.66 25.74
CA ASN F 79 -9.53 8.07 25.55
C ASN F 79 -9.55 6.89 24.59
N VAL F 80 -10.72 6.30 24.33
CA VAL F 80 -10.83 5.26 23.31
C VAL F 80 -11.05 5.84 21.93
N ILE F 81 -11.94 6.83 21.80
CA ILE F 81 -12.13 7.49 20.51
C ILE F 81 -10.82 8.11 20.04
N ASN F 82 -10.20 8.92 20.90
CA ASN F 82 -8.86 9.43 20.63
C ASN F 82 -7.93 8.33 20.16
N TRP F 83 -7.90 7.22 20.91
CA TRP F 83 -6.99 6.13 20.60
C TRP F 83 -7.29 5.55 19.22
N THR F 84 -8.57 5.46 18.86
CA THR F 84 -8.92 4.95 17.54
C THR F 84 -8.60 5.96 16.45
N ARG F 85 -9.01 7.22 16.65
CA ARG F 85 -8.76 8.26 15.67
C ARG F 85 -7.27 8.40 15.37
N ASP F 86 -6.45 8.49 16.42
CA ASP F 86 -5.01 8.60 16.22
C ASP F 86 -4.46 7.39 15.50
N SER F 87 -5.00 6.20 15.80
CA SER F 87 -4.58 4.99 15.08
C SER F 87 -5.03 5.04 13.61
N ILE F 88 -6.19 5.65 13.34
CA ILE F 88 -6.65 5.78 11.95
C ILE F 88 -5.75 6.75 11.19
N THR F 89 -5.55 7.95 11.76
CA THR F 89 -4.69 8.94 11.14
C THR F 89 -3.31 8.39 10.86
N GLU F 90 -2.84 7.46 11.68
CA GLU F 90 -1.53 6.84 11.45
C GLU F 90 -1.53 6.05 10.14
N VAL F 91 -2.58 5.26 9.91
CA VAL F 91 -2.63 4.44 8.70
C VAL F 91 -2.79 5.32 7.47
N TRP F 92 -3.67 6.32 7.54
CA TRP F 92 -3.85 7.19 6.38
C TRP F 92 -2.61 8.00 6.09
N SER F 93 -1.84 8.35 7.12
CA SER F 93 -0.58 9.05 6.87
C SER F 93 0.45 8.12 6.24
N TYR F 94 0.45 6.84 6.64
CA TYR F 94 1.36 5.89 6.01
C TYR F 94 0.99 5.66 4.56
N ASN F 95 -0.27 5.30 4.31
CA ASN F 95 -0.71 5.06 2.94
C ASN F 95 -0.56 6.30 2.08
N ALA F 96 -0.63 7.49 2.69
CA ALA F 96 -0.50 8.72 1.92
C ALA F 96 0.92 8.90 1.37
N GLU F 97 1.91 8.88 2.26
CA GLU F 97 3.28 9.10 1.81
C GLU F 97 3.77 7.96 0.95
N LEU F 98 3.28 6.73 1.18
CA LEU F 98 3.70 5.61 0.35
C LEU F 98 3.15 5.73 -1.07
N LEU F 99 1.91 6.19 -1.21
CA LEU F 99 1.34 6.38 -2.54
C LEU F 99 2.11 7.42 -3.32
N VAL F 100 2.32 8.61 -2.75
CA VAL F 100 3.06 9.66 -3.42
C VAL F 100 4.45 9.18 -3.82
N ALA F 101 5.07 8.36 -2.98
CA ALA F 101 6.40 7.85 -3.28
C ALA F 101 6.35 6.83 -4.42
N MET F 102 5.44 5.85 -4.31
CA MET F 102 5.38 4.81 -5.33
C MET F 102 4.98 5.36 -6.68
N GLU F 103 4.08 6.35 -6.70
CA GLU F 103 3.65 6.93 -7.95
C GLU F 103 4.66 7.91 -8.53
N ASN F 104 5.52 8.50 -7.70
CA ASN F 104 6.59 9.34 -8.25
C ASN F 104 7.72 8.49 -8.80
N GLN F 105 8.02 7.36 -8.17
CA GLN F 105 8.97 6.43 -8.74
C GLN F 105 8.45 5.88 -10.06
N HIS F 106 7.14 5.66 -10.15
CA HIS F 106 6.56 5.18 -11.41
C HIS F 106 6.47 6.30 -12.44
N THR F 107 6.12 7.51 -12.03
CA THR F 107 6.02 8.62 -12.98
C THR F 107 7.37 8.91 -13.63
N ILE F 108 8.45 8.86 -12.83
CA ILE F 108 9.78 9.14 -13.37
C ILE F 108 10.23 8.02 -14.30
N ASP F 109 10.14 6.77 -13.85
CA ASP F 109 10.49 5.64 -14.69
C ASP F 109 9.55 5.50 -15.88
N LEU F 110 8.34 6.04 -15.77
CA LEU F 110 7.42 6.04 -16.90
C LEU F 110 7.92 6.94 -18.01
N ALA F 111 8.35 8.16 -17.66
CA ALA F 111 8.80 9.11 -18.66
C ALA F 111 10.13 8.69 -19.29
N ASP F 112 11.07 8.21 -18.47
CA ASP F 112 12.33 7.72 -19.02
C ASP F 112 12.13 6.49 -19.90
N SER F 113 11.01 5.79 -19.74
CA SER F 113 10.72 4.65 -20.61
C SER F 113 10.28 5.12 -21.99
N GLU F 114 9.39 6.11 -22.04
CA GLU F 114 8.93 6.63 -23.33
C GLU F 114 10.05 7.25 -24.14
N MET F 115 11.15 7.64 -23.50
CA MET F 115 12.29 8.17 -24.24
C MET F 115 13.04 7.04 -24.96
N ASP F 116 13.21 5.90 -24.28
CA ASP F 116 13.88 4.77 -24.93
C ASP F 116 13.03 4.17 -26.03
N LYS F 117 11.71 4.19 -25.88
CA LYS F 117 10.82 3.69 -26.93
C LYS F 117 11.02 4.49 -28.21
N LEU F 118 11.16 5.82 -28.10
CA LEU F 118 11.43 6.65 -29.27
C LEU F 118 12.82 6.37 -29.84
N TYR F 119 13.79 6.06 -28.97
CA TYR F 119 15.15 5.79 -29.44
C TYR F 119 15.21 4.47 -30.19
N GLU F 120 14.61 3.41 -29.65
CA GLU F 120 14.58 2.13 -30.33
C GLU F 120 13.75 2.17 -31.61
N ARG F 121 12.86 3.16 -31.75
CA ARG F 121 12.09 3.29 -32.98
C ARG F 121 12.96 3.84 -34.10
N VAL F 122 13.59 4.99 -33.88
CA VAL F 122 14.47 5.58 -34.88
C VAL F 122 15.63 4.64 -35.19
N LYS F 123 16.02 3.81 -34.23
CA LYS F 123 17.12 2.88 -34.44
C LYS F 123 16.77 1.85 -35.52
N ARG F 124 15.67 1.14 -35.34
CA ARG F 124 15.24 0.18 -36.36
C ARG F 124 14.77 0.86 -37.64
N GLN F 125 14.34 2.13 -37.55
CA GLN F 125 14.03 2.89 -38.76
C GLN F 125 15.23 2.96 -39.68
N LEU F 126 16.33 3.54 -39.20
CA LEU F 126 17.51 3.77 -40.02
C LEU F 126 18.26 2.48 -40.36
N ARG F 127 17.87 1.36 -39.75
CA ARG F 127 18.39 0.04 -40.11
C ARG F 127 19.90 0.00 -40.15
N GLU F 128 20.47 0.12 -41.35
CA GLU F 128 21.90 0.00 -41.56
C GLU F 128 22.54 1.30 -42.02
N ASN F 129 21.84 2.42 -41.94
CA ASN F 129 22.29 3.66 -42.53
C ASN F 129 22.88 4.64 -41.51
N ALA F 130 23.02 4.24 -40.25
CA ALA F 130 23.54 5.14 -39.22
C ALA F 130 24.09 4.33 -38.07
N GLU F 131 24.72 5.03 -37.12
CA GLU F 131 25.36 4.41 -35.97
C GLU F 131 25.05 5.20 -34.71
N GLU F 132 25.19 4.53 -33.57
CA GLU F 132 24.94 5.11 -32.25
C GLU F 132 26.21 5.75 -31.74
N ASP F 133 26.21 7.09 -31.60
CA ASP F 133 27.37 7.76 -31.06
C ASP F 133 27.46 7.67 -29.54
N GLY F 134 26.41 7.23 -28.86
CA GLY F 134 26.44 7.01 -27.44
C GLY F 134 25.86 8.13 -26.60
N THR F 135 25.70 9.32 -27.15
CA THR F 135 25.11 10.45 -26.44
C THR F 135 23.61 10.57 -26.67
N GLY F 136 22.99 9.55 -27.27
CA GLY F 136 21.61 9.64 -27.67
C GLY F 136 21.39 10.16 -29.06
N CYS F 137 22.42 10.11 -29.92
CA CYS F 137 22.34 10.61 -31.28
C CYS F 137 22.66 9.49 -32.27
N PHE F 138 22.32 9.74 -33.52
CA PHE F 138 22.58 8.81 -34.61
C PHE F 138 23.40 9.54 -35.67
N GLU F 139 24.62 9.05 -35.93
CA GLU F 139 25.43 9.59 -37.01
C GLU F 139 24.96 8.98 -38.32
N ILE F 140 24.28 9.78 -39.14
CA ILE F 140 23.77 9.32 -40.43
C ILE F 140 24.91 9.32 -41.44
N PHE F 141 25.00 8.25 -42.23
CA PHE F 141 26.10 8.06 -43.17
C PHE F 141 25.69 8.32 -44.61
N HIS F 142 24.76 9.25 -44.82
CA HIS F 142 24.35 9.71 -46.14
C HIS F 142 23.68 11.05 -45.95
N LYS F 143 23.72 11.88 -46.99
CA LYS F 143 23.15 13.21 -46.87
C LYS F 143 21.65 13.13 -46.64
N CYS F 144 21.20 13.75 -45.55
CA CYS F 144 19.79 13.78 -45.15
C CYS F 144 19.39 15.26 -45.07
N ASP F 145 18.74 15.75 -46.12
CA ASP F 145 18.27 17.13 -46.12
C ASP F 145 17.04 17.26 -45.22
N ASP F 146 16.52 18.49 -45.11
CA ASP F 146 15.42 18.75 -44.19
C ASP F 146 14.21 17.87 -44.50
N ASP F 147 13.96 17.59 -45.78
CA ASP F 147 12.86 16.70 -46.13
C ASP F 147 13.16 15.28 -45.69
N CYS F 148 14.42 14.86 -45.78
CA CYS F 148 14.81 13.52 -45.31
C CYS F 148 14.75 13.43 -43.80
N MET F 149 15.08 14.53 -43.10
CA MET F 149 15.00 14.54 -41.65
C MET F 149 13.56 14.35 -41.18
N ALA F 150 12.62 15.08 -41.80
CA ALA F 150 11.22 14.93 -41.45
C ALA F 150 10.72 13.53 -41.78
N SER F 151 11.32 12.86 -42.76
CA SER F 151 10.97 11.48 -43.04
C SER F 151 11.31 10.54 -41.89
N ILE F 152 12.23 10.94 -41.02
CA ILE F 152 12.50 10.16 -39.81
C ILE F 152 11.50 10.51 -38.71
N ARG F 153 11.07 11.78 -38.65
CA ARG F 153 10.14 12.20 -37.62
C ARG F 153 8.76 11.58 -37.84
N ASN F 154 8.21 11.72 -39.06
CA ASN F 154 6.91 11.14 -39.37
C ASN F 154 7.01 9.70 -39.85
N ASN F 155 8.15 9.03 -39.57
CA ASN F 155 8.27 7.57 -39.65
C ASN F 155 8.14 7.06 -41.08
N THR F 156 8.45 7.89 -42.08
CA THR F 156 8.38 7.49 -43.47
C THR F 156 9.75 7.22 -44.08
N TYR F 157 10.81 7.22 -43.27
CA TYR F 157 12.15 7.08 -43.78
C TYR F 157 12.32 5.73 -44.48
N ASP F 158 12.39 5.75 -45.80
CA ASP F 158 12.71 4.56 -46.58
C ASP F 158 14.21 4.32 -46.48
N HIS F 159 14.61 3.24 -45.79
CA HIS F 159 16.02 2.98 -45.61
C HIS F 159 16.67 2.41 -46.87
N SER F 160 15.89 1.70 -47.70
CA SER F 160 16.45 1.12 -48.92
C SER F 160 16.93 2.20 -49.89
N LYS F 161 16.29 3.37 -49.89
CA LYS F 161 16.66 4.43 -50.82
C LYS F 161 18.08 4.91 -50.56
N TYR F 162 18.44 5.12 -49.31
CA TYR F 162 19.76 5.64 -48.95
C TYR F 162 20.68 4.55 -48.39
N ARG F 163 20.29 3.28 -48.48
CA ARG F 163 21.05 2.20 -47.86
C ARG F 163 22.45 2.04 -48.45
N GLU F 164 22.50 1.58 -49.70
CA GLU F 164 23.77 1.22 -50.33
C GLU F 164 24.79 2.34 -50.20
N GLU F 165 24.35 3.58 -50.43
CA GLU F 165 25.23 4.73 -50.25
C GLU F 165 25.81 4.76 -48.84
N ALA F 166 24.94 4.60 -47.84
CA ALA F 166 25.39 4.66 -46.45
C ALA F 166 26.22 3.44 -46.09
N MET F 167 25.80 2.25 -46.54
CA MET F 167 26.59 1.05 -46.26
C MET F 167 27.99 1.15 -46.84
N GLN F 168 28.15 1.83 -47.99
CA GLN F 168 29.50 2.05 -48.52
C GLN F 168 30.26 3.04 -47.66
N ASN F 169 29.62 4.12 -47.24
CA ASN F 169 30.27 5.14 -46.43
C ASN F 169 30.57 4.67 -45.02
N ARG F 170 30.18 3.45 -44.65
CA ARG F 170 30.48 2.91 -43.33
C ARG F 170 31.63 1.91 -43.33
N ILE F 171 31.82 1.20 -44.44
CA ILE F 171 32.91 0.22 -44.52
C ILE F 171 34.25 0.92 -44.74
N GLN F 172 34.36 1.66 -45.85
CA GLN F 172 35.38 2.68 -46.11
C GLN F 172 36.71 2.53 -45.36
N ILE F 173 37.73 2.01 -46.03
CA ILE F 173 39.07 1.98 -45.43
C ILE F 173 39.78 3.33 -45.61
N ASP F 174 39.87 3.81 -46.85
CA ASP F 174 40.38 5.15 -47.09
C ASP F 174 39.20 6.11 -47.26
N GLY F 175 39.29 7.01 -48.23
CA GLY F 175 38.13 7.76 -48.64
C GLY F 175 37.19 6.97 -49.53
N SER F 176 37.46 5.68 -49.73
CA SER F 176 36.71 4.83 -50.63
C SER F 176 36.25 3.58 -49.89
N GLY F 177 35.12 3.03 -50.33
CA GLY F 177 34.48 1.92 -49.64
C GLY F 177 34.67 0.60 -50.35
N TYR F 178 33.90 -0.39 -49.88
CA TYR F 178 34.02 -1.76 -50.38
C TYR F 178 33.63 -1.83 -51.85
N ILE F 179 34.13 -2.88 -52.51
CA ILE F 179 33.89 -3.10 -53.94
C ILE F 179 32.92 -4.25 -54.14
N PRO F 180 32.01 -4.16 -55.12
CA PRO F 180 31.21 -5.33 -55.50
C PRO F 180 32.03 -6.46 -56.11
N GLU F 181 31.32 -7.48 -56.58
CA GLU F 181 31.92 -8.59 -57.30
C GLU F 181 31.87 -8.32 -58.80
N ALA F 182 32.99 -8.53 -59.47
CA ALA F 182 32.99 -8.45 -60.93
C ALA F 182 32.13 -9.59 -61.48
N PRO F 183 31.40 -9.36 -62.58
CA PRO F 183 30.48 -10.37 -63.09
C PRO F 183 31.17 -11.72 -63.29
N ARG F 184 30.48 -12.79 -62.88
CA ARG F 184 30.99 -14.15 -63.00
C ARG F 184 30.59 -14.75 -64.36
N ASP F 185 31.06 -14.10 -65.41
CA ASP F 185 30.72 -14.47 -66.79
C ASP F 185 31.87 -15.16 -67.53
N GLY F 186 33.00 -15.39 -66.86
CA GLY F 186 34.14 -16.02 -67.49
C GLY F 186 35.18 -15.05 -68.04
N GLN F 187 34.94 -13.75 -67.94
CA GLN F 187 35.93 -12.76 -68.33
C GLN F 187 36.70 -12.29 -67.12
N ALA F 188 37.99 -12.02 -67.31
CA ALA F 188 38.77 -11.33 -66.29
C ALA F 188 38.44 -9.85 -66.32
N TYR F 189 38.29 -9.26 -65.15
CA TYR F 189 37.93 -7.85 -65.04
C TYR F 189 38.97 -7.10 -64.22
N VAL F 190 39.31 -5.91 -64.70
CA VAL F 190 40.10 -4.95 -63.93
C VAL F 190 39.16 -3.84 -63.46
N ARG F 191 39.64 -3.07 -62.50
CA ARG F 191 38.81 -2.10 -61.78
C ARG F 191 39.26 -0.69 -62.14
N LYS F 192 38.31 0.12 -62.62
CA LYS F 192 38.58 1.49 -63.05
C LYS F 192 37.34 2.34 -62.83
N ASP F 193 37.54 3.52 -62.22
CA ASP F 193 36.50 4.55 -62.11
C ASP F 193 35.25 4.03 -61.41
N GLY F 194 35.43 3.14 -60.43
CA GLY F 194 34.27 2.57 -59.76
C GLY F 194 33.46 1.64 -60.63
N GLU F 195 34.08 0.97 -61.59
CA GLU F 195 33.38 0.05 -62.47
C GLU F 195 34.30 -1.10 -62.86
N TRP F 196 33.71 -2.27 -63.13
CA TRP F 196 34.43 -3.47 -63.55
C TRP F 196 34.50 -3.46 -65.08
N VAL F 197 35.56 -2.89 -65.61
CA VAL F 197 35.83 -2.92 -67.05
C VAL F 197 36.57 -4.20 -67.37
N LEU F 198 36.24 -4.82 -68.51
CA LEU F 198 36.87 -6.07 -68.90
C LEU F 198 38.38 -5.89 -69.11
N LEU F 199 39.12 -6.98 -68.94
CA LEU F 199 40.55 -6.96 -69.22
C LEU F 199 40.85 -7.12 -70.70
N SER F 200 39.92 -7.68 -71.47
CA SER F 200 40.11 -7.83 -72.91
C SER F 200 40.24 -6.47 -73.59
N THR F 201 39.57 -5.45 -73.06
CA THR F 201 39.64 -4.12 -73.66
C THR F 201 40.98 -3.43 -73.45
N PHE F 202 41.88 -4.03 -72.68
CA PHE F 202 43.16 -3.41 -72.36
C PHE F 202 44.33 -4.12 -73.00
N LEU F 203 44.09 -5.23 -73.69
CA LEU F 203 45.12 -5.99 -74.38
C LEU F 203 44.89 -5.99 -75.88
N SER F 204 44.24 -4.93 -76.39
CA SER F 204 43.91 -4.79 -77.81
C SER F 204 44.30 -3.38 -78.24
N GLY F 205 45.60 -3.18 -78.47
CA GLY F 205 46.09 -1.88 -78.91
C GLY F 205 47.15 -1.97 -79.99
N ARG F 206 48.36 -1.51 -79.67
CA ARG F 206 49.47 -1.52 -80.62
C ARG F 206 50.78 -1.20 -79.92
N LEU F 207 51.78 -2.06 -80.09
CA LEU F 207 53.04 -1.89 -79.38
C LEU F 207 53.81 -0.68 -79.92
N VAL F 208 54.24 0.20 -79.02
CA VAL F 208 55.03 1.38 -79.40
C VAL F 208 56.19 1.58 -78.43
N GLN G 1 -14.19 -45.77 -21.48
CA GLN G 1 -14.10 -46.99 -22.27
C GLN G 1 -12.65 -47.17 -22.75
N VAL G 2 -11.72 -46.51 -22.05
CA VAL G 2 -10.32 -46.50 -22.42
C VAL G 2 -9.55 -47.41 -21.47
N GLN G 3 -8.43 -47.95 -21.97
CA GLN G 3 -7.58 -48.84 -21.17
C GLN G 3 -6.13 -48.60 -21.57
N LEU G 4 -5.23 -48.83 -20.61
CA LEU G 4 -3.81 -48.58 -20.79
C LEU G 4 -3.03 -49.79 -20.29
N GLN G 5 -2.14 -50.31 -21.13
CA GLN G 5 -1.43 -51.55 -20.84
C GLN G 5 0.07 -51.33 -21.02
N GLU G 6 0.81 -51.39 -19.91
CA GLU G 6 2.26 -51.30 -19.97
C GLU G 6 2.86 -52.58 -20.55
N SER G 7 4.05 -52.44 -21.13
CA SER G 7 4.75 -53.56 -21.72
C SER G 7 6.24 -53.22 -21.81
N GLY G 8 7.09 -54.22 -21.55
CA GLY G 8 8.52 -54.03 -21.62
C GLY G 8 9.28 -55.16 -20.95
N PRO G 9 10.61 -55.09 -20.98
CA PRO G 9 11.41 -56.13 -20.35
C PRO G 9 11.26 -56.09 -18.83
N GLY G 10 11.23 -57.28 -18.22
CA GLY G 10 11.11 -57.37 -16.78
C GLY G 10 12.35 -56.95 -16.02
N LEU G 11 13.52 -57.13 -16.62
CA LEU G 11 14.77 -56.64 -16.04
C LEU G 11 15.66 -56.12 -17.15
N VAL G 12 16.22 -54.92 -16.94
CA VAL G 12 17.24 -54.38 -17.82
C VAL G 12 18.50 -54.19 -16.99
N LYS G 13 19.64 -54.45 -17.62
CA LYS G 13 20.90 -54.52 -16.90
C LYS G 13 21.38 -53.12 -16.52
N PRO G 14 22.27 -53.01 -15.54
CA PRO G 14 22.78 -51.70 -15.13
C PRO G 14 23.39 -50.94 -16.30
N SER G 15 23.07 -49.64 -16.37
CA SER G 15 23.58 -48.71 -17.36
C SER G 15 23.13 -49.04 -18.79
N GLU G 16 22.09 -49.85 -18.94
CA GLU G 16 21.52 -50.07 -20.26
C GLU G 16 20.47 -48.99 -20.55
N THR G 17 19.56 -49.26 -21.47
CA THR G 17 18.46 -48.36 -21.79
C THR G 17 17.17 -49.09 -21.43
N LEU G 18 16.58 -48.71 -20.29
CA LEU G 18 15.27 -49.23 -19.92
C LEU G 18 14.23 -48.75 -20.90
N SER G 19 13.51 -49.69 -21.52
CA SER G 19 12.47 -49.37 -22.48
C SER G 19 11.14 -49.90 -21.98
N LEU G 20 10.08 -49.14 -22.25
CA LEU G 20 8.72 -49.53 -21.90
C LEU G 20 7.78 -48.93 -22.94
N THR G 21 6.60 -49.52 -23.05
CA THR G 21 5.65 -49.11 -24.09
C THR G 21 4.23 -49.32 -23.58
N CYS G 22 3.47 -48.24 -23.50
CA CYS G 22 2.09 -48.29 -23.03
C CYS G 22 1.13 -48.25 -24.21
N THR G 23 0.24 -49.23 -24.26
CA THR G 23 -0.67 -49.43 -25.39
C THR G 23 -2.08 -49.02 -24.97
N VAL G 24 -2.66 -48.08 -25.72
CA VAL G 24 -3.94 -47.47 -25.38
C VAL G 24 -5.05 -48.19 -26.13
N SER G 25 -6.05 -48.66 -25.40
CA SER G 25 -7.16 -49.41 -25.98
C SER G 25 -8.46 -48.73 -25.58
N GLY G 26 -9.06 -47.98 -26.50
CA GLY G 26 -10.35 -47.38 -26.23
C GLY G 26 -10.47 -45.92 -26.62
N ALA G 27 -9.36 -45.31 -27.01
CA ALA G 27 -9.37 -43.90 -27.41
C ALA G 27 -8.14 -43.62 -28.27
N SER G 28 -8.17 -42.46 -28.93
CA SER G 28 -7.07 -42.05 -29.81
C SER G 28 -6.03 -41.28 -29.03
N VAL G 29 -4.76 -41.55 -29.36
CA VAL G 29 -3.63 -40.98 -28.62
C VAL G 29 -3.65 -39.45 -28.68
N SER G 30 -4.12 -38.88 -29.79
CA SER G 30 -4.09 -37.44 -30.01
C SER G 30 -4.90 -36.64 -29.01
N SER G 31 -5.64 -37.28 -28.08
CA SER G 31 -6.62 -36.57 -27.27
C SER G 31 -6.26 -36.53 -25.78
N TYR G 32 -5.03 -36.86 -25.41
CA TYR G 32 -4.70 -36.95 -23.99
C TYR G 32 -3.28 -36.50 -23.72
N PHE G 33 -3.05 -36.03 -22.49
CA PHE G 33 -1.71 -35.89 -21.95
C PHE G 33 -1.22 -37.26 -21.50
N TRP G 34 0.03 -37.60 -21.84
CA TRP G 34 0.56 -38.94 -21.62
C TRP G 34 1.71 -38.88 -20.64
N SER G 35 1.45 -39.29 -19.41
CA SER G 35 2.41 -39.20 -18.32
C SER G 35 2.95 -40.58 -17.98
N TRP G 36 4.16 -40.60 -17.43
CA TRP G 36 4.79 -41.81 -16.90
C TRP G 36 5.08 -41.57 -15.43
N ILE G 37 4.59 -42.46 -14.57
CA ILE G 37 4.80 -42.37 -13.12
C ILE G 37 5.38 -43.70 -12.66
N ARG G 38 6.44 -43.65 -11.85
CA ARG G 38 7.06 -44.85 -11.32
C ARG G 38 7.01 -44.82 -9.79
N GLN G 39 7.12 -46.02 -9.21
CA GLN G 39 7.09 -46.18 -7.76
C GLN G 39 8.06 -47.27 -7.34
N PRO G 40 9.10 -46.94 -6.57
CA PRO G 40 10.05 -47.96 -6.12
C PRO G 40 9.41 -48.91 -5.11
N ALA G 41 10.17 -49.89 -4.65
CA ALA G 41 9.65 -50.87 -3.70
C ALA G 41 9.33 -50.19 -2.38
N GLY G 42 8.05 -50.02 -2.09
CA GLY G 42 7.61 -49.43 -0.84
C GLY G 42 8.04 -47.99 -0.62
N LYS G 43 7.90 -47.14 -1.64
CA LYS G 43 8.29 -45.74 -1.55
C LYS G 43 7.22 -44.89 -2.23
N ALA G 44 7.40 -43.58 -2.17
CA ALA G 44 6.40 -42.65 -2.69
C ALA G 44 6.40 -42.66 -4.22
N LEU G 45 5.34 -42.11 -4.79
CA LEU G 45 5.20 -42.03 -6.24
C LEU G 45 6.11 -40.95 -6.81
N GLU G 46 6.72 -41.24 -7.95
CA GLU G 46 7.55 -40.28 -8.66
C GLU G 46 7.01 -40.10 -10.07
N TRP G 47 6.70 -38.87 -10.42
CA TRP G 47 6.22 -38.54 -11.75
C TRP G 47 7.42 -38.34 -12.68
N ILE G 48 7.50 -39.14 -13.73
CA ILE G 48 8.66 -39.10 -14.62
C ILE G 48 8.57 -37.93 -15.59
N GLY G 49 7.55 -37.95 -16.45
CA GLY G 49 7.36 -36.88 -17.41
C GLY G 49 5.99 -37.02 -18.04
N ARG G 50 5.72 -36.11 -18.99
CA ARG G 50 4.46 -36.13 -19.71
C ARG G 50 4.69 -35.61 -21.12
N ILE G 51 4.02 -36.23 -22.08
CA ILE G 51 4.14 -35.84 -23.48
C ILE G 51 2.75 -35.76 -24.08
N TYR G 52 2.59 -34.84 -25.02
CA TYR G 52 1.37 -34.73 -25.82
C TYR G 52 1.78 -34.59 -27.28
N THR G 53 0.92 -35.09 -28.17
CA THR G 53 1.23 -35.10 -29.60
C THR G 53 1.60 -33.69 -30.07
N SER G 54 2.64 -33.63 -30.92
CA SER G 54 3.21 -32.40 -31.49
C SER G 54 4.24 -31.75 -30.58
N GLY G 55 4.94 -32.56 -29.79
CA GLY G 55 6.15 -32.13 -29.12
C GLY G 55 5.93 -31.83 -27.65
N ASN G 56 6.91 -31.14 -27.07
CA ASN G 56 6.95 -30.78 -25.66
C ASN G 56 6.92 -32.01 -24.77
N THR G 57 8.10 -32.52 -24.41
CA THR G 57 8.21 -33.63 -23.48
C THR G 57 8.73 -33.08 -22.15
N LYS G 58 7.83 -32.45 -21.40
CA LYS G 58 8.17 -31.93 -20.08
C LYS G 58 8.42 -33.08 -19.11
N SER G 59 9.52 -33.00 -18.36
CA SER G 59 9.91 -34.09 -17.49
C SER G 59 10.34 -33.54 -16.14
N ASN G 60 10.22 -34.41 -15.13
CA ASN G 60 10.77 -34.13 -13.81
C ASN G 60 12.26 -33.82 -13.94
N PRO G 61 12.76 -32.77 -13.29
CA PRO G 61 14.19 -32.45 -13.39
C PRO G 61 15.10 -33.57 -12.88
N SER G 62 14.59 -34.47 -12.04
CA SER G 62 15.43 -35.52 -11.49
C SER G 62 16.01 -36.42 -12.58
N LEU G 63 15.22 -36.69 -13.61
CA LEU G 63 15.59 -37.67 -14.63
C LEU G 63 15.68 -37.08 -16.03
N GLU G 64 15.53 -35.76 -16.17
CA GLU G 64 15.48 -35.15 -17.49
C GLU G 64 16.75 -35.42 -18.29
N SER G 65 17.90 -35.54 -17.62
CA SER G 65 19.14 -35.88 -18.30
C SER G 65 19.06 -37.25 -18.97
N ARG G 66 18.15 -38.12 -18.53
CA ARG G 66 18.13 -39.52 -18.96
C ARG G 66 16.78 -39.97 -19.50
N VAL G 67 15.78 -39.09 -19.55
CA VAL G 67 14.42 -39.49 -19.89
C VAL G 67 14.13 -39.18 -21.35
N THR G 68 13.23 -39.98 -21.93
CA THR G 68 12.80 -39.80 -23.31
C THR G 68 11.50 -40.56 -23.50
N MET G 69 10.46 -39.87 -23.95
CA MET G 69 9.20 -40.51 -24.30
C MET G 69 8.71 -39.97 -25.62
N SER G 70 8.18 -40.85 -26.45
CA SER G 70 7.53 -40.50 -27.70
C SER G 70 6.16 -41.16 -27.73
N LEU G 71 5.38 -40.87 -28.77
CA LEU G 71 4.02 -41.38 -28.86
C LEU G 71 3.62 -41.49 -30.32
N ASP G 72 2.94 -42.59 -30.64
CA ASP G 72 2.64 -42.97 -32.03
C ASP G 72 1.12 -43.02 -32.19
N ALA G 73 0.58 -42.05 -32.94
CA ALA G 73 -0.87 -41.95 -33.12
C ALA G 73 -1.45 -43.12 -33.92
N SER G 74 -0.65 -43.74 -34.79
CA SER G 74 -1.17 -44.86 -35.57
C SER G 74 -1.13 -46.17 -34.77
N LYS G 75 -0.03 -46.42 -34.07
CA LYS G 75 0.09 -47.60 -33.22
C LYS G 75 -0.74 -47.49 -31.94
N ASP G 76 -1.27 -46.31 -31.63
CA ASP G 76 -2.02 -46.06 -30.40
C ASP G 76 -1.23 -46.54 -29.18
N GLN G 77 0.00 -46.06 -29.09
CA GLN G 77 0.89 -46.44 -27.99
C GLN G 77 1.96 -45.37 -27.82
N PHE G 78 2.26 -45.04 -26.56
CA PHE G 78 3.35 -44.14 -26.26
C PHE G 78 4.33 -44.85 -25.34
N SER G 79 5.60 -44.57 -25.53
CA SER G 79 6.67 -45.36 -24.94
C SER G 79 7.50 -44.51 -23.99
N LEU G 80 8.64 -45.05 -23.58
CA LEU G 80 9.51 -44.42 -22.58
C LEU G 80 10.87 -45.09 -22.64
N LYS G 81 11.93 -44.28 -22.52
CA LYS G 81 13.30 -44.78 -22.54
C LYS G 81 14.10 -44.06 -21.47
N LEU G 82 14.78 -44.82 -20.62
CA LEU G 82 15.64 -44.27 -19.57
C LEU G 82 17.06 -44.74 -19.83
N THR G 83 17.92 -43.83 -20.25
CA THR G 83 19.31 -44.15 -20.52
C THR G 83 20.10 -44.31 -19.22
N SER G 84 21.12 -45.16 -19.27
CA SER G 84 22.03 -45.38 -18.14
C SER G 84 21.26 -45.70 -16.88
N VAL G 85 20.84 -46.93 -16.72
CA VAL G 85 19.92 -47.32 -15.65
C VAL G 85 20.72 -47.73 -14.43
N THR G 86 20.12 -47.55 -13.26
CA THR G 86 20.74 -47.83 -11.96
C THR G 86 19.84 -48.77 -11.17
N ALA G 87 20.39 -49.33 -10.10
CA ALA G 87 19.57 -50.08 -9.15
C ALA G 87 18.54 -49.17 -8.51
N ALA G 88 18.79 -47.86 -8.47
CA ALA G 88 17.82 -46.92 -7.92
C ALA G 88 16.54 -46.90 -8.74
N ASP G 89 16.66 -47.02 -10.07
CA ASP G 89 15.52 -46.99 -10.97
C ASP G 89 14.71 -48.29 -10.94
N THR G 90 15.05 -49.23 -10.07
CA THR G 90 14.24 -50.43 -9.88
C THR G 90 12.93 -50.04 -9.24
N ALA G 91 11.83 -50.17 -9.98
CA ALA G 91 10.55 -49.66 -9.54
C ALA G 91 9.45 -50.24 -10.41
N VAL G 92 8.21 -50.02 -9.99
CA VAL G 92 7.04 -50.29 -10.82
C VAL G 92 6.80 -49.06 -11.68
N TYR G 93 6.41 -49.28 -12.94
CA TYR G 93 6.27 -48.18 -13.89
C TYR G 93 4.83 -48.13 -14.39
N TYR G 94 4.06 -47.19 -13.85
CA TYR G 94 2.70 -46.95 -14.30
C TYR G 94 2.69 -45.92 -15.43
N CYS G 95 1.70 -46.06 -16.31
CA CYS G 95 1.48 -45.13 -17.41
C CYS G 95 0.08 -44.55 -17.26
N ALA G 96 -0.02 -43.23 -17.37
CA ALA G 96 -1.27 -42.53 -17.08
C ALA G 96 -1.62 -41.57 -18.22
N ALA G 97 -2.90 -41.23 -18.29
CA ALA G 97 -3.42 -40.33 -19.30
C ALA G 97 -4.28 -39.26 -18.65
N GLY G 98 -4.41 -38.12 -19.32
CA GLY G 98 -5.18 -37.01 -18.79
C GLY G 98 -5.94 -36.28 -19.89
N ARG G 99 -7.11 -35.78 -19.52
CA ARG G 99 -7.95 -35.04 -20.48
C ARG G 99 -7.21 -33.84 -21.03
N LEU G 100 -7.46 -33.53 -22.30
CA LEU G 100 -6.72 -32.50 -23.04
C LEU G 100 -7.72 -31.62 -23.78
N ASP G 101 -8.16 -30.54 -23.14
CA ASP G 101 -8.90 -29.49 -23.84
C ASP G 101 -7.94 -28.71 -24.72
N TYR G 102 -8.00 -28.93 -26.03
CA TYR G 102 -7.19 -28.15 -26.95
C TYR G 102 -7.46 -26.66 -26.79
N SER G 103 -8.68 -26.28 -26.38
CA SER G 103 -9.01 -24.88 -26.21
C SER G 103 -8.27 -24.26 -25.02
N ASP G 104 -8.03 -25.05 -23.97
CA ASP G 104 -7.38 -24.55 -22.75
C ASP G 104 -5.95 -24.14 -23.05
N THR G 105 -5.74 -22.85 -23.34
CA THR G 105 -4.41 -22.36 -23.70
C THR G 105 -3.41 -22.49 -22.56
N THR G 106 -3.89 -22.62 -21.32
CA THR G 106 -3.01 -22.60 -20.17
C THR G 106 -2.69 -23.98 -19.62
N GLY G 107 -3.36 -25.02 -20.10
CA GLY G 107 -3.14 -26.35 -19.53
C GLY G 107 -1.83 -26.99 -19.94
N TYR G 108 -1.22 -26.51 -21.03
CA TYR G 108 0.08 -27.03 -21.44
C TYR G 108 1.18 -26.68 -20.45
N TYR G 109 0.99 -25.63 -19.66
CA TYR G 109 1.99 -25.08 -18.76
C TYR G 109 1.58 -25.30 -17.31
N LYS G 110 1.09 -26.52 -17.04
CA LYS G 110 0.55 -26.94 -15.76
C LYS G 110 0.66 -28.45 -15.79
N PRO G 111 1.04 -29.10 -14.69
CA PRO G 111 1.17 -30.55 -14.68
C PRO G 111 -0.07 -31.21 -15.25
N PRO G 112 0.10 -32.27 -16.04
CA PRO G 112 -1.06 -32.93 -16.62
C PRO G 112 -1.93 -33.52 -15.53
N PRO G 113 -3.24 -33.57 -15.74
CA PRO G 113 -4.10 -34.34 -14.83
C PRO G 113 -3.89 -35.82 -15.04
N LEU G 114 -4.20 -36.59 -14.01
CA LEU G 114 -3.97 -38.04 -14.00
C LEU G 114 -5.33 -38.75 -13.94
N ASP G 115 -6.02 -38.79 -15.07
CA ASP G 115 -7.36 -39.33 -15.11
C ASP G 115 -7.36 -40.86 -15.12
N TYR G 116 -6.70 -41.45 -16.13
CA TYR G 116 -6.71 -42.89 -16.33
C TYR G 116 -5.31 -43.47 -16.09
N TRP G 117 -5.27 -44.69 -15.57
CA TRP G 117 -4.04 -45.34 -15.15
C TRP G 117 -3.91 -46.72 -15.75
N GLY G 118 -2.68 -47.12 -16.07
CA GLY G 118 -2.39 -48.47 -16.49
C GLY G 118 -2.22 -49.40 -15.30
N GLN G 119 -1.81 -50.63 -15.59
CA GLN G 119 -1.63 -51.63 -14.55
C GLN G 119 -0.25 -51.61 -13.91
N GLY G 120 0.72 -50.96 -14.55
CA GLY G 120 2.07 -50.90 -14.00
C GLY G 120 2.94 -52.04 -14.46
N ALA G 121 4.21 -51.75 -14.71
CA ALA G 121 5.20 -52.73 -15.13
C ALA G 121 6.36 -52.70 -14.15
N LEU G 122 6.75 -53.86 -13.64
CA LEU G 122 7.89 -53.97 -12.74
C LEU G 122 9.14 -54.20 -13.56
N VAL G 123 10.07 -53.25 -13.52
CA VAL G 123 11.39 -53.40 -14.11
C VAL G 123 12.39 -53.42 -12.98
N THR G 124 12.96 -54.60 -12.72
CA THR G 124 13.98 -54.79 -11.70
C THR G 124 15.34 -54.75 -12.35
N VAL G 125 16.16 -53.77 -11.99
CA VAL G 125 17.39 -53.49 -12.70
C VAL G 125 18.53 -54.16 -11.94
N SER G 126 18.99 -55.29 -12.47
CA SER G 126 20.05 -56.07 -11.85
C SER G 126 20.94 -56.65 -12.95
N SER G 127 22.03 -57.27 -12.52
CA SER G 127 22.95 -57.94 -13.44
C SER G 127 22.79 -59.46 -13.43
N ALA G 128 21.80 -60.03 -12.71
CA ALA G 128 21.66 -61.51 -12.58
C ALA G 128 20.69 -62.03 -13.62
N SER G 129 21.05 -63.15 -14.25
CA SER G 129 20.29 -63.66 -15.38
C SER G 129 18.92 -64.18 -14.93
N THR G 130 17.98 -64.16 -15.87
CA THR G 130 16.63 -64.67 -15.59
C THR G 130 16.68 -66.16 -15.30
N LYS G 131 15.83 -66.61 -14.38
CA LYS G 131 15.73 -68.03 -14.04
C LYS G 131 14.27 -68.45 -13.97
N GLY G 132 13.91 -69.44 -14.79
CA GLY G 132 12.59 -70.04 -14.72
C GLY G 132 12.37 -70.74 -13.41
N PRO G 133 11.16 -70.65 -12.86
CA PRO G 133 10.90 -71.17 -11.52
C PRO G 133 10.55 -72.66 -11.51
N SER G 134 10.85 -73.28 -10.37
CA SER G 134 10.41 -74.64 -10.08
C SER G 134 9.12 -74.57 -9.28
N VAL G 135 8.12 -75.36 -9.68
CA VAL G 135 6.80 -75.34 -9.07
C VAL G 135 6.53 -76.72 -8.47
N PHE G 136 6.32 -76.76 -7.16
CA PHE G 136 6.09 -77.97 -6.39
C PHE G 136 4.71 -77.95 -5.75
N PRO G 137 4.09 -79.10 -5.55
CA PRO G 137 2.73 -79.11 -4.99
C PRO G 137 2.69 -79.16 -3.47
N LEU G 138 1.97 -78.20 -2.88
CA LEU G 138 1.65 -78.22 -1.45
C LEU G 138 0.33 -78.95 -1.29
N ALA G 139 0.39 -80.24 -0.98
CA ALA G 139 -0.78 -81.09 -0.91
C ALA G 139 -1.19 -81.34 0.53
N PRO G 140 -2.46 -81.67 0.77
CA PRO G 140 -2.86 -81.98 2.15
C PRO G 140 -2.34 -83.35 2.57
N SER G 141 -1.67 -83.38 3.72
CA SER G 141 -1.37 -84.66 4.34
C SER G 141 -2.67 -85.42 4.56
N SER G 142 -2.73 -86.65 4.07
CA SER G 142 -3.97 -87.40 4.05
C SER G 142 -4.56 -87.54 5.45
N LYS G 143 -5.87 -87.77 5.50
CA LYS G 143 -6.66 -87.94 6.72
C LYS G 143 -6.87 -86.62 7.47
N SER G 144 -5.94 -85.68 7.34
CA SER G 144 -6.05 -84.42 8.07
C SER G 144 -7.28 -83.63 7.67
N THR G 145 -7.90 -83.97 6.53
CA THR G 145 -9.13 -83.35 6.08
C THR G 145 -10.25 -83.52 7.10
N SER G 146 -10.61 -82.46 7.81
CA SER G 146 -11.62 -82.55 8.85
C SER G 146 -12.35 -81.22 8.97
N GLY G 147 -13.66 -81.29 9.18
CA GLY G 147 -14.43 -80.08 9.41
C GLY G 147 -14.84 -79.31 8.19
N GLY G 148 -14.87 -79.94 7.02
CA GLY G 148 -15.25 -79.25 5.81
C GLY G 148 -14.06 -78.60 5.13
N THR G 149 -13.53 -77.54 5.74
CA THR G 149 -12.42 -76.80 5.15
C THR G 149 -11.19 -77.70 4.98
N ALA G 150 -10.71 -77.80 3.74
CA ALA G 150 -9.47 -78.48 3.42
C ALA G 150 -8.61 -77.57 2.55
N ALA G 151 -7.29 -77.75 2.65
CA ALA G 151 -6.34 -76.79 2.08
C ALA G 151 -5.32 -77.47 1.18
N LEU G 152 -5.02 -76.81 0.06
CA LEU G 152 -3.96 -77.22 -0.86
C LEU G 152 -3.38 -75.97 -1.50
N GLY G 153 -2.23 -76.13 -2.13
CA GLY G 153 -1.61 -74.98 -2.75
C GLY G 153 -0.39 -75.36 -3.56
N CYS G 154 0.31 -74.32 -4.05
CA CYS G 154 1.49 -74.47 -4.86
C CYS G 154 2.68 -73.74 -4.23
N LEU G 155 3.88 -74.11 -4.69
CA LEU G 155 5.13 -73.54 -4.20
C LEU G 155 5.98 -73.16 -5.40
N VAL G 156 5.96 -71.88 -5.77
CA VAL G 156 6.77 -71.37 -6.86
C VAL G 156 8.09 -70.91 -6.27
N LYS G 157 9.15 -71.69 -6.50
CA LYS G 157 10.41 -71.54 -5.80
C LYS G 157 11.54 -71.23 -6.77
N ASP G 158 12.47 -70.39 -6.32
CA ASP G 158 13.71 -70.12 -7.04
C ASP G 158 13.46 -69.52 -8.41
N TYR G 159 13.23 -68.21 -8.46
CA TYR G 159 13.09 -67.50 -9.73
C TYR G 159 13.63 -66.09 -9.56
N PHE G 160 14.00 -65.49 -10.70
CA PHE G 160 14.52 -64.13 -10.72
C PHE G 160 14.45 -63.65 -12.16
N PRO G 161 14.05 -62.41 -12.40
CA PRO G 161 13.60 -61.41 -11.43
C PRO G 161 12.11 -61.54 -11.19
N GLU G 162 11.48 -60.57 -10.54
CA GLU G 162 10.05 -60.66 -10.32
C GLU G 162 9.28 -60.08 -11.50
N PRO G 163 8.01 -60.45 -11.65
CA PRO G 163 7.21 -61.35 -10.82
C PRO G 163 6.67 -62.61 -11.52
N VAL G 164 6.12 -63.53 -10.72
CA VAL G 164 5.38 -64.68 -11.24
C VAL G 164 3.91 -64.49 -10.90
N THR G 165 3.05 -65.00 -11.78
CA THR G 165 1.61 -64.93 -11.61
C THR G 165 1.04 -66.34 -11.52
N VAL G 166 0.16 -66.56 -10.55
CA VAL G 166 -0.41 -67.88 -10.28
C VAL G 166 -1.93 -67.78 -10.33
N SER G 167 -2.53 -68.50 -11.26
CA SER G 167 -3.97 -68.71 -11.30
C SER G 167 -4.27 -70.17 -10.98
N TRP G 168 -5.54 -70.46 -10.75
CA TRP G 168 -5.98 -71.81 -10.37
C TRP G 168 -7.07 -72.25 -11.33
N ASN G 169 -6.85 -73.41 -11.97
CA ASN G 169 -7.80 -73.96 -12.94
C ASN G 169 -8.09 -72.96 -14.05
N SER G 170 -7.04 -72.32 -14.56
CA SER G 170 -7.13 -71.34 -15.63
C SER G 170 -7.97 -70.14 -15.25
N GLY G 171 -8.04 -69.84 -13.95
CA GLY G 171 -8.83 -68.73 -13.45
C GLY G 171 -10.25 -69.09 -13.06
N ALA G 172 -10.68 -70.33 -13.27
CA ALA G 172 -12.03 -70.73 -12.90
C ALA G 172 -12.22 -70.85 -11.39
N LEU G 173 -11.12 -70.93 -10.63
CA LEU G 173 -11.18 -71.05 -9.19
C LEU G 173 -10.60 -69.79 -8.56
N THR G 174 -11.43 -69.04 -7.84
CA THR G 174 -10.98 -67.85 -7.13
C THR G 174 -11.47 -67.74 -5.70
N SER G 175 -12.56 -68.41 -5.33
CA SER G 175 -13.06 -68.36 -3.95
C SER G 175 -12.08 -69.06 -3.03
N GLY G 176 -11.41 -68.29 -2.18
CA GLY G 176 -10.50 -68.83 -1.20
C GLY G 176 -9.03 -68.84 -1.59
N VAL G 177 -8.67 -68.20 -2.70
CA VAL G 177 -7.30 -68.21 -3.18
C VAL G 177 -6.55 -67.03 -2.58
N HIS G 178 -5.48 -67.33 -1.85
CA HIS G 178 -4.52 -66.33 -1.39
C HIS G 178 -3.17 -66.66 -2.02
N THR G 179 -2.64 -65.74 -2.81
CA THR G 179 -1.32 -65.90 -3.41
C THR G 179 -0.35 -64.99 -2.67
N PHE G 180 0.55 -65.59 -1.91
CA PHE G 180 1.35 -64.84 -0.95
C PHE G 180 2.41 -64.00 -1.67
N PRO G 181 2.82 -62.88 -1.06
CA PRO G 181 3.91 -62.10 -1.63
C PRO G 181 5.19 -62.92 -1.68
N ALA G 182 5.95 -62.71 -2.75
CA ALA G 182 7.24 -63.39 -2.88
C ALA G 182 8.16 -62.98 -1.73
N VAL G 183 9.11 -63.87 -1.44
CA VAL G 183 10.16 -63.58 -0.47
C VAL G 183 11.50 -63.85 -1.15
N LEU G 184 12.46 -62.96 -0.91
CA LEU G 184 13.79 -63.11 -1.51
C LEU G 184 14.61 -64.04 -0.63
N GLN G 185 14.88 -65.24 -1.14
CA GLN G 185 15.73 -66.18 -0.42
C GLN G 185 17.18 -65.70 -0.44
N SER G 186 17.99 -66.29 0.46
CA SER G 186 19.39 -65.88 0.59
C SER G 186 20.19 -66.07 -0.68
N SER G 187 19.72 -66.91 -1.60
CA SER G 187 20.42 -67.17 -2.86
C SER G 187 20.25 -66.06 -3.89
N GLY G 188 19.59 -64.96 -3.53
CA GLY G 188 19.26 -63.93 -4.50
C GLY G 188 18.08 -64.26 -5.39
N LEU G 189 17.41 -65.39 -5.15
CA LEU G 189 16.25 -65.81 -5.91
C LEU G 189 14.99 -65.68 -5.06
N TYR G 190 13.86 -65.47 -5.73
CA TYR G 190 12.58 -65.26 -5.08
C TYR G 190 11.79 -66.56 -4.99
N SER G 191 10.78 -66.54 -4.13
CA SER G 191 9.94 -67.71 -3.90
C SER G 191 8.64 -67.27 -3.23
N LEU G 192 7.52 -67.84 -3.68
CA LEU G 192 6.24 -67.56 -3.08
C LEU G 192 5.39 -68.82 -3.13
N SER G 193 4.26 -68.77 -2.42
CA SER G 193 3.30 -69.85 -2.38
C SER G 193 1.91 -69.32 -2.66
N SER G 194 1.12 -70.08 -3.41
CA SER G 194 -0.28 -69.78 -3.66
C SER G 194 -1.12 -70.91 -3.10
N VAL G 195 -2.10 -70.56 -2.27
CA VAL G 195 -2.94 -71.55 -1.61
C VAL G 195 -4.41 -71.26 -1.90
N VAL G 196 -5.23 -72.27 -1.69
CA VAL G 196 -6.67 -72.18 -1.92
C VAL G 196 -7.38 -73.10 -0.93
N THR G 197 -8.52 -72.64 -0.42
CA THR G 197 -9.32 -73.43 0.51
C THR G 197 -10.54 -73.98 -0.21
N VAL G 198 -10.74 -75.29 -0.12
CA VAL G 198 -11.87 -75.96 -0.78
C VAL G 198 -12.48 -76.97 0.20
N PRO G 199 -13.73 -77.34 -0.02
CA PRO G 199 -14.36 -78.34 0.86
C PRO G 199 -13.62 -79.66 0.86
N SER G 200 -13.78 -80.41 1.96
CA SER G 200 -13.06 -81.68 2.10
C SER G 200 -13.47 -82.66 1.00
N SER G 201 -14.77 -82.81 0.78
CA SER G 201 -15.24 -83.77 -0.22
C SER G 201 -14.94 -83.36 -1.64
N SER G 202 -14.15 -82.30 -1.84
CA SER G 202 -13.74 -81.92 -3.18
C SER G 202 -12.62 -82.80 -3.71
N LEU G 203 -11.79 -83.33 -2.82
CA LEU G 203 -10.63 -84.12 -3.23
C LEU G 203 -11.07 -85.41 -3.90
N GLY G 204 -10.26 -85.88 -4.84
CA GLY G 204 -10.55 -87.13 -5.51
C GLY G 204 -11.58 -87.02 -6.61
N THR G 205 -12.52 -86.08 -6.45
CA THR G 205 -13.54 -85.84 -7.46
C THR G 205 -13.27 -84.59 -8.30
N GLN G 206 -12.66 -83.56 -7.72
CA GLN G 206 -12.35 -82.33 -8.42
C GLN G 206 -10.87 -82.27 -8.77
N THR G 207 -10.58 -81.61 -9.89
CA THR G 207 -9.21 -81.45 -10.38
C THR G 207 -8.69 -80.07 -10.00
N TYR G 208 -7.46 -80.02 -9.50
CA TYR G 208 -6.84 -78.77 -9.04
C TYR G 208 -5.48 -78.62 -9.69
N ILE G 209 -5.31 -77.57 -10.49
CA ILE G 209 -4.05 -77.28 -11.16
C ILE G 209 -3.77 -75.79 -11.01
N CYS G 210 -2.59 -75.45 -10.51
CA CYS G 210 -2.16 -74.07 -10.47
C CYS G 210 -1.31 -73.76 -11.70
N ASN G 211 -1.55 -72.61 -12.30
CA ASN G 211 -0.89 -72.20 -13.53
C ASN G 211 0.04 -71.03 -13.24
N VAL G 212 1.34 -71.25 -13.40
CA VAL G 212 2.36 -70.28 -13.02
C VAL G 212 2.95 -69.69 -14.29
N ASN G 213 2.92 -68.37 -14.40
CA ASN G 213 3.51 -67.65 -15.52
C ASN G 213 4.66 -66.78 -15.00
N HIS G 214 5.86 -67.05 -15.49
CA HIS G 214 7.03 -66.22 -15.23
C HIS G 214 7.38 -65.57 -16.57
N LYS G 215 6.79 -64.40 -16.82
CA LYS G 215 7.02 -63.70 -18.08
C LYS G 215 8.49 -63.43 -18.38
N PRO G 216 9.33 -63.00 -17.41
CA PRO G 216 10.73 -62.72 -17.76
C PRO G 216 11.49 -63.91 -18.34
N SER G 217 11.08 -65.14 -18.02
CA SER G 217 11.73 -66.34 -18.54
C SER G 217 10.91 -67.04 -19.60
N ASN G 218 9.78 -66.46 -20.00
CA ASN G 218 8.86 -67.08 -20.96
C ASN G 218 8.49 -68.50 -20.54
N THR G 219 8.43 -68.72 -19.22
CA THR G 219 8.17 -70.03 -18.64
C THR G 219 6.73 -70.08 -18.15
N LYS G 220 6.04 -71.18 -18.48
CA LYS G 220 4.69 -71.45 -18.00
C LYS G 220 4.64 -72.87 -17.46
N VAL G 221 4.02 -73.04 -16.29
CA VAL G 221 3.98 -74.31 -15.60
C VAL G 221 2.54 -74.59 -15.17
N ASP G 222 2.03 -75.78 -15.50
CA ASP G 222 0.71 -76.23 -15.07
C ASP G 222 0.92 -77.41 -14.12
N LYS G 223 0.74 -77.15 -12.82
CA LYS G 223 1.06 -78.12 -11.78
C LYS G 223 -0.23 -78.66 -11.19
N LYS G 224 -0.47 -79.95 -11.39
CA LYS G 224 -1.59 -80.63 -10.74
C LYS G 224 -1.24 -80.89 -9.28
N VAL G 225 -2.16 -80.58 -8.39
CA VAL G 225 -1.97 -80.81 -6.96
C VAL G 225 -2.97 -81.87 -6.51
N GLU G 226 -2.50 -82.83 -5.72
CA GLU G 226 -3.35 -83.93 -5.27
C GLU G 226 -2.70 -84.59 -4.06
N PRO G 227 -3.49 -85.16 -3.15
CA PRO G 227 -2.91 -85.94 -2.05
C PRO G 227 -2.46 -87.31 -2.54
N LYS G 228 -1.56 -87.93 -1.75
CA LYS G 228 -0.98 -89.22 -2.10
C LYS G 228 -1.14 -90.19 -0.93
N SER G 229 -1.01 -91.48 -1.25
CA SER G 229 -1.07 -92.54 -0.24
C SER G 229 0.31 -93.15 -0.03
N GLN H 1 -12.71 41.43 -28.98
CA GLN H 1 -12.45 42.38 -30.07
C GLN H 1 -12.13 41.61 -31.36
N VAL H 2 -11.97 40.30 -31.23
CA VAL H 2 -11.65 39.44 -32.37
C VAL H 2 -12.94 38.85 -32.92
N GLN H 3 -12.94 38.56 -34.22
CA GLN H 3 -14.09 37.98 -34.90
C GLN H 3 -13.62 36.92 -35.89
N LEU H 4 -14.52 35.99 -36.19
CA LEU H 4 -14.24 34.92 -37.13
C LEU H 4 -15.36 34.87 -38.15
N GLN H 5 -15.01 34.59 -39.41
CA GLN H 5 -15.99 34.59 -40.48
C GLN H 5 -15.72 33.39 -41.40
N GLU H 6 -16.61 32.42 -41.36
CA GLU H 6 -16.54 31.30 -42.27
C GLU H 6 -16.95 31.71 -43.69
N SER H 7 -16.47 30.95 -44.66
CA SER H 7 -16.76 31.23 -46.06
C SER H 7 -16.33 30.04 -46.90
N GLY H 8 -17.10 29.75 -47.95
CA GLY H 8 -16.81 28.65 -48.82
C GLY H 8 -18.04 28.19 -49.58
N PRO H 9 -17.88 27.17 -50.43
CA PRO H 9 -19.02 26.68 -51.21
C PRO H 9 -20.16 26.23 -50.30
N GLY H 10 -21.38 26.57 -50.70
CA GLY H 10 -22.56 26.19 -49.94
C GLY H 10 -23.01 24.77 -50.17
N LEU H 11 -22.65 24.17 -51.30
CA LEU H 11 -22.91 22.77 -51.57
C LEU H 11 -21.74 22.17 -52.32
N VAL H 12 -21.33 20.98 -51.90
CA VAL H 12 -20.30 20.22 -52.59
C VAL H 12 -20.91 18.89 -53.00
N LYS H 13 -20.58 18.45 -54.20
CA LYS H 13 -21.21 17.25 -54.72
C LYS H 13 -20.58 16.01 -54.09
N PRO H 14 -21.33 14.92 -53.98
CA PRO H 14 -20.80 13.72 -53.32
C PRO H 14 -19.50 13.25 -53.97
N SER H 15 -18.55 12.86 -53.12
CA SER H 15 -17.21 12.37 -53.42
C SER H 15 -16.20 13.50 -53.65
N GLU H 16 -16.62 14.77 -53.69
CA GLU H 16 -15.67 15.85 -53.90
C GLU H 16 -14.89 16.15 -52.62
N THR H 17 -14.28 17.34 -52.57
CA THR H 17 -13.53 17.78 -51.40
C THR H 17 -14.19 19.05 -50.88
N LEU H 18 -14.89 18.92 -49.75
CA LEU H 18 -15.43 20.08 -49.07
C LEU H 18 -14.29 20.99 -48.64
N SER H 19 -14.36 22.25 -49.04
CA SER H 19 -13.38 23.25 -48.65
C SER H 19 -14.08 24.43 -47.99
N LEU H 20 -13.48 24.94 -46.93
CA LEU H 20 -13.99 26.09 -46.21
C LEU H 20 -12.81 26.88 -45.67
N THR H 21 -13.08 28.13 -45.30
CA THR H 21 -12.01 29.02 -44.85
C THR H 21 -12.56 29.99 -43.83
N CYS H 22 -12.00 29.97 -42.62
CA CYS H 22 -12.34 30.94 -41.60
C CYS H 22 -11.34 32.08 -41.65
N THR H 23 -11.86 33.30 -41.70
CA THR H 23 -11.06 34.51 -41.82
C THR H 23 -11.15 35.29 -40.51
N VAL H 24 -10.00 35.72 -40.00
CA VAL H 24 -9.88 36.20 -38.63
C VAL H 24 -9.79 37.72 -38.65
N SER H 25 -10.74 38.36 -37.96
CA SER H 25 -10.83 39.82 -37.91
C SER H 25 -10.39 40.30 -36.54
N GLY H 26 -9.18 40.83 -36.46
CA GLY H 26 -8.70 41.49 -35.27
C GLY H 26 -7.76 40.71 -34.38
N ALA H 27 -7.02 39.75 -34.93
CA ALA H 27 -6.08 38.99 -34.12
C ALA H 27 -5.05 38.33 -35.02
N SER H 28 -3.84 38.16 -34.49
CA SER H 28 -2.79 37.44 -35.19
C SER H 28 -3.02 35.95 -35.05
N VAL H 29 -3.04 35.24 -36.19
CA VAL H 29 -3.22 33.80 -36.26
C VAL H 29 -2.12 33.13 -35.45
N SER H 30 -1.01 33.84 -35.26
CA SER H 30 0.12 33.32 -34.49
C SER H 30 -0.26 32.96 -33.07
N SER H 31 -1.38 33.47 -32.56
CA SER H 31 -1.63 33.53 -31.12
C SER H 31 -2.74 32.60 -30.64
N TYR H 32 -3.22 31.67 -31.47
CA TYR H 32 -4.39 30.90 -31.07
C TYR H 32 -4.31 29.46 -31.56
N PHE H 33 -4.99 28.58 -30.85
CA PHE H 33 -5.36 27.27 -31.37
C PHE H 33 -6.59 27.44 -32.26
N TRP H 34 -6.53 26.87 -33.46
CA TRP H 34 -7.61 26.98 -34.43
C TRP H 34 -8.25 25.62 -34.62
N SER H 35 -9.54 25.53 -34.33
CA SER H 35 -10.25 24.28 -34.41
C SER H 35 -11.52 24.46 -35.24
N TRP H 36 -11.96 23.36 -35.84
CA TRP H 36 -13.17 23.32 -36.65
C TRP H 36 -14.20 22.47 -35.92
N ILE H 37 -15.43 22.97 -35.81
CA ILE H 37 -16.51 22.26 -35.16
C ILE H 37 -17.70 22.26 -36.11
N ARG H 38 -18.23 21.07 -36.41
CA ARG H 38 -19.39 20.97 -37.28
C ARG H 38 -20.56 20.38 -36.52
N GLN H 39 -21.76 20.77 -36.93
CA GLN H 39 -22.98 20.30 -36.30
C GLN H 39 -24.00 19.89 -37.36
N PRO H 40 -24.32 18.61 -37.48
CA PRO H 40 -25.34 18.18 -38.42
C PRO H 40 -26.70 18.80 -38.09
N ALA H 41 -27.63 18.65 -39.03
CA ALA H 41 -28.95 19.24 -38.90
C ALA H 41 -29.63 18.81 -37.59
N GLY H 42 -29.65 19.70 -36.60
CA GLY H 42 -30.27 19.41 -35.33
C GLY H 42 -29.70 18.20 -34.63
N LYS H 43 -28.39 18.14 -34.48
CA LYS H 43 -27.72 17.02 -33.84
C LYS H 43 -26.58 17.56 -32.97
N ALA H 44 -25.81 16.64 -32.40
CA ALA H 44 -24.74 17.03 -31.49
C ALA H 44 -23.61 17.71 -32.26
N LEU H 45 -22.95 18.65 -31.57
CA LEU H 45 -21.72 19.22 -32.11
C LEU H 45 -20.68 18.12 -32.30
N GLU H 46 -19.85 18.28 -33.33
CA GLU H 46 -18.73 17.37 -33.55
C GLU H 46 -17.46 18.17 -33.74
N TRP H 47 -16.44 17.85 -32.96
CA TRP H 47 -15.14 18.49 -33.09
C TRP H 47 -14.35 17.82 -34.20
N ILE H 48 -13.86 18.63 -35.15
CA ILE H 48 -13.17 18.08 -36.32
C ILE H 48 -11.69 17.95 -36.02
N GLY H 49 -11.02 19.07 -35.77
CA GLY H 49 -9.60 19.03 -35.45
C GLY H 49 -9.14 20.39 -34.98
N ARG H 50 -7.86 20.45 -34.63
CA ARG H 50 -7.22 21.70 -34.22
C ARG H 50 -5.88 21.85 -34.92
N ILE H 51 -5.46 23.10 -35.10
CA ILE H 51 -4.14 23.40 -35.64
C ILE H 51 -3.59 24.61 -34.88
N TYR H 52 -2.28 24.62 -34.72
CA TYR H 52 -1.57 25.75 -34.15
C TYR H 52 -0.36 26.03 -35.03
N THR H 53 0.00 27.31 -35.11
CA THR H 53 1.01 27.77 -36.06
C THR H 53 2.27 26.92 -35.98
N SER H 54 2.63 26.29 -37.09
CA SER H 54 3.83 25.44 -37.22
C SER H 54 3.73 24.22 -36.33
N GLY H 55 2.77 23.36 -36.64
CA GLY H 55 2.61 22.13 -35.89
C GLY H 55 1.45 21.23 -36.24
N ASN H 56 0.87 20.65 -35.20
CA ASN H 56 -0.14 19.60 -35.32
C ASN H 56 -1.30 20.00 -36.21
N THR H 57 -1.82 19.02 -36.91
CA THR H 57 -3.22 19.01 -37.30
C THR H 57 -3.90 17.91 -36.53
N LYS H 58 -3.87 18.02 -35.20
CA LYS H 58 -4.54 17.07 -34.32
C LYS H 58 -6.05 17.07 -34.59
N SER H 59 -6.57 15.89 -34.93
CA SER H 59 -7.95 15.81 -35.42
C SER H 59 -8.65 14.59 -34.85
N ASN H 60 -9.99 14.68 -34.88
CA ASN H 60 -10.83 13.59 -34.42
C ASN H 60 -10.63 12.36 -35.32
N PRO H 61 -10.58 11.16 -34.75
CA PRO H 61 -10.31 9.97 -35.57
C PRO H 61 -11.37 9.66 -36.62
N SER H 62 -12.63 10.06 -36.40
CA SER H 62 -13.68 9.75 -37.36
C SER H 62 -13.42 10.34 -38.74
N LEU H 63 -12.65 11.43 -38.82
CA LEU H 63 -12.39 12.11 -40.08
C LEU H 63 -10.91 12.30 -40.37
N GLU H 64 -10.01 11.70 -39.58
CA GLU H 64 -8.58 11.98 -39.72
C GLU H 64 -8.08 11.64 -41.11
N SER H 65 -8.58 10.55 -41.69
CA SER H 65 -8.18 10.18 -43.05
C SER H 65 -8.54 11.27 -44.05
N ARG H 66 -9.68 11.93 -43.84
CA ARG H 66 -10.21 12.89 -44.80
C ARG H 66 -9.98 14.34 -44.42
N VAL H 67 -9.56 14.61 -43.19
CA VAL H 67 -9.45 15.98 -42.69
C VAL H 67 -8.06 16.52 -42.99
N THR H 68 -7.99 17.83 -43.20
CA THR H 68 -6.73 18.54 -43.45
C THR H 68 -6.93 20.00 -43.09
N MET H 69 -6.06 20.52 -42.24
CA MET H 69 -6.14 21.92 -41.83
C MET H 69 -4.80 22.59 -42.03
N SER H 70 -4.85 23.85 -42.46
CA SER H 70 -3.68 24.71 -42.53
C SER H 70 -4.15 26.13 -42.28
N LEU H 71 -3.19 27.04 -42.16
CA LEU H 71 -3.50 28.41 -41.76
C LEU H 71 -2.38 29.32 -42.21
N ASP H 72 -2.74 30.45 -42.82
CA ASP H 72 -1.77 31.38 -43.40
C ASP H 72 -1.79 32.67 -42.57
N ALA H 73 -0.61 33.04 -42.05
CA ALA H 73 -0.50 34.24 -41.23
C ALA H 73 -0.42 35.52 -42.05
N SER H 74 -0.04 35.42 -43.34
CA SER H 74 0.00 36.60 -44.19
C SER H 74 -1.42 37.06 -44.55
N LYS H 75 -2.31 36.10 -44.78
CA LYS H 75 -3.72 36.40 -45.05
C LYS H 75 -4.57 36.41 -43.78
N ASP H 76 -4.00 36.05 -42.63
CA ASP H 76 -4.71 35.97 -41.35
C ASP H 76 -6.01 35.19 -41.50
N GLN H 77 -5.87 33.93 -41.87
CA GLN H 77 -7.04 33.07 -42.03
C GLN H 77 -6.60 31.61 -41.92
N PHE H 78 -7.61 30.73 -41.88
CA PHE H 78 -7.43 29.36 -41.41
C PHE H 78 -8.54 28.52 -42.01
N SER H 79 -8.15 27.43 -42.69
CA SER H 79 -9.06 26.72 -43.59
C SER H 79 -9.13 25.24 -43.24
N LEU H 80 -10.02 24.54 -43.96
CA LEU H 80 -10.31 23.14 -43.73
C LEU H 80 -10.59 22.47 -45.06
N LYS H 81 -10.28 21.18 -45.16
CA LYS H 81 -10.50 20.42 -46.37
C LYS H 81 -10.90 18.99 -46.02
N LEU H 82 -12.11 18.60 -46.40
CA LEU H 82 -12.64 17.27 -46.12
C LEU H 82 -12.74 16.51 -47.44
N THR H 83 -11.85 15.54 -47.63
CA THR H 83 -11.83 14.75 -48.85
C THR H 83 -12.98 13.74 -48.88
N SER H 84 -13.35 13.35 -50.10
CA SER H 84 -14.42 12.38 -50.39
C SER H 84 -15.62 12.56 -49.46
N VAL H 85 -16.48 13.51 -49.79
CA VAL H 85 -17.53 13.96 -48.89
C VAL H 85 -18.76 13.06 -49.03
N THR H 86 -19.31 12.65 -47.89
CA THR H 86 -20.57 11.92 -47.83
C THR H 86 -21.72 12.89 -47.64
N ALA H 87 -22.95 12.41 -47.83
CA ALA H 87 -24.12 13.16 -47.40
C ALA H 87 -24.15 13.32 -45.88
N ALA H 88 -23.47 12.43 -45.15
CA ALA H 88 -23.40 12.56 -43.70
C ALA H 88 -22.67 13.82 -43.26
N ASP H 89 -21.83 14.39 -44.12
CA ASP H 89 -21.08 15.60 -43.82
C ASP H 89 -21.88 16.88 -44.08
N THR H 90 -23.20 16.77 -44.24
CA THR H 90 -24.06 17.93 -44.35
C THR H 90 -24.26 18.51 -42.96
N ALA H 91 -23.71 19.70 -42.72
CA ALA H 91 -23.71 20.26 -41.38
C ALA H 91 -23.41 21.75 -41.45
N VAL H 92 -23.69 22.43 -40.35
CA VAL H 92 -23.16 23.77 -40.11
C VAL H 92 -21.73 23.63 -39.63
N TYR H 93 -20.82 24.40 -40.21
CA TYR H 93 -19.40 24.30 -39.91
C TYR H 93 -18.96 25.58 -39.21
N TYR H 94 -18.94 25.55 -37.88
CA TYR H 94 -18.40 26.66 -37.10
C TYR H 94 -16.90 26.47 -36.93
N CYS H 95 -16.16 27.57 -37.05
CA CYS H 95 -14.74 27.55 -36.74
C CYS H 95 -14.52 28.22 -35.39
N ALA H 96 -13.50 27.77 -34.66
CA ALA H 96 -13.28 28.24 -33.31
C ALA H 96 -11.80 28.55 -33.09
N ALA H 97 -11.56 29.50 -32.19
CA ALA H 97 -10.23 29.89 -31.78
C ALA H 97 -10.08 29.73 -30.27
N GLY H 98 -8.87 29.42 -29.84
CA GLY H 98 -8.59 29.23 -28.43
C GLY H 98 -7.30 29.90 -28.02
N ARG H 99 -7.27 30.36 -26.77
CA ARG H 99 -6.08 31.00 -26.24
C ARG H 99 -4.87 30.08 -26.35
N LEU H 100 -3.73 30.65 -26.72
CA LEU H 100 -2.50 29.87 -26.86
C LEU H 100 -1.37 30.61 -26.15
N ASP H 101 -0.88 30.02 -25.08
CA ASP H 101 0.29 30.51 -24.36
C ASP H 101 1.49 29.65 -24.76
N TYR H 102 2.58 30.29 -25.18
CA TYR H 102 3.73 29.54 -25.67
C TYR H 102 4.35 28.66 -24.58
N SER H 103 4.34 29.10 -23.33
CA SER H 103 5.01 28.37 -22.26
C SER H 103 4.21 27.16 -21.78
N ASP H 104 2.89 27.14 -21.97
CA ASP H 104 2.08 26.00 -21.57
C ASP H 104 2.50 24.76 -22.37
N THR H 105 3.62 24.14 -21.97
CA THR H 105 4.13 22.97 -22.66
C THR H 105 3.08 21.88 -22.78
N THR H 106 2.17 21.81 -21.81
CA THR H 106 1.17 20.76 -21.78
C THR H 106 -0.13 21.15 -22.48
N GLY H 107 -0.30 22.43 -22.85
CA GLY H 107 -1.52 22.85 -23.51
C GLY H 107 -1.63 22.41 -24.95
N TYR H 108 -0.51 21.99 -25.56
CA TYR H 108 -0.54 21.42 -26.90
C TYR H 108 -1.10 20.00 -26.90
N TYR H 109 -1.09 19.34 -25.74
CA TYR H 109 -1.49 17.94 -25.62
C TYR H 109 -2.82 17.79 -24.91
N LYS H 110 -3.56 18.89 -24.80
CA LYS H 110 -4.92 19.04 -24.32
C LYS H 110 -5.79 19.56 -25.45
N PRO H 111 -7.01 19.08 -25.59
CA PRO H 111 -7.95 19.68 -26.55
C PRO H 111 -8.05 21.17 -26.31
N PRO H 112 -7.84 21.98 -27.35
CA PRO H 112 -7.74 23.41 -27.14
C PRO H 112 -9.06 23.98 -26.62
N PRO H 113 -9.00 25.07 -25.86
CA PRO H 113 -10.24 25.72 -25.43
C PRO H 113 -10.99 26.32 -26.62
N LEU H 114 -12.30 26.46 -26.44
CA LEU H 114 -13.17 27.00 -27.47
C LEU H 114 -13.63 28.40 -27.07
N ASP H 115 -12.71 29.36 -27.15
CA ASP H 115 -12.98 30.69 -26.66
C ASP H 115 -13.92 31.46 -27.59
N TYR H 116 -13.51 31.64 -28.85
CA TYR H 116 -14.24 32.43 -29.82
C TYR H 116 -14.80 31.56 -30.93
N TRP H 117 -15.97 31.96 -31.44
CA TRP H 117 -16.66 31.23 -32.48
C TRP H 117 -17.00 32.15 -33.64
N GLY H 118 -17.30 31.55 -34.79
CA GLY H 118 -17.85 32.26 -35.93
C GLY H 118 -19.33 31.98 -36.09
N GLN H 119 -19.90 32.56 -37.15
CA GLN H 119 -21.32 32.36 -37.42
C GLN H 119 -21.63 30.96 -37.91
N GLY H 120 -20.64 30.22 -38.39
CA GLY H 120 -20.86 28.90 -38.90
C GLY H 120 -21.36 28.91 -40.33
N ALA H 121 -20.78 28.09 -41.19
CA ALA H 121 -21.14 28.00 -42.60
C ALA H 121 -21.90 26.70 -42.84
N LEU H 122 -23.02 26.80 -43.54
CA LEU H 122 -23.78 25.61 -43.93
C LEU H 122 -23.23 25.08 -45.25
N VAL H 123 -22.91 23.79 -45.28
CA VAL H 123 -22.50 23.10 -46.49
C VAL H 123 -23.42 21.88 -46.62
N THR H 124 -24.38 21.95 -47.53
CA THR H 124 -25.29 20.84 -47.80
C THR H 124 -24.70 20.01 -48.94
N VAL H 125 -24.42 18.74 -48.66
CA VAL H 125 -23.67 17.89 -49.57
C VAL H 125 -24.68 17.05 -50.35
N SER H 126 -24.92 17.44 -51.60
CA SER H 126 -25.88 16.74 -52.45
C SER H 126 -25.42 16.86 -53.89
N SER H 127 -26.17 16.20 -54.78
CA SER H 127 -25.85 16.18 -56.20
C SER H 127 -26.82 17.00 -57.05
N ALA H 128 -27.92 17.54 -56.51
CA ALA H 128 -28.87 18.34 -57.32
C ALA H 128 -28.31 19.73 -57.60
N SER H 129 -28.82 20.34 -58.66
CA SER H 129 -28.29 21.61 -59.14
C SER H 129 -28.79 22.76 -58.28
N THR H 130 -27.99 23.82 -58.22
CA THR H 130 -28.40 25.05 -57.56
C THR H 130 -29.58 25.66 -58.30
N LYS H 131 -30.54 26.20 -57.54
CA LYS H 131 -31.65 26.94 -58.13
C LYS H 131 -31.89 28.21 -57.34
N GLY H 132 -31.84 29.36 -58.02
CA GLY H 132 -32.22 30.62 -57.44
C GLY H 132 -33.68 30.65 -57.04
N PRO H 133 -34.03 31.46 -56.06
CA PRO H 133 -35.39 31.44 -55.51
C PRO H 133 -36.33 32.37 -56.25
N SER H 134 -37.61 31.99 -56.25
CA SER H 134 -38.70 32.84 -56.68
C SER H 134 -39.30 33.53 -55.46
N VAL H 135 -39.63 34.81 -55.61
CA VAL H 135 -40.05 35.63 -54.48
C VAL H 135 -41.41 36.23 -54.81
N PHE H 136 -42.43 35.85 -54.02
CA PHE H 136 -43.79 36.32 -54.19
C PHE H 136 -44.21 37.14 -52.97
N PRO H 137 -45.01 38.20 -53.17
CA PRO H 137 -45.38 39.07 -52.04
C PRO H 137 -46.61 38.53 -51.32
N LEU H 138 -46.47 38.31 -50.01
CA LEU H 138 -47.59 38.04 -49.13
C LEU H 138 -48.20 39.39 -48.75
N ALA H 139 -49.32 39.73 -49.37
CA ALA H 139 -49.85 41.08 -49.20
C ALA H 139 -51.16 41.06 -48.42
N PRO H 140 -51.47 42.14 -47.69
CA PRO H 140 -52.76 42.20 -47.01
C PRO H 140 -53.90 42.32 -48.01
N SER H 141 -55.03 41.73 -47.64
CA SER H 141 -56.23 41.92 -48.46
C SER H 141 -56.65 43.39 -48.41
N SER H 142 -57.47 43.79 -49.38
CA SER H 142 -57.81 45.19 -49.57
C SER H 142 -58.45 45.78 -48.31
N LYS H 143 -59.56 45.22 -47.87
CA LYS H 143 -60.30 45.75 -46.74
C LYS H 143 -59.89 45.16 -45.40
N SER H 144 -59.22 43.99 -45.41
CA SER H 144 -59.03 43.20 -44.19
C SER H 144 -58.40 44.01 -43.06
N THR H 145 -57.66 45.07 -43.38
CA THR H 145 -56.92 45.85 -42.39
C THR H 145 -57.83 46.41 -41.30
N SER H 146 -57.91 45.71 -40.18
CA SER H 146 -58.66 46.16 -39.02
C SER H 146 -57.72 46.23 -37.81
N GLY H 147 -58.07 47.07 -36.86
CA GLY H 147 -57.15 47.37 -35.78
C GLY H 147 -55.97 48.17 -36.29
N GLY H 148 -54.91 48.19 -35.48
CA GLY H 148 -53.71 48.91 -35.84
C GLY H 148 -52.52 48.01 -36.06
N THR H 149 -52.78 46.78 -36.56
CA THR H 149 -51.73 45.78 -36.76
C THR H 149 -51.99 45.08 -38.10
N ALA H 150 -51.59 45.73 -39.19
CA ALA H 150 -51.58 45.08 -40.49
C ALA H 150 -50.31 44.26 -40.64
N ALA H 151 -50.39 43.18 -41.41
CA ALA H 151 -49.27 42.27 -41.62
C ALA H 151 -49.03 42.05 -43.10
N LEU H 152 -47.75 41.99 -43.48
CA LEU H 152 -47.36 41.76 -44.85
C LEU H 152 -46.04 41.00 -44.84
N GLY H 153 -45.74 40.34 -45.96
CA GLY H 153 -44.55 39.53 -45.97
C GLY H 153 -44.18 39.11 -47.38
N CYS H 154 -43.27 38.14 -47.43
CA CYS H 154 -42.75 37.60 -48.67
C CYS H 154 -42.75 36.08 -48.62
N LEU H 155 -42.84 35.46 -49.79
CA LEU H 155 -42.81 34.00 -49.92
C LEU H 155 -41.65 33.63 -50.82
N VAL H 156 -40.54 33.21 -50.22
CA VAL H 156 -39.36 32.77 -50.96
C VAL H 156 -39.51 31.28 -51.22
N LYS H 157 -39.77 30.91 -52.48
CA LYS H 157 -40.22 29.58 -52.84
C LYS H 157 -39.30 28.96 -53.88
N ASP H 158 -39.14 27.64 -53.77
CA ASP H 158 -38.43 26.84 -54.77
C ASP H 158 -36.99 27.28 -54.95
N TYR H 159 -36.11 26.87 -54.03
CA TYR H 159 -34.69 27.15 -54.11
C TYR H 159 -33.93 25.97 -53.54
N PHE H 160 -32.65 25.89 -53.88
CA PHE H 160 -31.77 24.82 -53.40
C PHE H 160 -30.34 25.22 -53.68
N PRO H 161 -29.42 24.99 -52.74
CA PRO H 161 -29.61 24.43 -51.42
C PRO H 161 -29.82 25.52 -50.38
N GLU H 162 -29.89 25.16 -49.10
CA GLU H 162 -30.03 26.17 -48.07
C GLU H 162 -28.72 26.92 -47.87
N PRO H 163 -28.78 28.15 -47.35
CA PRO H 163 -29.98 28.90 -46.97
C PRO H 163 -30.20 30.19 -47.75
N VAL H 164 -31.39 30.77 -47.64
CA VAL H 164 -31.66 32.12 -48.11
C VAL H 164 -31.75 33.05 -46.91
N THR H 165 -31.47 34.32 -47.16
CA THR H 165 -31.56 35.36 -46.14
C THR H 165 -32.54 36.42 -46.60
N VAL H 166 -33.38 36.90 -45.67
CA VAL H 166 -34.41 37.89 -45.97
C VAL H 166 -34.28 39.03 -44.97
N SER H 167 -34.06 40.24 -45.48
CA SER H 167 -34.09 41.46 -44.70
C SER H 167 -35.18 42.38 -45.25
N TRP H 168 -35.59 43.35 -44.44
CA TRP H 168 -36.70 44.22 -44.78
C TRP H 168 -36.21 45.67 -44.84
N ASN H 169 -36.43 46.32 -45.98
CA ASN H 169 -36.00 47.69 -46.21
C ASN H 169 -34.51 47.87 -45.91
N SER H 170 -33.71 46.93 -46.41
CA SER H 170 -32.26 46.95 -46.25
C SER H 170 -31.85 47.01 -44.78
N GLY H 171 -32.52 46.20 -43.95
CA GLY H 171 -32.20 46.12 -42.54
C GLY H 171 -32.69 47.27 -41.69
N ALA H 172 -33.46 48.19 -42.26
CA ALA H 172 -34.01 49.29 -41.46
C ALA H 172 -35.21 48.83 -40.66
N LEU H 173 -36.14 48.13 -41.29
CA LEU H 173 -37.29 47.58 -40.61
C LEU H 173 -36.87 46.31 -39.86
N THR H 174 -37.01 46.34 -38.53
CA THR H 174 -36.54 45.24 -37.70
C THR H 174 -37.61 44.80 -36.71
N SER H 175 -38.42 45.75 -36.24
CA SER H 175 -39.43 45.46 -35.24
C SER H 175 -40.50 44.54 -35.80
N GLY H 176 -40.71 43.41 -35.12
CA GLY H 176 -41.81 42.52 -35.46
C GLY H 176 -41.63 41.68 -36.70
N VAL H 177 -40.40 41.46 -37.14
CA VAL H 177 -40.13 40.66 -38.33
C VAL H 177 -39.87 39.22 -37.91
N HIS H 178 -40.69 38.30 -38.41
CA HIS H 178 -40.49 36.87 -38.22
C HIS H 178 -40.18 36.24 -39.56
N THR H 179 -38.99 35.65 -39.68
CA THR H 179 -38.61 34.90 -40.87
C THR H 179 -38.62 33.43 -40.52
N PHE H 180 -39.52 32.68 -41.13
CA PHE H 180 -39.81 31.31 -40.73
C PHE H 180 -38.71 30.35 -41.16
N PRO H 181 -38.58 29.21 -40.49
CA PRO H 181 -37.62 28.20 -40.94
C PRO H 181 -38.01 27.64 -42.30
N ALA H 182 -37.00 27.41 -43.12
CA ALA H 182 -37.22 26.85 -44.44
C ALA H 182 -37.84 25.46 -44.34
N VAL H 183 -38.95 25.26 -45.04
CA VAL H 183 -39.58 23.95 -45.15
C VAL H 183 -39.26 23.38 -46.52
N LEU H 184 -38.90 22.09 -46.54
CA LEU H 184 -38.52 21.41 -47.78
C LEU H 184 -39.77 20.84 -48.43
N GLN H 185 -40.13 21.38 -49.59
CA GLN H 185 -41.31 20.92 -50.29
C GLN H 185 -41.05 19.56 -50.93
N SER H 186 -42.14 18.90 -51.33
CA SER H 186 -42.06 17.56 -51.92
C SER H 186 -41.27 17.53 -53.21
N SER H 187 -41.06 18.69 -53.85
CA SER H 187 -40.28 18.76 -55.08
C SER H 187 -38.77 18.62 -54.83
N GLY H 188 -38.34 18.58 -53.58
CA GLY H 188 -36.92 18.61 -53.28
C GLY H 188 -36.35 19.99 -53.16
N LEU H 189 -37.18 21.02 -53.17
CA LEU H 189 -36.75 22.41 -53.03
C LEU H 189 -37.30 23.01 -51.75
N TYR H 190 -36.51 23.89 -51.15
CA TYR H 190 -36.89 24.53 -49.90
C TYR H 190 -37.82 25.72 -50.17
N SER H 191 -38.43 26.22 -49.09
CA SER H 191 -39.37 27.32 -49.16
C SER H 191 -39.61 27.91 -47.78
N LEU H 192 -39.56 29.23 -47.66
CA LEU H 192 -39.82 29.89 -46.38
C LEU H 192 -40.58 31.18 -46.60
N SER H 193 -41.33 31.57 -45.56
CA SER H 193 -42.07 32.83 -45.53
C SER H 193 -41.39 33.77 -44.54
N SER H 194 -41.42 35.06 -44.85
CA SER H 194 -40.91 36.10 -43.97
C SER H 194 -41.97 37.19 -43.85
N VAL H 195 -42.43 37.44 -42.63
CA VAL H 195 -43.53 38.35 -42.38
C VAL H 195 -43.07 39.45 -41.42
N VAL H 196 -43.84 40.55 -41.41
CA VAL H 196 -43.59 41.68 -40.53
C VAL H 196 -44.93 42.33 -40.21
N THR H 197 -45.10 42.72 -38.95
CA THR H 197 -46.31 43.42 -38.51
C THR H 197 -46.03 44.91 -38.40
N VAL H 198 -46.87 45.71 -39.06
CA VAL H 198 -46.73 47.16 -39.06
C VAL H 198 -48.09 47.77 -38.72
N PRO H 199 -48.12 49.03 -38.31
CA PRO H 199 -49.41 49.69 -38.07
C PRO H 199 -50.25 49.75 -39.34
N SER H 200 -51.57 49.63 -39.17
CA SER H 200 -52.47 49.65 -40.32
C SER H 200 -52.42 51.00 -41.05
N SER H 201 -52.11 52.07 -40.33
CA SER H 201 -51.93 53.37 -40.95
C SER H 201 -50.64 53.49 -41.72
N SER H 202 -49.78 52.47 -41.69
CA SER H 202 -48.51 52.53 -42.40
C SER H 202 -48.67 52.20 -43.88
N LEU H 203 -49.69 51.44 -44.24
CA LEU H 203 -49.90 51.08 -45.63
C LEU H 203 -50.19 52.33 -46.46
N GLY H 204 -49.77 52.29 -47.72
CA GLY H 204 -49.98 53.39 -48.63
C GLY H 204 -49.03 54.56 -48.46
N THR H 205 -48.27 54.61 -47.37
CA THR H 205 -47.34 55.70 -47.11
C THR H 205 -45.91 55.20 -46.95
N GLN H 206 -45.71 54.16 -46.13
CA GLN H 206 -44.39 53.58 -45.97
C GLN H 206 -44.15 52.54 -47.06
N THR H 207 -42.94 52.53 -47.61
CA THR H 207 -42.55 51.56 -48.62
C THR H 207 -42.02 50.31 -47.94
N TYR H 208 -42.53 49.14 -48.34
CA TYR H 208 -42.15 47.87 -47.75
C TYR H 208 -41.55 46.96 -48.81
N ILE H 209 -40.28 46.62 -48.65
CA ILE H 209 -39.54 45.80 -49.61
C ILE H 209 -38.73 44.77 -48.83
N CYS H 210 -38.85 43.51 -49.21
CA CYS H 210 -38.03 42.45 -48.63
C CYS H 210 -36.89 42.11 -49.59
N ASN H 211 -35.69 41.96 -49.03
CA ASN H 211 -34.49 41.69 -49.81
C ASN H 211 -34.05 40.25 -49.55
N VAL H 212 -33.91 39.47 -50.61
CA VAL H 212 -33.56 38.05 -50.51
C VAL H 212 -32.18 37.86 -51.12
N ASN H 213 -31.29 37.26 -50.35
CA ASN H 213 -29.99 36.79 -50.85
C ASN H 213 -29.99 35.26 -50.85
N HIS H 214 -29.53 34.68 -51.97
CA HIS H 214 -29.28 33.25 -52.08
C HIS H 214 -27.85 33.12 -52.62
N LYS H 215 -26.89 33.18 -51.71
CA LYS H 215 -25.49 33.11 -52.11
C LYS H 215 -25.12 31.84 -52.87
N PRO H 216 -25.73 30.67 -52.65
CA PRO H 216 -25.43 29.52 -53.52
C PRO H 216 -25.63 29.79 -55.00
N SER H 217 -26.53 30.71 -55.37
CA SER H 217 -26.81 31.02 -56.76
C SER H 217 -26.47 32.48 -57.12
N ASN H 218 -25.79 33.20 -56.23
CA ASN H 218 -25.44 34.61 -56.46
C ASN H 218 -26.65 35.42 -56.93
N THR H 219 -27.80 35.16 -56.31
CA THR H 219 -29.06 35.80 -56.64
C THR H 219 -29.45 36.76 -55.53
N LYS H 220 -29.77 38.00 -55.90
CA LYS H 220 -30.28 39.00 -54.98
C LYS H 220 -31.58 39.56 -55.54
N VAL H 221 -32.66 39.48 -54.76
CA VAL H 221 -33.99 39.91 -55.18
C VAL H 221 -34.48 40.99 -54.23
N ASP H 222 -35.05 42.06 -54.78
CA ASP H 222 -35.68 43.13 -54.02
C ASP H 222 -37.14 43.19 -54.42
N LYS H 223 -38.03 42.80 -53.51
CA LYS H 223 -39.44 42.62 -53.80
C LYS H 223 -40.26 43.60 -52.99
N LYS H 224 -40.99 44.48 -53.68
CA LYS H 224 -41.90 45.40 -53.03
C LYS H 224 -43.24 44.73 -52.79
N VAL H 225 -43.77 44.89 -51.58
CA VAL H 225 -45.05 44.31 -51.19
C VAL H 225 -46.06 45.43 -50.98
N GLU H 226 -47.26 45.25 -51.51
CA GLU H 226 -48.34 46.23 -51.42
C GLU H 226 -49.66 45.57 -51.80
N PRO H 227 -50.79 46.06 -51.31
CA PRO H 227 -52.08 45.44 -51.63
C PRO H 227 -52.57 45.82 -53.02
N LYS H 228 -53.39 44.93 -53.58
CA LYS H 228 -53.83 45.03 -54.97
C LYS H 228 -55.18 45.72 -55.08
N SER H 229 -55.50 46.17 -56.29
CA SER H 229 -56.71 46.93 -56.57
C SER H 229 -57.97 46.09 -56.39
N ASP I 1 10.29 -27.44 -5.95
CA ASP I 1 9.42 -28.60 -5.93
C ASP I 1 8.46 -28.55 -4.75
N VAL I 2 7.17 -28.40 -5.06
CA VAL I 2 6.15 -28.37 -4.01
C VAL I 2 6.21 -29.67 -3.23
N VAL I 3 6.20 -29.56 -1.91
CA VAL I 3 6.37 -30.71 -1.01
C VAL I 3 5.03 -31.03 -0.37
N MET I 4 4.56 -32.25 -0.58
CA MET I 4 3.31 -32.73 -0.01
C MET I 4 3.59 -33.50 1.27
N THR I 5 3.03 -33.04 2.37
CA THR I 5 3.25 -33.65 3.68
C THR I 5 1.92 -34.16 4.22
N GLN I 6 1.77 -35.49 4.27
CA GLN I 6 0.56 -36.09 4.77
C GLN I 6 0.70 -36.50 6.23
N SER I 7 -0.40 -36.39 6.97
CA SER I 7 -0.45 -36.82 8.35
C SER I 7 -1.88 -37.17 8.73
N PRO I 8 -2.08 -38.25 9.49
CA PRO I 8 -1.07 -39.18 10.00
C PRO I 8 -0.45 -40.00 8.89
N LEU I 9 0.64 -40.72 9.17
CA LEU I 9 1.27 -41.55 8.16
C LEU I 9 0.81 -42.99 8.23
N SER I 10 0.31 -43.43 9.39
CA SER I 10 -0.46 -44.66 9.53
C SER I 10 -1.73 -44.30 10.27
N LEU I 11 -2.88 -44.71 9.71
CA LEU I 11 -4.19 -44.35 10.24
C LEU I 11 -5.05 -45.60 10.35
N PRO I 12 -4.85 -46.41 11.40
CA PRO I 12 -5.77 -47.51 11.66
C PRO I 12 -7.07 -46.98 12.22
N VAL I 13 -8.18 -47.35 11.57
CA VAL I 13 -9.50 -46.87 11.98
C VAL I 13 -10.40 -48.07 12.28
N THR I 14 -11.40 -47.83 13.11
CA THR I 14 -12.36 -48.86 13.47
C THR I 14 -13.42 -48.97 12.38
N LEU I 15 -13.81 -50.20 12.07
CA LEU I 15 -14.72 -50.48 10.96
C LEU I 15 -15.99 -49.67 11.06
N GLY I 16 -16.27 -48.86 10.04
CA GLY I 16 -17.44 -48.01 10.02
C GLY I 16 -17.27 -46.67 10.69
N GLN I 17 -16.08 -46.33 11.12
CA GLN I 17 -15.92 -45.05 11.78
C GLN I 17 -15.35 -44.02 10.81
N PRO I 18 -15.62 -42.74 11.06
CA PRO I 18 -15.04 -41.69 10.21
C PRO I 18 -13.56 -41.53 10.47
N ALA I 19 -12.90 -40.90 9.51
CA ALA I 19 -11.47 -40.61 9.61
C ALA I 19 -11.17 -39.48 8.64
N SER I 20 -9.96 -38.94 8.76
CA SER I 20 -9.52 -37.89 7.84
C SER I 20 -8.01 -37.98 7.65
N ILE I 21 -7.56 -37.38 6.55
CA ILE I 21 -6.15 -37.38 6.16
C ILE I 21 -5.80 -35.96 5.79
N SER I 22 -4.73 -35.43 6.37
CA SER I 22 -4.31 -34.06 6.11
C SER I 22 -3.14 -34.05 5.13
N CYS I 23 -3.03 -32.94 4.39
CA CYS I 23 -1.99 -32.79 3.37
C CYS I 23 -1.65 -31.31 3.29
N ARG I 24 -0.42 -30.96 3.65
CA ARG I 24 0.07 -29.59 3.58
C ARG I 24 1.08 -29.45 2.46
N SER I 25 0.82 -28.52 1.56
CA SER I 25 1.74 -28.22 0.47
C SER I 25 2.71 -27.12 0.88
N SER I 26 3.90 -27.14 0.29
CA SER I 26 4.92 -26.16 0.64
C SER I 26 4.56 -24.77 0.14
N GLN I 27 3.86 -24.69 -1.00
CA GLN I 27 3.40 -23.42 -1.54
C GLN I 27 1.88 -23.44 -1.65
N GLY I 28 1.32 -22.28 -2.02
CA GLY I 28 -0.04 -22.27 -2.50
C GLY I 28 -0.18 -23.13 -3.75
N LEU I 29 -1.39 -23.64 -3.97
CA LEU I 29 -1.63 -24.53 -5.10
C LEU I 29 -2.67 -23.95 -6.06
N ALA I 30 -2.85 -22.63 -6.05
CA ALA I 30 -3.78 -22.00 -6.99
C ALA I 30 -3.11 -21.79 -8.34
N PHE I 31 -3.92 -21.83 -9.39
CA PHE I 31 -3.46 -21.63 -10.75
C PHE I 31 -4.24 -20.47 -11.36
N LEU I 32 -3.65 -19.84 -12.37
CA LEU I 32 -4.28 -18.67 -12.96
C LEU I 32 -5.56 -18.99 -13.73
N ASP I 33 -5.88 -20.27 -13.92
CA ASP I 33 -7.15 -20.66 -14.52
C ASP I 33 -8.27 -20.81 -13.49
N GLY I 34 -8.09 -20.25 -12.29
CA GLY I 34 -9.14 -20.15 -11.30
C GLY I 34 -9.31 -21.37 -10.40
N ASN I 35 -8.65 -22.48 -10.70
CA ASN I 35 -8.84 -23.72 -9.98
C ASN I 35 -7.55 -24.12 -9.28
N THR I 36 -7.70 -24.72 -8.10
CA THR I 36 -6.56 -25.28 -7.36
C THR I 36 -6.49 -26.77 -7.64
N TYR I 37 -5.32 -27.23 -8.10
CA TYR I 37 -5.16 -28.59 -8.60
C TYR I 37 -4.53 -29.45 -7.52
N LEU I 38 -5.39 -29.96 -6.63
CA LEU I 38 -5.00 -30.99 -5.67
C LEU I 38 -5.88 -32.21 -5.88
N SER I 39 -5.25 -33.37 -5.98
CA SER I 39 -5.95 -34.62 -6.18
C SER I 39 -5.69 -35.55 -5.01
N TRP I 40 -6.63 -36.45 -4.76
CA TRP I 40 -6.51 -37.50 -3.75
C TRP I 40 -6.62 -38.84 -4.47
N PHE I 41 -5.65 -39.72 -4.25
CA PHE I 41 -5.63 -41.03 -4.89
C PHE I 41 -5.69 -42.13 -3.84
N GLN I 42 -6.38 -43.22 -4.19
CA GLN I 42 -6.48 -44.41 -3.35
C GLN I 42 -5.88 -45.59 -4.11
N GLN I 43 -4.81 -46.16 -3.57
CA GLN I 43 -4.16 -47.33 -4.13
C GLN I 43 -4.45 -48.50 -3.18
N ARG I 44 -5.46 -49.30 -3.54
CA ARG I 44 -5.86 -50.44 -2.74
C ARG I 44 -4.86 -51.58 -2.96
N PRO I 45 -4.94 -52.65 -2.17
CA PRO I 45 -3.97 -53.74 -2.31
C PRO I 45 -3.89 -54.30 -3.73
N GLY I 46 -2.67 -54.42 -4.23
CA GLY I 46 -2.42 -55.06 -5.52
C GLY I 46 -3.16 -54.47 -6.69
N GLN I 47 -3.26 -53.14 -6.75
CA GLN I 47 -3.99 -52.49 -7.82
C GLN I 47 -3.32 -51.16 -8.17
N SER I 48 -3.57 -50.73 -9.40
CA SER I 48 -3.20 -49.39 -9.80
C SER I 48 -3.94 -48.38 -8.93
N PRO I 49 -3.36 -47.21 -8.67
CA PRO I 49 -4.11 -46.17 -7.96
C PRO I 49 -5.29 -45.71 -8.79
N ARG I 50 -6.31 -45.22 -8.10
CA ARG I 50 -7.44 -44.58 -8.76
C ARG I 50 -7.70 -43.25 -8.07
N ARG I 51 -8.11 -42.26 -8.85
CA ARG I 51 -8.40 -40.94 -8.28
C ARG I 51 -9.74 -40.97 -7.58
N LEU I 52 -9.79 -40.39 -6.38
CA LEU I 52 -11.04 -40.16 -5.67
C LEU I 52 -11.52 -38.72 -5.84
N ILE I 53 -10.68 -37.75 -5.53
CA ILE I 53 -11.03 -36.34 -5.60
C ILE I 53 -10.03 -35.63 -6.51
N TYR I 54 -10.55 -34.83 -7.43
CA TYR I 54 -9.74 -33.90 -8.21
C TYR I 54 -10.19 -32.47 -7.91
N LYS I 55 -9.28 -31.52 -8.12
CA LYS I 55 -9.57 -30.10 -7.91
C LYS I 55 -10.10 -29.84 -6.51
N VAL I 56 -9.46 -30.49 -5.51
CA VAL I 56 -9.65 -30.25 -4.09
C VAL I 56 -10.94 -30.87 -3.55
N SER I 57 -12.06 -30.67 -4.25
CA SER I 57 -13.36 -31.03 -3.70
C SER I 57 -14.18 -31.91 -4.64
N ASN I 58 -13.92 -31.83 -5.94
CA ASN I 58 -14.67 -32.59 -6.93
C ASN I 58 -14.40 -34.09 -6.75
N ARG I 59 -15.45 -34.86 -6.44
CA ARG I 59 -15.28 -36.30 -6.35
C ARG I 59 -15.39 -36.93 -7.74
N ASP I 60 -14.64 -38.00 -7.94
CA ASP I 60 -14.61 -38.69 -9.22
C ASP I 60 -15.82 -39.62 -9.38
N SER I 61 -16.06 -39.99 -10.64
CA SER I 61 -17.19 -40.86 -10.95
C SER I 61 -16.96 -42.28 -10.45
N GLY I 62 -18.00 -42.88 -9.92
CA GLY I 62 -17.91 -44.24 -9.41
C GLY I 62 -17.22 -44.39 -8.08
N VAL I 63 -17.07 -43.29 -7.34
CA VAL I 63 -16.38 -43.31 -6.06
C VAL I 63 -17.43 -43.20 -4.94
N PRO I 64 -17.33 -43.98 -3.87
CA PRO I 64 -18.36 -43.98 -2.83
C PRO I 64 -18.65 -42.60 -2.26
N ASP I 65 -19.86 -42.47 -1.71
CA ASP I 65 -20.34 -41.20 -1.18
C ASP I 65 -19.41 -40.65 -0.10
N ARG I 66 -18.87 -41.54 0.74
CA ARG I 66 -18.19 -41.14 1.97
C ARG I 66 -16.94 -40.30 1.72
N PHE I 67 -16.32 -40.45 0.55
CA PHE I 67 -15.11 -39.68 0.24
C PHE I 67 -15.50 -38.25 -0.13
N SER I 68 -15.06 -37.29 0.68
CA SER I 68 -15.34 -35.88 0.46
C SER I 68 -14.04 -35.12 0.69
N GLY I 69 -13.52 -34.48 -0.36
CA GLY I 69 -12.28 -33.74 -0.25
C GLY I 69 -12.54 -32.28 0.05
N SER I 70 -11.67 -31.69 0.85
CA SER I 70 -11.82 -30.30 1.26
C SER I 70 -10.45 -29.66 1.38
N GLY I 71 -10.43 -28.41 1.82
CA GLY I 71 -9.22 -27.63 1.95
C GLY I 71 -9.21 -26.44 1.02
N SER I 72 -8.11 -25.69 1.09
CA SER I 72 -7.87 -24.51 0.27
C SER I 72 -6.47 -24.01 0.61
N ARG I 73 -6.01 -23.01 -0.16
CA ARG I 73 -4.76 -22.32 0.14
C ARG I 73 -3.57 -23.27 0.08
N THR I 74 -3.01 -23.57 1.25
CA THR I 74 -1.87 -24.48 1.37
C THR I 74 -2.18 -25.70 2.21
N ASP I 75 -3.38 -25.80 2.77
CA ASP I 75 -3.75 -26.89 3.67
C ASP I 75 -5.02 -27.55 3.16
N PHE I 76 -4.95 -28.85 2.90
CA PHE I 76 -6.07 -29.62 2.37
C PHE I 76 -6.26 -30.88 3.19
N THR I 77 -7.52 -31.31 3.30
CA THR I 77 -7.87 -32.50 4.06
C THR I 77 -8.87 -33.33 3.28
N LEU I 78 -8.70 -34.65 3.35
CA LEU I 78 -9.66 -35.61 2.78
C LEU I 78 -10.31 -36.33 3.94
N LYS I 79 -11.64 -36.38 3.93
CA LYS I 79 -12.40 -36.98 5.02
C LYS I 79 -13.29 -38.09 4.48
N ILE I 80 -13.18 -39.27 5.09
CA ILE I 80 -14.10 -40.38 4.82
C ILE I 80 -15.18 -40.36 5.88
N SER I 81 -16.45 -40.41 5.45
CA SER I 81 -17.55 -40.38 6.40
C SER I 81 -17.66 -41.70 7.16
N ARG I 82 -17.33 -42.81 6.52
CA ARG I 82 -17.66 -44.13 7.05
C ARG I 82 -16.71 -45.18 6.50
N VAL I 83 -15.47 -45.20 7.00
CA VAL I 83 -14.47 -46.13 6.48
C VAL I 83 -14.94 -47.56 6.66
N GLU I 84 -14.92 -48.34 5.59
CA GLU I 84 -15.36 -49.72 5.65
C GLU I 84 -14.37 -50.64 4.94
N ALA I 85 -14.63 -51.95 5.06
CA ALA I 85 -13.64 -52.96 4.70
C ALA I 85 -13.10 -52.77 3.29
N GLU I 86 -13.90 -52.19 2.40
CA GLU I 86 -13.45 -51.93 1.04
C GLU I 86 -12.62 -50.66 0.92
N ASP I 87 -12.33 -49.97 2.02
CA ASP I 87 -11.54 -48.75 1.99
C ASP I 87 -10.11 -48.97 2.46
N VAL I 88 -9.67 -50.22 2.60
CA VAL I 88 -8.28 -50.48 2.97
C VAL I 88 -7.36 -50.02 1.85
N GLY I 89 -6.16 -49.58 2.22
CA GLY I 89 -5.17 -49.18 1.25
C GLY I 89 -4.40 -47.93 1.63
N VAL I 90 -3.51 -47.49 0.73
CA VAL I 90 -2.71 -46.29 0.94
C VAL I 90 -3.33 -45.13 0.16
N TYR I 91 -3.30 -43.95 0.75
CA TYR I 91 -3.91 -42.76 0.16
C TYR I 91 -2.84 -41.69 -0.06
N TYR I 92 -2.77 -41.18 -1.27
CA TYR I 92 -1.82 -40.13 -1.62
C TYR I 92 -2.56 -38.87 -2.02
N CYS I 93 -2.08 -37.74 -1.52
CA CYS I 93 -2.46 -36.46 -2.09
C CYS I 93 -1.45 -36.06 -3.16
N MET I 94 -1.89 -35.23 -4.09
CA MET I 94 -1.05 -34.86 -5.22
C MET I 94 -1.35 -33.43 -5.62
N GLN I 95 -0.30 -32.65 -5.85
CA GLN I 95 -0.47 -31.33 -6.45
C GLN I 95 -0.67 -31.47 -7.95
N GLY I 96 -0.96 -30.37 -8.61
CA GLY I 96 -1.14 -30.43 -10.04
C GLY I 96 -0.99 -29.08 -10.68
N THR I 97 -0.59 -28.10 -9.87
CA THR I 97 -0.47 -26.72 -10.32
C THR I 97 0.96 -26.34 -10.69
N HIS I 98 1.94 -26.94 -10.03
CA HIS I 98 3.34 -26.51 -10.13
C HIS I 98 4.16 -27.66 -10.68
N TRP I 99 5.03 -27.35 -11.64
CA TRP I 99 5.90 -28.39 -12.21
C TRP I 99 6.97 -28.77 -11.19
N PRO I 100 7.18 -30.06 -10.91
CA PRO I 100 6.48 -31.22 -11.48
C PRO I 100 5.40 -31.78 -10.57
N LEU I 101 4.62 -32.73 -11.07
CA LEU I 101 3.67 -33.46 -10.24
C LEU I 101 4.38 -34.06 -9.04
N THR I 102 3.77 -33.90 -7.87
CA THR I 102 4.35 -34.40 -6.63
C THR I 102 3.27 -35.06 -5.79
N PHE I 103 3.64 -36.12 -5.08
CA PHE I 103 2.73 -36.90 -4.28
C PHE I 103 3.13 -36.84 -2.81
N GLY I 104 2.12 -36.91 -1.94
CA GLY I 104 2.38 -37.02 -0.52
C GLY I 104 3.07 -38.33 -0.17
N GLY I 105 3.47 -38.43 1.11
CA GLY I 105 4.10 -39.65 1.57
C GLY I 105 3.20 -40.86 1.42
N GLY I 106 1.90 -40.68 1.63
CA GLY I 106 0.96 -41.77 1.59
C GLY I 106 0.56 -42.23 2.97
N THR I 107 -0.71 -42.06 3.31
CA THR I 107 -1.23 -42.53 4.59
C THR I 107 -1.76 -43.95 4.43
N LYS I 108 -1.20 -44.89 5.19
CA LYS I 108 -1.67 -46.26 5.18
C LYS I 108 -2.86 -46.39 6.12
N VAL I 109 -3.97 -46.87 5.60
CA VAL I 109 -5.21 -47.03 6.35
C VAL I 109 -5.50 -48.51 6.48
N GLU I 110 -5.59 -48.97 7.72
CA GLU I 110 -5.91 -50.36 8.02
C GLU I 110 -7.17 -50.42 8.86
N ILE I 111 -7.95 -51.48 8.66
CA ILE I 111 -9.25 -51.63 9.31
C ILE I 111 -9.10 -52.43 10.60
N LYS I 112 -9.66 -51.90 11.68
CA LYS I 112 -9.78 -52.64 12.94
C LYS I 112 -11.11 -53.38 12.91
N ARG I 113 -11.05 -54.71 12.79
CA ARG I 113 -12.23 -55.55 12.76
C ARG I 113 -12.30 -56.40 14.03
N THR I 114 -13.34 -57.23 14.11
CA THR I 114 -13.45 -58.17 15.21
C THR I 114 -12.39 -59.26 15.11
N VAL I 115 -12.09 -59.87 16.26
CA VAL I 115 -11.07 -60.91 16.29
C VAL I 115 -11.52 -62.11 15.48
N ALA I 116 -10.59 -62.69 14.73
CA ALA I 116 -10.84 -63.90 13.94
C ALA I 116 -9.70 -64.87 14.19
N ALA I 117 -10.04 -66.12 14.47
CA ALA I 117 -9.03 -67.13 14.73
C ALA I 117 -8.50 -67.71 13.42
N PRO I 118 -7.21 -68.07 13.38
CA PRO I 118 -6.66 -68.66 12.15
C PRO I 118 -6.95 -70.15 12.03
N SER I 119 -7.35 -70.55 10.82
CA SER I 119 -7.36 -71.96 10.47
C SER I 119 -5.93 -72.35 10.09
N VAL I 120 -5.46 -73.46 10.67
CA VAL I 120 -4.05 -73.85 10.57
C VAL I 120 -3.95 -75.13 9.76
N PHE I 121 -3.07 -75.12 8.75
CA PHE I 121 -2.79 -76.30 7.95
C PHE I 121 -1.28 -76.42 7.77
N ILE I 122 -0.80 -77.65 7.66
CA ILE I 122 0.62 -77.94 7.52
C ILE I 122 0.84 -78.76 6.26
N PHE I 123 1.92 -78.45 5.54
CA PHE I 123 2.22 -79.06 4.26
C PHE I 123 3.60 -79.71 4.30
N PRO I 124 3.71 -81.01 4.10
CA PRO I 124 5.03 -81.63 3.93
C PRO I 124 5.66 -81.15 2.64
N PRO I 125 6.98 -81.24 2.51
CA PRO I 125 7.62 -80.91 1.23
C PRO I 125 7.36 -81.98 0.19
N SER I 126 7.35 -81.55 -1.07
CA SER I 126 7.05 -82.46 -2.16
C SER I 126 8.22 -83.39 -2.44
N ASP I 127 7.94 -84.48 -3.15
CA ASP I 127 8.97 -85.44 -3.50
C ASP I 127 9.81 -84.95 -4.67
N GLU I 128 9.19 -84.24 -5.61
CA GLU I 128 9.95 -83.62 -6.69
C GLU I 128 10.96 -82.61 -6.15
N GLN I 129 10.66 -82.01 -5.00
CA GLN I 129 11.61 -81.09 -4.38
C GLN I 129 12.66 -81.82 -3.57
N LEU I 130 12.34 -83.01 -3.05
CA LEU I 130 13.37 -83.83 -2.40
C LEU I 130 14.34 -84.44 -3.40
N LYS I 131 14.06 -84.36 -4.69
CA LYS I 131 15.05 -84.75 -5.69
C LYS I 131 16.10 -83.68 -5.94
N SER I 132 15.87 -82.47 -5.43
CA SER I 132 16.80 -81.35 -5.59
C SER I 132 17.53 -81.00 -4.31
N GLY I 133 17.50 -81.88 -3.30
CA GLY I 133 18.29 -81.69 -2.10
C GLY I 133 17.78 -80.67 -1.12
N THR I 134 16.54 -80.20 -1.27
CA THR I 134 15.97 -79.22 -0.35
C THR I 134 14.55 -79.62 -0.01
N ALA I 135 14.19 -79.47 1.26
CA ALA I 135 12.84 -79.70 1.74
C ALA I 135 12.25 -78.38 2.22
N SER I 136 11.05 -78.06 1.75
CA SER I 136 10.34 -76.85 2.15
C SER I 136 9.03 -77.26 2.81
N VAL I 137 8.99 -77.19 4.13
CA VAL I 137 7.77 -77.42 4.89
C VAL I 137 7.03 -76.10 5.04
N VAL I 138 5.72 -76.12 4.80
CA VAL I 138 4.91 -74.91 4.75
C VAL I 138 3.77 -75.03 5.77
N CYS I 139 3.51 -73.92 6.48
CA CYS I 139 2.46 -73.85 7.47
C CYS I 139 1.56 -72.67 7.13
N LEU I 140 0.26 -72.90 7.07
CA LEU I 140 -0.70 -71.90 6.61
C LEU I 140 -1.60 -71.44 7.74
N LEU I 141 -1.78 -70.13 7.85
CA LEU I 141 -2.77 -69.51 8.72
C LEU I 141 -3.70 -68.70 7.83
N ASN I 142 -4.94 -69.15 7.67
CA ASN I 142 -5.87 -68.51 6.75
C ASN I 142 -6.85 -67.62 7.49
N ASN I 143 -7.17 -66.48 6.88
CA ASN I 143 -8.07 -65.47 7.43
C ASN I 143 -7.45 -64.82 8.66
N PHE I 144 -8.13 -64.91 9.81
CA PHE I 144 -7.70 -64.38 11.12
C PHE I 144 -7.39 -62.88 11.17
N TYR I 145 -7.54 -62.31 12.37
CA TYR I 145 -7.27 -60.93 12.72
C TYR I 145 -7.27 -60.86 14.24
N PRO I 146 -6.38 -60.07 14.86
CA PRO I 146 -5.37 -59.16 14.30
C PRO I 146 -4.22 -59.88 13.63
N ARG I 147 -3.31 -59.15 13.00
CA ARG I 147 -2.24 -59.79 12.25
C ARG I 147 -1.07 -60.23 13.11
N GLU I 148 -1.06 -59.86 14.40
CA GLU I 148 -0.02 -60.34 15.31
C GLU I 148 -0.21 -61.83 15.55
N ALA I 149 0.66 -62.65 14.97
CA ALA I 149 0.58 -64.10 15.10
C ALA I 149 1.97 -64.66 15.36
N LYS I 150 2.01 -65.79 16.06
CA LYS I 150 3.25 -66.44 16.45
C LYS I 150 3.30 -67.84 15.84
N VAL I 151 4.36 -68.11 15.07
CA VAL I 151 4.56 -69.42 14.44
C VAL I 151 5.92 -69.94 14.87
N GLN I 152 5.92 -71.03 15.64
CA GLN I 152 7.13 -71.71 16.07
C GLN I 152 7.19 -73.09 15.43
N TRP I 153 8.30 -73.38 14.77
CA TRP I 153 8.53 -74.71 14.20
C TRP I 153 9.13 -75.63 15.25
N LYS I 154 8.72 -76.89 15.23
CA LYS I 154 9.20 -77.88 16.19
C LYS I 154 9.48 -79.18 15.43
N VAL I 155 10.75 -79.41 15.12
CA VAL I 155 11.20 -80.64 14.50
C VAL I 155 11.59 -81.62 15.61
N ASP I 156 10.73 -82.62 15.84
CA ASP I 156 10.90 -83.58 16.93
C ASP I 156 10.92 -82.87 18.28
N ASN I 157 9.89 -82.07 18.51
CA ASN I 157 9.72 -81.25 19.71
C ASN I 157 10.88 -80.30 19.95
N ALA I 158 11.78 -80.14 18.98
CA ALA I 158 12.93 -79.25 19.10
C ALA I 158 12.59 -77.94 18.40
N LEU I 159 12.46 -76.87 19.18
CA LEU I 159 12.11 -75.57 18.63
C LEU I 159 13.14 -75.12 17.60
N GLN I 160 12.70 -74.98 16.35
CA GLN I 160 13.57 -74.52 15.29
C GLN I 160 13.68 -73.00 15.32
N SER I 161 14.62 -72.46 14.55
CA SER I 161 14.84 -71.03 14.46
C SER I 161 15.71 -70.76 13.25
N GLY I 162 15.74 -69.49 12.83
CA GLY I 162 16.62 -69.06 11.76
C GLY I 162 16.14 -69.48 10.39
N ASN I 163 15.84 -70.77 10.23
CA ASN I 163 15.38 -71.31 8.96
C ASN I 163 13.88 -71.12 8.77
N SER I 164 13.35 -70.01 9.27
CA SER I 164 11.91 -69.73 9.26
C SER I 164 11.69 -68.40 8.57
N GLN I 165 11.02 -68.44 7.41
CA GLN I 165 10.58 -67.26 6.69
C GLN I 165 9.06 -67.26 6.62
N GLU I 166 8.44 -66.11 6.90
CA GLU I 166 6.99 -65.99 6.81
C GLU I 166 6.62 -64.78 5.99
N SER I 167 5.50 -64.90 5.28
CA SER I 167 4.95 -63.85 4.44
C SER I 167 3.47 -63.69 4.74
N VAL I 168 2.98 -62.45 4.67
CA VAL I 168 1.62 -62.11 5.06
C VAL I 168 0.92 -61.46 3.87
N THR I 169 -0.30 -61.91 3.59
CA THR I 169 -1.07 -61.27 2.53
C THR I 169 -1.74 -60.02 3.08
N GLU I 170 -2.27 -59.21 2.16
CA GLU I 170 -2.88 -57.96 2.53
C GLU I 170 -4.19 -58.20 3.28
N GLN I 171 -4.57 -57.19 4.08
CA GLN I 171 -5.88 -57.18 4.70
C GLN I 171 -6.95 -57.23 3.61
N ASP I 172 -7.95 -58.09 3.81
CA ASP I 172 -8.94 -58.31 2.77
C ASP I 172 -9.86 -57.10 2.64
N SER I 173 -10.49 -56.99 1.47
CA SER I 173 -11.37 -55.88 1.17
C SER I 173 -12.81 -56.15 1.57
N LYS I 174 -13.15 -57.37 1.98
CA LYS I 174 -14.50 -57.71 2.38
C LYS I 174 -14.62 -58.03 3.86
N ASP I 175 -13.77 -58.93 4.37
CA ASP I 175 -13.80 -59.23 5.80
C ASP I 175 -12.66 -58.58 6.57
N SER I 176 -11.69 -57.98 5.88
CA SER I 176 -10.54 -57.32 6.51
C SER I 176 -9.69 -58.30 7.31
N THR I 177 -9.58 -59.54 6.81
CA THR I 177 -8.74 -60.56 7.43
C THR I 177 -7.44 -60.70 6.66
N TYR I 178 -6.40 -61.14 7.37
CA TYR I 178 -5.09 -61.35 6.76
C TYR I 178 -4.96 -62.80 6.30
N SER I 179 -3.72 -63.29 6.25
CA SER I 179 -3.38 -64.70 6.09
C SER I 179 -1.86 -64.79 6.06
N LEU I 180 -1.30 -65.82 6.68
CA LEU I 180 0.14 -65.88 6.90
C LEU I 180 0.67 -67.25 6.49
N SER I 181 1.91 -67.28 6.01
CA SER I 181 2.53 -68.49 5.50
C SER I 181 3.97 -68.56 5.97
N SER I 182 4.24 -69.44 6.93
CA SER I 182 5.60 -69.66 7.43
C SER I 182 6.22 -70.85 6.69
N THR I 183 7.47 -70.69 6.27
CA THR I 183 8.16 -71.70 5.47
C THR I 183 9.44 -72.13 6.18
N LEU I 184 9.56 -73.43 6.42
CA LEU I 184 10.75 -74.03 7.01
C LEU I 184 11.59 -74.64 5.89
N THR I 185 12.80 -74.13 5.72
CA THR I 185 13.70 -74.59 4.66
C THR I 185 14.92 -75.26 5.28
N LEU I 186 15.30 -76.40 4.71
CA LEU I 186 16.41 -77.21 5.20
C LEU I 186 16.73 -78.30 4.19
N SER I 187 17.91 -78.90 4.35
CA SER I 187 18.43 -79.82 3.34
C SER I 187 17.70 -81.17 3.40
N LYS I 188 17.82 -81.91 2.29
CA LYS I 188 17.21 -83.23 2.20
C LYS I 188 17.70 -84.16 3.31
N ALA I 189 18.99 -84.04 3.67
CA ALA I 189 19.55 -84.91 4.70
C ALA I 189 18.88 -84.68 6.04
N ASP I 190 18.79 -83.41 6.46
CA ASP I 190 18.16 -83.10 7.74
C ASP I 190 16.69 -83.49 7.75
N TYR I 191 16.01 -83.40 6.61
CA TYR I 191 14.60 -83.76 6.56
C TYR I 191 14.40 -85.25 6.82
N GLU I 192 15.24 -86.09 6.22
CA GLU I 192 15.15 -87.53 6.41
C GLU I 192 15.66 -87.98 7.77
N LYS I 193 16.18 -87.07 8.59
CA LYS I 193 16.68 -87.42 9.91
C LYS I 193 15.54 -87.56 10.92
N HIS I 194 14.62 -86.60 10.94
CA HIS I 194 13.59 -86.52 11.95
C HIS I 194 12.25 -86.95 11.36
N LYS I 195 11.36 -87.43 12.24
CA LYS I 195 10.07 -87.98 11.82
C LYS I 195 8.90 -87.04 12.02
N VAL I 196 8.86 -86.29 13.12
CA VAL I 196 7.72 -85.44 13.47
C VAL I 196 8.04 -83.99 13.14
N TYR I 197 7.24 -83.40 12.27
CA TYR I 197 7.33 -81.98 11.92
C TYR I 197 6.02 -81.31 12.32
N ALA I 198 6.11 -80.34 13.23
CA ALA I 198 4.94 -79.67 13.78
C ALA I 198 5.03 -78.17 13.55
N CYS I 199 3.87 -77.52 13.61
CA CYS I 199 3.75 -76.08 13.49
C CYS I 199 2.88 -75.57 14.63
N GLU I 200 3.47 -74.76 15.52
CA GLU I 200 2.77 -74.22 16.68
C GLU I 200 2.32 -72.80 16.38
N VAL I 201 1.01 -72.57 16.38
CA VAL I 201 0.43 -71.26 16.14
C VAL I 201 -0.16 -70.75 17.45
N THR I 202 0.26 -69.56 17.86
CA THR I 202 -0.24 -68.91 19.06
C THR I 202 -0.83 -67.56 18.64
N HIS I 203 -2.15 -67.42 18.75
CA HIS I 203 -2.84 -66.21 18.32
C HIS I 203 -3.91 -65.84 19.34
N GLN I 204 -4.37 -64.59 19.24
CA GLN I 204 -5.36 -64.08 20.19
C GLN I 204 -6.68 -64.82 20.10
N GLY I 205 -7.11 -65.17 18.89
CA GLY I 205 -8.38 -65.85 18.72
C GLY I 205 -8.42 -67.27 19.25
N LEU I 206 -7.28 -67.82 19.63
CA LEU I 206 -7.19 -69.19 20.13
C LEU I 206 -7.12 -69.15 21.65
N ARG I 207 -8.03 -69.88 22.31
CA ARG I 207 -7.97 -70.02 23.75
C ARG I 207 -6.71 -70.75 24.20
N SER I 208 -5.95 -71.32 23.27
CA SER I 208 -4.68 -72.02 23.52
C SER I 208 -4.04 -72.34 22.18
N PRO I 209 -2.71 -72.43 22.12
CA PRO I 209 -2.04 -72.62 20.82
C PRO I 209 -2.49 -73.87 20.07
N VAL I 210 -2.95 -73.66 18.83
CA VAL I 210 -3.29 -74.77 17.96
C VAL I 210 -2.03 -75.25 17.26
N THR I 211 -1.88 -76.57 17.15
CA THR I 211 -0.73 -77.17 16.46
C THR I 211 -1.22 -78.21 15.47
N LYS I 212 -0.69 -78.15 14.25
CA LYS I 212 -0.91 -79.18 13.24
C LYS I 212 0.44 -79.73 12.83
N SER I 213 0.53 -81.05 12.70
CA SER I 213 1.80 -81.70 12.40
C SER I 213 1.59 -82.78 11.35
N PHE I 214 2.70 -83.42 10.98
CA PHE I 214 2.70 -84.53 10.02
C PHE I 214 3.96 -85.34 10.27
N ASN I 215 3.87 -86.64 9.99
CA ASN I 215 5.01 -87.55 10.15
C ASN I 215 5.52 -87.97 8.77
N ARG I 216 6.84 -87.99 8.64
CA ARG I 216 7.50 -88.23 7.36
C ARG I 216 7.13 -89.59 6.79
N GLY I 217 6.06 -89.64 6.00
CA GLY I 217 5.61 -90.88 5.42
C GLY I 217 4.18 -91.24 5.81
N GLN J 1 49.45 0.50 17.62
CA GLN J 1 50.89 0.52 17.45
C GLN J 1 51.19 1.22 16.12
N VAL J 2 50.20 1.96 15.63
CA VAL J 2 50.27 2.63 14.33
C VAL J 2 50.34 4.13 14.55
N GLN J 3 51.12 4.81 13.71
CA GLN J 3 51.24 6.27 13.76
C GLN J 3 51.41 6.82 12.35
N LEU J 4 50.82 7.99 12.11
CA LEU J 4 50.84 8.64 10.82
C LEU J 4 51.54 9.98 10.98
N GLN J 5 52.55 10.22 10.14
CA GLN J 5 53.35 11.44 10.22
C GLN J 5 53.30 12.19 8.91
N GLU J 6 52.66 13.36 8.92
CA GLU J 6 52.61 14.22 7.75
C GLU J 6 53.99 14.84 7.50
N SER J 7 54.21 15.23 6.25
CA SER J 7 55.46 15.86 5.84
C SER J 7 55.24 16.57 4.52
N GLY J 8 55.92 17.71 4.35
CA GLY J 8 55.83 18.47 3.13
C GLY J 8 56.11 19.94 3.34
N PRO J 9 56.06 20.71 2.25
CA PRO J 9 56.37 22.13 2.34
C PRO J 9 55.40 22.87 3.26
N GLY J 10 55.95 23.84 3.99
CA GLY J 10 55.13 24.63 4.90
C GLY J 10 54.34 25.71 4.22
N LEU J 11 54.88 26.30 3.15
CA LEU J 11 54.13 27.20 2.29
C LEU J 11 54.35 26.79 0.84
N VAL J 12 53.30 26.93 0.04
CA VAL J 12 53.36 26.70 -1.39
C VAL J 12 52.82 27.95 -2.08
N LYS J 13 53.41 28.28 -3.22
CA LYS J 13 53.07 29.52 -3.89
C LYS J 13 51.69 29.39 -4.54
N PRO J 14 51.00 30.52 -4.74
CA PRO J 14 49.69 30.46 -5.41
C PRO J 14 49.82 29.87 -6.80
N SER J 15 48.97 28.88 -7.08
CA SER J 15 48.85 28.11 -8.34
C SER J 15 49.88 26.99 -8.46
N GLU J 16 50.71 26.75 -7.46
CA GLU J 16 51.66 25.64 -7.50
C GLU J 16 50.93 24.31 -7.35
N THR J 17 51.71 23.26 -7.08
CA THR J 17 51.18 21.95 -6.76
C THR J 17 51.54 21.67 -5.30
N LEU J 18 50.62 22.01 -4.40
CA LEU J 18 50.77 21.64 -3.00
C LEU J 18 50.92 20.13 -2.89
N SER J 19 52.02 19.68 -2.31
CA SER J 19 52.28 18.26 -2.12
C SER J 19 52.51 17.98 -0.64
N LEU J 20 51.99 16.85 -0.17
CA LEU J 20 52.19 16.38 1.19
C LEU J 20 52.29 14.87 1.16
N THR J 21 52.66 14.29 2.30
CA THR J 21 52.91 12.86 2.38
C THR J 21 52.81 12.40 3.83
N CYS J 22 51.98 11.37 4.06
CA CYS J 22 51.79 10.82 5.40
C CYS J 22 52.56 9.52 5.51
N THR J 23 53.60 9.51 6.34
CA THR J 23 54.45 8.35 6.50
C THR J 23 53.93 7.47 7.63
N VAL J 24 53.79 6.18 7.36
CA VAL J 24 53.12 5.24 8.25
C VAL J 24 54.15 4.51 9.09
N SER J 25 53.95 4.52 10.40
CA SER J 25 54.82 3.84 11.35
C SER J 25 54.09 2.64 11.94
N GLY J 26 54.68 1.45 11.77
CA GLY J 26 54.21 0.28 12.47
C GLY J 26 52.95 -0.35 11.91
N ALA J 27 52.72 -0.25 10.61
CA ALA J 27 51.58 -0.90 9.99
C ALA J 27 51.79 -0.99 8.49
N SER J 28 51.05 -1.87 7.85
CA SER J 28 51.12 -2.09 6.41
C SER J 28 50.04 -1.26 5.72
N VAL J 29 50.46 -0.43 4.76
CA VAL J 29 49.54 0.44 4.05
C VAL J 29 48.47 -0.35 3.31
N SER J 30 48.75 -1.61 2.99
CA SER J 30 47.81 -2.42 2.20
C SER J 30 46.48 -2.62 2.90
N SER J 31 46.42 -2.44 4.22
CA SER J 31 45.30 -2.91 5.02
C SER J 31 44.41 -1.79 5.55
N TYR J 32 44.43 -0.61 4.92
CA TYR J 32 43.65 0.50 5.44
C TYR J 32 43.08 1.35 4.32
N PHE J 33 41.98 2.02 4.63
CA PHE J 33 41.53 3.18 3.86
C PHE J 33 42.32 4.40 4.31
N TRP J 34 42.58 5.30 3.37
CA TRP J 34 43.48 6.43 3.60
C TRP J 34 42.81 7.73 3.21
N SER J 35 42.51 8.55 4.20
CA SER J 35 41.79 9.80 3.99
C SER J 35 42.68 11.00 4.26
N TRP J 36 42.43 12.09 3.54
CA TRP J 36 43.07 13.38 3.80
C TRP J 36 41.98 14.34 4.26
N ILE J 37 42.13 14.90 5.45
CA ILE J 37 41.18 15.86 6.00
C ILE J 37 41.92 17.16 6.23
N ARG J 38 41.44 18.24 5.63
CA ARG J 38 42.03 19.56 5.83
C ARG J 38 41.11 20.42 6.69
N GLN J 39 41.72 21.26 7.52
CA GLN J 39 40.99 22.17 8.39
C GLN J 39 41.53 23.59 8.19
N PRO J 40 40.81 24.44 7.47
CA PRO J 40 41.23 25.84 7.37
C PRO J 40 41.24 26.50 8.73
N ALA J 41 41.94 27.62 8.81
CA ALA J 41 42.13 28.33 10.07
C ALA J 41 40.81 28.66 10.75
N GLY J 42 40.40 27.82 11.70
CA GLY J 42 39.17 28.05 12.45
C GLY J 42 37.90 27.84 11.65
N LYS J 43 37.77 26.68 11.02
CA LYS J 43 36.59 26.34 10.24
C LYS J 43 36.30 24.86 10.39
N ALA J 44 35.21 24.41 9.76
CA ALA J 44 34.83 23.01 9.86
C ALA J 44 35.84 22.13 9.14
N LEU J 45 35.98 20.90 9.63
CA LEU J 45 36.84 19.93 8.97
C LEU J 45 36.30 19.64 7.57
N GLU J 46 37.21 19.58 6.59
CA GLU J 46 36.84 19.27 5.21
C GLU J 46 37.53 17.97 4.80
N TRP J 47 36.75 17.01 4.33
CA TRP J 47 37.27 15.71 3.92
C TRP J 47 37.61 15.75 2.44
N ILE J 48 38.90 15.59 2.13
CA ILE J 48 39.38 15.72 0.75
C ILE J 48 39.04 14.47 -0.04
N GLY J 49 39.68 13.36 0.29
CA GLY J 49 39.42 12.12 -0.44
C GLY J 49 39.93 10.92 0.33
N ARG J 50 39.80 9.75 -0.31
CA ARG J 50 40.26 8.51 0.29
C ARG J 50 40.72 7.58 -0.82
N ILE J 51 41.80 6.84 -0.57
CA ILE J 51 42.33 5.87 -1.52
C ILE J 51 42.62 4.57 -0.77
N TYR J 52 42.73 3.50 -1.54
CA TYR J 52 43.18 2.21 -1.01
C TYR J 52 43.97 1.50 -2.10
N THR J 53 44.92 0.67 -1.69
CA THR J 53 45.73 -0.07 -2.64
C THR J 53 44.85 -0.94 -3.52
N SER J 54 45.16 -0.92 -4.83
CA SER J 54 44.32 -1.41 -5.94
C SER J 54 43.52 -0.25 -6.52
N GLY J 55 43.74 0.95 -5.99
CA GLY J 55 43.23 2.18 -6.57
C GLY J 55 41.74 2.40 -6.46
N ASN J 56 41.37 3.64 -6.13
CA ASN J 56 40.00 4.16 -6.09
C ASN J 56 39.97 5.51 -5.39
N THR J 57 40.51 6.55 -6.03
CA THR J 57 40.67 7.86 -5.39
C THR J 57 39.32 8.59 -5.36
N LYS J 58 38.42 8.08 -4.52
CA LYS J 58 37.13 8.72 -4.29
C LYS J 58 37.34 10.01 -3.51
N SER J 59 36.91 11.14 -4.07
CA SER J 59 37.21 12.44 -3.50
C SER J 59 35.95 13.31 -3.44
N ASN J 60 36.05 14.35 -2.61
CA ASN J 60 34.98 15.32 -2.47
C ASN J 60 34.86 16.15 -3.76
N PRO J 61 33.64 16.49 -4.19
CA PRO J 61 33.49 17.21 -5.46
C PRO J 61 34.12 18.59 -5.48
N SER J 62 34.20 19.28 -4.34
CA SER J 62 34.72 20.64 -4.33
C SER J 62 36.16 20.70 -4.83
N LEU J 63 36.90 19.61 -4.69
CA LEU J 63 38.31 19.59 -5.01
C LEU J 63 38.68 18.51 -6.03
N GLU J 64 37.72 17.71 -6.48
CA GLU J 64 38.04 16.55 -7.31
C GLU J 64 38.77 16.96 -8.59
N SER J 65 38.43 18.13 -9.13
CA SER J 65 39.10 18.61 -10.33
C SER J 65 40.59 18.78 -10.11
N ARG J 66 41.00 19.01 -8.86
CA ARG J 66 42.37 19.37 -8.53
C ARG J 66 43.11 18.35 -7.68
N VAL J 67 42.42 17.36 -7.12
CA VAL J 67 43.02 16.44 -6.17
C VAL J 67 43.69 15.29 -6.90
N THR J 68 44.71 14.72 -6.28
CA THR J 68 45.45 13.60 -6.82
C THR J 68 46.10 12.86 -5.67
N MET J 69 45.69 11.61 -5.43
CA MET J 69 46.21 10.83 -4.31
C MET J 69 46.79 9.52 -4.80
N SER J 70 47.90 9.12 -4.16
CA SER J 70 48.53 7.84 -4.42
C SER J 70 49.29 7.44 -3.16
N LEU J 71 49.63 6.16 -3.07
CA LEU J 71 50.22 5.63 -1.86
C LEU J 71 51.21 4.53 -2.22
N ASP J 72 52.39 4.58 -1.61
CA ASP J 72 53.49 3.68 -1.94
C ASP J 72 53.57 2.58 -0.88
N ALA J 73 53.51 1.32 -1.31
CA ALA J 73 53.47 0.20 -0.40
C ALA J 73 54.85 -0.24 0.09
N SER J 74 55.93 0.23 -0.54
CA SER J 74 57.26 -0.10 -0.07
C SER J 74 57.80 0.94 0.90
N LYS J 75 57.56 2.22 0.64
CA LYS J 75 57.98 3.31 1.51
C LYS J 75 56.98 3.59 2.63
N ASP J 76 55.78 2.99 2.57
CA ASP J 76 54.73 3.18 3.56
C ASP J 76 54.38 4.66 3.71
N GLN J 77 53.87 5.25 2.64
CA GLN J 77 53.48 6.65 2.70
C GLN J 77 52.36 6.95 1.69
N PHE J 78 51.14 7.04 2.21
CA PHE J 78 50.10 7.91 1.69
C PHE J 78 50.68 9.22 1.16
N SER J 79 50.20 9.68 0.02
CA SER J 79 50.68 10.95 -0.54
C SER J 79 49.49 11.73 -1.08
N LEU J 80 49.72 13.00 -1.40
CA LEU J 80 48.63 13.87 -1.84
C LEU J 80 49.20 15.00 -2.69
N LYS J 81 48.46 15.39 -3.72
CA LYS J 81 48.84 16.52 -4.58
C LYS J 81 47.60 17.32 -4.93
N LEU J 82 47.59 18.59 -4.52
CA LEU J 82 46.52 19.53 -4.84
C LEU J 82 47.04 20.53 -5.85
N THR J 83 46.56 20.43 -7.10
CA THR J 83 47.03 21.29 -8.16
C THR J 83 46.31 22.63 -8.17
N SER J 84 46.99 23.64 -8.71
CA SER J 84 46.52 25.04 -8.76
C SER J 84 45.95 25.47 -7.42
N VAL J 85 46.81 25.92 -6.52
CA VAL J 85 46.45 26.14 -5.13
C VAL J 85 46.02 27.59 -4.95
N THR J 86 45.08 27.80 -4.04
CA THR J 86 44.51 29.11 -3.75
C THR J 86 44.72 29.44 -2.28
N ALA J 87 44.44 30.69 -1.91
CA ALA J 87 44.43 31.07 -0.51
C ALA J 87 43.41 30.29 0.30
N ALA J 88 42.35 29.78 -0.35
CA ALA J 88 41.37 28.97 0.36
C ALA J 88 41.95 27.64 0.82
N ASP J 89 42.95 27.13 0.11
CA ASP J 89 43.60 25.86 0.47
C ASP J 89 44.61 26.01 1.60
N THR J 90 44.67 27.18 2.23
CA THR J 90 45.49 27.40 3.42
C THR J 90 44.79 26.74 4.60
N ALA J 91 45.39 25.68 5.15
CA ALA J 91 44.71 24.89 6.16
C ALA J 91 45.73 23.98 6.85
N VAL J 92 45.31 23.42 7.98
CA VAL J 92 45.97 22.26 8.55
C VAL J 92 45.53 21.04 7.75
N TYR J 93 46.48 20.17 7.42
CA TYR J 93 46.20 19.01 6.58
C TYR J 93 46.51 17.74 7.36
N TYR J 94 45.54 17.28 8.14
CA TYR J 94 45.67 16.00 8.83
C TYR J 94 45.44 14.87 7.83
N CYS J 95 46.21 13.80 7.95
CA CYS J 95 45.89 12.57 7.25
C CYS J 95 45.27 11.58 8.23
N ALA J 96 44.52 10.63 7.70
CA ALA J 96 43.79 9.71 8.55
C ALA J 96 43.72 8.34 7.92
N ALA J 97 43.57 7.32 8.76
CA ALA J 97 43.45 5.94 8.32
C ALA J 97 42.17 5.32 8.86
N GLY J 98 41.72 4.27 8.21
CA GLY J 98 40.53 3.55 8.64
C GLY J 98 40.68 2.07 8.36
N ARG J 99 40.09 1.26 9.23
CA ARG J 99 40.14 -0.18 9.07
C ARG J 99 39.63 -0.59 7.69
N LEU J 100 40.22 -1.63 7.12
CA LEU J 100 39.82 -2.16 5.82
C LEU J 100 39.62 -3.65 5.95
N ASP J 101 38.36 -4.10 5.86
CA ASP J 101 38.02 -5.51 5.82
C ASP J 101 37.84 -5.91 4.36
N TYR J 102 38.70 -6.81 3.89
CA TYR J 102 38.70 -7.20 2.48
C TYR J 102 37.32 -7.72 2.04
N SER J 103 36.66 -8.51 2.90
CA SER J 103 35.44 -9.19 2.50
C SER J 103 34.20 -8.29 2.54
N ASP J 104 34.27 -7.15 3.22
CA ASP J 104 33.14 -6.22 3.28
C ASP J 104 33.01 -5.54 1.92
N THR J 105 32.33 -6.24 0.99
CA THR J 105 32.15 -5.72 -0.36
C THR J 105 31.51 -4.34 -0.34
N THR J 106 30.57 -4.12 0.57
CA THR J 106 29.82 -2.88 0.66
C THR J 106 30.60 -1.76 1.37
N GLY J 107 31.84 -2.00 1.78
CA GLY J 107 32.61 -1.02 2.51
C GLY J 107 33.37 -0.06 1.64
N TYR J 108 33.60 -0.44 0.39
CA TYR J 108 34.26 0.44 -0.57
C TYR J 108 33.33 1.51 -1.13
N TYR J 109 32.05 1.45 -0.80
CA TYR J 109 31.04 2.35 -1.33
C TYR J 109 30.38 3.14 -0.21
N LYS J 110 31.13 3.34 0.87
CA LYS J 110 30.76 4.06 2.06
C LYS J 110 32.00 4.84 2.44
N PRO J 111 31.84 6.08 2.92
CA PRO J 111 33.00 6.85 3.37
C PRO J 111 33.79 6.08 4.41
N PRO J 112 35.13 6.10 4.32
CA PRO J 112 35.93 5.26 5.19
C PRO J 112 35.85 5.75 6.63
N PRO J 113 35.99 4.86 7.60
CA PRO J 113 36.07 5.30 8.99
C PRO J 113 37.36 6.06 9.24
N LEU J 114 37.33 6.90 10.27
CA LEU J 114 38.48 7.72 10.65
C LEU J 114 39.05 7.22 11.97
N ASP J 115 39.73 6.06 11.90
CA ASP J 115 40.21 5.42 13.10
C ASP J 115 41.43 6.14 13.68
N TYR J 116 42.42 6.43 12.84
CA TYR J 116 43.67 7.03 13.29
C TYR J 116 43.94 8.34 12.56
N TRP J 117 44.61 9.26 13.25
CA TRP J 117 44.93 10.58 12.70
C TRP J 117 46.42 10.86 12.85
N GLY J 118 46.90 11.80 12.04
CA GLY J 118 48.23 12.35 12.18
C GLY J 118 48.21 13.68 12.92
N GLN J 119 49.41 14.25 13.09
CA GLN J 119 49.53 15.49 13.84
C GLN J 119 49.03 16.70 13.05
N GLY J 120 48.89 16.58 11.74
CA GLY J 120 48.43 17.69 10.92
C GLY J 120 49.57 18.56 10.45
N ALA J 121 49.57 18.89 9.16
CA ALA J 121 50.58 19.75 8.56
C ALA J 121 49.95 21.06 8.13
N LEU J 122 50.63 22.17 8.45
CA LEU J 122 50.17 23.48 8.04
C LEU J 122 50.77 23.83 6.69
N VAL J 123 49.91 24.12 5.72
CA VAL J 123 50.33 24.60 4.41
C VAL J 123 49.67 25.96 4.20
N THR J 124 50.44 27.02 4.38
CA THR J 124 49.97 28.37 4.14
C THR J 124 50.29 28.76 2.70
N VAL J 125 49.29 29.23 1.97
CA VAL J 125 49.40 29.42 0.54
C VAL J 125 49.49 30.92 0.27
N SER J 126 50.70 31.38 0.01
CA SER J 126 50.95 32.80 -0.23
C SER J 126 52.21 32.92 -1.09
N SER J 127 52.60 34.16 -1.39
CA SER J 127 53.75 34.45 -2.22
C SER J 127 54.94 35.01 -1.45
N ALA J 128 54.81 35.39 -0.15
CA ALA J 128 55.91 36.06 0.57
C ALA J 128 56.99 35.05 0.93
N SER J 129 58.25 35.41 0.68
CA SER J 129 59.35 34.48 0.88
C SER J 129 59.48 34.08 2.34
N THR J 130 60.23 33.01 2.56
CA THR J 130 60.43 32.49 3.90
C THR J 130 61.40 33.36 4.68
N LYS J 131 61.01 33.77 5.88
CA LYS J 131 61.86 34.54 6.78
C LYS J 131 62.01 33.81 8.10
N GLY J 132 63.26 33.50 8.46
CA GLY J 132 63.56 32.97 9.77
C GLY J 132 63.29 33.99 10.85
N PRO J 133 63.06 33.53 12.07
CA PRO J 133 62.68 34.44 13.16
C PRO J 133 63.90 35.10 13.78
N SER J 134 63.61 36.05 14.66
CA SER J 134 64.59 36.62 15.57
C SER J 134 64.12 36.33 16.99
N VAL J 135 65.03 35.87 17.84
CA VAL J 135 64.69 35.43 19.18
C VAL J 135 65.35 36.36 20.19
N PHE J 136 64.52 37.04 20.98
CA PHE J 136 64.97 37.98 21.98
C PHE J 136 64.55 37.49 23.37
N PRO J 137 65.46 37.45 24.34
CA PRO J 137 65.12 36.89 25.66
C PRO J 137 64.27 37.86 26.48
N LEU J 138 63.20 37.33 27.06
CA LEU J 138 62.35 38.05 28.00
C LEU J 138 62.82 37.70 29.41
N ALA J 139 63.65 38.55 30.00
CA ALA J 139 64.30 38.22 31.25
C ALA J 139 63.71 38.99 32.42
N PRO J 140 63.80 38.46 33.65
CA PRO J 140 63.36 39.23 34.81
C PRO J 140 64.22 40.48 35.01
N SER J 141 63.64 41.48 35.65
CA SER J 141 64.30 42.77 35.86
C SER J 141 65.04 42.73 37.19
N SER J 142 66.34 42.40 37.15
CA SER J 142 67.24 42.49 38.30
C SER J 142 66.72 41.71 39.50
N LYS J 143 66.09 40.57 39.24
CA LYS J 143 65.53 39.74 40.30
C LYS J 143 64.57 40.52 41.20
N SER J 144 63.82 41.47 40.61
CA SER J 144 62.68 42.05 41.29
C SER J 144 61.51 41.07 41.39
N THR J 145 61.80 39.77 41.29
CA THR J 145 60.81 38.71 41.39
C THR J 145 59.97 38.85 42.66
N SER J 146 60.64 38.90 43.81
CA SER J 146 60.02 39.23 45.09
C SER J 146 58.95 38.25 45.53
N GLY J 147 58.57 37.31 44.68
CA GLY J 147 57.60 36.29 45.03
C GLY J 147 58.26 34.97 45.37
N GLY J 148 57.40 33.96 45.58
CA GLY J 148 57.90 32.59 45.59
C GLY J 148 58.22 32.06 44.23
N THR J 149 57.67 32.68 43.18
CA THR J 149 57.86 32.25 41.80
C THR J 149 58.48 33.39 40.99
N ALA J 150 59.22 33.02 39.95
CA ALA J 150 59.81 33.97 39.03
C ALA J 150 59.46 33.56 37.60
N ALA J 151 59.60 34.51 36.67
CA ALA J 151 59.17 34.32 35.30
C ALA J 151 60.24 34.75 34.31
N LEU J 152 60.36 34.01 33.22
CA LEU J 152 61.30 34.32 32.14
C LEU J 152 60.81 33.64 30.88
N GLY J 153 61.16 34.21 29.73
CA GLY J 153 60.67 33.66 28.49
C GLY J 153 61.48 34.11 27.30
N CYS J 154 60.96 33.81 26.11
CA CYS J 154 61.56 34.20 24.85
C CYS J 154 60.56 34.97 24.01
N LEU J 155 61.08 35.70 23.03
CA LEU J 155 60.29 36.48 22.09
C LEU J 155 60.70 36.08 20.68
N VAL J 156 59.92 35.21 20.05
CA VAL J 156 60.17 34.78 18.67
C VAL J 156 59.44 35.76 17.76
N LYS J 157 60.18 36.70 17.18
CA LYS J 157 59.61 37.84 16.49
C LYS J 157 60.02 37.86 15.02
N ASP J 158 59.09 38.29 14.17
CA ASP J 158 59.32 38.51 12.74
C ASP J 158 59.74 37.24 12.02
N TYR J 159 58.76 36.44 11.60
CA TYR J 159 59.00 35.21 10.87
C TYR J 159 57.78 34.92 9.99
N PHE J 160 58.02 34.11 8.95
CA PHE J 160 56.98 33.77 7.99
C PHE J 160 57.44 32.61 7.12
N PRO J 161 56.56 31.63 6.84
CA PRO J 161 55.18 31.49 7.31
C PRO J 161 55.12 30.72 8.62
N GLU J 162 53.93 30.43 9.13
CA GLU J 162 53.83 29.63 10.34
C GLU J 162 54.18 28.17 10.05
N PRO J 163 54.57 27.41 11.09
CA PRO J 163 54.71 27.80 12.49
C PRO J 163 56.13 27.68 13.05
N VAL J 164 56.34 28.13 14.28
CA VAL J 164 57.59 27.92 15.00
C VAL J 164 57.31 27.06 16.22
N THR J 165 58.30 26.25 16.59
CA THR J 165 58.23 25.39 17.76
C THR J 165 59.24 25.85 18.80
N VAL J 166 58.82 25.90 20.06
CA VAL J 166 59.66 26.39 21.15
C VAL J 166 59.67 25.34 22.26
N SER J 167 60.84 24.78 22.53
CA SER J 167 61.06 23.86 23.63
C SER J 167 62.08 24.45 24.58
N TRP J 168 61.83 24.33 25.88
CA TRP J 168 62.70 24.92 26.90
C TRP J 168 63.67 23.87 27.41
N ASN J 169 64.97 24.16 27.30
CA ASN J 169 66.03 23.27 27.76
C ASN J 169 65.94 21.89 27.11
N SER J 170 65.71 21.87 25.80
CA SER J 170 65.66 20.63 25.02
C SER J 170 64.58 19.68 25.52
N GLY J 171 63.45 20.21 25.98
CA GLY J 171 62.34 19.41 26.44
C GLY J 171 62.37 19.07 27.92
N ALA J 172 63.51 19.20 28.59
CA ALA J 172 63.58 18.85 30.00
C ALA J 172 62.72 19.76 30.86
N LEU J 173 62.48 21.00 30.42
CA LEU J 173 61.63 21.94 31.13
C LEU J 173 60.26 21.95 30.47
N THR J 174 59.27 21.45 31.19
CA THR J 174 57.89 21.40 30.71
C THR J 174 56.90 22.01 31.70
N SER J 175 57.11 21.78 33.00
CA SER J 175 56.20 22.27 34.02
C SER J 175 56.13 23.79 34.03
N GLY J 176 54.97 24.33 33.65
CA GLY J 176 54.76 25.77 33.67
C GLY J 176 55.13 26.50 32.40
N VAL J 177 55.26 25.80 31.28
CA VAL J 177 55.63 26.43 30.01
C VAL J 177 54.36 26.82 29.27
N HIS J 178 54.21 28.10 28.99
CA HIS J 178 53.12 28.63 28.19
C HIS J 178 53.72 29.20 26.90
N THR J 179 53.49 28.53 25.78
CA THR J 179 53.95 29.00 24.48
C THR J 179 52.73 29.60 23.75
N PHE J 180 52.68 30.92 23.70
CA PHE J 180 51.48 31.63 23.29
C PHE J 180 51.18 31.43 21.80
N PRO J 181 49.93 31.66 21.40
CA PRO J 181 49.61 31.63 19.97
C PRO J 181 50.29 32.77 19.24
N ALA J 182 50.69 32.51 18.01
CA ALA J 182 51.28 33.55 17.18
C ALA J 182 50.29 34.69 16.95
N VAL J 183 50.82 35.90 16.85
CA VAL J 183 50.04 37.07 16.47
C VAL J 183 50.70 37.69 15.24
N LEU J 184 49.88 38.12 14.30
CA LEU J 184 50.38 38.68 13.05
C LEU J 184 50.54 40.19 13.19
N GLN J 185 51.78 40.66 13.06
CA GLN J 185 52.08 42.07 13.19
C GLN J 185 51.64 42.81 11.92
N SER J 186 51.63 44.15 12.02
CA SER J 186 51.19 45.02 10.93
C SER J 186 52.15 44.95 9.75
N SER J 187 53.25 44.22 9.92
CA SER J 187 54.24 44.07 8.86
C SER J 187 54.00 42.85 7.98
N GLY J 188 52.98 42.06 8.26
CA GLY J 188 52.80 40.81 7.55
C GLY J 188 53.66 39.68 8.06
N LEU J 189 54.24 39.83 9.25
CA LEU J 189 55.05 38.79 9.88
C LEU J 189 54.42 38.37 11.20
N TYR J 190 54.62 37.10 11.55
CA TYR J 190 54.12 36.57 12.80
C TYR J 190 55.11 36.82 13.93
N SER J 191 54.62 36.64 15.16
CA SER J 191 55.42 36.81 16.36
C SER J 191 54.67 36.19 17.53
N LEU J 192 55.40 35.50 18.40
CA LEU J 192 54.80 34.91 19.59
C LEU J 192 55.78 35.01 20.75
N SER J 193 55.23 34.91 21.95
CA SER J 193 56.01 34.88 23.18
C SER J 193 55.88 33.50 23.81
N SER J 194 57.01 32.93 24.21
CA SER J 194 57.04 31.68 24.97
C SER J 194 57.59 31.99 26.36
N VAL J 195 56.84 31.60 27.39
CA VAL J 195 57.19 31.92 28.77
C VAL J 195 57.19 30.65 29.61
N VAL J 196 57.90 30.72 30.73
CA VAL J 196 57.96 29.62 31.69
C VAL J 196 58.15 30.21 33.07
N THR J 197 57.47 29.63 34.06
CA THR J 197 57.58 30.06 35.45
C THR J 197 58.46 29.08 36.22
N VAL J 198 59.42 29.61 36.96
CA VAL J 198 60.39 28.81 37.70
C VAL J 198 60.48 29.34 39.11
N PRO J 199 60.96 28.53 40.05
CA PRO J 199 61.20 29.05 41.41
C PRO J 199 62.22 30.17 41.38
N SER J 200 62.04 31.15 42.29
CA SER J 200 62.91 32.32 42.30
C SER J 200 64.36 31.94 42.61
N SER J 201 64.57 30.96 43.47
CA SER J 201 65.92 30.50 43.81
C SER J 201 66.64 29.85 42.65
N SER J 202 65.95 29.61 41.52
CA SER J 202 66.57 28.94 40.40
C SER J 202 67.40 29.86 39.51
N LEU J 203 67.19 31.17 39.59
CA LEU J 203 67.97 32.10 38.78
C LEU J 203 69.44 32.03 39.14
N GLY J 204 70.29 32.07 38.13
CA GLY J 204 71.73 32.02 38.34
C GLY J 204 72.26 30.62 38.53
N THR J 205 71.51 29.80 39.28
CA THR J 205 71.93 28.42 39.54
C THR J 205 71.49 27.48 38.42
N GLN J 206 70.36 27.76 37.78
CA GLN J 206 69.84 26.94 36.71
C GLN J 206 70.02 27.65 35.37
N THR J 207 70.39 26.87 34.36
CA THR J 207 70.49 27.38 33.00
C THR J 207 69.13 27.31 32.33
N TYR J 208 68.77 28.36 31.61
CA TYR J 208 67.47 28.45 30.94
C TYR J 208 67.69 28.85 29.48
N ILE J 209 67.38 27.93 28.57
CA ILE J 209 67.51 28.15 27.14
C ILE J 209 66.21 27.69 26.46
N CYS J 210 65.64 28.55 25.62
CA CYS J 210 64.54 28.14 24.77
C CYS J 210 65.09 27.78 23.40
N ASN J 211 64.53 26.72 22.81
CA ASN J 211 64.95 26.23 21.51
C ASN J 211 63.85 26.50 20.51
N VAL J 212 64.14 27.30 19.50
CA VAL J 212 63.17 27.69 18.48
C VAL J 212 63.50 26.93 17.19
N ASN J 213 62.46 26.37 16.58
CA ASN J 213 62.60 25.72 15.27
C ASN J 213 61.58 26.33 14.32
N HIS J 214 62.08 26.98 13.27
CA HIS J 214 61.26 27.48 12.16
C HIS J 214 61.61 26.62 10.95
N LYS J 215 60.96 25.47 10.87
CA LYS J 215 61.26 24.53 9.78
C LYS J 215 61.06 25.10 8.37
N PRO J 216 60.14 26.05 8.12
CA PRO J 216 60.10 26.66 6.78
C PRO J 216 61.43 27.23 6.31
N SER J 217 62.19 27.89 7.18
CA SER J 217 63.50 28.42 6.82
C SER J 217 64.64 27.57 7.34
N ASN J 218 64.36 26.34 7.79
CA ASN J 218 65.37 25.43 8.33
C ASN J 218 66.21 26.11 9.42
N THR J 219 65.58 27.02 10.16
CA THR J 219 66.26 27.80 11.19
C THR J 219 66.09 27.13 12.55
N LYS J 220 67.19 27.07 13.30
CA LYS J 220 67.20 26.50 14.64
C LYS J 220 67.95 27.46 15.55
N VAL J 221 67.31 27.91 16.63
CA VAL J 221 67.88 28.88 17.55
C VAL J 221 67.88 28.31 18.96
N ASP J 222 68.95 28.56 19.70
CA ASP J 222 69.09 28.16 21.11
C ASP J 222 69.46 29.42 21.90
N LYS J 223 68.45 30.10 22.43
CA LYS J 223 68.64 31.39 23.07
C LYS J 223 68.59 31.23 24.58
N LYS J 224 69.68 31.56 25.25
CA LYS J 224 69.73 31.48 26.70
C LYS J 224 69.11 32.74 27.31
N VAL J 225 68.33 32.53 28.37
CA VAL J 225 67.68 33.62 29.09
C VAL J 225 68.26 33.68 30.49
N GLU J 226 68.56 34.90 30.96
CA GLU J 226 69.16 35.11 32.27
C GLU J 226 68.91 36.54 32.71
N PRO J 227 68.83 36.81 34.01
CA PRO J 227 68.61 38.19 34.47
C PRO J 227 69.71 39.13 33.99
N LYS J 228 69.35 40.39 33.83
CA LYS J 228 70.28 41.37 33.28
C LYS J 228 71.44 41.64 34.23
N SER J 229 72.60 41.97 33.66
CA SER J 229 73.81 42.28 34.42
C SER J 229 74.07 43.78 34.54
N CYS J 230 73.00 44.58 34.57
CA CYS J 230 73.10 46.03 34.73
C CYS J 230 73.92 46.67 33.62
N ASP K 1 25.00 16.76 -0.63
CA ASP K 1 25.89 16.58 0.51
C ASP K 1 25.10 16.57 1.81
N VAL K 2 25.35 15.55 2.64
CA VAL K 2 24.68 15.47 3.94
C VAL K 2 25.14 16.65 4.80
N VAL K 3 24.18 17.31 5.44
CA VAL K 3 24.43 18.54 6.19
C VAL K 3 24.38 18.19 7.67
N MET K 4 25.53 18.30 8.34
CA MET K 4 25.64 18.06 9.77
C MET K 4 25.52 19.37 10.52
N THR K 5 24.48 19.49 11.34
CA THR K 5 24.22 20.71 12.11
C THR K 5 24.28 20.37 13.59
N GLN K 6 25.19 21.02 14.31
CA GLN K 6 25.36 20.80 15.74
C GLN K 6 24.74 21.95 16.52
N SER K 7 24.32 21.65 17.75
CA SER K 7 23.83 22.66 18.66
C SER K 7 24.04 22.17 20.08
N PRO K 8 24.43 23.07 21.00
CA PRO K 8 24.74 24.48 20.77
C PRO K 8 26.08 24.64 20.06
N LEU K 9 26.47 25.86 19.72
CA LEU K 9 27.75 26.07 19.06
C LEU K 9 28.82 26.57 20.01
N SER K 10 28.42 27.10 21.17
CA SER K 10 29.30 27.32 22.30
C SER K 10 28.59 26.78 23.54
N LEU K 11 29.20 25.79 24.21
CA LEU K 11 28.60 25.11 25.33
C LEU K 11 29.50 25.27 26.55
N PRO K 12 29.39 26.39 27.27
CA PRO K 12 30.14 26.55 28.53
C PRO K 12 29.43 25.79 29.65
N VAL K 13 30.14 24.82 30.23
CA VAL K 13 29.59 23.99 31.29
C VAL K 13 30.38 24.23 32.56
N THR K 14 29.82 23.79 33.68
CA THR K 14 30.41 23.99 34.98
C THR K 14 31.17 22.74 35.42
N LEU K 15 32.44 22.91 35.78
CA LEU K 15 33.36 21.81 36.10
C LEU K 15 32.71 20.74 36.95
N GLY K 16 32.39 19.61 36.33
CA GLY K 16 31.76 18.48 37.00
C GLY K 16 30.28 18.32 36.74
N GLN K 17 29.71 19.11 35.85
CA GLN K 17 28.30 19.00 35.50
C GLN K 17 28.14 18.28 34.18
N PRO K 18 26.95 17.73 33.91
CA PRO K 18 26.71 17.09 32.62
C PRO K 18 26.22 18.07 31.57
N ALA K 19 26.29 17.64 30.32
CA ALA K 19 25.80 18.42 29.20
C ALA K 19 25.67 17.51 27.98
N SER K 20 24.95 17.99 26.98
CA SER K 20 24.69 17.24 25.77
C SER K 20 24.93 18.10 24.54
N ILE K 21 25.08 17.44 23.39
CA ILE K 21 25.32 18.08 22.11
C ILE K 21 24.44 17.40 21.09
N SER K 22 23.59 18.16 20.42
CA SER K 22 22.67 17.62 19.43
C SER K 22 23.23 17.82 18.02
N CYS K 23 23.15 16.76 17.22
CA CYS K 23 23.60 16.78 15.83
C CYS K 23 22.47 16.25 14.95
N ARG K 24 21.94 17.11 14.08
CA ARG K 24 20.85 16.76 13.19
C ARG K 24 21.36 16.68 11.75
N SER K 25 21.12 15.53 11.11
CA SER K 25 21.56 15.29 9.75
C SER K 25 20.44 15.60 8.76
N SER K 26 20.81 16.14 7.60
CA SER K 26 19.82 16.48 6.58
C SER K 26 19.22 15.22 5.94
N GLN K 27 19.87 14.08 6.08
CA GLN K 27 19.40 12.83 5.51
C GLN K 27 19.50 11.73 6.55
N GLY K 28 18.75 10.66 6.33
CA GLY K 28 18.96 9.45 7.10
C GLY K 28 20.35 8.91 6.88
N LEU K 29 20.87 8.23 7.90
CA LEU K 29 22.26 7.77 7.87
C LEU K 29 22.37 6.24 7.93
N ALA K 30 21.28 5.52 7.67
CA ALA K 30 21.37 4.07 7.63
C ALA K 30 22.15 3.62 6.39
N PHE K 31 22.65 2.39 6.46
CA PHE K 31 23.41 1.81 5.37
C PHE K 31 22.95 0.37 5.18
N LEU K 32 23.33 -0.23 4.06
CA LEU K 32 22.83 -1.56 3.72
C LEU K 32 23.18 -2.59 4.78
N ASP K 33 24.32 -2.42 5.45
CA ASP K 33 24.80 -3.36 6.44
C ASP K 33 24.09 -3.24 7.78
N GLY K 34 23.08 -2.38 7.89
CA GLY K 34 22.30 -2.27 9.10
C GLY K 34 22.83 -1.34 10.14
N ASN K 35 24.04 -0.80 9.96
CA ASN K 35 24.61 0.17 10.88
C ASN K 35 24.44 1.57 10.31
N THR K 36 24.10 2.52 11.19
CA THR K 36 24.11 3.94 10.85
C THR K 36 25.45 4.51 11.31
N TYR K 37 26.19 5.12 10.37
CA TYR K 37 27.58 5.54 10.62
C TYR K 37 27.62 7.03 10.95
N LEU K 38 27.26 7.35 12.18
CA LEU K 38 27.55 8.65 12.77
C LEU K 38 28.66 8.49 13.78
N SER K 39 29.57 9.45 13.81
CA SER K 39 30.67 9.44 14.76
C SER K 39 30.77 10.80 15.44
N TRP K 40 31.35 10.79 16.64
CA TRP K 40 31.62 12.00 17.41
C TRP K 40 33.13 12.11 17.60
N PHE K 41 33.65 13.33 17.43
CA PHE K 41 35.09 13.60 17.49
C PHE K 41 35.38 14.72 18.47
N GLN K 42 36.44 14.55 19.26
CA GLN K 42 36.88 15.55 20.22
C GLN K 42 38.26 16.04 19.83
N GLN K 43 38.37 17.33 19.53
CA GLN K 43 39.65 17.96 19.24
C GLN K 43 39.95 18.94 20.36
N ARG K 44 40.87 18.57 21.23
CA ARG K 44 41.27 19.35 22.39
C ARG K 44 42.31 20.39 21.99
N PRO K 45 42.70 21.30 22.92
CA PRO K 45 43.66 22.35 22.54
C PRO K 45 44.91 21.86 21.82
N GLY K 46 45.12 22.37 20.60
CA GLY K 46 46.29 22.09 19.80
C GLY K 46 46.60 20.62 19.60
N GLN K 47 45.65 19.87 19.05
CA GLN K 47 45.84 18.44 18.88
C GLN K 47 45.07 17.95 17.66
N SER K 48 45.48 16.78 17.19
CA SER K 48 44.67 16.05 16.24
C SER K 48 43.34 15.67 16.91
N PRO K 49 42.24 15.71 16.18
CA PRO K 49 40.98 15.21 16.74
C PRO K 49 41.07 13.70 16.98
N ARG K 50 40.43 13.26 18.04
CA ARG K 50 40.30 11.84 18.33
C ARG K 50 38.82 11.47 18.37
N ARG K 51 38.53 10.20 18.08
CA ARG K 51 37.15 9.75 17.97
C ARG K 51 36.66 9.24 19.31
N LEU K 52 35.54 9.80 19.78
CA LEU K 52 34.90 9.35 21.00
C LEU K 52 33.89 8.26 20.73
N ILE K 53 32.96 8.50 19.81
CA ILE K 53 31.85 7.59 19.52
C ILE K 53 31.90 7.24 18.03
N TYR K 54 31.81 5.94 17.74
CA TYR K 54 31.61 5.46 16.37
C TYR K 54 30.32 4.63 16.32
N LYS K 55 29.61 4.73 15.20
CA LYS K 55 28.35 4.02 15.01
C LYS K 55 27.30 4.45 16.02
N VAL K 56 27.19 5.77 16.25
CA VAL K 56 26.13 6.38 17.05
C VAL K 56 26.27 6.10 18.54
N SER K 57 26.51 4.84 18.91
CA SER K 57 26.51 4.45 20.32
C SER K 57 27.83 3.85 20.81
N ASN K 58 28.57 3.16 19.95
CA ASN K 58 29.78 2.47 20.38
C ASN K 58 30.86 3.49 20.73
N ARG K 59 31.35 3.44 21.97
CA ARG K 59 32.45 4.31 22.38
C ARG K 59 33.77 3.63 22.06
N ASP K 60 34.74 4.43 21.61
CA ASP K 60 36.03 3.91 21.24
C ASP K 60 36.85 3.58 22.48
N SER K 61 37.77 2.63 22.32
CA SER K 61 38.56 2.16 23.45
C SER K 61 39.51 3.24 23.93
N GLY K 62 39.60 3.39 25.25
CA GLY K 62 40.47 4.38 25.83
C GLY K 62 39.83 5.74 26.04
N VAL K 63 38.52 5.77 26.26
CA VAL K 63 37.78 7.02 26.38
C VAL K 63 37.00 7.01 27.69
N PRO K 64 36.91 8.14 28.39
CA PRO K 64 36.22 8.16 29.69
C PRO K 64 34.79 7.64 29.62
N ASP K 65 34.33 7.12 30.76
CA ASP K 65 33.00 6.50 30.83
C ASP K 65 31.90 7.49 30.45
N ARG K 66 32.06 8.76 30.84
CA ARG K 66 31.00 9.75 30.77
C ARG K 66 30.55 10.04 29.35
N PHE K 67 31.28 9.61 28.33
CA PHE K 67 30.90 9.82 26.93
C PHE K 67 30.01 8.67 26.49
N SER K 68 28.75 8.97 26.21
CA SER K 68 27.80 7.99 25.70
C SER K 68 27.05 8.61 24.53
N GLY K 69 27.08 7.94 23.38
CA GLY K 69 26.39 8.43 22.22
C GLY K 69 25.00 7.85 22.08
N SER K 70 24.12 8.62 21.44
CA SER K 70 22.76 8.17 21.21
C SER K 70 22.21 8.92 20.01
N GLY K 71 21.16 8.36 19.43
CA GLY K 71 20.54 8.94 18.26
C GLY K 71 19.74 7.92 17.51
N SER K 72 19.02 8.43 16.51
CA SER K 72 18.07 7.62 15.74
C SER K 72 18.50 7.43 14.29
N ARG K 73 18.02 8.34 13.44
CA ARG K 73 18.36 8.34 12.02
C ARG K 73 18.54 9.75 11.46
N THR K 74 18.01 10.76 12.12
CA THR K 74 18.15 12.15 11.71
C THR K 74 18.67 12.98 12.88
N ASP K 75 18.31 12.54 14.09
CA ASP K 75 18.55 13.30 15.32
C ASP K 75 19.45 12.47 16.23
N PHE K 76 20.59 13.03 16.61
CA PHE K 76 21.55 12.32 17.44
C PHE K 76 22.09 13.25 18.51
N THR K 77 22.54 12.66 19.63
CA THR K 77 22.96 13.42 20.79
C THR K 77 24.18 12.77 21.43
N LEU K 78 25.22 13.56 21.64
CA LEU K 78 26.36 13.16 22.46
C LEU K 78 26.10 13.62 23.89
N LYS K 79 26.16 12.69 24.83
CA LYS K 79 25.90 12.97 26.25
C LYS K 79 27.19 12.79 27.04
N ILE K 80 27.56 13.80 27.82
CA ILE K 80 28.69 13.73 28.74
C ILE K 80 28.12 13.70 30.15
N SER K 81 28.40 12.62 30.89
CA SER K 81 27.77 12.44 32.19
C SER K 81 28.32 13.42 33.22
N ARG K 82 29.54 13.90 33.04
CA ARG K 82 30.21 14.66 34.11
C ARG K 82 31.44 15.37 33.57
N VAL K 83 31.26 16.58 33.05
CA VAL K 83 32.34 17.26 32.33
C VAL K 83 33.38 17.74 33.32
N GLU K 84 34.58 17.18 33.26
CA GLU K 84 35.69 17.65 34.07
C GLU K 84 36.60 18.57 33.26
N ALA K 85 37.58 19.14 33.97
CA ALA K 85 38.45 20.15 33.37
C ALA K 85 39.23 19.60 32.19
N GLU K 86 39.32 18.28 32.06
CA GLU K 86 40.06 17.65 30.98
C GLU K 86 39.23 17.43 29.72
N ASP K 87 37.95 17.82 29.73
CA ASP K 87 37.10 17.66 28.56
C ASP K 87 36.96 18.95 27.75
N VAL K 88 37.79 19.96 28.02
CA VAL K 88 37.75 21.17 27.21
C VAL K 88 38.14 20.81 25.78
N GLY K 89 37.60 21.57 24.83
CA GLY K 89 37.94 21.40 23.44
C GLY K 89 36.72 21.58 22.55
N VAL K 90 36.90 21.25 21.28
CA VAL K 90 35.85 21.34 20.27
C VAL K 90 35.37 19.93 19.95
N TYR K 91 34.06 19.80 19.73
CA TYR K 91 33.43 18.50 19.47
C TYR K 91 32.71 18.54 18.13
N TYR K 92 33.02 17.58 17.27
CA TYR K 92 32.41 17.46 15.96
C TYR K 92 31.61 16.17 15.84
N CYS K 93 30.61 16.19 14.96
CA CYS K 93 29.92 14.98 14.52
C CYS K 93 30.16 14.82 13.03
N MET K 94 30.30 13.57 12.58
CA MET K 94 30.49 13.30 11.16
C MET K 94 29.59 12.16 10.72
N GLN K 95 28.88 12.35 9.62
CA GLN K 95 28.26 11.23 8.94
C GLN K 95 29.32 10.45 8.18
N GLY K 96 29.13 9.13 8.11
CA GLY K 96 30.08 8.28 7.44
C GLY K 96 29.42 7.26 6.54
N THR K 97 28.22 7.60 6.05
CA THR K 97 27.44 6.72 5.19
C THR K 97 27.37 7.19 3.75
N HIS K 98 27.42 8.50 3.53
CA HIS K 98 27.18 9.09 2.21
C HIS K 98 28.42 9.84 1.76
N TRP K 99 28.75 9.70 0.48
CA TRP K 99 29.84 10.47 -0.08
C TRP K 99 29.42 11.93 -0.22
N PRO K 100 30.21 12.88 0.27
CA PRO K 100 31.48 12.71 0.97
C PRO K 100 31.32 12.82 2.49
N LEU K 101 32.29 12.30 3.24
CA LEU K 101 32.35 12.53 4.67
C LEU K 101 32.18 14.01 4.97
N THR K 102 31.26 14.31 5.89
CA THR K 102 30.98 15.69 6.27
C THR K 102 30.96 15.79 7.78
N PHE K 103 31.37 16.95 8.28
CA PHE K 103 31.49 17.19 9.72
C PHE K 103 30.52 18.27 10.16
N GLY K 104 30.11 18.19 11.42
CA GLY K 104 29.33 19.26 12.00
C GLY K 104 30.12 20.56 12.09
N GLY K 105 29.41 21.62 12.47
CA GLY K 105 30.09 22.89 12.68
C GLY K 105 31.08 22.83 13.82
N GLY K 106 30.75 22.09 14.87
CA GLY K 106 31.62 21.97 16.03
C GLY K 106 31.01 22.72 17.20
N THR K 107 31.18 22.18 18.40
CA THR K 107 30.73 22.81 19.63
C THR K 107 31.93 23.10 20.50
N LYS K 108 32.10 24.37 20.87
CA LYS K 108 33.18 24.78 21.75
C LYS K 108 32.73 24.59 23.19
N VAL K 109 33.37 23.66 23.89
CA VAL K 109 33.12 23.40 25.30
C VAL K 109 34.22 24.07 26.11
N GLU K 110 33.83 24.99 27.00
CA GLU K 110 34.76 25.64 27.90
C GLU K 110 34.32 25.41 29.34
N ILE K 111 35.26 24.99 30.19
CA ILE K 111 34.94 24.72 31.58
C ILE K 111 34.73 26.01 32.34
N LYS K 112 33.67 26.05 33.14
CA LYS K 112 33.44 27.14 34.09
C LYS K 112 34.00 26.70 35.43
N ARG K 113 35.09 27.32 35.86
CA ARG K 113 35.79 26.97 37.08
C ARG K 113 35.68 28.11 38.09
N THR K 114 36.32 27.90 39.24
CA THR K 114 36.39 28.93 40.26
C THR K 114 37.32 30.07 39.84
N VAL K 115 37.07 31.26 40.36
CA VAL K 115 37.86 32.42 40.00
C VAL K 115 39.31 32.24 40.47
N ALA K 116 40.25 32.64 39.62
CA ALA K 116 41.67 32.55 39.94
C ALA K 116 42.34 33.85 39.51
N ALA K 117 42.92 34.56 40.46
CA ALA K 117 43.56 35.84 40.15
C ALA K 117 44.87 35.60 39.39
N PRO K 118 45.20 36.47 38.43
CA PRO K 118 46.40 36.24 37.62
C PRO K 118 47.67 36.71 38.29
N SER K 119 48.75 35.95 38.07
CA SER K 119 50.09 36.40 38.45
C SER K 119 50.61 37.31 37.33
N VAL K 120 51.14 38.47 37.71
CA VAL K 120 51.52 39.51 36.77
C VAL K 120 53.03 39.65 36.77
N PHE K 121 53.62 39.70 35.57
CA PHE K 121 55.05 39.88 35.40
C PHE K 121 55.29 40.78 34.19
N ILE K 122 56.37 41.58 34.25
CA ILE K 122 56.69 42.52 33.19
C ILE K 122 58.12 42.29 32.74
N PHE K 123 58.37 42.50 31.45
CA PHE K 123 59.66 42.22 30.83
C PHE K 123 60.14 43.45 30.07
N PRO K 124 61.30 44.01 30.40
CA PRO K 124 61.88 45.06 29.57
C PRO K 124 62.30 44.50 28.23
N PRO K 125 62.36 45.32 27.18
CA PRO K 125 62.84 44.83 25.88
C PRO K 125 64.33 44.57 25.93
N SER K 126 64.74 43.43 25.37
CA SER K 126 66.15 43.05 25.38
C SER K 126 66.99 44.10 24.67
N ASP K 127 68.24 44.22 25.11
CA ASP K 127 69.16 45.16 24.46
C ASP K 127 69.48 44.72 23.04
N GLU K 128 69.34 43.43 22.75
CA GLU K 128 69.59 42.93 21.39
C GLU K 128 68.52 43.43 20.43
N GLN K 129 67.28 43.52 20.89
CA GLN K 129 66.21 43.99 20.03
C GLN K 129 66.32 45.49 19.77
N LEU K 130 66.85 46.24 20.73
CA LEU K 130 67.01 47.68 20.53
C LEU K 130 68.02 48.00 19.44
N LYS K 131 68.89 47.05 19.08
CA LYS K 131 69.77 47.26 17.94
C LYS K 131 69.02 47.27 16.61
N SER K 132 67.85 46.65 16.56
CA SER K 132 67.03 46.63 15.37
C SER K 132 66.06 47.81 15.30
N GLY K 133 66.09 48.71 16.27
CA GLY K 133 65.26 49.90 16.25
C GLY K 133 63.88 49.74 16.83
N THR K 134 63.46 48.52 17.16
CA THR K 134 62.14 48.27 17.73
C THR K 134 62.28 47.81 19.17
N ALA K 135 61.31 48.18 19.99
CA ALA K 135 61.30 47.83 21.41
C ALA K 135 59.98 47.16 21.73
N SER K 136 60.06 45.94 22.28
CA SER K 136 58.87 45.15 22.61
C SER K 136 58.84 44.92 24.12
N VAL K 137 57.93 45.59 24.80
CA VAL K 137 57.70 45.39 26.23
C VAL K 137 56.57 44.37 26.38
N VAL K 138 56.83 43.32 27.17
CA VAL K 138 55.90 42.20 27.30
C VAL K 138 55.36 42.18 28.72
N CYS K 139 54.04 42.07 28.85
CA CYS K 139 53.36 41.88 30.12
C CYS K 139 52.64 40.54 30.11
N LEU K 140 52.70 39.83 31.24
CA LEU K 140 52.21 38.46 31.30
C LEU K 140 51.19 38.33 32.43
N LEU K 141 50.06 37.69 32.13
CA LEU K 141 49.10 37.26 33.14
C LEU K 141 49.03 35.74 33.07
N ASN K 142 49.36 35.08 34.17
CA ASN K 142 49.61 33.64 34.16
C ASN K 142 48.63 32.92 35.05
N ASN K 143 48.03 31.85 34.51
CA ASN K 143 47.18 30.92 35.26
C ASN K 143 46.05 31.63 35.99
N PHE K 144 44.96 31.95 35.26
CA PHE K 144 43.86 32.68 35.86
C PHE K 144 42.56 32.33 35.16
N TYR K 145 41.45 32.72 35.81
CA TYR K 145 40.10 32.53 35.32
C TYR K 145 39.20 33.51 36.04
N PRO K 146 38.22 34.13 35.36
CA PRO K 146 37.83 33.96 33.95
C PRO K 146 38.76 34.65 32.96
N ARG K 147 38.66 34.33 31.67
CA ARG K 147 39.61 34.82 30.68
C ARG K 147 39.36 36.28 30.30
N GLU K 148 38.65 37.01 31.16
CA GLU K 148 38.35 38.42 30.94
C GLU K 148 39.27 39.25 31.81
N ALA K 149 40.18 39.98 31.18
CA ALA K 149 41.12 40.83 31.90
C ALA K 149 41.36 42.11 31.11
N LYS K 150 41.75 43.15 31.84
CA LYS K 150 42.07 44.44 31.25
C LYS K 150 43.55 44.73 31.47
N VAL K 151 44.24 45.09 30.39
CA VAL K 151 45.68 45.32 30.41
C VAL K 151 45.92 46.69 29.79
N GLN K 152 46.15 47.69 30.64
CA GLN K 152 46.42 49.06 30.21
C GLN K 152 47.90 49.36 30.36
N TRP K 153 48.53 49.79 29.28
CA TRP K 153 49.92 50.22 29.35
C TRP K 153 49.99 51.68 29.75
N LYS K 154 50.88 52.00 30.69
CA LYS K 154 51.05 53.36 31.20
C LYS K 154 52.53 53.71 31.13
N VAL K 155 52.94 54.39 30.06
CA VAL K 155 54.29 54.89 29.90
C VAL K 155 54.35 56.26 30.56
N ASP K 156 54.87 56.32 31.78
CA ASP K 156 54.97 57.55 32.58
C ASP K 156 53.58 58.09 32.88
N ASN K 157 52.76 57.24 33.51
CA ASN K 157 51.36 57.54 33.82
C ASN K 157 50.53 57.92 32.61
N ALA K 158 51.09 57.74 31.40
CA ALA K 158 50.39 58.05 30.16
C ALA K 158 49.81 56.78 29.58
N LEU K 159 48.48 56.67 29.60
CA LEU K 159 47.80 55.49 29.11
C LEU K 159 48.03 55.31 27.61
N GLN K 160 48.65 54.20 27.24
CA GLN K 160 48.95 53.90 25.85
C GLN K 160 47.72 53.34 25.13
N SER K 161 47.75 53.40 23.80
CA SER K 161 46.65 52.92 22.99
C SER K 161 47.13 52.69 21.56
N GLY K 162 46.68 51.59 20.96
CA GLY K 162 46.97 51.33 19.56
C GLY K 162 48.09 50.34 19.33
N ASN K 163 49.19 50.51 20.06
CA ASN K 163 50.39 49.68 19.91
C ASN K 163 50.36 48.44 20.79
N SER K 164 49.19 48.06 21.29
CA SER K 164 49.06 46.95 22.22
C SER K 164 48.41 45.76 21.52
N GLN K 165 49.15 44.67 21.42
CA GLN K 165 48.65 43.39 20.93
C GLN K 165 48.77 42.36 22.04
N GLU K 166 47.70 41.61 22.30
CA GLU K 166 47.73 40.58 23.34
C GLU K 166 47.26 39.24 22.80
N SER K 167 47.94 38.18 23.24
CA SER K 167 47.65 36.81 22.86
C SER K 167 47.23 36.03 24.10
N VAL K 168 46.37 35.02 23.91
CA VAL K 168 45.78 34.29 25.02
C VAL K 168 45.95 32.80 24.76
N THR K 169 46.44 32.07 25.77
CA THR K 169 46.53 30.63 25.68
C THR K 169 45.14 30.00 25.71
N GLU K 170 45.09 28.70 25.46
CA GLU K 170 43.85 27.97 25.58
C GLU K 170 43.60 27.59 27.03
N GLN K 171 42.33 27.40 27.37
CA GLN K 171 41.96 26.96 28.70
C GLN K 171 42.70 25.67 29.03
N ASP K 172 43.22 25.60 30.25
CA ASP K 172 44.09 24.48 30.60
C ASP K 172 43.28 23.20 30.76
N SER K 173 43.97 22.08 30.58
CA SER K 173 43.37 20.76 30.59
C SER K 173 43.31 20.13 31.99
N LYS K 174 43.79 20.84 33.01
CA LYS K 174 43.79 20.28 34.36
C LYS K 174 43.19 21.25 35.37
N ASP K 175 43.61 22.51 35.35
CA ASP K 175 43.03 23.51 36.23
C ASP K 175 42.11 24.49 35.51
N SER K 176 41.96 24.35 34.19
CA SER K 176 41.00 25.14 33.41
C SER K 176 41.29 26.64 33.46
N THR K 177 42.56 27.02 33.54
CA THR K 177 42.94 28.41 33.60
C THR K 177 43.59 28.87 32.29
N TYR K 178 43.56 30.18 32.07
CA TYR K 178 44.11 30.79 30.87
C TYR K 178 45.45 31.47 31.19
N SER K 179 46.04 32.07 30.16
CA SER K 179 47.20 32.93 30.33
C SER K 179 47.27 33.88 29.14
N LEU K 180 47.68 35.13 29.41
CA LEU K 180 47.64 36.19 28.41
C LEU K 180 49.00 36.86 28.29
N SER K 181 49.30 37.39 27.10
CA SER K 181 50.59 38.04 26.82
C SER K 181 50.35 39.32 26.03
N SER K 182 50.24 40.44 26.75
CA SER K 182 50.13 41.75 26.11
C SER K 182 51.52 42.26 25.73
N THR K 183 51.67 42.70 24.48
CA THR K 183 52.96 43.15 23.96
C THR K 183 52.84 44.61 23.51
N LEU K 184 53.58 45.49 24.17
CA LEU K 184 53.63 46.91 23.82
C LEU K 184 54.83 47.13 22.90
N THR K 185 54.55 47.29 21.60
CA THR K 185 55.60 47.45 20.60
C THR K 185 55.71 48.91 20.19
N LEU K 186 56.92 49.43 20.15
CA LEU K 186 57.17 50.81 19.77
C LEU K 186 58.64 50.97 19.42
N SER K 187 58.99 52.16 18.90
CA SER K 187 60.29 52.38 18.29
C SER K 187 61.38 52.60 19.34
N LYS K 188 62.62 52.37 18.91
CA LYS K 188 63.77 52.59 19.78
C LYS K 188 63.84 54.03 20.26
N ALA K 189 63.51 54.98 19.38
CA ALA K 189 63.54 56.38 19.76
C ALA K 189 62.51 56.69 20.85
N ASP K 190 61.30 56.16 20.69
CA ASP K 190 60.27 56.42 21.69
C ASP K 190 60.57 55.70 23.00
N TYR K 191 61.17 54.51 22.91
CA TYR K 191 61.51 53.77 24.13
C TYR K 191 62.50 54.56 24.97
N GLU K 192 63.51 55.14 24.34
CA GLU K 192 64.54 55.90 25.03
C GLU K 192 64.07 57.26 25.53
N LYS K 193 62.83 57.65 25.24
CA LYS K 193 62.35 58.97 25.63
C LYS K 193 61.79 59.00 27.04
N HIS K 194 61.13 57.93 27.47
CA HIS K 194 60.48 57.86 28.78
C HIS K 194 61.20 56.87 29.68
N LYS K 195 60.82 56.90 30.96
CA LYS K 195 61.50 56.12 31.99
C LYS K 195 60.64 54.99 32.54
N VAL K 196 59.46 55.29 33.04
CA VAL K 196 58.63 54.30 33.73
C VAL K 196 57.69 53.63 32.73
N TYR K 197 57.75 52.30 32.66
CA TYR K 197 56.85 51.49 31.84
C TYR K 197 56.05 50.60 32.78
N ALA K 198 54.78 50.93 32.97
CA ALA K 198 53.92 50.19 33.88
C ALA K 198 52.91 49.35 33.10
N CYS K 199 52.40 48.31 33.77
CA CYS K 199 51.39 47.44 33.21
C CYS K 199 50.28 47.28 34.25
N GLU K 200 49.14 47.94 34.02
CA GLU K 200 48.03 47.90 34.96
C GLU K 200 47.06 46.78 34.58
N VAL K 201 46.92 45.80 35.46
CA VAL K 201 46.05 44.65 35.24
C VAL K 201 44.83 44.79 36.15
N THR K 202 43.64 44.67 35.56
CA THR K 202 42.40 44.66 36.31
C THR K 202 41.67 43.36 36.01
N HIS K 203 41.31 42.63 37.07
CA HIS K 203 40.67 41.32 36.91
C HIS K 203 39.70 41.10 38.07
N GLN K 204 38.82 40.12 37.90
CA GLN K 204 37.81 39.83 38.92
C GLN K 204 38.45 39.33 40.21
N GLY K 205 39.47 38.48 40.10
CA GLY K 205 40.13 37.92 41.26
C GLY K 205 40.99 38.90 42.04
N LEU K 206 41.17 40.12 41.53
CA LEU K 206 41.96 41.15 42.20
C LEU K 206 41.02 42.13 42.87
N ARG K 207 41.19 42.32 44.18
CA ARG K 207 40.38 43.30 44.90
C ARG K 207 40.70 44.73 44.51
N SER K 208 41.77 44.94 43.74
CA SER K 208 42.13 46.25 43.21
C SER K 208 43.13 46.03 42.09
N PRO K 209 43.23 46.96 41.14
CA PRO K 209 44.16 46.76 40.02
C PRO K 209 45.60 46.56 40.49
N VAL K 210 46.24 45.53 39.96
CA VAL K 210 47.63 45.22 40.24
C VAL K 210 48.48 45.81 39.12
N THR K 211 49.61 46.41 39.48
CA THR K 211 50.52 47.00 38.51
C THR K 211 51.92 46.49 38.75
N LYS K 212 52.61 46.14 37.66
CA LYS K 212 54.03 45.84 37.67
C LYS K 212 54.71 46.74 36.66
N SER K 213 55.70 47.50 37.11
CA SER K 213 56.37 48.47 36.26
C SER K 213 57.86 48.18 36.24
N PHE K 214 58.59 49.03 35.52
CA PHE K 214 60.03 48.92 35.40
C PHE K 214 60.54 50.22 34.80
N ASN K 215 61.53 50.82 35.46
CA ASN K 215 62.13 52.06 35.01
C ASN K 215 63.20 51.74 33.97
N ARG K 216 63.27 52.57 32.93
CA ARG K 216 64.13 52.26 31.79
C ARG K 216 65.58 52.07 32.23
N GLY K 217 66.28 51.20 31.50
CA GLY K 217 67.64 50.86 31.85
C GLY K 217 67.73 50.13 33.17
N GLU K 218 68.08 50.86 34.24
CA GLU K 218 68.24 50.31 35.58
C GLU K 218 69.04 49.01 35.54
N CYS K 219 68.60 48.02 36.32
CA CYS K 219 69.24 46.72 36.29
C CYS K 219 68.24 45.64 35.87
N ASP L 1 -13.36 6.89 -26.45
CA ASP L 1 -13.79 8.28 -26.42
C ASP L 1 -14.54 8.60 -25.13
N VAL L 2 -14.21 9.75 -24.53
CA VAL L 2 -14.94 10.20 -23.35
C VAL L 2 -16.34 10.62 -23.76
N VAL L 3 -17.33 10.19 -22.99
CA VAL L 3 -18.73 10.30 -23.38
C VAL L 3 -19.43 11.24 -22.41
N MET L 4 -19.91 12.36 -22.92
CA MET L 4 -20.70 13.32 -22.15
C MET L 4 -22.17 12.92 -22.19
N THR L 5 -22.78 12.85 -21.02
CA THR L 5 -24.19 12.46 -20.89
C THR L 5 -24.92 13.53 -20.08
N GLN L 6 -25.91 14.16 -20.69
CA GLN L 6 -26.66 15.23 -20.06
C GLN L 6 -28.06 14.77 -19.65
N SER L 7 -28.48 15.20 -18.47
CA SER L 7 -29.83 15.04 -17.98
C SER L 7 -30.22 16.32 -17.25
N PRO L 8 -31.43 16.83 -17.49
CA PRO L 8 -32.46 16.29 -18.38
C PRO L 8 -32.09 16.51 -19.83
N LEU L 9 -32.81 15.89 -20.76
CA LEU L 9 -32.55 16.11 -22.17
C LEU L 9 -33.48 17.15 -22.78
N SER L 10 -34.58 17.45 -22.09
CA SER L 10 -35.46 18.56 -22.43
C SER L 10 -36.00 19.13 -21.13
N LEU L 11 -35.83 20.43 -20.92
CA LEU L 11 -36.07 21.07 -19.63
C LEU L 11 -36.95 22.31 -19.79
N PRO L 12 -38.27 22.15 -19.67
CA PRO L 12 -39.15 23.32 -19.59
C PRO L 12 -39.13 23.89 -18.17
N VAL L 13 -38.91 25.19 -18.05
CA VAL L 13 -38.89 25.85 -16.76
C VAL L 13 -39.88 27.01 -16.79
N THR L 14 -40.35 27.40 -15.62
CA THR L 14 -41.27 28.51 -15.48
C THR L 14 -40.47 29.81 -15.35
N LEU L 15 -40.95 30.85 -16.03
CA LEU L 15 -40.23 32.12 -16.15
C LEU L 15 -39.80 32.63 -14.78
N GLY L 16 -38.48 32.72 -14.58
CA GLY L 16 -37.91 33.19 -13.34
C GLY L 16 -37.71 32.12 -12.28
N GLN L 17 -38.01 30.87 -12.57
CA GLN L 17 -37.70 29.79 -11.66
C GLN L 17 -36.28 29.31 -11.90
N PRO L 18 -35.63 28.72 -10.89
CA PRO L 18 -34.31 28.14 -11.09
C PRO L 18 -34.38 26.81 -11.82
N ALA L 19 -33.21 26.29 -12.17
CA ALA L 19 -33.10 25.00 -12.85
C ALA L 19 -31.64 24.57 -12.83
N SER L 20 -31.42 23.30 -13.17
CA SER L 20 -30.09 22.72 -13.18
C SER L 20 -29.96 21.73 -14.34
N ILE L 21 -28.72 21.49 -14.74
CA ILE L 21 -28.40 20.56 -15.83
C ILE L 21 -27.24 19.69 -15.37
N SER L 22 -27.43 18.38 -15.39
CA SER L 22 -26.37 17.46 -15.02
C SER L 22 -25.60 17.00 -16.26
N CYS L 23 -24.30 16.78 -16.07
CA CYS L 23 -23.42 16.29 -17.13
C CYS L 23 -22.49 15.25 -16.53
N ARG L 24 -22.58 14.01 -17.01
CA ARG L 24 -21.76 12.91 -16.51
C ARG L 24 -20.77 12.47 -17.57
N SER L 25 -19.49 12.42 -17.22
CA SER L 25 -18.43 12.03 -18.14
C SER L 25 -18.03 10.58 -17.91
N SER L 26 -17.55 9.93 -18.98
CA SER L 26 -17.18 8.51 -18.92
C SER L 26 -15.88 8.29 -18.15
N GLN L 27 -14.98 9.27 -18.14
CA GLN L 27 -13.76 9.22 -17.37
C GLN L 27 -13.63 10.51 -16.59
N GLY L 28 -12.76 10.49 -15.57
CA GLY L 28 -12.38 11.72 -14.91
C GLY L 28 -11.81 12.72 -15.89
N LEU L 29 -12.02 14.00 -15.62
CA LEU L 29 -11.60 15.07 -16.52
C LEU L 29 -10.48 15.93 -15.93
N ALA L 30 -9.67 15.36 -15.02
CA ALA L 30 -8.54 16.09 -14.48
C ALA L 30 -7.35 16.00 -15.43
N PHE L 31 -6.63 17.10 -15.56
CA PHE L 31 -5.43 17.17 -16.38
C PHE L 31 -4.21 17.35 -15.49
N LEU L 32 -3.04 16.94 -16.00
CA LEU L 32 -1.84 17.00 -15.16
C LEU L 32 -1.38 18.43 -14.89
N ASP L 33 -2.11 19.45 -15.34
CA ASP L 33 -1.78 20.84 -15.04
C ASP L 33 -2.56 21.41 -13.87
N GLY L 34 -3.43 20.61 -13.24
CA GLY L 34 -4.12 21.00 -12.03
C GLY L 34 -5.59 21.31 -12.23
N ASN L 35 -5.96 21.86 -13.38
CA ASN L 35 -7.35 22.18 -13.64
C ASN L 35 -8.05 21.03 -14.35
N THR L 36 -9.38 21.10 -14.38
CA THR L 36 -10.22 20.15 -15.09
C THR L 36 -11.09 20.92 -16.07
N TYR L 37 -11.10 20.48 -17.34
CA TYR L 37 -11.66 21.28 -18.43
C TYR L 37 -13.03 20.72 -18.82
N LEU L 38 -14.08 21.28 -18.22
CA LEU L 38 -15.44 21.04 -18.66
C LEU L 38 -16.08 22.39 -18.89
N SER L 39 -16.37 22.71 -20.14
CA SER L 39 -17.03 23.96 -20.46
C SER L 39 -18.54 23.74 -20.59
N TRP L 40 -19.29 24.83 -20.43
CA TRP L 40 -20.71 24.87 -20.69
C TRP L 40 -20.99 25.91 -21.76
N PHE L 41 -21.84 25.57 -22.73
CA PHE L 41 -22.11 26.45 -23.87
C PHE L 41 -23.61 26.67 -24.02
N GLN L 42 -23.98 27.89 -24.40
CA GLN L 42 -25.37 28.27 -24.65
C GLN L 42 -25.53 28.59 -26.13
N GLN L 43 -26.21 27.72 -26.86
CA GLN L 43 -26.61 27.97 -28.23
C GLN L 43 -28.06 28.45 -28.21
N ARG L 44 -28.27 29.72 -28.44
CA ARG L 44 -29.59 30.33 -28.39
C ARG L 44 -30.17 30.43 -29.81
N PRO L 45 -31.47 30.77 -29.94
CA PRO L 45 -32.08 30.86 -31.28
C PRO L 45 -31.30 31.69 -32.27
N GLY L 46 -30.82 31.05 -33.34
CA GLY L 46 -30.11 31.73 -34.40
C GLY L 46 -28.62 31.86 -34.16
N GLN L 47 -28.25 32.56 -33.09
CA GLN L 47 -26.86 32.87 -32.83
C GLN L 47 -26.04 31.59 -32.63
N SER L 48 -24.74 31.70 -32.89
CA SER L 48 -23.83 30.59 -32.75
C SER L 48 -23.63 30.27 -31.26
N PRO L 49 -23.03 29.12 -30.95
CA PRO L 49 -22.77 28.80 -29.54
C PRO L 49 -21.80 29.79 -28.91
N ARG L 50 -22.14 30.21 -27.69
CA ARG L 50 -21.23 31.00 -26.86
C ARG L 50 -20.98 30.24 -25.56
N ARG L 51 -19.79 30.44 -25.00
CA ARG L 51 -19.44 29.76 -23.77
C ARG L 51 -19.99 30.51 -22.57
N LEU L 52 -20.49 29.75 -21.59
CA LEU L 52 -20.94 30.30 -20.33
C LEU L 52 -19.96 30.02 -19.19
N ILE L 53 -19.44 28.80 -19.12
CA ILE L 53 -18.57 28.36 -18.03
C ILE L 53 -17.38 27.64 -18.63
N TYR L 54 -16.17 28.01 -18.20
CA TYR L 54 -14.97 27.23 -18.50
C TYR L 54 -14.34 26.78 -17.18
N LYS L 55 -13.65 25.63 -17.23
CA LYS L 55 -13.02 25.03 -16.06
C LYS L 55 -14.04 24.81 -14.94
N VAL L 56 -15.19 24.24 -15.31
CA VAL L 56 -16.19 23.74 -14.37
C VAL L 56 -16.96 24.86 -13.67
N SER L 57 -16.28 25.91 -13.23
CA SER L 57 -16.93 26.89 -12.36
C SER L 57 -16.78 28.33 -12.83
N ASN L 58 -15.72 28.62 -13.59
CA ASN L 58 -15.37 30.00 -13.91
C ASN L 58 -16.33 30.53 -14.97
N ARG L 59 -17.11 31.55 -14.62
CA ARG L 59 -18.07 32.13 -15.54
C ARG L 59 -17.35 33.08 -16.49
N ASP L 60 -17.82 33.15 -17.73
CA ASP L 60 -17.15 33.93 -18.76
C ASP L 60 -17.65 35.36 -18.76
N SER L 61 -16.88 36.22 -19.43
CA SER L 61 -17.23 37.63 -19.50
C SER L 61 -18.56 37.83 -20.24
N GLY L 62 -19.37 38.76 -19.74
CA GLY L 62 -20.66 39.06 -20.33
C GLY L 62 -21.77 38.09 -19.98
N VAL L 63 -21.46 36.96 -19.37
CA VAL L 63 -22.49 35.99 -19.01
C VAL L 63 -23.22 36.49 -17.77
N PRO L 64 -24.55 36.42 -17.72
CA PRO L 64 -25.29 36.94 -16.57
C PRO L 64 -24.95 36.21 -15.27
N ASP L 65 -25.32 36.86 -14.15
CA ASP L 65 -24.94 36.39 -12.83
C ASP L 65 -25.50 35.01 -12.52
N ARG L 66 -26.70 34.71 -13.05
CA ARG L 66 -27.44 33.53 -12.64
C ARG L 66 -26.72 32.24 -13.00
N PHE L 67 -25.90 32.27 -14.06
CA PHE L 67 -25.15 31.09 -14.45
C PHE L 67 -23.98 30.89 -13.49
N SER L 68 -23.88 29.69 -12.92
CA SER L 68 -22.78 29.35 -12.04
C SER L 68 -22.59 27.84 -12.09
N GLY L 69 -21.43 27.41 -12.58
CA GLY L 69 -21.18 26.00 -12.77
C GLY L 69 -20.51 25.34 -11.58
N SER L 70 -20.86 24.08 -11.36
CA SER L 70 -20.29 23.28 -10.28
C SER L 70 -20.08 21.86 -10.77
N GLY L 71 -19.54 21.02 -9.90
CA GLY L 71 -19.23 19.63 -10.22
C GLY L 71 -17.77 19.32 -9.99
N SER L 72 -17.44 18.04 -10.17
CA SER L 72 -16.09 17.55 -9.96
C SER L 72 -16.00 16.10 -10.42
N ARG L 73 -14.77 15.66 -10.68
CA ARG L 73 -14.46 14.26 -10.96
C ARG L 73 -15.16 13.76 -12.22
N THR L 74 -16.36 13.16 -12.07
CA THR L 74 -17.12 12.65 -13.18
C THR L 74 -18.56 13.13 -13.22
N ASP L 75 -18.97 14.01 -12.30
CA ASP L 75 -20.33 14.53 -12.25
C ASP L 75 -20.28 16.05 -12.15
N PHE L 76 -21.03 16.72 -13.02
CA PHE L 76 -20.99 18.17 -13.09
C PHE L 76 -22.41 18.70 -13.24
N THR L 77 -22.58 19.98 -12.86
CA THR L 77 -23.90 20.58 -12.80
C THR L 77 -23.81 22.05 -13.14
N LEU L 78 -24.68 22.51 -14.04
CA LEU L 78 -24.83 23.92 -14.34
C LEU L 78 -26.07 24.44 -13.60
N LYS L 79 -25.89 25.53 -12.86
CA LYS L 79 -26.95 26.10 -12.04
C LYS L 79 -27.33 27.47 -12.57
N ILE L 80 -28.62 27.65 -12.87
CA ILE L 80 -29.19 28.96 -13.19
C ILE L 80 -30.05 29.37 -12.00
N SER L 81 -29.66 30.46 -11.34
CA SER L 81 -30.40 30.90 -10.16
C SER L 81 -31.81 31.36 -10.49
N ARG L 82 -32.08 31.65 -11.76
CA ARG L 82 -33.32 32.33 -12.15
C ARG L 82 -33.42 32.41 -13.67
N VAL L 83 -34.28 31.59 -14.28
CA VAL L 83 -34.32 31.49 -15.74
C VAL L 83 -35.28 32.54 -16.29
N GLU L 84 -34.74 33.51 -17.03
CA GLU L 84 -35.58 34.51 -17.67
C GLU L 84 -35.65 34.27 -19.18
N ALA L 85 -36.37 35.16 -19.86
CA ALA L 85 -36.71 34.92 -21.26
C ALA L 85 -35.46 34.84 -22.13
N GLU L 86 -34.42 35.59 -21.77
CA GLU L 86 -33.21 35.61 -22.59
C GLU L 86 -32.41 34.32 -22.49
N ASP L 87 -32.76 33.42 -21.58
CA ASP L 87 -32.03 32.17 -21.41
C ASP L 87 -32.60 31.02 -22.24
N VAL L 88 -33.49 31.30 -23.19
CA VAL L 88 -33.96 30.24 -24.08
C VAL L 88 -32.79 29.70 -24.88
N GLY L 89 -32.89 28.44 -25.28
CA GLY L 89 -31.87 27.85 -26.13
C GLY L 89 -31.43 26.48 -25.69
N VAL L 90 -30.47 25.92 -26.41
CA VAL L 90 -29.93 24.59 -26.13
C VAL L 90 -28.60 24.75 -25.42
N TYR L 91 -28.34 23.87 -24.45
CA TYR L 91 -27.15 23.94 -23.62
C TYR L 91 -26.35 22.66 -23.76
N TYR L 92 -25.06 22.80 -24.09
CA TYR L 92 -24.15 21.67 -24.21
C TYR L 92 -23.04 21.78 -23.18
N CYS L 93 -22.62 20.65 -22.62
CA CYS L 93 -21.40 20.58 -21.83
C CYS L 93 -20.27 20.03 -22.69
N MET L 94 -19.03 20.39 -22.35
CA MET L 94 -17.87 20.05 -23.16
C MET L 94 -16.83 19.33 -22.31
N GLN L 95 -15.82 18.78 -22.99
CA GLN L 95 -14.72 18.06 -22.39
C GLN L 95 -13.41 18.57 -22.99
N GLY L 96 -12.67 19.37 -22.25
CA GLY L 96 -11.44 19.90 -22.78
C GLY L 96 -10.18 19.14 -22.41
N THR L 97 -10.28 17.96 -21.80
CA THR L 97 -9.11 17.30 -21.22
C THR L 97 -8.54 16.20 -22.10
N HIS L 98 -9.39 15.34 -22.67
CA HIS L 98 -8.91 14.18 -23.40
C HIS L 98 -9.22 14.35 -24.89
N TRP L 99 -8.28 13.92 -25.73
CA TRP L 99 -8.56 13.89 -27.16
C TRP L 99 -9.58 12.79 -27.46
N PRO L 100 -10.60 13.07 -28.27
CA PRO L 100 -10.91 14.35 -28.90
C PRO L 100 -11.90 15.16 -28.07
N LEU L 101 -11.99 16.47 -28.32
CA LEU L 101 -13.06 17.27 -27.76
C LEU L 101 -14.40 16.62 -28.03
N THR L 102 -15.22 16.49 -26.99
CA THR L 102 -16.54 15.92 -27.10
C THR L 102 -17.55 16.81 -26.38
N PHE L 103 -18.78 16.82 -26.89
CA PHE L 103 -19.85 17.61 -26.33
C PHE L 103 -20.95 16.69 -25.80
N GLY L 104 -21.74 17.22 -24.89
CA GLY L 104 -22.91 16.51 -24.41
C GLY L 104 -23.97 16.42 -25.48
N GLY L 105 -25.04 15.68 -25.16
CA GLY L 105 -26.16 15.59 -26.07
C GLY L 105 -26.86 16.91 -26.28
N GLY L 106 -26.90 17.76 -25.26
CA GLY L 106 -27.59 19.03 -25.35
C GLY L 106 -28.90 18.99 -24.59
N THR L 107 -29.19 20.06 -23.87
CA THR L 107 -30.45 20.20 -23.14
C THR L 107 -31.17 21.44 -23.66
N LYS L 108 -32.37 21.23 -24.20
CA LYS L 108 -33.16 22.34 -24.71
C LYS L 108 -34.06 22.87 -23.60
N VAL L 109 -34.01 24.18 -23.39
CA VAL L 109 -34.79 24.84 -22.35
C VAL L 109 -35.77 25.79 -23.02
N GLU L 110 -37.05 25.54 -22.84
CA GLU L 110 -38.09 26.45 -23.29
C GLU L 110 -38.80 27.06 -22.09
N ILE L 111 -39.04 28.37 -22.16
CA ILE L 111 -39.70 29.08 -21.08
C ILE L 111 -41.18 28.72 -21.06
N LYS L 112 -41.71 28.55 -19.85
CA LYS L 112 -43.15 28.45 -19.63
C LYS L 112 -43.65 29.83 -19.23
N ARG L 113 -44.33 30.50 -20.15
CA ARG L 113 -44.82 31.86 -19.96
C ARG L 113 -46.34 31.85 -19.85
N THR L 114 -46.92 33.03 -19.67
CA THR L 114 -48.35 33.17 -19.61
C THR L 114 -48.98 32.96 -21.00
N VAL L 115 -50.25 32.58 -20.99
CA VAL L 115 -50.95 32.33 -22.25
C VAL L 115 -51.08 33.61 -23.05
N ALA L 116 -50.82 33.53 -24.35
CA ALA L 116 -50.89 34.66 -25.26
C ALA L 116 -51.67 34.24 -26.49
N ALA L 117 -52.83 34.87 -26.72
CA ALA L 117 -53.64 34.55 -27.88
C ALA L 117 -52.90 34.96 -29.15
N PRO L 118 -53.07 34.21 -30.24
CA PRO L 118 -52.36 34.53 -31.48
C PRO L 118 -53.10 35.55 -32.31
N SER L 119 -52.31 36.30 -33.10
CA SER L 119 -52.85 37.17 -34.13
C SER L 119 -52.90 36.39 -35.44
N VAL L 120 -54.07 36.38 -36.08
CA VAL L 120 -54.31 35.55 -37.25
C VAL L 120 -54.49 36.44 -38.46
N PHE L 121 -53.77 36.12 -39.54
CA PHE L 121 -53.88 36.81 -40.82
C PHE L 121 -53.92 35.77 -41.93
N ILE L 122 -54.46 36.17 -43.07
CA ILE L 122 -54.54 35.28 -44.23
C ILE L 122 -54.01 36.03 -45.46
N PHE L 123 -53.37 35.29 -46.35
CA PHE L 123 -52.72 35.87 -47.52
C PHE L 123 -53.16 35.13 -48.79
N PRO L 124 -53.92 35.77 -49.67
CA PRO L 124 -54.24 35.12 -50.95
C PRO L 124 -53.00 34.97 -51.79
N PRO L 125 -52.94 34.00 -52.69
CA PRO L 125 -51.76 33.83 -53.53
C PRO L 125 -51.60 34.98 -54.51
N SER L 126 -50.34 35.31 -54.78
CA SER L 126 -50.03 36.40 -55.70
C SER L 126 -50.43 36.03 -57.12
N ASP L 127 -50.71 37.06 -57.93
CA ASP L 127 -50.99 36.84 -59.34
C ASP L 127 -49.72 36.47 -60.10
N GLU L 128 -48.56 36.92 -59.60
CA GLU L 128 -47.30 36.52 -60.21
C GLU L 128 -47.02 35.03 -60.01
N GLN L 129 -47.50 34.46 -58.91
CA GLN L 129 -47.35 33.03 -58.71
C GLN L 129 -48.36 32.23 -59.52
N LEU L 130 -49.56 32.78 -59.72
CA LEU L 130 -50.57 32.09 -60.52
C LEU L 130 -50.18 31.98 -61.98
N LYS L 131 -49.27 32.83 -62.47
CA LYS L 131 -48.73 32.64 -63.81
C LYS L 131 -47.96 31.32 -63.90
N SER L 132 -47.24 30.97 -62.84
CA SER L 132 -46.46 29.74 -62.80
C SER L 132 -47.30 28.50 -62.46
N GLY L 133 -48.62 28.62 -62.47
CA GLY L 133 -49.48 27.46 -62.30
C GLY L 133 -49.62 26.96 -60.88
N THR L 134 -49.05 27.65 -59.89
CA THR L 134 -49.10 27.23 -58.50
C THR L 134 -49.77 28.31 -57.67
N ALA L 135 -50.56 27.89 -56.69
CA ALA L 135 -51.21 28.79 -55.76
C ALA L 135 -50.81 28.39 -54.35
N SER L 136 -50.21 29.32 -53.60
CA SER L 136 -49.79 29.10 -52.22
C SER L 136 -50.54 30.10 -51.35
N VAL L 137 -51.40 29.60 -50.47
CA VAL L 137 -52.21 30.41 -49.56
C VAL L 137 -51.60 30.28 -48.17
N VAL L 138 -51.19 31.41 -47.60
CA VAL L 138 -50.45 31.42 -46.34
C VAL L 138 -51.37 31.90 -45.23
N CYS L 139 -51.23 31.29 -44.05
CA CYS L 139 -51.96 31.70 -42.85
C CYS L 139 -50.96 31.91 -41.72
N LEU L 140 -51.04 33.06 -41.06
CA LEU L 140 -50.06 33.47 -40.06
C LEU L 140 -50.67 33.47 -38.67
N LEU L 141 -49.91 32.92 -37.71
CA LEU L 141 -50.23 33.00 -36.29
C LEU L 141 -49.05 33.69 -35.61
N ASN L 142 -49.26 34.91 -35.14
CA ASN L 142 -48.17 35.75 -34.70
C ASN L 142 -48.15 35.93 -33.18
N ASN L 143 -46.95 35.82 -32.60
CA ASN L 143 -46.66 36.07 -31.19
C ASN L 143 -47.71 35.47 -30.24
N PHE L 144 -47.52 34.21 -29.88
CA PHE L 144 -48.49 33.52 -29.04
C PHE L 144 -47.78 32.46 -28.21
N TYR L 145 -48.51 31.94 -27.22
CA TYR L 145 -48.03 30.88 -26.34
C TYR L 145 -49.24 30.27 -25.66
N PRO L 146 -49.26 28.95 -25.45
CA PRO L 146 -48.25 27.93 -25.78
C PRO L 146 -48.21 27.60 -27.26
N ARG L 147 -47.26 26.75 -27.68
CA ARG L 147 -47.03 26.55 -29.10
C ARG L 147 -48.05 25.63 -29.76
N GLU L 148 -48.84 24.91 -28.97
CA GLU L 148 -49.84 24.00 -29.55
C GLU L 148 -50.92 24.81 -30.25
N ALA L 149 -51.22 24.45 -31.50
CA ALA L 149 -52.20 25.18 -32.28
C ALA L 149 -52.76 24.27 -33.37
N LYS L 150 -54.00 24.54 -33.77
CA LYS L 150 -54.69 23.77 -34.80
C LYS L 150 -55.08 24.72 -35.92
N VAL L 151 -54.45 24.56 -37.09
CA VAL L 151 -54.72 25.39 -38.26
C VAL L 151 -55.40 24.52 -39.30
N GLN L 152 -56.70 24.73 -39.48
CA GLN L 152 -57.50 23.96 -40.43
C GLN L 152 -57.84 24.83 -41.64
N TRP L 153 -57.62 24.29 -42.82
CA TRP L 153 -57.96 24.99 -44.06
C TRP L 153 -59.35 24.57 -44.52
N LYS L 154 -60.17 25.56 -44.88
CA LYS L 154 -61.53 25.32 -45.36
C LYS L 154 -61.70 26.04 -46.68
N VAL L 155 -61.64 25.29 -47.78
CA VAL L 155 -61.88 25.81 -49.12
C VAL L 155 -63.35 25.60 -49.45
N ASP L 156 -64.13 26.68 -49.44
CA ASP L 156 -65.59 26.63 -49.60
C ASP L 156 -66.21 25.68 -48.57
N ASN L 157 -65.80 25.87 -47.32
CA ASN L 157 -66.22 25.09 -46.15
C ASN L 157 -65.78 23.63 -46.21
N ALA L 158 -64.94 23.26 -47.18
CA ALA L 158 -64.44 21.90 -47.32
C ALA L 158 -63.10 21.78 -46.60
N LEU L 159 -63.07 20.99 -45.53
CA LEU L 159 -61.86 20.85 -44.72
C LEU L 159 -60.74 20.21 -45.53
N GLN L 160 -59.67 20.96 -45.74
CA GLN L 160 -58.55 20.49 -46.53
C GLN L 160 -57.62 19.61 -45.70
N SER L 161 -56.71 18.92 -46.39
CA SER L 161 -55.74 18.03 -45.77
C SER L 161 -54.71 17.63 -46.81
N GLY L 162 -53.53 17.24 -46.33
CA GLY L 162 -52.47 16.73 -47.17
C GLY L 162 -51.70 17.78 -47.95
N ASN L 163 -52.29 18.96 -48.18
CA ASN L 163 -51.62 20.04 -48.89
C ASN L 163 -51.22 21.17 -47.95
N SER L 164 -51.15 20.90 -46.66
CA SER L 164 -50.90 21.92 -45.65
C SER L 164 -49.61 21.56 -44.90
N GLN L 165 -48.55 22.31 -45.16
CA GLN L 165 -47.33 22.28 -44.36
C GLN L 165 -47.26 23.56 -43.54
N GLU L 166 -46.97 23.42 -42.25
CA GLU L 166 -46.87 24.57 -41.36
C GLU L 166 -45.50 24.64 -40.71
N SER L 167 -44.95 25.85 -40.66
CA SER L 167 -43.65 26.15 -40.08
C SER L 167 -43.84 26.97 -38.81
N VAL L 168 -42.89 26.86 -37.89
CA VAL L 168 -42.98 27.49 -36.57
C VAL L 168 -41.67 28.18 -36.26
N THR L 169 -41.75 29.44 -35.81
CA THR L 169 -40.56 30.16 -35.37
C THR L 169 -40.08 29.61 -34.03
N GLU L 170 -38.95 30.15 -33.58
CA GLU L 170 -38.43 29.79 -32.27
C GLU L 170 -39.09 30.63 -31.19
N GLN L 171 -39.06 30.10 -29.97
CA GLN L 171 -39.52 30.87 -28.82
C GLN L 171 -38.70 32.14 -28.72
N ASP L 172 -39.39 33.27 -28.50
CA ASP L 172 -38.72 34.56 -28.56
C ASP L 172 -37.80 34.76 -27.36
N SER L 173 -36.82 35.65 -27.55
CA SER L 173 -35.83 35.91 -26.51
C SER L 173 -36.32 36.91 -25.48
N LYS L 174 -37.38 37.66 -25.76
CA LYS L 174 -37.88 38.67 -24.85
C LYS L 174 -39.24 38.35 -24.26
N ASP L 175 -40.23 38.01 -25.09
CA ASP L 175 -41.56 37.67 -24.58
C ASP L 175 -41.82 36.17 -24.56
N SER L 176 -40.92 35.35 -25.11
CA SER L 176 -41.02 33.89 -25.08
C SER L 176 -42.25 33.38 -25.83
N THR L 177 -42.61 34.03 -26.94
CA THR L 177 -43.75 33.65 -27.74
C THR L 177 -43.30 33.06 -29.07
N TYR L 178 -44.18 32.26 -29.68
CA TYR L 178 -43.92 31.61 -30.94
C TYR L 178 -44.63 32.34 -32.08
N SER L 179 -44.43 31.84 -33.30
CA SER L 179 -45.20 32.27 -34.46
C SER L 179 -45.20 31.14 -35.47
N LEU L 180 -46.36 30.91 -36.12
CA LEU L 180 -46.56 29.75 -36.97
C LEU L 180 -47.08 30.19 -38.33
N SER L 181 -46.65 29.48 -39.38
CA SER L 181 -47.03 29.78 -40.76
C SER L 181 -47.46 28.49 -41.45
N SER L 182 -48.77 28.30 -41.59
CA SER L 182 -49.33 27.17 -42.33
C SER L 182 -49.55 27.57 -43.78
N THR L 183 -49.06 26.76 -44.71
CA THR L 183 -49.08 27.08 -46.13
C THR L 183 -49.88 26.03 -46.89
N LEU L 184 -50.95 26.46 -47.53
CA LEU L 184 -51.79 25.61 -48.37
C LEU L 184 -51.32 25.73 -49.82
N THR L 185 -50.81 24.64 -50.38
CA THR L 185 -50.31 24.62 -51.75
C THR L 185 -51.21 23.76 -52.61
N LEU L 186 -51.68 24.32 -53.72
CA LEU L 186 -52.47 23.56 -54.68
C LEU L 186 -52.35 24.22 -56.05
N SER L 187 -52.65 23.46 -57.09
CA SER L 187 -52.42 23.90 -58.46
C SER L 187 -53.34 25.06 -58.83
N LYS L 188 -52.95 25.77 -59.89
CA LYS L 188 -53.72 26.91 -60.37
C LYS L 188 -55.15 26.51 -60.72
N ALA L 189 -55.31 25.31 -61.26
CA ALA L 189 -56.64 24.85 -61.64
C ALA L 189 -57.56 24.76 -60.43
N ASP L 190 -57.14 24.06 -59.38
CA ASP L 190 -57.98 23.91 -58.20
C ASP L 190 -58.18 25.23 -57.49
N TYR L 191 -57.22 26.15 -57.58
CA TYR L 191 -57.39 27.45 -56.94
C TYR L 191 -58.53 28.23 -57.57
N GLU L 192 -58.60 28.23 -58.91
CA GLU L 192 -59.62 28.97 -59.63
C GLU L 192 -60.98 28.30 -59.60
N LYS L 193 -61.14 27.24 -58.81
CA LYS L 193 -62.39 26.49 -58.77
C LYS L 193 -63.30 26.92 -57.63
N HIS L 194 -62.75 27.46 -56.54
CA HIS L 194 -63.53 27.81 -55.35
C HIS L 194 -63.30 29.27 -54.98
N LYS L 195 -64.32 29.86 -54.36
CA LYS L 195 -64.29 31.27 -53.99
C LYS L 195 -63.73 31.49 -52.58
N VAL L 196 -64.31 30.80 -51.59
CA VAL L 196 -64.03 31.07 -50.18
C VAL L 196 -62.83 30.25 -49.72
N TYR L 197 -61.77 30.94 -49.31
CA TYR L 197 -60.61 30.32 -48.68
C TYR L 197 -60.51 30.84 -47.25
N ALA L 198 -60.61 29.93 -46.29
CA ALA L 198 -60.64 30.30 -44.88
C ALA L 198 -59.54 29.59 -44.11
N CYS L 199 -59.18 30.17 -42.96
CA CYS L 199 -58.18 29.61 -42.06
C CYS L 199 -58.78 29.58 -40.66
N GLU L 200 -58.93 28.39 -40.09
CA GLU L 200 -59.57 28.21 -38.78
C GLU L 200 -58.51 27.88 -37.73
N VAL L 201 -58.26 28.82 -36.83
CA VAL L 201 -57.28 28.67 -35.77
C VAL L 201 -58.01 28.36 -34.47
N THR L 202 -57.59 27.30 -33.78
CA THR L 202 -58.10 26.93 -32.47
C THR L 202 -56.94 26.94 -31.49
N HIS L 203 -57.00 27.82 -30.50
CA HIS L 203 -55.90 27.98 -29.56
C HIS L 203 -56.42 28.24 -28.16
N GLN L 204 -55.58 27.93 -27.17
CA GLN L 204 -55.95 28.06 -25.77
C GLN L 204 -56.35 29.49 -25.42
N GLY L 205 -55.63 30.48 -25.94
CA GLY L 205 -55.93 31.86 -25.63
C GLY L 205 -57.21 32.37 -26.23
N LEU L 206 -57.85 31.60 -27.11
CA LEU L 206 -59.06 32.01 -27.80
C LEU L 206 -60.26 31.35 -27.13
N ARG L 207 -61.21 32.17 -26.67
CA ARG L 207 -62.45 31.63 -26.11
C ARG L 207 -63.31 30.93 -27.14
N SER L 208 -62.91 30.96 -28.41
CA SER L 208 -63.51 30.18 -29.48
C SER L 208 -62.63 30.31 -30.71
N PRO L 209 -62.67 29.33 -31.62
CA PRO L 209 -61.80 29.38 -32.80
C PRO L 209 -61.99 30.65 -33.61
N VAL L 210 -60.87 31.25 -34.01
CA VAL L 210 -60.86 32.45 -34.85
C VAL L 210 -60.62 32.05 -36.29
N THR L 211 -61.38 32.65 -37.21
CA THR L 211 -61.26 32.34 -38.63
C THR L 211 -61.08 33.63 -39.41
N LYS L 212 -60.15 33.60 -40.37
CA LYS L 212 -59.96 34.68 -41.31
C LYS L 212 -60.05 34.11 -42.72
N SER L 213 -60.84 34.75 -43.57
CA SER L 213 -61.09 34.23 -44.90
C SER L 213 -60.89 35.32 -45.95
N PHE L 214 -60.96 34.90 -47.21
CA PHE L 214 -60.93 35.80 -48.35
C PHE L 214 -61.62 35.10 -49.52
N ASN L 215 -62.21 35.90 -50.41
CA ASN L 215 -62.85 35.39 -51.61
C ASN L 215 -62.08 35.89 -52.82
N ARG L 216 -61.81 34.99 -53.76
CA ARG L 216 -60.94 35.28 -54.89
C ARG L 216 -61.42 36.50 -55.67
N GLY L 217 -60.97 37.69 -55.25
CA GLY L 217 -61.40 38.93 -55.87
C GLY L 217 -61.94 39.94 -54.87
C1 NAG M . 25.35 -9.42 4.88
C2 NAG M . 26.64 -10.21 4.71
C3 NAG M . 27.25 -10.53 6.07
C4 NAG M . 27.36 -9.28 6.94
C5 NAG M . 26.05 -8.50 6.95
C6 NAG M . 26.15 -7.15 7.63
C7 NAG M . 26.72 -11.56 2.66
C8 NAG M . 26.40 -12.90 2.05
N2 NAG M . 26.41 -11.42 3.95
O3 NAG M . 28.53 -11.12 5.89
O4 NAG M . 27.67 -9.71 8.26
O5 NAG M . 25.61 -8.25 5.61
O6 NAG M . 25.00 -6.37 7.37
O7 NAG M . 27.22 -10.66 2.01
C1 NAG M . 28.75 -8.97 8.88
C2 NAG M . 28.76 -9.42 10.33
C3 NAG M . 29.79 -8.61 11.10
C4 NAG M . 31.17 -8.75 10.45
C5 NAG M . 31.11 -8.50 8.94
C6 NAG M . 32.37 -8.93 8.22
C7 NAG M . 26.78 -10.35 11.44
C8 NAG M . 27.46 -11.68 11.32
N2 NAG M . 27.44 -9.29 10.95
O3 NAG M . 29.82 -9.09 12.45
O4 NAG M . 32.06 -7.80 11.01
O5 NAG M . 30.03 -9.22 8.31
O6 NAG M . 33.34 -7.90 8.16
O7 NAG M . 25.68 -10.23 11.96
C1 BMA M . 32.69 -8.19 12.24
C2 BMA M . 34.08 -7.47 12.31
C3 BMA M . 34.62 -7.41 13.74
C4 BMA M . 33.55 -6.99 14.73
C5 BMA M . 32.44 -8.02 14.68
C6 BMA M . 31.36 -7.77 15.73
O2 BMA M . 33.95 -6.11 11.88
O3 BMA M . 35.74 -6.53 13.84
O4 BMA M . 34.08 -6.93 16.04
O5 BMA M . 31.84 -7.92 13.38
O6 BMA M . 30.55 -8.94 15.83
C1 NAG N . -9.63 -8.72 25.54
C2 NAG N . -10.31 -9.91 26.24
C3 NAG N . -9.52 -10.29 27.49
C4 NAG N . -8.06 -10.56 27.16
C5 NAG N . -7.46 -9.38 26.39
C6 NAG N . -6.08 -9.67 25.85
C7 NAG N . -12.72 -10.34 26.17
C8 NAG N . -14.07 -9.91 26.63
N2 NAG N . -11.69 -9.60 26.58
O3 NAG N . -10.12 -11.44 28.08
O4 NAG N . -7.36 -10.75 28.38
O5 NAG N . -8.27 -9.05 25.26
O6 NAG N . -6.12 -10.65 24.83
O7 NAG N . -12.57 -11.32 25.42
C1 NAG N . -6.53 -11.94 28.42
C2 NAG N . -5.43 -11.61 29.41
C3 NAG N . -4.46 -12.79 29.54
C4 NAG N . -5.20 -14.09 29.81
C5 NAG N . -6.35 -14.27 28.80
C6 NAG N . -7.23 -15.46 29.09
C7 NAG N . -4.83 -9.23 29.64
C8 NAG N . -5.76 -9.21 30.82
N2 NAG N . -4.70 -10.40 29.02
O3 NAG N . -3.56 -12.51 30.60
O4 NAG N . -4.31 -15.18 29.62
O5 NAG N . -7.21 -13.11 28.81
O6 NAG N . -7.87 -15.93 27.92
O7 NAG N . -4.22 -8.23 29.28
C1 BMA N . -3.92 -16.07 30.75
C2 BMA N . -3.44 -15.26 32.03
C3 BMA N . -2.83 -16.28 33.00
C4 BMA N . -3.91 -17.38 33.34
C5 BMA N . -4.50 -18.00 32.02
C6 BMA N . -5.62 -19.02 32.27
O2 BMA N . -4.52 -14.68 32.74
O3 BMA N . -2.32 -15.62 34.19
O4 BMA N . -3.37 -18.41 34.16
O5 BMA N . -5.00 -16.94 31.16
O6 BMA N . -5.04 -20.26 32.65
C1 MAN N . -1.02 -16.12 34.65
C2 MAN N . -0.50 -15.11 35.78
C3 MAN N . 0.37 -13.98 35.21
C4 MAN N . 1.45 -14.53 34.30
C5 MAN N . 0.76 -15.21 33.11
C6 MAN N . 1.76 -15.73 32.07
O2 MAN N . 0.30 -15.77 36.76
O3 MAN N . 0.98 -13.22 36.25
O4 MAN N . 2.30 -13.48 33.83
O5 MAN N . -0.05 -16.34 33.57
O6 MAN N . 2.65 -16.66 32.70
C1 NAG O . -10.07 -17.24 -18.82
C2 NAG O . -10.42 -17.77 -20.21
C3 NAG O . -11.66 -18.65 -20.15
C4 NAG O . -11.59 -19.68 -19.02
C5 NAG O . -11.14 -19.03 -17.73
C6 NAG O . -10.88 -20.01 -16.60
C7 NAG O . -9.90 -16.49 -22.24
C8 NAG O . -10.25 -15.29 -23.06
N2 NAG O . -10.62 -16.67 -21.13
O3 NAG O . -11.82 -19.32 -21.39
O4 NAG O . -12.92 -20.18 -18.84
O5 NAG O . -9.91 -18.32 -17.93
O6 NAG O . -10.81 -19.35 -15.34
O7 NAG O . -9.00 -17.26 -22.56
C1 NAG O . -13.08 -21.61 -18.73
C2 NAG O . -14.55 -21.76 -18.42
C3 NAG O . -14.89 -23.23 -18.20
C4 NAG O . -14.51 -24.02 -19.45
C5 NAG O . -13.04 -23.78 -19.85
C6 NAG O . -12.71 -24.33 -21.22
C7 NAG O . -15.99 -20.13 -17.28
C8 NAG O . -16.75 -20.03 -18.56
N2 NAG O . -14.95 -20.98 -17.26
O3 NAG O . -16.27 -23.37 -17.93
O4 NAG O . -14.82 -25.40 -19.28
O5 NAG O . -12.75 -22.37 -19.91
O6 NAG O . -11.85 -25.45 -21.13
O7 NAG O . -16.30 -19.47 -16.28
C1 BMA O . -13.89 -26.20 -18.49
C2 BMA O . -14.50 -26.67 -17.10
C3 BMA O . -15.57 -27.77 -17.24
C4 BMA O . -15.21 -28.91 -18.26
C5 BMA O . -14.41 -28.43 -19.53
C6 BMA O . -15.29 -28.08 -20.73
O2 BMA O . -15.11 -25.62 -16.36
O3 BMA O . -16.88 -27.23 -17.47
O4 BMA O . -14.54 -29.98 -17.61
O5 BMA O . -13.43 -27.35 -19.26
O6 BMA O . -15.24 -29.17 -21.64
C1 NAG P . -25.25 1.54 13.29
C2 NAG P . -26.56 2.22 13.63
C3 NAG P . -27.70 1.21 13.59
C4 NAG P . -27.72 0.47 12.26
C5 NAG P . -26.33 -0.11 11.94
C6 NAG P . -26.23 -0.70 10.56
C7 NAG P . -26.71 4.16 15.11
C8 NAG P . -26.63 4.66 16.53
N2 NAG P . -26.50 2.86 14.93
O3 NAG P . -28.93 1.87 13.81
O4 NAG P . -28.64 -0.61 12.35
O5 NAG P . -25.34 0.93 12.02
O6 NAG P . -24.99 -0.36 9.95
O7 NAG P . -26.94 4.92 14.18
C1 NAG P . -29.63 -0.55 11.30
C2 NAG P . -30.25 -1.95 11.23
C3 NAG P . -31.36 -1.98 10.18
C4 NAG P . -32.36 -0.85 10.40
C5 NAG P . -31.63 0.48 10.52
C6 NAG P . -32.54 1.64 10.86
C7 NAG P . -29.03 -4.03 11.68
C8 NAG P . -27.94 -4.95 11.23
N2 NAG P . -29.24 -2.94 10.92
O3 NAG P . -32.02 -3.24 10.25
O4 NAG P . -33.26 -0.80 9.29
O5 NAG P . -30.66 0.42 11.56
O6 NAG P . -31.86 2.88 10.75
O7 NAG P . -29.70 -4.27 12.68
C1 BMA P . -34.60 -1.21 9.65
C2 BMA P . -35.56 -0.49 8.65
C3 BMA P . -37.00 -1.00 8.78
C4 BMA P . -37.07 -2.54 8.84
C5 BMA P . -36.13 -3.07 9.93
C6 BMA P . -36.17 -4.61 10.07
O2 BMA P . -35.15 -0.71 7.30
O3 BMA P . -37.83 -0.52 7.71
O4 BMA P . -38.40 -2.96 9.07
O5 BMA P . -34.77 -2.65 9.63
O6 BMA P . -35.57 -5.20 8.92
C1 MAN P . -36.13 -6.51 8.65
C2 MAN P . -35.16 -7.25 7.67
C3 MAN P . -35.25 -6.65 6.26
C4 MAN P . -36.71 -6.52 5.79
C5 MAN P . -37.55 -5.75 6.84
C6 MAN P . -39.02 -5.61 6.45
O2 MAN P . -35.48 -8.64 7.54
O3 MAN P . -34.51 -7.42 5.31
O4 MAN P . -36.77 -5.84 4.53
O5 MAN P . -37.45 -6.42 8.13
O6 MAN P . -39.54 -6.92 6.19
C1 NAG Q . 3.94 23.81 -13.62
C2 NAG Q . 4.44 24.95 -14.52
C3 NAG Q . 3.76 26.26 -14.15
C4 NAG Q . 2.24 26.12 -14.01
C5 NAG Q . 1.89 24.89 -13.16
C6 NAG Q . 0.41 24.59 -13.14
C7 NAG Q . 6.76 24.25 -14.99
C8 NAG Q . 8.20 24.58 -14.77
N2 NAG Q . 5.88 25.09 -14.42
O3 NAG Q . 4.03 27.24 -15.16
O4 NAG Q . 1.74 27.27 -13.35
O5 NAG Q . 2.54 23.73 -13.69
O6 NAG Q . -0.19 24.90 -14.38
O7 NAG Q . 6.39 23.29 -15.64
C1 NAG Q . 0.75 27.96 -14.15
C2 NAG Q . 0.29 29.18 -13.38
C3 NAG Q . -0.81 29.90 -14.15
C4 NAG Q . -0.32 30.24 -15.56
C5 NAG Q . 0.32 29.03 -16.26
C6 NAG Q . 1.03 29.40 -17.53
C7 NAG Q . 0.32 29.43 -10.93
C8 NAG Q . 1.35 30.50 -11.15
N2 NAG Q . -0.15 28.84 -12.04
O3 NAG Q . -1.19 31.05 -13.43
O4 NAG Q . -1.43 30.63 -16.36
O5 NAG Q . 1.28 28.37 -15.42
O6 NAG Q . 2.03 28.45 -17.86
O7 NAG Q . -0.07 29.12 -9.81
C1 BMA Q . -1.86 32.01 -16.21
C2 BMA Q . -1.19 32.87 -17.34
C3 BMA Q . -1.91 34.23 -17.52
C4 BMA Q . -3.43 34.06 -17.49
C5 BMA Q . -3.83 33.38 -16.17
C6 BMA Q . -5.34 33.28 -15.97
O2 BMA Q . -1.24 32.20 -18.60
O3 BMA Q . -1.50 34.89 -18.72
O4 BMA Q . -4.06 35.33 -17.58
O5 BMA Q . -3.29 32.06 -16.22
O6 BMA Q . -5.81 32.18 -16.74
C1 NAG R . -9.10 13.40 23.53
C2 NAG R . -8.68 14.00 24.87
C3 NAG R . -9.21 15.42 25.00
C4 NAG R . -8.83 16.26 23.79
C5 NAG R . -9.17 15.54 22.48
C6 NAG R . -8.61 16.21 21.25
C7 NAG R . -8.32 12.70 26.93
C8 NAG R . -8.97 11.90 28.01
N2 NAG R . -9.13 13.18 25.98
O3 NAG R . -8.70 16.02 26.19
O4 NAG R . -9.58 17.48 23.84
O5 NAG R . -8.62 14.21 22.49
O6 NAG R . -7.51 15.48 20.72
O7 NAG R . -7.11 12.91 26.91
C1 NAG R . -8.80 18.66 23.55
C2 NAG R . -9.77 19.70 22.99
C3 NAG R . -9.04 21.01 22.69
C4 NAG R . -8.23 21.47 23.89
C5 NAG R . -7.35 20.34 24.41
C6 NAG R . -6.59 20.69 25.67
C7 NAG R . -11.74 19.04 21.65
C8 NAG R . -12.21 18.50 20.34
N2 NAG R . -10.41 19.19 21.78
O3 NAG R . -10.00 21.99 22.34
O4 NAG R . -7.40 22.56 23.50
O5 NAG R . -8.15 19.19 24.70
O6 NAG R . -7.44 20.67 26.81
O7 NAG R . -12.51 19.34 22.54
C1 BMA R . -7.49 23.85 24.20
C2 BMA R . -8.96 24.42 24.39
C3 BMA R . -8.81 25.86 24.88
C4 BMA R . -7.97 25.88 26.21
C5 BMA R . -6.61 25.11 26.06
C6 BMA R . -5.86 24.96 27.37
O2 BMA R . -9.67 23.74 25.41
O3 BMA R . -10.06 26.60 25.07
O4 BMA R . -7.73 27.20 26.62
O5 BMA R . -6.86 23.80 25.51
O6 BMA R . -4.46 24.95 27.10
C1 MAN R . -10.85 26.80 23.86
C2 MAN R . -10.06 27.64 22.78
C3 MAN R . -10.08 29.14 23.08
C4 MAN R . -11.50 29.64 23.34
C5 MAN R . -12.12 28.85 24.50
C6 MAN R . -13.56 29.28 24.76
O2 MAN R . -10.67 27.51 21.49
O3 MAN R . -9.49 29.89 22.02
O4 MAN R . -11.49 31.03 23.67
O5 MAN R . -12.13 27.43 24.19
O6 MAN R . -14.01 28.63 25.94
CA CA S . 2.19 21.97 50.28
C1 NAG T . -14.20 33.62 40.70
C2 NAG T . -13.02 34.15 39.90
C3 NAG T . -12.55 35.48 40.48
C4 NAG T . -13.72 36.46 40.55
C5 NAG T . -14.92 35.85 41.26
C6 NAG T . -16.16 36.71 41.19
C7 NAG T . -11.27 32.83 38.76
C8 NAG T . -10.18 31.81 38.92
N2 NAG T . -11.92 33.18 39.88
O3 NAG T . -11.50 36.01 39.68
O4 NAG T . -13.34 37.65 41.22
O5 NAG T . -15.28 34.58 40.68
O6 NAG T . -16.66 36.84 39.87
O7 NAG T . -11.55 33.31 37.67
C1 NAG U . 42.10 5.67 -18.35
C2 NAG U . 42.71 7.00 -17.86
C3 NAG U . 44.07 7.24 -18.51
C4 NAG U . 44.98 6.05 -18.27
C5 NAG U . 44.32 4.76 -18.76
C6 NAG U . 45.13 3.53 -18.44
C7 NAG U . 41.10 8.71 -17.16
C8 NAG U . 40.23 9.85 -17.60
N2 NAG U . 41.81 8.11 -18.11
O3 NAG U . 44.65 8.41 -17.98
O4 NAG U . 46.23 6.23 -18.94
O5 NAG U . 43.04 4.59 -18.13
O6 NAG U . 44.43 2.35 -18.78
O7 NAG U . 41.15 8.34 -15.98
CA CA V . -23.29 -30.58 37.78
C1 NAG W . -10.40 -20.10 49.72
C2 NAG W . -9.06 -19.46 50.16
C3 NAG W . -8.75 -19.85 51.61
C4 NAG W . -9.91 -19.50 52.53
C5 NAG W . -11.18 -20.17 52.03
C6 NAG W . -12.41 -19.79 52.85
C7 NAG W . -6.96 -19.04 48.98
C8 NAG W . -5.92 -19.61 48.06
N2 NAG W . -7.98 -19.85 49.28
O3 NAG W . -7.58 -19.15 52.02
O4 NAG W . -9.64 -19.90 53.86
O5 NAG W . -11.45 -19.77 50.68
O6 NAG W . -12.60 -18.39 52.90
O7 NAG W . -6.86 -17.90 49.43
C1 NAG X . 17.05 -29.60 -31.66
C2 NAG X . 17.51 -30.16 -33.02
C3 NAG X . 17.82 -31.64 -32.90
C4 NAG X . 18.84 -31.88 -31.80
C5 NAG X . 18.34 -31.27 -30.49
C6 NAG X . 19.36 -31.35 -29.37
C7 NAG X . 16.78 -29.32 -35.21
C8 NAG X . 18.20 -28.88 -35.41
N2 NAG X . 16.50 -29.93 -34.04
O3 NAG X . 18.33 -32.11 -34.16
O4 NAG X . 19.06 -33.28 -31.63
O5 NAG X . 18.04 -29.88 -30.67
O6 NAG X . 19.73 -32.69 -29.09
O7 NAG X . 15.92 -29.14 -36.06
CA CA Y . -48.13 19.36 13.82
C1 NAG Z . -50.62 -1.37 15.81
C2 NAG Z . -51.08 -0.10 15.07
C3 NAG Z . -52.42 -0.36 14.39
C4 NAG Z . -52.35 -1.59 13.50
C5 NAG Z . -51.85 -2.80 14.30
C6 NAG Z . -51.65 -4.03 13.46
C7 NAG Z . -50.16 1.88 16.17
C8 NAG Z . -50.43 2.99 17.15
N2 NAG Z . -51.17 1.03 15.97
O3 NAG Z . -52.80 0.78 13.61
O4 NAG Z . -53.61 -1.88 12.93
O5 NAG Z . -50.58 -2.48 14.90
O6 NAG Z . -52.87 -4.71 13.21
O7 NAG Z . -49.08 1.77 15.61
C1 NAG AA . 6.27 12.74 -44.10
C2 NAG AA . 5.04 13.20 -44.91
C3 NAG AA . 5.42 13.46 -46.37
C4 NAG AA . 6.62 14.39 -46.47
C5 NAG AA . 7.77 13.84 -45.63
C6 NAG AA . 8.97 14.75 -45.60
C7 NAG AA . 3.17 12.07 -43.78
C8 NAG AA . 2.12 11.01 -43.89
N2 NAG AA . 3.97 12.21 -44.84
O3 NAG AA . 4.31 14.04 -47.05
O4 NAG AA . 7.04 14.50 -47.83
O5 NAG AA . 7.34 13.69 -44.27
O6 NAG AA . 8.68 15.96 -44.91
O7 NAG AA . 3.27 12.78 -42.78
#